data_9GDP
#
_entry.id   9GDP
#
_cell.length_a   1.00
_cell.length_b   1.00
_cell.length_c   1.00
_cell.angle_alpha   90.00
_cell.angle_beta   90.00
_cell.angle_gamma   90.00
#
_symmetry.space_group_name_H-M   'P 1'
#
loop_
_entity.id
_entity.type
_entity.pdbx_description
1 polymer 'DNA-directed RNA polymerase subunit beta'
2 polymer "DNA-directed RNA polymerase subunit beta'"
3 polymer 'DNA-directed RNA polymerase subunit omega'
4 polymer 'DNA-directed RNA polymerase subunit alpha'
5 polymer 'RNA polymerase sigma factor RpoD'
6 polymer "RNA 5-mer (5'-AAUAG-3')"
7 polymer 'ompU promoter non-template DNA strand'
8 polymer 'ompU promoter template DNA strand'
9 non-polymer 'ZINC ION'
10 non-polymer 'MAGNESIUM ION'
#
loop_
_entity_poly.entity_id
_entity_poly.type
_entity_poly.pdbx_seq_one_letter_code
_entity_poly.pdbx_strand_id
1 'polypeptide(L)'
;MVYSYTEKKRIRKDFGTRPQVLDIPYLLSIQLDSFEKFIEQDPEGQYGLEAAFRSVFPIQSYNGNSELQYVSYRLGEPVF
DVKECQIRGVTYSKPLRVKLRLVIFDKDAPAGTVKDIKEQEVYMGEIPLMTENGTFVINGTERVIVSQLHRSPGVFFDSD
KGKTHSSGKVLYNARIIPYRGSWLDFEFDPKDNLYVRIDRRRKLPASIILRVLGKTSAEILDIFFEKVNFEVKDQTLMME
LVPERLRGETATFDIEADGKVYVEKGRRVTARHIRQLEKDGVNFIEVPVEYIVGKVSAKDYVNEATGELIITANQEISLE
ALANLSQAGYKKLEVLFTNDLDHGPFMSETLRVDSTTDRISALVEIYRMMRPGEPPTKEAAESLFESLFFSAERYDLSTV
GRMKFNSSIGREDAEEQGTLDEVDIIEVMKKLISIRNGKGEVDDIDHLGNRRIRSVGEMAENQFRVGLVRVERAVKERLS
LGDLDNVMPQDLINAKPISAAVKEFFGSSQLSQFMDQNNPLSEVTHKRRISALGPGGLTRERAGFEVRDVHVTHYGRLCP
IETPEGPNIGLINSLSAFARCNEYGFLETPYRRVVNGVVTDEVDYLSAIEEGQFVIAQANAKLTEEGGFADELVTARQKG
ESGLHPREHVDYMDVATNQVVSIAASLIPFLEHDDANRALMGANMQRQAVPTLRSEKPLVGTGIERNVAVDSGVTAVAKR
GGVIQSVDASRIVVKVNEEELIPGEAGIDIYNLTKYTRSNQNTCINQRPCVMPGEPVARGDVLADGPSTDLGELALGQNM
RIAFMPWNGYNFEDSILVSERVVQDDRFTTIHIQELSCVARDTKLGAEEITADIPNVGEAALSKLDESGIVYIGAEVKGG
DILVGKVTPKGETQLTPEEKLLRAIFGEKASDVKDTSLRVPNSVAGTVIDVQVFTRDGVEKDKRALEIEQMQLKEAKKDL
TEEFQILEGGLLARVRSVLLAGGYTEAKLSSIERKKWLEQTLENEELQNQLEQLAEQYDELKADFDKKFEAKRRKITQGD
DLAPGVLKIVKVYLAVKRRIQPGDKMAGRHGNKGVISKINPVEDMPYDENGQPVDIVLNPLGVPSRMNIGQILEVHLGLA
AKGIGDKINQMIKEQQELAKLREFLQKVYDLGDTRQRVDISELSDEDVRTLAHNLRAGLPVATPVFDGAPESSIKAMLEL
ADLPASGQLTLFDGRTGDAFERPVTVGYMYMLKLNHLVDDKMHARSTGSYSLVTQQPLGGKAQFGGQRFGEMEVWALEAY
GAAYTLQEMLTVKSDDVNGRTKMYKNIVDGNHAMEPGMPESFNVLLKEIRSLGINIELEDE
;
C
2 'polypeptide(L)'
;MKDLLNFLKAQHKTEEFDAIKIGLASPDMIRSWSFGEVKKPETINYRTFKPERDGLFCARIFGPVKDYECLCGKYKRLKH
RGVICEKCGVEVTQTKVRRDRMGHIELASPVAHIWFLKSLPSRIGLLMDMPLRDIERVLYFEMYVVTEPGMTDLERGQML
TEEEYLDRLEEWGDEFTAKMGAEAIKDLLASMDLPAEAEQMREELDTTNSETKRKKLTKRLKLVEAFVASGNKPEWMILT
VLPVLPPDLRPLVPLDGGRFATSDLNDLYRRVINRNNRLKRLLELAAPDIIVRNEKRMLQESVDALLDNGRRGRAITGSN
KRPLKSLADMIKGKQGRFRQNLLGKRVDYSGRSVITVGPYLRLHQCGLPKKMALELFKPFIYSKLETRGLATTIKAAKKM
VEREEAVVWDILDEVIREHPVLLNRAPTLHRLGIQAFEPVLIEGKAIQLHPLVCAAYNADFDGDQMAVHVPLTLEAQLEA
RTLMMSTNNILSPASGDPIIVPSQDVVLGLYYMTREKINAKGEGMYLTGPAEAEKAYRTKTAELHARVKVRITETIKHEN
GKLTTETKMIDTTVGRAMLWQIVPKGLPYSLVNQKLGKKQISNLLNEAYRKLGLKDTVIFADQIMYTGFAYAALSGVSVG
IDDMVVPAAKYTEIAEAEEEVREIQEQFQSGLVTAGERYNKVIDIWASTNDRVAKAMMENLSSEQVINRQGEQEKQESFN
SIYMMADSGARGSAAQIRQLAGMRGLMARPDGSIIETPITANFKEGLNVLQYFISTHGARKGLADTALKTANSGYLTRRL
VDVAQDVVVTEHDCGTLEGVVMTPHIEGGDVKVALTELALGRVVSEDILKPGTDEVLIPRNTLLDEKWCKVINDNSVDQI
KVRSVVTCDSDFGCCAQCYGRDLARGHLVNQGEAVGVIAAQSIGEPGTQLTMRTFHIGGAASTAAAENSIQAKNNGSVKL
HNAKFVTNKDGKLVITSRASELTIIDEFGRTKEKHKLPYGSMLSKADGDAVAAGETVANWEAHTMPIITEVAGRVQFVDM
IDGVTVSRQTDDLTGLSSSEVTEAAARPAAGKDMRPAIKLVDANGKDVLIPGTDMPAQYFLPGKAIVNLDDGAEVNVGDT
LARIPQKSGGNKDITGGLPRVADLFEARKPKEPAILAEHSGTVSFGKETKGKRRLIITRDSGDTYEEMIPKHRQLNVFEG
ERIERGDVIADGPESPHDILRLRGIHAVTTYIANEVQEVYRLQGVKINDKHIETIVRQMLRKCTITFAGDSEFLPGETVE
YSQVKIANRKLVEEGKEPARFERELLGITKASLATESFISAASFQETTRVLTEAAVSGKRDDLRGLKENVIVGRLIPAGT
GFAYHQDRQAKRAQEQQGPSAEQATDNLAALLNAGFSSDDE
;
D
3 'polypeptide(L)'
;MARVTVQDAVEKIGNRFDLVLVAARRARQMQSGGKDALVPEENDKPTVIALREIEEGLITKDVLDARERQEQQEQEAAEL
AAVSSIMHNR
;
E
4 'polypeptide(L)'
;MQGSVTEFLKPRLVDIEQISTTHAKVTLEPLERGFGHTLGNALRRILLSSMPGCAVTEVEIEGVLHEYSTKEGVQEDILE
ILLNLKGLAVRVAEGKDEVFITLNKSGSGPVVAGDITHDGDVEIVNPEHVICHLTSDNAAIAMRIKVERGRGYVPASARI
HTEEDERPIGRLLVDATFSPVDKIAYSVEAARVEQRTDLDKLVIDMETNGTLEPEEAIRRAATILAEQLDAFVDLRDVRV
PEEKEEKPEFDPILLRPVDDLELTVRSANCLKAEAIHYIGDLVQRTEVELLKTPNLGKKSLTEIKDVLASRGLSLGMRLE
NWPPASIAED
;
A,B,G
5 'polypeptide(L)'
;MDQNPQSQLKQLVLRGKEQGYLTYAEVNDHLPAEIVDSEQVEDIIQMINDMGIKVVETAPDADDLALSDDTTITDEDAAE
AAAAALSSVESEIGRTTDPVRMYMREMGTVELLTREGEIDIAKRIEDGINQVQSAIAEYPGTIPYILEQFDRVQAEELRL
TDLISGFVDPNDMETEAPTATHIGSELSEADLADEDDAVVEDEDEDGDGESSDSEEEVGIDPELAREKFNELRGKFQNLQ
LAVNEFGRDSHQASEASDLVLDIFREFRLTPKQFDHLVETLRTSMDRVRTQERLVMKAVVEVAKMPKKSFIALFTGNESN
EEWLDKVLASDKPYVAKVREQEEEIRRSIQKLQMIEQETSLSVERIKDISHRMSIGEAKARRAKKEMVEANLRLVISIAK
KYTNRGLQFLDLIQEGNIGLMKAVDKFEYRRGYKFSTYATWWIRQAITRSIADQARTIRIPVHMIETINKLNRISRQMLQ
EMGREPLPEELAERMQMPEDKIRKVLKIAKEPISMETPIGDDEDSHLGDFIEDTTLELPLDSATATSLKAATRDVLAGLT
PREAKVLRMRFGIDMNTDHTLEEVGKQFDVTRERIRQIEAKALRKLRHPSRSEVLRSFLDE
;
F
6 'polyribonucleotide' AAUAG H
7 'polydeoxyribonucleotide'
;(DG)(DT)(DT)(DG)(DG)(DA)(DT)(DT)(DT)(DA)(DT)(DA)(DT)(DC)(DA)(DT)(DT)(DT)(DT)(DA)
(DC)(DT)(DA)(DA)(DC)(DT)(DG)(DA)(DT)(DA)(DG)(DC)(DG)(DG)(DA)(DA)(DC)(DT)(DT)(DT)
(DG)(DG)(DG)(DA)(DC)(DA)(DC)(DC)(DC)(DA)(DC)(DA)(DG)(DG)(DT)(DT)(DA)(DC)(DG)(DC)
(DG)(DA)(DA)(DA)(DA)(DT)(DG)(DG)(DC)
;
T
8 'polydeoxyribonucleotide'
;(DG)(DC)(DC)(DA)(DT)(DT)(DT)(DT)(DC)(DG)(DC)(DG)(DG)(DC)(DT)(DA)(DT)(DT)(DT)(DT)
(DT)(DT)(DT)(DA)(DC)(DT)(DC)(DC)(DC)(DA)(DA)(DA)(DG)(DT)(DT)(DC)(DC)(DG)(DC)(DT)
(DA)(DT)(DC)(DA)(DG)(DT)(DT)(DA)(DG)(DT)(DA)(DA)(DA)(DA)(DT)(DG)(DA)(DT)(DA)(DT)
(DA)(DA)(DA)(DT)(DC)(DC)(DA)(DA)(DC)
;
L
#
loop_
_chem_comp.id
_chem_comp.type
_chem_comp.name
_chem_comp.formula
A RNA linking ADENOSINE-5'-MONOPHOSPHATE 'C10 H14 N5 O7 P'
DA DNA linking 2'-DEOXYADENOSINE-5'-MONOPHOSPHATE 'C10 H14 N5 O6 P'
DC DNA linking 2'-DEOXYCYTIDINE-5'-MONOPHOSPHATE 'C9 H14 N3 O7 P'
DG DNA linking 2'-DEOXYGUANOSINE-5'-MONOPHOSPHATE 'C10 H14 N5 O7 P'
DT DNA linking THYMIDINE-5'-MONOPHOSPHATE 'C10 H15 N2 O8 P'
G RNA linking GUANOSINE-5'-MONOPHOSPHATE 'C10 H14 N5 O8 P'
MG non-polymer 'MAGNESIUM ION' 'Mg 2'
U RNA linking URIDINE-5'-MONOPHOSPHATE 'C9 H13 N2 O9 P'
ZN non-polymer 'ZINC ION' 'Zn 2'
#
# COMPACT_ATOMS: atom_id res chain seq x y z
N TYR A 3 -20.86 47.11 2.59
CA TYR A 3 -20.86 45.80 3.23
C TYR A 3 -22.23 45.14 3.13
N SER A 4 -22.23 43.86 2.76
CA SER A 4 -23.47 43.09 2.77
C SER A 4 -23.90 42.83 4.20
N TYR A 5 -25.17 42.44 4.35
CA TYR A 5 -25.72 42.22 5.68
C TYR A 5 -24.97 41.11 6.41
N THR A 6 -24.70 40.00 5.72
CA THR A 6 -23.97 38.91 6.35
C THR A 6 -22.55 39.31 6.72
N GLU A 7 -21.91 40.13 5.89
CA GLU A 7 -20.58 40.64 6.22
C GLU A 7 -20.64 41.73 7.27
N LYS A 8 -21.72 42.52 7.28
CA LYS A 8 -21.89 43.54 8.30
C LYS A 8 -22.09 42.94 9.68
N LYS A 9 -22.64 41.73 9.75
CA LYS A 9 -22.86 41.10 11.05
C LYS A 9 -21.56 40.84 11.78
N ARG A 10 -20.49 40.52 11.06
CA ARG A 10 -19.20 40.25 11.67
C ARG A 10 -18.12 40.68 10.68
N ILE A 11 -17.63 41.91 10.83
CA ILE A 11 -16.61 42.44 9.94
C ILE A 11 -15.24 41.94 10.38
N ARG A 12 -14.49 41.35 9.46
CA ARG A 12 -13.15 40.86 9.73
C ARG A 12 -12.15 41.97 9.47
N LYS A 13 -11.26 42.20 10.43
CA LYS A 13 -10.25 43.23 10.27
C LYS A 13 -9.24 42.80 9.21
N ASP A 14 -8.97 43.71 8.27
CA ASP A 14 -8.08 43.42 7.15
C ASP A 14 -6.72 44.06 7.44
N PHE A 15 -5.68 43.23 7.43
CA PHE A 15 -4.31 43.69 7.59
C PHE A 15 -3.60 43.90 6.26
N GLY A 16 -4.29 43.69 5.14
CA GLY A 16 -3.68 43.90 3.86
C GLY A 16 -3.47 45.37 3.57
N THR A 17 -2.60 45.62 2.59
CA THR A 17 -2.24 46.99 2.22
C THR A 17 -2.39 47.30 0.74
N ARG A 18 -2.60 46.30 -0.11
CA ARG A 18 -2.64 46.49 -1.55
C ARG A 18 -4.07 46.36 -2.05
N PRO A 19 -4.64 47.39 -2.66
CA PRO A 19 -6.01 47.29 -3.16
C PRO A 19 -6.13 46.23 -4.25
N GLN A 20 -7.29 45.58 -4.29
CA GLN A 20 -7.56 44.52 -5.23
C GLN A 20 -8.38 45.07 -6.39
N VAL A 21 -7.84 44.97 -7.61
CA VAL A 21 -8.55 45.44 -8.80
C VAL A 21 -9.33 44.34 -9.49
N LEU A 22 -9.20 43.10 -9.04
CA LEU A 22 -9.90 41.97 -9.65
C LEU A 22 -10.31 41.01 -8.56
N ASP A 23 -11.62 40.74 -8.46
CA ASP A 23 -12.11 39.78 -7.50
C ASP A 23 -11.81 38.36 -7.98
N ILE A 24 -11.70 37.44 -7.03
CA ILE A 24 -11.45 36.04 -7.36
C ILE A 24 -12.68 35.51 -8.09
N PRO A 25 -12.52 34.97 -9.29
CA PRO A 25 -13.69 34.50 -10.05
C PRO A 25 -14.31 33.26 -9.45
N TYR A 26 -15.42 32.82 -10.03
CA TYR A 26 -16.10 31.62 -9.55
C TYR A 26 -15.15 30.43 -9.61
N LEU A 27 -15.04 29.71 -8.50
CA LEU A 27 -14.02 28.68 -8.37
C LEU A 27 -14.34 27.41 -9.14
N LEU A 28 -15.61 27.19 -9.51
CA LEU A 28 -16.02 25.99 -10.22
C LEU A 28 -16.33 26.26 -11.68
N SER A 29 -15.68 27.27 -12.28
CA SER A 29 -15.93 27.59 -13.68
C SER A 29 -15.37 26.52 -14.62
N ILE A 30 -14.24 25.90 -14.24
CA ILE A 30 -13.57 24.95 -15.12
C ILE A 30 -14.45 23.74 -15.42
N GLN A 31 -15.39 23.43 -14.53
CA GLN A 31 -16.31 22.32 -14.74
C GLN A 31 -17.57 22.75 -15.49
N LEU A 32 -18.19 23.83 -15.00
CA LEU A 32 -19.47 24.27 -15.55
C LEU A 32 -19.34 24.74 -16.98
N ASP A 33 -18.27 25.49 -17.28
CA ASP A 33 -18.08 25.97 -18.65
C ASP A 33 -17.87 24.80 -19.62
N SER A 34 -17.08 23.81 -19.20
CA SER A 34 -16.84 22.65 -20.05
C SER A 34 -18.12 21.89 -20.34
N PHE A 35 -18.93 21.63 -19.31
CA PHE A 35 -20.14 20.86 -19.58
C PHE A 35 -21.17 21.68 -20.36
N GLU A 36 -21.19 23.00 -20.17
CA GLU A 36 -22.04 23.83 -21.01
C GLU A 36 -21.61 23.75 -22.47
N LYS A 37 -20.30 23.79 -22.72
CA LYS A 37 -19.82 23.59 -24.09
C LYS A 37 -20.25 22.24 -24.64
N PHE A 38 -20.29 21.22 -23.77
CA PHE A 38 -20.67 19.89 -24.23
C PHE A 38 -22.14 19.81 -24.62
N ILE A 39 -23.04 20.28 -23.74
CA ILE A 39 -24.46 19.98 -23.94
C ILE A 39 -25.21 21.08 -24.68
N GLU A 40 -24.73 22.32 -24.59
CA GLU A 40 -25.45 23.41 -25.23
C GLU A 40 -25.37 23.30 -26.74
N GLN A 41 -26.44 23.74 -27.40
CA GLN A 41 -26.52 23.64 -28.86
C GLN A 41 -25.61 24.68 -29.50
N ASP A 42 -24.79 24.23 -30.44
CA ASP A 42 -23.87 25.11 -31.14
C ASP A 42 -24.32 25.31 -32.57
N PRO A 43 -24.88 26.47 -32.93
CA PRO A 43 -25.22 26.71 -34.34
C PRO A 43 -24.03 26.60 -35.28
N GLU A 44 -22.84 27.01 -34.83
CA GLU A 44 -21.65 26.85 -35.65
C GLU A 44 -21.17 25.42 -35.71
N GLY A 45 -21.59 24.58 -34.77
CA GLY A 45 -21.25 23.17 -34.78
C GLY A 45 -19.78 22.88 -34.61
N GLN A 46 -19.14 23.54 -33.64
CA GLN A 46 -17.73 23.30 -33.35
C GLN A 46 -17.49 22.58 -32.04
N TYR A 47 -18.45 22.58 -31.12
CA TYR A 47 -18.27 22.02 -29.79
C TYR A 47 -19.38 21.03 -29.47
N GLY A 48 -19.00 19.91 -28.87
CA GLY A 48 -19.95 19.04 -28.21
C GLY A 48 -20.70 18.05 -29.06
N LEU A 49 -21.97 17.83 -28.69
CA LEU A 49 -22.77 16.83 -29.37
C LEU A 49 -22.98 17.16 -30.83
N GLU A 50 -23.17 18.45 -31.15
CA GLU A 50 -23.34 18.83 -32.55
C GLU A 50 -22.08 18.55 -33.35
N ALA A 51 -20.91 18.81 -32.77
CA ALA A 51 -19.66 18.48 -33.43
C ALA A 51 -19.53 16.99 -33.67
N ALA A 52 -19.86 16.17 -32.66
CA ALA A 52 -19.77 14.72 -32.83
C ALA A 52 -20.74 14.23 -33.91
N PHE A 53 -21.97 14.72 -33.89
CA PHE A 53 -22.95 14.31 -34.88
C PHE A 53 -22.53 14.71 -36.29
N ARG A 54 -22.04 15.93 -36.46
CA ARG A 54 -21.58 16.35 -37.78
C ARG A 54 -20.29 15.66 -38.18
N SER A 55 -19.54 15.12 -37.22
CA SER A 55 -18.34 14.36 -37.55
C SER A 55 -18.69 12.97 -38.05
N VAL A 56 -19.71 12.33 -37.48
CA VAL A 56 -20.10 11.00 -37.90
C VAL A 56 -21.10 11.03 -39.04
N PHE A 57 -22.18 11.79 -38.89
CA PHE A 57 -23.17 11.88 -39.94
C PHE A 57 -22.70 12.82 -41.05
N PRO A 58 -23.19 12.62 -42.29
CA PRO A 58 -24.14 11.61 -42.76
C PRO A 58 -23.52 10.24 -42.92
N ILE A 59 -24.29 9.18 -42.72
CA ILE A 59 -23.81 7.80 -42.84
C ILE A 59 -24.22 7.30 -44.22
N GLN A 60 -23.23 6.98 -45.04
CA GLN A 60 -23.46 6.64 -46.44
C GLN A 60 -23.26 5.15 -46.65
N SER A 61 -24.23 4.53 -47.32
CA SER A 61 -24.11 3.12 -47.69
C SER A 61 -23.02 2.94 -48.73
N TYR A 62 -22.40 1.76 -48.71
CA TYR A 62 -21.29 1.50 -49.64
C TYR A 62 -21.75 1.54 -51.09
N ASN A 63 -22.93 0.97 -51.38
CA ASN A 63 -23.41 0.92 -52.75
C ASN A 63 -23.87 2.27 -53.25
N GLY A 64 -24.61 3.01 -52.43
CA GLY A 64 -25.14 4.30 -52.83
C GLY A 64 -26.66 4.33 -52.77
N ASN A 65 -27.24 3.27 -52.24
CA ASN A 65 -28.70 3.14 -52.23
C ASN A 65 -29.36 4.24 -51.40
N SER A 66 -28.82 4.52 -50.21
CA SER A 66 -29.46 5.44 -49.29
C SER A 66 -28.43 5.97 -48.31
N GLU A 67 -28.81 6.99 -47.56
CA GLU A 67 -27.97 7.49 -46.49
C GLU A 67 -28.82 8.04 -45.36
N LEU A 68 -28.25 8.06 -44.16
CA LEU A 68 -28.89 8.57 -42.96
C LEU A 68 -28.29 9.92 -42.63
N GLN A 69 -29.14 10.94 -42.51
CA GLN A 69 -28.70 12.31 -42.29
C GLN A 69 -29.17 12.82 -40.94
N TYR A 70 -28.32 13.59 -40.29
CA TYR A 70 -28.60 14.19 -38.99
C TYR A 70 -29.27 15.55 -39.17
N VAL A 71 -30.31 15.81 -38.37
CA VAL A 71 -31.05 17.07 -38.41
C VAL A 71 -30.79 17.89 -37.16
N SER A 72 -31.17 17.38 -35.99
CA SER A 72 -31.03 18.10 -34.74
C SER A 72 -31.09 17.12 -33.58
N TYR A 73 -30.79 17.62 -32.39
CA TYR A 73 -30.89 16.82 -31.17
C TYR A 73 -31.53 17.67 -30.08
N ARG A 74 -32.07 16.98 -29.07
CA ARG A 74 -32.60 17.64 -27.90
C ARG A 74 -32.51 16.68 -26.72
N LEU A 75 -32.51 17.25 -25.52
CA LEU A 75 -32.45 16.49 -24.28
C LEU A 75 -33.80 16.55 -23.59
N GLY A 76 -34.32 15.39 -23.22
CA GLY A 76 -35.63 15.30 -22.62
C GLY A 76 -35.64 15.67 -21.15
N GLU A 77 -36.75 15.35 -20.50
CA GLU A 77 -36.85 15.68 -19.09
C GLU A 77 -36.43 14.50 -18.23
N PRO A 78 -35.69 14.75 -17.16
CA PRO A 78 -35.21 13.65 -16.32
C PRO A 78 -36.35 12.90 -15.64
N VAL A 79 -36.18 11.59 -15.49
CA VAL A 79 -37.15 10.80 -14.75
C VAL A 79 -37.14 11.18 -13.28
N PHE A 80 -35.97 11.37 -12.70
CA PHE A 80 -35.83 11.70 -11.30
C PHE A 80 -34.96 12.94 -11.14
N ASP A 81 -35.09 13.58 -9.98
CA ASP A 81 -34.24 14.70 -9.62
C ASP A 81 -32.96 14.18 -8.96
N VAL A 82 -32.10 15.12 -8.53
CA VAL A 82 -30.82 14.73 -7.95
C VAL A 82 -31.04 13.99 -6.63
N LYS A 83 -31.89 14.53 -5.76
CA LYS A 83 -32.14 13.90 -4.47
C LYS A 83 -32.80 12.53 -4.65
N GLU A 84 -33.76 12.44 -5.56
CA GLU A 84 -34.42 11.16 -5.82
C GLU A 84 -33.43 10.16 -6.41
N CYS A 85 -32.54 10.61 -7.29
CA CYS A 85 -31.53 9.70 -7.84
C CYS A 85 -30.60 9.20 -6.75
N GLN A 86 -30.22 10.07 -5.82
CA GLN A 86 -29.36 9.64 -4.72
C GLN A 86 -30.07 8.65 -3.80
N ILE A 87 -31.36 8.87 -3.56
CA ILE A 87 -32.11 7.96 -2.71
C ILE A 87 -32.26 6.59 -3.39
N ARG A 88 -32.67 6.58 -4.65
CA ARG A 88 -32.94 5.33 -5.35
C ARG A 88 -31.65 4.61 -5.76
N GLY A 89 -30.60 5.35 -6.08
CA GLY A 89 -29.36 4.73 -6.49
C GLY A 89 -29.23 4.63 -8.00
N VAL A 90 -29.63 5.69 -8.70
CA VAL A 90 -29.64 5.72 -10.15
C VAL A 90 -28.90 6.97 -10.63
N THR A 91 -28.51 6.94 -11.89
CA THR A 91 -27.75 8.04 -12.48
C THR A 91 -28.68 9.19 -12.85
N TYR A 92 -28.31 10.40 -12.45
CA TYR A 92 -29.04 11.60 -12.84
C TYR A 92 -28.66 11.96 -14.27
N SER A 93 -29.63 11.92 -15.16
CA SER A 93 -29.34 12.01 -16.59
C SER A 93 -30.56 12.51 -17.33
N LYS A 94 -30.37 12.84 -18.60
CA LYS A 94 -31.42 13.27 -19.50
C LYS A 94 -31.40 12.42 -20.76
N PRO A 95 -32.57 12.09 -21.31
CA PRO A 95 -32.59 11.31 -22.55
C PRO A 95 -32.14 12.14 -23.73
N LEU A 96 -31.38 11.52 -24.63
CA LEU A 96 -30.92 12.15 -25.86
C LEU A 96 -31.82 11.71 -27.00
N ARG A 97 -32.46 12.67 -27.66
N ARG A 97 -32.48 12.68 -27.65
CA ARG A 97 -33.38 12.42 -28.76
CA ARG A 97 -33.38 12.43 -28.76
C ARG A 97 -32.88 13.15 -29.99
C ARG A 97 -32.84 13.15 -29.99
N VAL A 98 -32.57 12.39 -31.04
CA VAL A 98 -31.93 12.93 -32.25
C VAL A 98 -32.86 12.73 -33.43
N LYS A 99 -33.07 13.81 -34.20
CA LYS A 99 -33.86 13.75 -35.42
C LYS A 99 -32.96 13.30 -36.56
N LEU A 100 -33.36 12.23 -37.24
CA LEU A 100 -32.62 11.72 -38.38
C LEU A 100 -33.58 11.48 -39.54
N ARG A 101 -33.09 11.71 -40.75
CA ARG A 101 -33.84 11.41 -41.96
C ARG A 101 -33.10 10.34 -42.75
N LEU A 102 -33.77 9.23 -43.01
CA LEU A 102 -33.28 8.21 -43.93
C LEU A 102 -33.72 8.61 -45.33
N VAL A 103 -32.78 8.99 -46.17
CA VAL A 103 -33.09 9.34 -47.55
C VAL A 103 -32.67 8.18 -48.44
N ILE A 104 -33.64 7.67 -49.20
CA ILE A 104 -33.45 6.55 -50.11
C ILE A 104 -33.43 7.10 -51.52
N PHE A 105 -32.36 6.77 -52.25
CA PHE A 105 -32.19 7.26 -53.61
C PHE A 105 -32.86 6.33 -54.61
N ASP A 106 -32.91 6.76 -55.87
CA ASP A 106 -33.52 6.00 -56.94
C ASP A 106 -32.44 5.37 -57.81
N LYS A 107 -32.52 4.06 -58.00
CA LYS A 107 -31.50 3.36 -58.78
C LYS A 107 -31.64 3.67 -60.27
N ASP A 108 -32.87 3.67 -60.80
CA ASP A 108 -33.08 3.97 -62.20
C ASP A 108 -32.67 5.40 -62.52
N ALA A 109 -33.01 6.34 -61.65
CA ALA A 109 -32.63 7.72 -61.83
C ALA A 109 -31.14 7.90 -61.62
N PRO A 110 -30.55 8.98 -62.13
CA PRO A 110 -29.14 9.24 -61.87
C PRO A 110 -28.86 9.40 -60.38
N ALA A 111 -27.64 9.04 -59.99
CA ALA A 111 -27.26 9.09 -58.59
C ALA A 111 -27.43 10.50 -58.03
N GLY A 112 -28.01 10.58 -56.84
CA GLY A 112 -28.32 11.85 -56.22
C GLY A 112 -29.77 12.28 -56.30
N THR A 113 -30.66 11.42 -56.80
CA THR A 113 -32.07 11.75 -56.89
C THR A 113 -32.79 11.25 -55.65
N VAL A 114 -33.50 12.15 -54.97
CA VAL A 114 -34.16 11.84 -53.70
C VAL A 114 -35.45 11.09 -54.02
N LYS A 115 -35.39 9.76 -53.96
CA LYS A 115 -36.59 8.96 -54.19
C LYS A 115 -37.56 9.06 -53.02
N ASP A 116 -37.05 8.97 -51.79
CA ASP A 116 -37.91 9.08 -50.62
C ASP A 116 -37.11 9.58 -49.42
N ILE A 117 -37.83 10.18 -48.47
CA ILE A 117 -37.27 10.62 -47.20
C ILE A 117 -38.16 10.11 -46.07
N LYS A 118 -37.53 9.68 -44.98
CA LYS A 118 -38.25 9.24 -43.79
C LYS A 118 -37.63 9.94 -42.58
N GLU A 119 -38.36 10.89 -42.01
CA GLU A 119 -37.88 11.69 -40.88
C GLU A 119 -38.43 11.12 -39.59
N GLN A 120 -37.56 10.94 -38.59
CA GLN A 120 -38.03 10.36 -37.34
C GLN A 120 -37.05 10.70 -36.23
N GLU A 121 -37.56 10.64 -35.00
CA GLU A 121 -36.77 10.87 -33.80
C GLU A 121 -36.30 9.54 -33.23
N VAL A 122 -35.04 9.49 -32.82
CA VAL A 122 -34.39 8.28 -32.34
C VAL A 122 -33.85 8.54 -30.95
N TYR A 123 -34.04 7.58 -30.05
CA TYR A 123 -33.47 7.65 -28.71
C TYR A 123 -32.04 7.14 -28.77
N MET A 124 -31.08 8.04 -28.49
CA MET A 124 -29.68 7.76 -28.68
C MET A 124 -28.91 7.66 -27.37
N GLY A 125 -29.58 7.18 -26.32
CA GLY A 125 -28.95 6.96 -25.04
C GLY A 125 -29.40 7.95 -23.98
N GLU A 126 -28.72 7.87 -22.84
CA GLU A 126 -29.01 8.72 -21.68
C GLU A 126 -27.72 9.42 -21.29
N ILE A 127 -27.73 10.75 -21.33
CA ILE A 127 -26.54 11.56 -21.07
C ILE A 127 -26.57 11.99 -19.61
N PRO A 128 -25.56 11.65 -18.80
CA PRO A 128 -25.53 12.14 -17.42
C PRO A 128 -25.41 13.65 -17.37
N LEU A 129 -26.04 14.24 -16.36
CA LEU A 129 -26.13 15.68 -16.23
C LEU A 129 -25.30 16.16 -15.05
N MET A 130 -24.71 17.34 -15.20
CA MET A 130 -23.93 17.97 -14.15
C MET A 130 -24.85 18.80 -13.27
N THR A 131 -24.64 18.70 -11.96
CA THR A 131 -25.45 19.45 -11.01
C THR A 131 -25.03 20.93 -11.01
N GLU A 132 -25.70 21.72 -10.18
CA GLU A 132 -25.41 23.14 -10.09
C GLU A 132 -24.05 23.42 -9.48
N ASN A 133 -23.41 22.41 -8.87
CA ASN A 133 -22.15 22.59 -8.17
C ASN A 133 -20.98 21.90 -8.86
N GLY A 134 -21.18 21.38 -10.06
CA GLY A 134 -20.10 20.75 -10.81
C GLY A 134 -19.88 19.29 -10.51
N THR A 135 -20.89 18.58 -10.01
CA THR A 135 -20.77 17.16 -9.71
C THR A 135 -21.72 16.35 -10.57
N PHE A 136 -21.46 15.05 -10.64
CA PHE A 136 -22.31 14.10 -11.33
C PHE A 136 -22.85 13.11 -10.32
N VAL A 137 -24.03 12.58 -10.58
CA VAL A 137 -24.62 11.55 -9.72
C VAL A 137 -24.70 10.28 -10.54
N ILE A 138 -23.75 9.38 -10.32
CA ILE A 138 -23.66 8.11 -11.05
C ILE A 138 -23.94 7.00 -10.06
N ASN A 139 -24.97 6.21 -10.35
CA ASN A 139 -25.44 5.14 -9.46
C ASN A 139 -25.65 5.65 -8.04
N GLY A 140 -26.21 6.85 -7.93
CA GLY A 140 -26.50 7.44 -6.65
C GLY A 140 -25.33 7.99 -5.90
N THR A 141 -24.15 8.03 -6.52
CA THR A 141 -22.93 8.50 -5.88
C THR A 141 -22.49 9.79 -6.55
N GLU A 142 -22.19 10.81 -5.73
CA GLU A 142 -21.63 12.05 -6.24
C GLU A 142 -20.18 11.84 -6.65
N ARG A 143 -19.85 12.24 -7.87
CA ARG A 143 -18.55 12.02 -8.45
C ARG A 143 -18.08 13.29 -9.14
N VAL A 144 -16.77 13.44 -9.22
CA VAL A 144 -16.13 14.57 -9.89
C VAL A 144 -15.22 14.01 -10.98
N ILE A 145 -15.34 14.56 -12.17
CA ILE A 145 -14.45 14.19 -13.27
C ILE A 145 -13.31 15.19 -13.31
N VAL A 146 -12.10 14.68 -13.11
CA VAL A 146 -10.91 15.51 -12.94
C VAL A 146 -10.32 15.85 -14.28
N SER A 147 -9.92 17.11 -14.45
CA SER A 147 -9.29 17.56 -15.66
C SER A 147 -7.92 16.91 -15.83
N GLN A 148 -7.48 16.83 -17.09
CA GLN A 148 -6.23 16.17 -17.45
C GLN A 148 -5.27 17.17 -18.06
N LEU A 149 -4.00 17.08 -17.66
CA LEU A 149 -2.92 17.82 -18.29
C LEU A 149 -2.19 16.86 -19.21
N HIS A 150 -2.38 17.03 -20.52
CA HIS A 150 -1.78 16.12 -21.48
C HIS A 150 -0.91 16.88 -22.46
N ARG A 151 -0.22 16.12 -23.31
CA ARG A 151 0.64 16.72 -24.32
C ARG A 151 -0.21 17.24 -25.47
N SER A 152 0.01 18.48 -25.85
CA SER A 152 -0.76 19.09 -26.92
C SER A 152 -0.48 18.38 -28.23
N PRO A 153 -1.50 18.16 -29.06
CA PRO A 153 -1.25 17.62 -30.40
C PRO A 153 -0.43 18.60 -31.24
N GLY A 154 0.30 18.04 -32.20
CA GLY A 154 1.10 18.87 -33.08
C GLY A 154 2.40 18.22 -33.45
N VAL A 155 3.47 19.01 -33.51
CA VAL A 155 4.81 18.52 -33.81
C VAL A 155 5.76 19.05 -32.76
N PHE A 156 6.59 18.16 -32.22
CA PHE A 156 7.56 18.51 -31.20
C PHE A 156 8.95 18.06 -31.63
N PHE A 157 9.92 18.96 -31.50
CA PHE A 157 11.30 18.69 -31.87
C PHE A 157 12.10 18.48 -30.58
N ASP A 158 12.75 17.33 -30.46
CA ASP A 158 13.47 16.99 -29.24
C ASP A 158 14.83 16.41 -29.60
N SER A 159 15.63 16.16 -28.57
CA SER A 159 16.94 15.57 -28.72
C SER A 159 17.19 14.60 -27.58
N ASP A 160 18.12 13.69 -27.80
CA ASP A 160 18.57 12.77 -26.75
C ASP A 160 19.60 13.38 -25.81
N LYS A 161 20.03 14.62 -26.08
CA LYS A 161 20.97 15.35 -25.23
C LYS A 161 22.31 14.64 -25.12
N GLY A 162 22.66 13.86 -26.14
CA GLY A 162 23.95 13.20 -26.17
C GLY A 162 24.15 12.17 -25.09
N LYS A 163 23.16 11.32 -24.84
CA LYS A 163 23.25 10.30 -23.80
C LYS A 163 22.85 8.91 -24.30
N THR A 164 22.90 8.68 -25.61
CA THR A 164 22.58 7.37 -26.16
C THR A 164 23.76 6.71 -26.84
N HIS A 165 24.38 7.38 -27.80
CA HIS A 165 25.55 6.85 -28.48
C HIS A 165 26.79 6.98 -27.61
N SER A 166 27.86 6.27 -28.01
CA SER A 166 29.08 6.26 -27.21
C SER A 166 29.68 7.66 -27.10
N SER A 167 29.74 8.38 -28.21
CA SER A 167 30.20 9.76 -28.19
C SER A 167 29.03 10.66 -27.81
N GLY A 168 29.22 11.98 -27.89
CA GLY A 168 28.11 12.87 -27.63
C GLY A 168 27.06 12.79 -28.72
N LYS A 169 27.39 13.35 -29.89
CA LYS A 169 26.57 13.23 -31.09
C LYS A 169 25.09 13.42 -30.79
N VAL A 170 24.72 14.62 -30.36
CA VAL A 170 23.34 14.89 -29.93
C VAL A 170 22.40 14.58 -31.08
N LEU A 171 21.53 13.61 -30.89
CA LEU A 171 20.66 13.11 -31.95
C LEU A 171 19.31 13.80 -31.86
N TYR A 172 18.83 14.31 -32.99
CA TYR A 172 17.60 15.08 -33.05
C TYR A 172 16.45 14.25 -33.64
N ASN A 173 15.26 14.47 -33.10
CA ASN A 173 14.06 13.82 -33.61
C ASN A 173 12.91 14.83 -33.65
N ALA A 174 11.93 14.51 -34.48
CA ALA A 174 10.70 15.28 -34.60
C ALA A 174 9.53 14.30 -34.56
N ARG A 175 8.56 14.58 -33.70
CA ARG A 175 7.41 13.72 -33.52
C ARG A 175 6.13 14.48 -33.85
N ILE A 176 5.34 13.95 -34.77
CA ILE A 176 4.01 14.45 -35.07
C ILE A 176 3.00 13.54 -34.38
N ILE A 177 2.24 14.13 -33.48
CA ILE A 177 1.26 13.44 -32.65
C ILE A 177 -0.11 14.05 -32.91
N PRO A 178 -1.08 13.28 -33.40
CA PRO A 178 -2.41 13.85 -33.63
C PRO A 178 -3.34 13.64 -32.44
N TYR A 179 -4.56 14.18 -32.54
CA TYR A 179 -5.60 13.83 -31.58
C TYR A 179 -6.03 12.39 -31.76
N ARG A 180 -6.30 11.98 -32.99
CA ARG A 180 -6.55 10.60 -33.36
C ARG A 180 -5.70 10.24 -34.56
N GLY A 181 -5.13 9.04 -34.55
CA GLY A 181 -4.39 8.55 -35.69
C GLY A 181 -3.03 8.05 -35.28
N SER A 182 -2.22 7.74 -36.30
CA SER A 182 -0.89 7.21 -36.07
C SER A 182 0.11 8.33 -35.79
N TRP A 183 1.26 7.95 -35.27
CA TRP A 183 2.33 8.87 -34.93
C TRP A 183 3.39 8.85 -36.02
N LEU A 184 4.00 10.00 -36.27
CA LEU A 184 5.06 10.10 -37.28
C LEU A 184 6.35 10.53 -36.59
N ASP A 185 7.45 9.83 -36.87
CA ASP A 185 8.72 10.12 -36.24
C ASP A 185 9.79 10.28 -37.29
N PHE A 186 10.56 11.37 -37.19
CA PHE A 186 11.72 11.60 -38.03
C PHE A 186 12.93 11.74 -37.12
N GLU A 187 13.88 10.80 -37.22
CA GLU A 187 15.01 10.81 -36.32
C GLU A 187 16.32 10.80 -37.09
N PHE A 188 17.37 11.33 -36.47
CA PHE A 188 18.71 11.23 -36.99
C PHE A 188 19.45 10.06 -36.33
N ASP A 189 20.21 9.33 -37.12
CA ASP A 189 21.10 8.29 -36.60
C ASP A 189 22.48 8.90 -36.39
N PRO A 190 23.39 8.19 -35.70
CA PRO A 190 24.73 8.76 -35.50
C PRO A 190 25.57 8.80 -36.76
N LYS A 191 24.98 8.47 -37.91
CA LYS A 191 25.63 8.61 -39.19
C LYS A 191 25.07 9.75 -40.01
N ASP A 192 24.26 10.62 -39.40
CA ASP A 192 23.64 11.77 -40.07
C ASP A 192 22.77 11.35 -41.24
N ASN A 193 21.93 10.35 -41.01
CA ASN A 193 20.92 9.91 -41.96
C ASN A 193 19.54 10.05 -41.31
N LEU A 194 18.55 10.41 -42.11
CA LEU A 194 17.22 10.68 -41.60
C LEU A 194 16.33 9.46 -41.80
N TYR A 195 15.71 9.01 -40.72
CA TYR A 195 14.88 7.82 -40.73
C TYR A 195 13.47 8.17 -40.27
N VAL A 196 12.49 7.41 -40.78
CA VAL A 196 11.08 7.63 -40.50
C VAL A 196 10.51 6.41 -39.80
N ARG A 197 9.67 6.66 -38.81
CA ARG A 197 8.92 5.62 -38.11
C ARG A 197 7.44 5.95 -38.12
N ILE A 198 6.62 4.97 -38.45
CA ILE A 198 5.16 5.11 -38.44
C ILE A 198 4.64 4.24 -37.32
N ASP A 199 4.07 4.87 -36.30
CA ASP A 199 3.48 4.17 -35.15
C ASP A 199 4.53 3.34 -34.40
N ARG A 200 5.75 3.87 -34.31
CA ARG A 200 6.81 3.31 -33.48
C ARG A 200 7.16 1.87 -33.88
N ARG A 201 7.52 1.70 -35.15
CA ARG A 201 8.02 0.41 -35.62
C ARG A 201 9.35 0.60 -36.33
N ARG A 202 9.82 -0.43 -37.03
CA ARG A 202 11.20 -0.45 -37.49
C ARG A 202 11.46 0.72 -38.43
N LYS A 203 12.61 1.36 -38.21
CA LYS A 203 12.95 2.58 -38.93
C LYS A 203 13.11 2.30 -40.42
N LEU A 204 12.75 3.29 -41.22
CA LEU A 204 12.91 3.28 -42.66
C LEU A 204 13.57 4.57 -43.09
N PRO A 205 14.34 4.56 -44.18
CA PRO A 205 14.93 5.82 -44.67
C PRO A 205 13.84 6.84 -44.99
N ALA A 206 14.13 8.10 -44.65
CA ALA A 206 13.11 9.14 -44.74
C ALA A 206 12.66 9.37 -46.16
N SER A 207 13.56 9.23 -47.13
CA SER A 207 13.23 9.57 -48.52
C SER A 207 12.04 8.76 -49.02
N ILE A 208 11.80 7.60 -48.44
CA ILE A 208 10.66 6.77 -48.83
C ILE A 208 9.37 7.56 -48.72
N ILE A 209 9.19 8.27 -47.61
CA ILE A 209 7.95 9.02 -47.41
C ILE A 209 7.78 10.08 -48.48
N LEU A 210 8.88 10.55 -49.06
CA LEU A 210 8.78 11.49 -50.17
C LEU A 210 8.41 10.79 -51.46
N ARG A 211 8.96 9.59 -51.69
CA ARG A 211 8.69 8.87 -52.93
C ARG A 211 7.23 8.46 -53.01
N VAL A 212 6.62 8.11 -51.88
CA VAL A 212 5.17 7.76 -51.90
C VAL A 212 4.35 9.00 -52.24
N LEU A 213 4.91 10.18 -52.08
CA LEU A 213 4.20 11.42 -52.40
C LEU A 213 4.49 11.89 -53.82
N GLY A 214 5.13 11.06 -54.64
CA GLY A 214 5.41 11.43 -56.01
C GLY A 214 6.61 12.33 -56.20
N LYS A 215 7.59 12.26 -55.31
CA LYS A 215 8.77 13.11 -55.39
C LYS A 215 9.92 12.31 -55.98
N THR A 216 10.42 12.77 -57.13
CA THR A 216 11.59 12.17 -57.75
C THR A 216 12.84 12.55 -56.95
N SER A 217 13.91 11.78 -57.15
CA SER A 217 15.17 12.08 -56.47
C SER A 217 15.65 13.49 -56.76
N ALA A 218 15.52 13.93 -58.02
CA ALA A 218 15.89 15.29 -58.37
C ALA A 218 15.01 16.32 -57.65
N GLU A 219 13.71 16.04 -57.57
CA GLU A 219 12.82 16.94 -56.84
C GLU A 219 13.17 16.99 -55.36
N ILE A 220 13.52 15.83 -54.79
CA ILE A 220 13.95 15.79 -53.40
C ILE A 220 15.17 16.67 -53.18
N LEU A 221 16.16 16.52 -54.07
CA LEU A 221 17.38 17.31 -53.95
C LEU A 221 17.09 18.80 -54.11
N ASP A 222 16.17 19.15 -55.02
CA ASP A 222 15.81 20.55 -55.18
C ASP A 222 15.14 21.10 -53.93
N ILE A 223 14.27 20.31 -53.31
CA ILE A 223 13.58 20.77 -52.10
C ILE A 223 14.58 20.98 -50.97
N PHE A 224 15.50 20.05 -50.78
CA PHE A 224 16.32 20.04 -49.58
C PHE A 224 17.71 20.64 -49.76
N PHE A 225 18.04 21.17 -50.94
CA PHE A 225 19.38 21.68 -51.18
C PHE A 225 19.34 22.92 -52.05
N GLU A 226 20.39 23.72 -51.93
CA GLU A 226 20.64 24.84 -52.82
C GLU A 226 21.67 24.44 -53.87
N LYS A 227 21.56 25.05 -55.04
CA LYS A 227 22.32 24.64 -56.21
C LYS A 227 23.45 25.62 -56.47
N VAL A 228 24.67 25.11 -56.64
CA VAL A 228 25.78 25.88 -57.16
C VAL A 228 26.00 25.47 -58.61
N ASN A 229 26.07 26.47 -59.49
CA ASN A 229 25.97 26.27 -60.92
C ASN A 229 27.34 26.44 -61.59
N PHE A 230 27.46 25.88 -62.79
CA PHE A 230 28.69 25.90 -63.55
C PHE A 230 28.35 26.01 -65.03
N GLU A 231 29.20 26.74 -65.74
CA GLU A 231 29.04 26.97 -67.17
C GLU A 231 30.39 26.83 -67.85
N VAL A 232 30.35 26.69 -69.17
CA VAL A 232 31.55 26.67 -70.01
C VAL A 232 31.51 27.97 -70.81
N LYS A 233 32.19 29.00 -70.32
CA LYS A 233 32.18 30.32 -70.93
C LYS A 233 33.54 30.59 -71.56
N ASP A 234 33.55 30.73 -72.88
CA ASP A 234 34.76 31.05 -73.64
C ASP A 234 35.88 30.06 -73.32
N GLN A 235 35.54 28.78 -73.36
CA GLN A 235 36.48 27.67 -73.10
C GLN A 235 37.02 27.69 -71.68
N THR A 236 36.32 28.35 -70.75
CA THR A 236 36.77 28.45 -69.37
C THR A 236 35.65 28.01 -68.42
N LEU A 237 36.06 27.44 -67.29
CA LEU A 237 35.10 27.04 -66.27
C LEU A 237 34.44 28.26 -65.65
N MET A 238 33.18 28.08 -65.22
CA MET A 238 32.34 29.19 -64.82
C MET A 238 31.58 28.83 -63.54
N MET A 239 31.96 29.45 -62.43
CA MET A 239 31.11 29.52 -61.24
C MET A 239 30.17 30.70 -61.36
N GLU A 240 28.89 30.48 -61.05
CA GLU A 240 27.98 31.58 -60.77
C GLU A 240 28.16 31.96 -59.31
N LEU A 241 28.64 33.18 -59.06
CA LEU A 241 29.06 33.57 -57.73
C LEU A 241 27.87 34.04 -56.90
N VAL A 242 27.70 33.43 -55.73
CA VAL A 242 26.76 33.92 -54.72
C VAL A 242 27.59 34.65 -53.66
N PRO A 243 27.51 35.98 -53.57
CA PRO A 243 28.44 36.72 -52.70
C PRO A 243 28.49 36.25 -51.26
N GLU A 244 27.33 35.90 -50.68
CA GLU A 244 27.27 35.57 -49.26
C GLU A 244 27.99 34.28 -48.92
N ARG A 245 28.21 33.39 -49.89
CA ARG A 245 28.84 32.11 -49.59
C ARG A 245 30.34 32.28 -49.33
N LEU A 246 31.01 33.09 -50.15
CA LEU A 246 32.47 33.16 -50.09
C LEU A 246 32.95 33.71 -48.75
N ARG A 247 32.30 34.74 -48.24
CA ARG A 247 32.71 35.36 -46.98
C ARG A 247 32.54 34.40 -45.80
N THR A 252 41.22 28.20 -50.79
CA THR A 252 42.10 27.06 -51.02
C THR A 252 42.52 26.99 -52.49
N PHE A 253 42.35 28.10 -53.21
CA PHE A 253 42.65 28.16 -54.63
C PHE A 253 42.78 29.61 -55.03
N ASP A 254 43.23 29.83 -56.27
CA ASP A 254 43.38 31.18 -56.79
C ASP A 254 42.07 31.66 -57.39
N ILE A 255 41.67 32.89 -57.05
CA ILE A 255 40.37 33.43 -57.42
C ILE A 255 40.50 34.26 -58.70
N GLU A 256 39.48 34.18 -59.56
CA GLU A 256 39.44 34.89 -60.83
C GLU A 256 39.03 36.35 -60.58
N ALA A 257 38.59 37.04 -61.64
CA ALA A 257 38.37 38.49 -61.63
C ALA A 257 39.69 39.23 -61.38
N ASP A 258 40.57 39.08 -62.38
CA ASP A 258 41.91 39.66 -62.32
C ASP A 258 41.90 41.13 -61.91
N GLY A 259 40.83 41.86 -62.24
CA GLY A 259 40.72 43.22 -61.78
C GLY A 259 40.63 43.34 -60.26
N LYS A 260 39.96 42.38 -59.63
CA LYS A 260 39.70 42.39 -58.19
C LYS A 260 40.12 41.06 -57.55
N VAL A 261 41.35 40.64 -57.84
CA VAL A 261 41.84 39.34 -57.38
C VAL A 261 41.68 39.22 -55.87
N TYR A 262 41.10 38.10 -55.43
CA TYR A 262 40.98 37.77 -54.03
C TYR A 262 42.23 37.00 -53.58
N VAL A 263 42.27 36.62 -52.31
CA VAL A 263 43.40 35.85 -51.80
C VAL A 263 43.45 34.51 -52.52
N GLU A 264 44.66 34.08 -52.88
CA GLU A 264 44.88 32.85 -53.61
C GLU A 264 45.49 31.83 -52.68
N LYS A 265 44.82 30.68 -52.55
CA LYS A 265 45.20 29.57 -51.67
C LYS A 265 45.70 30.06 -50.31
N GLY A 266 45.09 31.10 -49.79
CA GLY A 266 45.47 31.66 -48.51
C GLY A 266 44.33 32.32 -47.76
N HIS A 273 37.33 41.72 -45.45
CA HIS A 273 38.13 40.82 -46.28
C HIS A 273 37.41 40.54 -47.60
N ILE A 274 36.45 39.61 -47.56
CA ILE A 274 35.70 39.27 -48.76
C ILE A 274 34.79 40.42 -49.15
N ARG A 275 34.21 41.11 -48.16
CA ARG A 275 33.20 42.12 -48.45
C ARG A 275 33.77 43.29 -49.26
N GLN A 276 34.99 43.72 -48.93
CA GLN A 276 35.55 44.88 -49.61
C GLN A 276 35.72 44.61 -51.11
N LEU A 277 36.20 43.42 -51.46
CA LEU A 277 36.35 43.09 -52.88
C LEU A 277 35.00 42.78 -53.52
N GLU A 278 34.07 42.20 -52.77
CA GLU A 278 32.72 41.95 -53.28
C GLU A 278 31.92 43.23 -53.46
N LYS A 279 32.42 44.36 -52.94
CA LYS A 279 31.65 45.61 -53.05
C LYS A 279 31.45 46.01 -54.50
N ASP A 280 32.48 45.87 -55.34
CA ASP A 280 32.37 46.31 -56.73
C ASP A 280 31.33 45.47 -57.49
N GLY A 281 31.40 44.15 -57.38
CA GLY A 281 30.38 43.30 -57.94
C GLY A 281 30.71 42.73 -59.30
N VAL A 282 31.02 41.44 -59.35
CA VAL A 282 31.23 40.71 -60.60
C VAL A 282 30.44 39.41 -60.53
N ASN A 283 30.18 38.84 -61.72
CA ASN A 283 29.39 37.62 -61.83
C ASN A 283 30.18 36.47 -62.42
N PHE A 284 31.51 36.57 -62.48
CA PHE A 284 32.34 35.60 -63.18
C PHE A 284 33.41 35.06 -62.23
N ILE A 285 33.49 33.74 -62.12
CA ILE A 285 34.52 33.07 -61.33
C ILE A 285 35.03 31.87 -62.12
N GLU A 286 36.34 31.66 -62.09
CA GLU A 286 36.99 30.52 -62.73
C GLU A 286 37.64 29.65 -61.68
N VAL A 287 37.41 28.35 -61.76
CA VAL A 287 37.79 27.42 -60.71
C VAL A 287 38.44 26.19 -61.31
N PRO A 288 39.22 25.45 -60.52
CA PRO A 288 39.81 24.20 -61.02
C PRO A 288 38.77 23.10 -61.20
N VAL A 289 39.20 22.07 -61.93
CA VAL A 289 38.39 20.87 -62.10
C VAL A 289 38.34 20.05 -60.82
N GLU A 290 39.42 20.06 -60.03
CA GLU A 290 39.42 19.38 -58.74
C GLU A 290 38.33 19.90 -57.83
N TYR A 291 37.89 21.15 -58.01
CA TYR A 291 36.74 21.65 -57.29
C TYR A 291 35.46 20.96 -57.71
N ILE A 292 35.40 20.47 -58.96
CA ILE A 292 34.25 19.71 -59.43
C ILE A 292 34.32 18.27 -58.95
N VAL A 293 35.53 17.72 -58.81
CA VAL A 293 35.69 16.29 -58.60
C VAL A 293 34.92 15.81 -57.38
N GLY A 294 34.91 16.60 -56.30
CA GLY A 294 34.25 16.14 -55.10
C GLY A 294 32.74 16.35 -55.04
N LYS A 295 32.18 17.15 -55.93
CA LYS A 295 30.79 17.55 -55.80
C LYS A 295 29.84 16.43 -56.21
N VAL A 296 28.56 16.62 -55.88
CA VAL A 296 27.52 15.63 -56.11
C VAL A 296 26.47 16.23 -57.02
N SER A 297 26.09 15.49 -58.06
CA SER A 297 25.23 16.03 -59.10
C SER A 297 23.85 16.36 -58.56
N ALA A 298 23.18 17.30 -59.23
CA ALA A 298 21.84 17.73 -58.85
C ALA A 298 20.76 17.34 -59.84
N LYS A 299 21.13 16.91 -61.05
CA LYS A 299 20.16 16.56 -62.07
C LYS A 299 20.58 15.26 -62.76
N ASP A 300 19.62 14.66 -63.44
CA ASP A 300 19.87 13.50 -64.29
C ASP A 300 20.12 13.98 -65.70
N TYR A 301 21.25 13.59 -66.29
CA TYR A 301 21.66 14.10 -67.59
C TYR A 301 21.64 12.98 -68.61
N VAL A 302 20.84 13.16 -69.67
CA VAL A 302 20.58 12.14 -70.67
C VAL A 302 21.09 12.62 -72.01
N ASN A 303 21.49 11.67 -72.85
CA ASN A 303 21.93 11.95 -74.21
C ASN A 303 20.97 11.30 -75.18
N GLU A 304 20.41 12.10 -76.10
CA GLU A 304 19.47 11.56 -77.07
C GLU A 304 20.16 10.60 -78.04
N ALA A 305 21.38 10.93 -78.47
CA ALA A 305 22.09 10.07 -79.41
C ALA A 305 22.44 8.73 -78.76
N THR A 306 22.99 8.75 -77.55
CA THR A 306 23.34 7.50 -76.89
C THR A 306 22.12 6.81 -76.29
N GLY A 307 21.12 7.57 -75.87
CA GLY A 307 19.94 7.00 -75.26
C GLY A 307 20.13 6.54 -73.83
N GLU A 308 21.25 6.90 -73.20
CA GLU A 308 21.56 6.46 -71.85
C GLU A 308 21.82 7.67 -70.97
N LEU A 309 21.91 7.42 -69.66
CA LEU A 309 22.09 8.47 -68.67
C LEU A 309 23.58 8.62 -68.38
N ILE A 310 24.16 9.75 -68.79
CA ILE A 310 25.59 9.98 -68.57
C ILE A 310 25.90 10.08 -67.09
N ILE A 311 25.15 10.93 -66.38
CA ILE A 311 25.32 11.11 -64.94
C ILE A 311 23.95 11.17 -64.29
N THR A 312 23.83 10.49 -63.16
CA THR A 312 22.58 10.38 -62.43
C THR A 312 22.52 11.41 -61.31
N ALA A 313 21.32 11.66 -60.81
CA ALA A 313 21.16 12.53 -59.66
C ALA A 313 21.75 11.87 -58.43
N ASN A 314 22.25 12.69 -57.51
CA ASN A 314 22.89 12.23 -56.29
C ASN A 314 24.08 11.30 -56.60
N GLN A 315 24.85 11.67 -57.61
CA GLN A 315 26.04 10.92 -58.00
C GLN A 315 27.23 11.86 -57.99
N GLU A 316 28.34 11.39 -57.45
CA GLU A 316 29.54 12.21 -57.37
C GLU A 316 30.17 12.36 -58.76
N ILE A 317 30.41 13.60 -59.17
CA ILE A 317 31.00 13.85 -60.48
C ILE A 317 32.44 13.37 -60.49
N SER A 318 32.88 12.84 -61.62
CA SER A 318 34.25 12.37 -61.80
C SER A 318 34.85 12.99 -63.05
N LEU A 319 36.15 12.78 -63.22
CA LEU A 319 36.84 13.30 -64.41
C LEU A 319 36.27 12.70 -65.69
N GLU A 320 36.06 11.38 -65.70
CA GLU A 320 35.50 10.73 -66.87
C GLU A 320 34.09 11.22 -67.15
N ALA A 321 33.32 11.48 -66.09
CA ALA A 321 32.00 12.07 -66.28
C ALA A 321 32.11 13.45 -66.90
N LEU A 322 33.06 14.26 -66.44
CA LEU A 322 33.24 15.58 -67.04
C LEU A 322 33.58 15.48 -68.51
N ALA A 323 34.47 14.54 -68.86
CA ALA A 323 34.79 14.33 -70.27
C ALA A 323 33.57 13.90 -71.07
N ASN A 324 32.76 13.02 -70.48
CA ASN A 324 31.58 12.52 -71.21
C ASN A 324 30.57 13.62 -71.46
N LEU A 325 30.28 14.45 -70.45
CA LEU A 325 29.42 15.60 -70.72
C LEU A 325 30.07 16.61 -71.65
N SER A 326 31.39 16.71 -71.66
CA SER A 326 32.04 17.61 -72.62
C SER A 326 31.80 17.14 -74.04
N GLN A 327 31.94 15.84 -74.29
CA GLN A 327 31.62 15.31 -75.61
C GLN A 327 30.13 15.41 -75.92
N ALA A 328 29.28 15.28 -74.90
CA ALA A 328 27.84 15.37 -75.11
C ALA A 328 27.38 16.78 -75.47
N GLY A 329 28.23 17.78 -75.32
CA GLY A 329 27.88 19.15 -75.62
C GLY A 329 27.26 19.93 -74.48
N TYR A 330 26.96 19.27 -73.37
CA TYR A 330 26.43 19.98 -72.21
C TYR A 330 27.48 20.90 -71.63
N LYS A 331 27.11 22.17 -71.43
CA LYS A 331 28.05 23.17 -70.94
C LYS A 331 27.74 23.65 -69.53
N LYS A 332 26.53 23.42 -69.03
CA LYS A 332 26.13 23.87 -67.70
C LYS A 332 25.89 22.65 -66.81
N LEU A 333 26.54 22.65 -65.65
CA LEU A 333 26.37 21.59 -64.65
C LEU A 333 26.04 22.22 -63.32
N GLU A 334 24.96 21.78 -62.69
CA GLU A 334 24.61 22.25 -61.36
C GLU A 334 24.80 21.11 -60.37
N VAL A 335 25.36 21.43 -59.20
CA VAL A 335 25.56 20.46 -58.15
C VAL A 335 25.02 21.06 -56.84
N LEU A 336 25.03 20.23 -55.80
CA LEU A 336 24.43 20.62 -54.53
C LEU A 336 25.39 21.45 -53.69
N PHE A 337 24.85 22.45 -53.00
CA PHE A 337 25.59 23.13 -51.96
C PHE A 337 25.69 22.23 -50.73
N THR A 338 26.90 22.09 -50.19
CA THR A 338 27.11 21.27 -49.01
C THR A 338 28.29 21.81 -48.21
N ASN A 339 28.07 22.00 -46.92
CA ASN A 339 29.09 22.50 -46.02
C ASN A 339 29.27 21.54 -44.86
N ASP A 340 29.99 21.96 -43.82
CA ASP A 340 30.06 21.20 -42.59
C ASP A 340 29.41 21.92 -41.40
N LEU A 341 29.06 23.18 -41.55
CA LEU A 341 28.51 23.98 -40.44
C LEU A 341 27.06 24.38 -40.67
N ASP A 342 26.78 25.08 -41.77
CA ASP A 342 25.44 25.60 -42.02
C ASP A 342 24.59 24.72 -42.92
N HIS A 343 25.23 23.92 -43.79
CA HIS A 343 24.53 23.04 -44.70
C HIS A 343 25.09 21.64 -44.58
N GLY A 344 24.24 20.66 -44.83
CA GLY A 344 24.61 19.28 -44.65
C GLY A 344 24.08 18.36 -45.72
N PRO A 345 24.79 17.27 -45.97
CA PRO A 345 24.39 16.34 -47.03
C PRO A 345 23.41 15.28 -46.56
N PHE A 346 22.76 15.52 -45.41
CA PHE A 346 22.00 14.46 -44.74
C PHE A 346 20.97 13.82 -45.66
N MET A 347 20.26 14.63 -46.45
CA MET A 347 19.27 14.08 -47.36
C MET A 347 19.90 13.29 -48.50
N SER A 348 21.09 13.69 -48.97
CA SER A 348 21.77 12.95 -50.02
C SER A 348 22.24 11.59 -49.51
N GLU A 349 22.87 11.57 -48.34
CA GLU A 349 23.28 10.31 -47.74
C GLU A 349 22.09 9.42 -47.43
N THR A 350 20.96 10.01 -47.03
CA THR A 350 19.74 9.24 -46.83
C THR A 350 19.27 8.62 -48.15
N LEU A 351 19.32 9.40 -49.24
CA LEU A 351 18.96 8.85 -50.55
C LEU A 351 19.89 7.71 -50.95
N ARG A 352 21.16 7.78 -50.55
CA ARG A 352 22.11 6.73 -50.90
C ARG A 352 21.75 5.40 -50.23
N VAL A 353 21.29 5.45 -48.98
CA VAL A 353 20.96 4.24 -48.24
C VAL A 353 19.53 3.81 -48.54
N ASP A 354 18.87 4.49 -49.46
CA ASP A 354 17.49 4.19 -49.82
C ASP A 354 17.47 3.26 -51.03
N SER A 355 16.82 2.11 -50.88
CA SER A 355 16.74 1.13 -51.94
C SER A 355 15.52 1.33 -52.84
N THR A 356 14.63 2.24 -52.49
CA THR A 356 13.42 2.47 -53.27
C THR A 356 13.69 3.48 -54.37
N THR A 357 13.10 3.26 -55.53
CA THR A 357 13.31 4.11 -56.69
C THR A 357 12.02 4.59 -57.34
N ASP A 358 10.86 4.17 -56.85
CA ASP A 358 9.59 4.55 -57.45
C ASP A 358 8.52 4.53 -56.37
N ARG A 359 7.37 5.11 -56.71
CA ARG A 359 6.28 5.20 -55.74
C ARG A 359 5.78 3.81 -55.34
N ILE A 360 5.70 2.89 -56.31
CA ILE A 360 5.19 1.56 -56.03
C ILE A 360 6.12 0.80 -55.09
N SER A 361 7.44 0.90 -55.32
CA SER A 361 8.38 0.22 -54.43
C SER A 361 8.32 0.76 -53.02
N ALA A 362 8.23 2.08 -52.88
CA ALA A 362 8.10 2.69 -51.55
C ALA A 362 6.82 2.25 -50.87
N LEU A 363 5.71 2.22 -51.62
CA LEU A 363 4.45 1.75 -51.05
C LEU A 363 4.56 0.31 -50.60
N VAL A 364 5.22 -0.53 -51.38
CA VAL A 364 5.37 -1.94 -51.03
C VAL A 364 6.20 -2.08 -49.77
N GLU A 365 7.30 -1.33 -49.65
CA GLU A 365 8.13 -1.40 -48.46
C GLU A 365 7.38 -0.91 -47.22
N ILE A 366 6.59 0.16 -47.38
CA ILE A 366 5.78 0.63 -46.27
C ILE A 366 4.77 -0.43 -45.87
N TYR A 367 4.20 -1.14 -46.84
CA TYR A 367 3.26 -2.21 -46.53
C TYR A 367 3.94 -3.36 -45.80
N ARG A 368 5.16 -3.71 -46.21
CA ARG A 368 5.90 -4.77 -45.53
C ARG A 368 6.20 -4.38 -44.09
N MET A 369 6.59 -3.13 -43.85
CA MET A 369 6.89 -2.72 -42.48
C MET A 369 5.62 -2.60 -41.65
N MET A 370 4.52 -2.15 -42.26
CA MET A 370 3.22 -2.13 -41.59
C MET A 370 2.74 -3.52 -41.25
N ARG A 371 2.59 -4.37 -42.25
CA ARG A 371 1.91 -5.66 -42.13
C ARG A 371 2.85 -6.75 -42.62
N PRO A 372 3.79 -7.17 -41.79
CA PRO A 372 4.73 -8.22 -42.22
C PRO A 372 4.03 -9.56 -42.38
N GLY A 373 4.57 -10.37 -43.29
CA GLY A 373 4.00 -11.68 -43.54
C GLY A 373 2.73 -11.67 -44.35
N GLU A 374 2.45 -10.59 -45.07
CA GLU A 374 1.29 -10.51 -45.94
C GLU A 374 1.73 -10.19 -47.35
N PRO A 375 1.23 -10.89 -48.36
CA PRO A 375 1.61 -10.59 -49.75
C PRO A 375 1.20 -9.18 -50.12
N PRO A 376 2.14 -8.35 -50.55
CA PRO A 376 1.82 -6.95 -50.84
C PRO A 376 1.23 -6.79 -52.23
N THR A 377 0.07 -6.16 -52.30
CA THR A 377 -0.57 -5.79 -53.55
C THR A 377 -0.62 -4.27 -53.64
N LYS A 378 -0.68 -3.77 -54.88
CA LYS A 378 -0.64 -2.33 -55.09
C LYS A 378 -1.82 -1.63 -54.45
N GLU A 379 -3.03 -2.18 -54.62
CA GLU A 379 -4.23 -1.54 -54.09
C GLU A 379 -4.22 -1.53 -52.56
N ALA A 380 -3.80 -2.64 -51.93
CA ALA A 380 -3.74 -2.68 -50.48
C ALA A 380 -2.73 -1.68 -49.94
N ALA A 381 -1.57 -1.57 -50.58
CA ALA A 381 -0.58 -0.59 -50.14
C ALA A 381 -1.10 0.83 -50.28
N GLU A 382 -1.76 1.13 -51.40
CA GLU A 382 -2.30 2.48 -51.59
C GLU A 382 -3.36 2.79 -50.55
N SER A 383 -4.25 1.84 -50.28
CA SER A 383 -5.28 2.06 -49.26
C SER A 383 -4.67 2.27 -47.89
N LEU A 384 -3.64 1.49 -47.55
CA LEU A 384 -2.99 1.65 -46.25
C LEU A 384 -2.36 3.04 -46.13
N PHE A 385 -1.65 3.48 -47.16
CA PHE A 385 -0.99 4.78 -47.06
C PHE A 385 -2.01 5.91 -46.99
N GLU A 386 -3.10 5.81 -47.76
CA GLU A 386 -4.14 6.83 -47.67
C GLU A 386 -4.77 6.86 -46.30
N SER A 387 -5.02 5.68 -45.71
CA SER A 387 -5.69 5.62 -44.42
C SER A 387 -4.79 6.06 -43.27
N LEU A 388 -3.47 5.95 -43.43
CA LEU A 388 -2.58 6.28 -42.31
C LEU A 388 -2.69 7.75 -41.91
N PHE A 389 -2.54 8.66 -42.86
CA PHE A 389 -2.40 10.09 -42.52
C PHE A 389 -3.30 11.03 -43.30
N PHE A 390 -3.87 10.61 -44.43
CA PHE A 390 -4.62 11.51 -45.30
C PHE A 390 -6.11 11.20 -45.33
N SER A 391 -6.59 10.39 -44.38
CA SER A 391 -8.01 10.05 -44.30
C SER A 391 -8.60 10.67 -43.05
N ALA A 392 -9.70 11.42 -43.22
CA ALA A 392 -10.34 12.06 -42.08
C ALA A 392 -10.99 11.06 -41.14
N GLU A 393 -11.27 9.85 -41.60
CA GLU A 393 -11.89 8.85 -40.75
C GLU A 393 -10.91 8.33 -39.70
N ARG A 394 -9.64 8.18 -40.06
CA ARG A 394 -8.65 7.57 -39.18
C ARG A 394 -7.57 8.53 -38.71
N TYR A 395 -7.52 9.75 -39.23
CA TYR A 395 -6.56 10.75 -38.79
C TYR A 395 -7.28 12.04 -38.43
N ASP A 396 -6.86 12.65 -37.32
CA ASP A 396 -7.43 13.94 -36.93
C ASP A 396 -6.37 14.70 -36.15
N LEU A 397 -5.72 15.64 -36.83
CA LEU A 397 -4.94 16.69 -36.18
C LEU A 397 -5.93 17.78 -35.81
N SER A 398 -6.29 17.86 -34.53
CA SER A 398 -7.38 18.72 -34.10
C SER A 398 -7.08 20.20 -34.37
N THR A 399 -8.05 21.07 -34.08
CA THR A 399 -7.85 22.50 -34.30
C THR A 399 -6.69 23.02 -33.48
N VAL A 400 -6.59 22.59 -32.22
CA VAL A 400 -5.44 22.95 -31.40
C VAL A 400 -4.17 22.34 -31.96
N GLY A 401 -4.24 21.07 -32.36
CA GLY A 401 -3.09 20.43 -32.97
C GLY A 401 -2.66 21.13 -34.24
N ARG A 402 -3.62 21.50 -35.09
CA ARG A 402 -3.29 22.23 -36.31
C ARG A 402 -2.66 23.57 -36.01
N MET A 403 -3.20 24.30 -35.03
CA MET A 403 -2.65 25.61 -34.71
C MET A 403 -1.22 25.51 -34.19
N LYS A 404 -0.97 24.53 -33.32
CA LYS A 404 0.39 24.34 -32.80
C LYS A 404 1.33 23.88 -33.90
N PHE A 405 0.86 23.00 -34.79
CA PHE A 405 1.66 22.53 -35.93
C PHE A 405 2.04 23.71 -36.82
N ASN A 406 1.07 24.54 -37.17
CA ASN A 406 1.33 25.68 -38.05
C ASN A 406 2.27 26.68 -37.39
N SER A 407 2.12 26.90 -36.09
CA SER A 407 3.02 27.80 -35.39
C SER A 407 4.44 27.25 -35.36
N SER A 408 4.58 25.94 -35.22
CA SER A 408 5.91 25.34 -35.20
C SER A 408 6.59 25.45 -36.57
N ILE A 409 5.86 25.13 -37.64
CA ILE A 409 6.47 25.12 -38.97
C ILE A 409 6.24 26.41 -39.74
N GLY A 410 5.61 27.41 -39.14
CA GLY A 410 5.44 28.69 -39.79
C GLY A 410 4.57 28.67 -41.04
N ARG A 411 3.44 27.98 -40.97
CA ARG A 411 2.49 27.91 -42.07
C ARG A 411 1.26 28.75 -41.73
N GLU A 412 0.84 29.58 -42.68
CA GLU A 412 -0.25 30.53 -42.47
C GLU A 412 -1.47 30.18 -43.32
N ASP A 413 -1.77 28.90 -43.47
CA ASP A 413 -2.93 28.44 -44.21
C ASP A 413 -3.35 27.08 -43.69
N ALA A 414 -4.39 26.52 -44.30
CA ALA A 414 -4.94 25.23 -43.90
C ALA A 414 -5.33 25.23 -42.43
N GLU A 415 -5.99 26.32 -42.01
CA GLU A 415 -6.34 26.47 -40.61
C GLU A 415 -7.33 25.41 -40.16
N GLU A 416 -8.28 25.04 -41.02
CA GLU A 416 -9.29 24.07 -40.68
C GLU A 416 -8.93 22.65 -41.07
N GLN A 417 -7.75 22.43 -41.64
CA GLN A 417 -7.35 21.09 -42.05
C GLN A 417 -7.10 20.20 -40.84
N GLY A 418 -7.39 18.92 -41.00
CA GLY A 418 -7.18 17.97 -39.93
C GLY A 418 -6.28 16.82 -40.31
N THR A 419 -5.81 16.83 -41.56
CA THR A 419 -4.97 15.78 -42.09
C THR A 419 -3.67 16.37 -42.59
N LEU A 420 -2.62 15.55 -42.58
CA LEU A 420 -1.33 16.00 -43.07
C LEU A 420 -1.34 16.11 -44.59
N ASP A 421 -0.28 16.69 -45.13
CA ASP A 421 -0.11 16.79 -46.57
C ASP A 421 1.39 16.91 -46.90
N GLU A 422 1.68 17.12 -48.18
CA GLU A 422 3.06 17.21 -48.65
C GLU A 422 3.79 18.38 -47.99
N VAL A 423 3.14 19.54 -47.92
CA VAL A 423 3.79 20.72 -47.37
C VAL A 423 4.13 20.50 -45.90
N ASP A 424 3.22 19.92 -45.13
CA ASP A 424 3.45 19.72 -43.71
C ASP A 424 4.66 18.82 -43.47
N ILE A 425 4.70 17.67 -44.13
CA ILE A 425 5.79 16.71 -43.92
C ILE A 425 7.11 17.32 -44.36
N ILE A 426 7.13 17.98 -45.52
CA ILE A 426 8.37 18.56 -46.01
C ILE A 426 8.85 19.68 -45.09
N GLU A 427 7.93 20.48 -44.54
CA GLU A 427 8.34 21.54 -43.63
C GLU A 427 8.86 20.99 -42.32
N VAL A 428 8.26 19.91 -41.81
CA VAL A 428 8.79 19.28 -40.60
C VAL A 428 10.19 18.75 -40.85
N MET A 429 10.39 18.11 -42.01
CA MET A 429 11.71 17.61 -42.39
C MET A 429 12.73 18.74 -42.45
N LYS A 430 12.33 19.86 -43.08
CA LYS A 430 13.24 20.99 -43.23
C LYS A 430 13.59 21.61 -41.87
N LYS A 431 12.60 21.70 -40.97
CA LYS A 431 12.88 22.25 -39.66
C LYS A 431 13.80 21.34 -38.84
N LEU A 432 13.62 20.03 -38.96
CA LEU A 432 14.52 19.12 -38.27
C LEU A 432 15.94 19.24 -38.81
N ILE A 433 16.08 19.33 -40.14
CA ILE A 433 17.39 19.50 -40.74
C ILE A 433 18.01 20.82 -40.29
N SER A 434 17.20 21.87 -40.21
CA SER A 434 17.70 23.17 -39.76
C SER A 434 18.17 23.12 -38.32
N ILE A 435 17.43 22.43 -37.46
CA ILE A 435 17.85 22.31 -36.07
C ILE A 435 19.17 21.55 -35.98
N ARG A 436 19.33 20.54 -36.84
CA ARG A 436 20.62 19.85 -36.92
C ARG A 436 21.73 20.79 -37.37
N ASN A 437 21.46 21.64 -38.36
CA ASN A 437 22.47 22.57 -38.84
C ASN A 437 22.85 23.57 -37.75
N GLY A 438 21.89 24.07 -37.01
CA GLY A 438 22.16 25.03 -35.96
C GLY A 438 21.10 26.11 -35.82
N LYS A 439 20.36 26.37 -36.88
CA LYS A 439 19.29 27.35 -36.84
C LYS A 439 18.04 26.72 -36.24
N GLY A 440 17.62 27.23 -35.09
CA GLY A 440 16.47 26.70 -34.39
C GLY A 440 16.86 26.01 -33.09
N GLU A 441 15.86 25.81 -32.24
CA GLU A 441 16.05 25.17 -30.95
C GLU A 441 14.97 24.12 -30.74
N VAL A 442 15.28 23.16 -29.87
CA VAL A 442 14.35 22.09 -29.51
C VAL A 442 13.25 22.65 -28.63
N ASP A 443 12.19 21.87 -28.43
CA ASP A 443 11.04 22.32 -27.67
C ASP A 443 11.12 21.88 -26.21
N ASP A 444 10.59 22.71 -25.33
CA ASP A 444 10.51 22.40 -23.90
C ASP A 444 9.27 21.55 -23.68
N ILE A 445 9.47 20.30 -23.25
CA ILE A 445 8.36 19.36 -23.16
C ILE A 445 7.45 19.68 -21.99
N ASP A 446 7.97 20.31 -20.93
CA ASP A 446 7.20 20.62 -19.74
C ASP A 446 6.64 22.04 -19.76
N HIS A 447 6.91 22.79 -20.82
CA HIS A 447 6.36 24.14 -20.97
C HIS A 447 4.84 24.07 -21.03
N LEU A 448 4.18 24.96 -20.30
CA LEU A 448 2.72 24.94 -20.28
C LEU A 448 2.10 25.38 -21.60
N GLY A 449 2.89 25.94 -22.52
CA GLY A 449 2.42 26.12 -23.87
C GLY A 449 2.43 24.87 -24.71
N ASN A 450 3.09 23.81 -24.23
CA ASN A 450 3.11 22.51 -24.88
C ASN A 450 2.23 21.50 -24.16
N ARG A 451 1.60 21.88 -23.06
CA ARG A 451 0.68 21.01 -22.33
C ARG A 451 -0.69 21.65 -22.27
N ARG A 452 -1.71 20.83 -22.46
CA ARG A 452 -3.08 21.26 -22.64
C ARG A 452 -3.96 20.70 -21.53
N ILE A 453 -5.00 21.46 -21.18
CA ILE A 453 -6.01 21.04 -20.24
C ILE A 453 -7.19 20.45 -21.01
N ARG A 454 -7.58 19.24 -20.64
CA ARG A 454 -8.72 18.55 -21.23
C ARG A 454 -9.70 18.23 -20.12
N SER A 455 -10.93 18.75 -20.23
CA SER A 455 -11.91 18.72 -19.16
C SER A 455 -13.08 17.79 -19.52
N VAL A 456 -14.13 17.86 -18.70
CA VAL A 456 -15.23 16.91 -18.77
C VAL A 456 -15.90 16.93 -20.13
N GLY A 457 -16.12 18.12 -20.68
CA GLY A 457 -16.81 18.21 -21.96
C GLY A 457 -16.06 17.53 -23.09
N GLU A 458 -14.74 17.73 -23.16
CA GLU A 458 -13.95 17.11 -24.21
C GLU A 458 -13.99 15.60 -24.11
N MET A 459 -13.81 15.07 -22.90
CA MET A 459 -13.80 13.62 -22.72
C MET A 459 -15.15 13.00 -23.02
N ALA A 460 -16.23 13.66 -22.59
CA ALA A 460 -17.56 13.18 -22.90
C ALA A 460 -17.81 13.19 -24.40
N GLU A 461 -17.37 14.24 -25.09
CA GLU A 461 -17.53 14.30 -26.54
C GLU A 461 -16.75 13.18 -27.22
N ASN A 462 -15.53 12.91 -26.76
CA ASN A 462 -14.73 11.85 -27.35
C ASN A 462 -15.41 10.48 -27.19
N GLN A 463 -15.89 10.18 -25.98
CA GLN A 463 -16.53 8.88 -25.78
C GLN A 463 -17.85 8.78 -26.55
N PHE A 464 -18.59 9.88 -26.64
CA PHE A 464 -19.83 9.86 -27.41
C PHE A 464 -19.55 9.66 -28.89
N ARG A 465 -18.48 10.23 -29.41
CA ARG A 465 -18.10 9.99 -30.80
C ARG A 465 -17.68 8.54 -31.01
N VAL A 466 -17.02 7.95 -30.01
CA VAL A 466 -16.68 6.53 -30.09
C VAL A 466 -17.94 5.68 -30.23
N GLY A 467 -18.95 5.96 -29.39
CA GLY A 467 -20.21 5.25 -29.50
C GLY A 467 -20.88 5.47 -30.85
N LEU A 468 -20.81 6.69 -31.37
CA LEU A 468 -21.40 6.98 -32.66
C LEU A 468 -20.74 6.18 -33.77
N VAL A 469 -19.42 6.03 -33.73
CA VAL A 469 -18.72 5.21 -34.72
C VAL A 469 -19.17 3.75 -34.59
N ARG A 470 -19.28 3.27 -33.35
CA ARG A 470 -19.73 1.90 -33.13
C ARG A 470 -21.07 1.65 -33.79
N VAL A 471 -22.01 2.58 -33.66
CA VAL A 471 -23.32 2.35 -34.30
C VAL A 471 -23.27 2.63 -35.80
N GLU A 472 -22.36 3.50 -36.25
CA GLU A 472 -22.27 3.82 -37.66
C GLU A 472 -21.86 2.61 -38.49
N ARG A 473 -20.97 1.78 -37.93
CA ARG A 473 -20.57 0.57 -38.65
C ARG A 473 -21.79 -0.31 -38.96
N ALA A 474 -22.63 -0.55 -37.96
CA ALA A 474 -23.80 -1.40 -38.16
C ALA A 474 -24.83 -0.72 -39.07
N VAL A 475 -24.98 0.60 -38.96
CA VAL A 475 -25.92 1.30 -39.83
C VAL A 475 -25.51 1.15 -41.29
N LYS A 476 -24.21 1.33 -41.58
CA LYS A 476 -23.74 1.12 -42.95
C LYS A 476 -23.95 -0.31 -43.40
N GLU A 477 -23.66 -1.27 -42.52
CA GLU A 477 -23.85 -2.67 -42.89
C GLU A 477 -25.30 -2.95 -43.26
N ARG A 478 -26.25 -2.40 -42.51
CA ARG A 478 -27.66 -2.64 -42.80
C ARG A 478 -28.08 -1.92 -44.08
N LEU A 479 -27.68 -0.64 -44.22
CA LEU A 479 -28.06 0.10 -45.43
C LEU A 479 -27.47 -0.50 -46.69
N SER A 480 -26.38 -1.25 -46.58
CA SER A 480 -25.83 -1.93 -47.75
C SER A 480 -26.73 -3.06 -48.25
N LEU A 481 -27.64 -3.56 -47.40
CA LEU A 481 -28.48 -4.68 -47.81
C LEU A 481 -29.42 -4.30 -48.94
N GLY A 482 -30.18 -3.21 -48.78
CA GLY A 482 -31.00 -2.65 -49.83
C GLY A 482 -32.49 -2.65 -49.54
N ASP A 483 -32.98 -3.67 -48.82
CA ASP A 483 -34.40 -3.74 -48.54
C ASP A 483 -34.80 -2.73 -47.48
N LEU A 484 -35.13 -1.51 -47.90
CA LEU A 484 -35.39 -0.41 -46.99
C LEU A 484 -36.78 0.18 -47.16
N ASP A 485 -37.70 -0.57 -47.76
CA ASP A 485 -39.05 -0.06 -47.95
C ASP A 485 -39.76 0.15 -46.61
N ASN A 486 -39.62 -0.79 -45.68
CA ASN A 486 -40.27 -0.71 -44.38
C ASN A 486 -39.30 -0.36 -43.25
N VAL A 487 -38.12 0.15 -43.59
CA VAL A 487 -37.11 0.48 -42.59
C VAL A 487 -37.26 1.94 -42.22
N MET A 488 -37.43 2.22 -40.94
CA MET A 488 -37.45 3.55 -40.37
C MET A 488 -36.15 3.84 -39.64
N PRO A 489 -35.79 5.10 -39.46
CA PRO A 489 -34.49 5.40 -38.83
C PRO A 489 -34.33 4.80 -37.45
N GLN A 490 -35.40 4.68 -36.67
CA GLN A 490 -35.28 4.11 -35.33
C GLN A 490 -35.13 2.60 -35.36
N ASP A 491 -35.32 1.97 -36.51
CA ASP A 491 -34.99 0.56 -36.67
C ASP A 491 -33.54 0.34 -37.07
N LEU A 492 -32.79 1.41 -37.32
CA LEU A 492 -31.39 1.30 -37.72
C LEU A 492 -30.43 1.61 -36.58
N ILE A 493 -30.87 2.31 -35.55
CA ILE A 493 -29.99 2.84 -34.52
C ILE A 493 -30.16 1.99 -33.26
N ASN A 494 -29.06 1.45 -32.76
CA ASN A 494 -29.02 0.74 -31.48
C ASN A 494 -28.27 1.62 -30.49
N ALA A 495 -28.98 2.11 -29.48
CA ALA A 495 -28.42 3.06 -28.52
C ALA A 495 -27.56 2.40 -27.45
N LYS A 496 -27.59 1.07 -27.34
CA LYS A 496 -26.83 0.41 -26.29
C LYS A 496 -25.32 0.62 -26.40
N PRO A 497 -24.68 0.56 -27.59
CA PRO A 497 -23.25 0.90 -27.64
C PRO A 497 -22.93 2.30 -27.14
N ILE A 498 -23.73 3.30 -27.52
CA ILE A 498 -23.49 4.67 -27.09
C ILE A 498 -23.66 4.80 -25.58
N SER A 499 -24.73 4.21 -25.06
CA SER A 499 -24.93 4.22 -23.62
C SER A 499 -23.79 3.52 -22.91
N ALA A 500 -23.30 2.41 -23.46
CA ALA A 500 -22.18 1.71 -22.86
C ALA A 500 -20.95 2.60 -22.80
N ALA A 501 -20.68 3.33 -23.88
CA ALA A 501 -19.52 4.22 -23.89
C ALA A 501 -19.64 5.32 -22.83
N VAL A 502 -20.82 5.94 -22.72
CA VAL A 502 -20.95 7.05 -21.78
C VAL A 502 -20.90 6.55 -20.34
N LYS A 503 -21.56 5.43 -20.04
CA LYS A 503 -21.48 4.88 -18.69
C LYS A 503 -20.06 4.43 -18.36
N GLU A 504 -19.34 3.86 -19.34
CA GLU A 504 -17.96 3.50 -19.10
C GLU A 504 -17.15 4.72 -18.68
N PHE A 505 -17.28 5.81 -19.43
CA PHE A 505 -16.53 7.01 -19.07
C PHE A 505 -16.96 7.56 -17.71
N PHE A 506 -18.26 7.62 -17.44
CA PHE A 506 -18.72 8.32 -16.25
C PHE A 506 -18.66 7.47 -14.99
N GLY A 507 -18.46 6.15 -15.09
CA GLY A 507 -18.42 5.34 -13.91
C GLY A 507 -17.15 4.55 -13.70
N SER A 508 -16.44 4.20 -14.77
CA SER A 508 -15.27 3.35 -14.66
C SER A 508 -14.00 4.01 -15.18
N SER A 509 -14.04 5.30 -15.49
CA SER A 509 -12.83 6.00 -15.90
C SER A 509 -11.95 6.31 -14.69
N GLN A 510 -10.65 6.42 -14.94
CA GLN A 510 -9.72 6.76 -13.86
C GLN A 510 -9.92 8.18 -13.39
N LEU A 511 -10.39 9.07 -14.27
CA LEU A 511 -10.59 10.47 -13.92
C LEU A 511 -11.98 10.75 -13.38
N SER A 512 -12.89 9.78 -13.40
CA SER A 512 -14.19 9.90 -12.75
C SER A 512 -14.03 9.37 -11.33
N GLN A 513 -13.90 10.28 -10.37
CA GLN A 513 -13.46 9.94 -9.03
C GLN A 513 -14.58 10.16 -8.02
N PHE A 514 -14.65 9.24 -7.06
CA PHE A 514 -15.50 9.38 -5.88
C PHE A 514 -15.20 10.69 -5.17
N MET A 515 -16.24 11.49 -4.98
CA MET A 515 -16.07 12.88 -4.60
C MET A 515 -15.53 13.00 -3.17
N ASP A 516 -14.57 13.91 -2.99
CA ASP A 516 -14.06 14.23 -1.66
C ASP A 516 -15.02 15.21 -0.99
N GLN A 517 -15.56 14.82 0.16
CA GLN A 517 -16.67 15.55 0.75
C GLN A 517 -16.52 15.69 2.26
N ASN A 518 -15.28 15.72 2.76
CA ASN A 518 -15.08 15.98 4.19
C ASN A 518 -15.56 17.36 4.58
N ASN A 519 -15.28 18.36 3.76
CA ASN A 519 -15.63 19.74 4.05
C ASN A 519 -15.81 20.47 2.73
N PRO A 520 -16.32 21.71 2.75
CA PRO A 520 -16.42 22.47 1.49
C PRO A 520 -15.11 22.63 0.76
N LEU A 521 -14.00 22.83 1.48
CA LEU A 521 -12.72 23.02 0.82
C LEU A 521 -12.30 21.78 0.05
N SER A 522 -12.59 20.59 0.59
CA SER A 522 -12.25 19.37 -0.12
C SER A 522 -12.98 19.28 -1.45
N GLU A 523 -14.26 19.64 -1.47
CA GLU A 523 -15.02 19.64 -2.72
C GLU A 523 -14.46 20.65 -3.72
N VAL A 524 -14.19 21.87 -3.25
CA VAL A 524 -13.68 22.90 -4.15
C VAL A 524 -12.33 22.50 -4.73
N THR A 525 -11.44 21.95 -3.90
CA THR A 525 -10.12 21.54 -4.37
C THR A 525 -10.22 20.36 -5.32
N HIS A 526 -11.14 19.42 -5.06
CA HIS A 526 -11.30 18.28 -5.95
C HIS A 526 -11.79 18.73 -7.32
N LYS A 527 -12.70 19.70 -7.36
CA LYS A 527 -13.19 20.17 -8.64
C LYS A 527 -12.16 20.97 -9.42
N ARG A 528 -11.12 21.48 -8.75
CA ARG A 528 -10.07 22.27 -9.38
C ARG A 528 -8.76 21.51 -9.46
N ARG A 529 -8.84 20.19 -9.65
CA ARG A 529 -7.68 19.31 -9.64
C ARG A 529 -7.33 18.91 -11.06
N ILE A 530 -6.04 18.90 -11.37
CA ILE A 530 -5.55 18.54 -12.70
C ILE A 530 -4.61 17.36 -12.57
N SER A 531 -4.90 16.28 -13.28
CA SER A 531 -4.09 15.08 -13.24
C SER A 531 -3.33 14.89 -14.54
N ALA A 532 -2.07 14.47 -14.42
CA ALA A 532 -1.30 14.06 -15.58
C ALA A 532 -1.55 12.62 -15.97
N LEU A 533 -2.27 11.88 -15.14
CA LEU A 533 -2.56 10.47 -15.38
C LEU A 533 -3.88 10.34 -16.16
N GLY A 534 -4.40 9.13 -16.25
CA GLY A 534 -5.63 8.89 -16.95
C GLY A 534 -5.39 8.37 -18.35
N PRO A 535 -6.46 8.14 -19.11
CA PRO A 535 -6.31 7.69 -20.48
C PRO A 535 -5.62 8.75 -21.33
N GLY A 536 -4.55 8.33 -22.01
CA GLY A 536 -3.76 9.25 -22.80
C GLY A 536 -2.75 10.06 -22.03
N GLY A 537 -2.47 9.69 -20.79
CA GLY A 537 -1.52 10.44 -20.00
C GLY A 537 -0.34 9.61 -19.54
N LEU A 538 0.29 10.02 -18.44
CA LEU A 538 1.47 9.36 -17.94
C LEU A 538 1.10 8.22 -16.99
N THR A 539 2.13 7.57 -16.44
CA THR A 539 1.98 6.51 -15.47
C THR A 539 2.90 6.81 -14.29
N ARG A 540 2.44 6.46 -13.10
CA ARG A 540 3.18 6.78 -11.88
C ARG A 540 4.62 6.27 -11.93
N GLU A 541 4.80 4.99 -12.25
CA GLU A 541 6.13 4.40 -12.24
C GLU A 541 6.98 4.89 -13.41
N ARG A 542 6.37 5.14 -14.56
CA ARG A 542 7.10 5.55 -15.75
C ARG A 542 7.35 7.05 -15.81
N ALA A 543 6.74 7.84 -14.94
CA ALA A 543 6.98 9.28 -14.95
C ALA A 543 8.32 9.60 -14.32
N GLY A 544 9.01 10.59 -14.88
CA GLY A 544 10.36 10.93 -14.47
C GLY A 544 10.42 12.18 -13.61
N PHE A 545 11.65 12.61 -13.36
CA PHE A 545 11.88 13.78 -12.51
C PHE A 545 11.39 15.06 -13.17
N GLU A 546 11.64 15.23 -14.47
CA GLU A 546 11.41 16.51 -15.12
C GLU A 546 9.93 16.88 -15.13
N VAL A 547 9.05 15.91 -15.40
CA VAL A 547 7.63 16.22 -15.45
C VAL A 547 7.11 16.60 -14.07
N ARG A 548 7.73 16.07 -13.01
CA ARG A 548 7.30 16.34 -11.66
C ARG A 548 7.78 17.68 -11.13
N ASP A 549 8.66 18.37 -11.85
CA ASP A 549 9.26 19.59 -11.35
C ASP A 549 8.31 20.77 -11.49
N VAL A 550 8.66 21.87 -10.83
CA VAL A 550 7.95 23.13 -10.94
C VAL A 550 8.58 23.91 -12.08
N HIS A 551 7.87 24.04 -13.19
CA HIS A 551 8.35 24.83 -14.31
C HIS A 551 8.09 26.30 -14.06
N VAL A 552 8.88 27.15 -14.72
CA VAL A 552 8.72 28.59 -14.56
C VAL A 552 7.41 29.07 -15.16
N THR A 553 6.80 28.28 -16.03
CA THR A 553 5.52 28.64 -16.63
C THR A 553 4.34 28.33 -15.73
N HIS A 554 4.57 27.67 -14.60
CA HIS A 554 3.51 27.39 -13.64
C HIS A 554 3.10 28.63 -12.86
N TYR A 555 3.83 29.72 -12.98
CA TYR A 555 3.55 30.96 -12.27
C TYR A 555 2.17 31.50 -12.65
N GLY A 556 1.26 31.52 -11.69
CA GLY A 556 -0.08 32.00 -11.92
C GLY A 556 -1.01 31.01 -12.56
N ARG A 557 -0.52 29.83 -12.89
CA ARG A 557 -1.32 28.81 -13.57
C ARG A 557 -1.51 27.55 -12.74
N LEU A 558 -0.42 26.98 -12.24
CA LEU A 558 -0.47 25.81 -11.36
C LEU A 558 0.20 26.15 -10.04
N CYS A 559 -0.42 25.73 -8.95
CA CYS A 559 0.12 26.04 -7.63
C CYS A 559 1.41 25.25 -7.40
N PRO A 560 2.49 25.90 -6.98
CA PRO A 560 3.73 25.16 -6.70
C PRO A 560 3.76 24.46 -5.35
N ILE A 561 2.77 24.68 -4.50
CA ILE A 561 2.74 24.13 -3.15
C ILE A 561 1.84 22.90 -3.07
N GLU A 562 0.61 23.02 -3.54
CA GLU A 562 -0.38 21.97 -3.39
C GLU A 562 -0.13 20.86 -4.41
N THR A 563 0.37 19.72 -3.95
CA THR A 563 0.57 18.53 -4.74
C THR A 563 0.65 17.36 -3.79
N PRO A 564 0.16 16.18 -4.16
CA PRO A 564 0.19 15.04 -3.24
C PRO A 564 1.61 14.66 -2.86
N GLU A 565 1.78 14.29 -1.60
CA GLU A 565 3.07 13.84 -1.06
C GLU A 565 3.09 12.33 -1.10
N GLY A 566 3.88 11.77 -2.01
CA GLY A 566 3.95 10.35 -2.20
C GLY A 566 4.42 10.02 -3.60
N PRO A 567 4.04 8.83 -4.10
CA PRO A 567 4.40 8.48 -5.48
C PRO A 567 3.74 9.35 -6.53
N ASN A 568 2.73 10.14 -6.17
CA ASN A 568 2.04 11.03 -7.09
C ASN A 568 2.64 12.42 -7.12
N ILE A 569 3.78 12.64 -6.46
CA ILE A 569 4.35 13.98 -6.35
C ILE A 569 4.60 14.56 -7.73
N GLY A 570 4.08 15.76 -7.96
CA GLY A 570 4.32 16.47 -9.20
C GLY A 570 3.38 16.11 -10.34
N LEU A 571 2.65 15.01 -10.24
CA LEU A 571 1.77 14.58 -11.32
C LEU A 571 0.33 15.06 -11.15
N ILE A 572 -0.02 15.52 -9.95
CA ILE A 572 -1.33 16.10 -9.68
C ILE A 572 -1.12 17.52 -9.20
N ASN A 573 -1.83 18.46 -9.82
CA ASN A 573 -1.67 19.87 -9.52
C ASN A 573 -3.02 20.48 -9.20
N SER A 574 -2.98 21.68 -8.61
CA SER A 574 -4.17 22.45 -8.31
C SER A 574 -4.15 23.73 -9.12
N LEU A 575 -5.31 24.09 -9.67
CA LEU A 575 -5.44 25.34 -10.38
C LEU A 575 -5.15 26.51 -9.45
N SER A 576 -4.45 27.52 -9.96
CA SER A 576 -4.19 28.70 -9.17
C SER A 576 -5.46 29.51 -8.98
N ALA A 577 -5.36 30.57 -8.18
CA ALA A 577 -6.54 31.33 -7.78
C ALA A 577 -7.23 31.98 -8.97
N PHE A 578 -6.45 32.56 -9.89
CA PHE A 578 -6.99 33.29 -11.02
C PHE A 578 -6.74 32.59 -12.35
N ALA A 579 -6.30 31.34 -12.32
CA ALA A 579 -5.98 30.63 -13.55
C ALA A 579 -7.24 30.32 -14.35
N ARG A 580 -7.06 30.24 -15.66
CA ARG A 580 -8.18 30.05 -16.58
C ARG A 580 -7.68 29.30 -17.80
N CYS A 581 -8.59 28.62 -18.47
CA CYS A 581 -8.28 27.89 -19.69
C CYS A 581 -8.85 28.65 -20.88
N ASN A 582 -8.00 28.94 -21.85
CA ASN A 582 -8.46 29.62 -23.05
C ASN A 582 -9.25 28.65 -23.94
N GLU A 583 -9.67 29.14 -25.09
CA GLU A 583 -10.51 28.32 -25.97
C GLU A 583 -9.78 27.09 -26.49
N TYR A 584 -8.46 27.12 -26.51
CA TYR A 584 -7.68 25.98 -26.98
C TYR A 584 -7.27 25.03 -25.87
N GLY A 585 -7.58 25.35 -24.62
CA GLY A 585 -7.23 24.48 -23.51
C GLY A 585 -5.91 24.78 -22.84
N PHE A 586 -5.33 25.94 -23.10
CA PHE A 586 -4.06 26.32 -22.48
C PHE A 586 -4.31 27.31 -21.36
N LEU A 587 -3.62 27.10 -20.24
CA LEU A 587 -3.83 27.92 -19.06
C LEU A 587 -3.33 29.34 -19.29
N GLU A 588 -4.12 30.32 -18.82
CA GLU A 588 -3.75 31.72 -18.91
C GLU A 588 -4.06 32.41 -17.59
N THR A 589 -3.32 33.46 -17.31
CA THR A 589 -3.42 34.18 -16.05
C THR A 589 -3.55 35.68 -16.30
N PRO A 590 -4.24 36.40 -15.42
CA PRO A 590 -4.48 37.83 -15.66
C PRO A 590 -3.32 38.71 -15.21
N TYR A 591 -3.16 39.82 -15.93
CA TYR A 591 -2.15 40.82 -15.61
C TYR A 591 -2.71 42.21 -15.86
N ARG A 592 -2.23 43.17 -15.07
CA ARG A 592 -2.63 44.57 -15.22
C ARG A 592 -1.70 45.27 -16.20
N ARG A 593 -2.29 45.99 -17.14
CA ARG A 593 -1.52 46.73 -18.11
C ARG A 593 -0.80 47.91 -17.47
N VAL A 594 0.40 48.20 -17.96
CA VAL A 594 1.16 49.38 -17.57
C VAL A 594 1.21 50.28 -18.80
N VAL A 595 0.40 51.32 -18.80
CA VAL A 595 0.25 52.22 -19.95
C VAL A 595 0.79 53.59 -19.55
N ASN A 596 1.73 54.10 -20.34
CA ASN A 596 2.34 55.41 -20.12
C ASN A 596 2.99 55.52 -18.75
N GLY A 597 3.47 54.40 -18.22
CA GLY A 597 4.13 54.39 -16.94
C GLY A 597 3.22 54.21 -15.74
N VAL A 598 1.90 54.23 -15.93
CA VAL A 598 0.96 54.06 -14.84
C VAL A 598 0.36 52.66 -14.95
N VAL A 599 0.04 52.09 -13.79
CA VAL A 599 -0.50 50.73 -13.71
C VAL A 599 -2.01 50.82 -13.86
N THR A 600 -2.50 50.53 -15.05
CA THR A 600 -3.92 50.61 -15.34
C THR A 600 -4.66 49.43 -14.69
N ASP A 601 -5.92 49.67 -14.34
CA ASP A 601 -6.79 48.63 -13.81
C ASP A 601 -7.44 47.80 -14.91
N GLU A 602 -6.87 47.80 -16.11
CA GLU A 602 -7.30 46.92 -17.19
C GLU A 602 -6.52 45.61 -17.11
N VAL A 603 -7.22 44.51 -17.35
CA VAL A 603 -6.69 43.17 -17.15
C VAL A 603 -6.65 42.43 -18.48
N ASP A 604 -5.50 41.88 -18.81
CA ASP A 604 -5.33 41.03 -19.97
C ASP A 604 -4.91 39.65 -19.51
N TYR A 605 -5.56 38.62 -20.05
CA TYR A 605 -5.23 37.23 -19.72
C TYR A 605 -4.19 36.72 -20.71
N LEU A 606 -3.01 36.38 -20.20
CA LEU A 606 -1.89 35.95 -21.01
C LEU A 606 -1.61 34.48 -20.79
N SER A 607 -1.28 33.78 -21.89
CA SER A 607 -0.87 32.39 -21.84
C SER A 607 0.65 32.31 -21.70
N ALA A 608 1.16 31.07 -21.61
CA ALA A 608 2.58 30.88 -21.36
C ALA A 608 3.44 31.41 -22.49
N ILE A 609 3.00 31.20 -23.73
CA ILE A 609 3.75 31.71 -24.88
C ILE A 609 3.77 33.23 -24.89
N GLU A 610 2.62 33.85 -24.64
CA GLU A 610 2.54 35.31 -24.67
C GLU A 610 3.27 35.94 -23.49
N GLU A 611 3.39 35.21 -22.38
CA GLU A 611 3.98 35.77 -21.17
C GLU A 611 5.47 36.04 -21.33
N GLY A 612 6.17 35.21 -22.09
CA GLY A 612 7.62 35.30 -22.13
C GLY A 612 8.14 36.59 -22.73
N GLN A 613 7.41 37.16 -23.68
CA GLN A 613 7.89 38.36 -24.37
C GLN A 613 7.99 39.55 -23.42
N PHE A 614 7.02 39.70 -22.53
CA PHE A 614 6.85 40.92 -21.75
C PHE A 614 7.65 40.89 -20.45
N VAL A 615 7.81 42.06 -19.87
CA VAL A 615 8.43 42.23 -18.56
C VAL A 615 7.33 42.54 -17.56
N ILE A 616 7.13 41.64 -16.60
CA ILE A 616 5.98 41.67 -15.71
C ILE A 616 6.46 41.92 -14.29
N ALA A 617 6.01 43.03 -13.71
CA ALA A 617 6.35 43.36 -12.34
C ALA A 617 5.49 42.56 -11.37
N GLN A 618 5.93 42.54 -10.11
CA GLN A 618 5.22 41.82 -9.07
C GLN A 618 4.26 42.74 -8.33
N ALA A 619 3.31 42.12 -7.63
CA ALA A 619 2.29 42.87 -6.90
C ALA A 619 2.86 43.59 -5.68
N ASN A 620 4.08 43.26 -5.27
CA ASN A 620 4.72 43.91 -4.13
C ASN A 620 5.42 45.21 -4.51
N ALA A 621 5.39 45.60 -5.78
CA ALA A 621 6.07 46.81 -6.20
C ALA A 621 5.43 48.06 -5.61
N LYS A 622 6.27 48.99 -5.16
CA LYS A 622 5.77 50.23 -4.59
C LYS A 622 5.17 51.10 -5.67
N LEU A 623 4.06 51.76 -5.34
CA LEU A 623 3.32 52.58 -6.28
C LEU A 623 3.14 53.98 -5.73
N THR A 624 3.05 54.94 -6.64
CA THR A 624 2.82 56.34 -6.28
C THR A 624 1.32 56.65 -6.38
N GLU A 625 0.95 57.87 -5.99
CA GLU A 625 -0.43 58.29 -6.05
C GLU A 625 -0.93 58.45 -7.48
N GLU A 626 -0.02 58.66 -8.44
CA GLU A 626 -0.40 58.79 -9.83
C GLU A 626 -0.55 57.44 -10.54
N GLY A 627 -0.18 56.34 -9.89
CA GLY A 627 -0.32 55.02 -10.46
C GLY A 627 0.94 54.43 -11.04
N GLY A 628 2.07 55.13 -10.96
CA GLY A 628 3.33 54.63 -11.47
C GLY A 628 4.19 54.00 -10.39
N PHE A 629 5.31 53.45 -10.83
CA PHE A 629 6.24 52.80 -9.91
C PHE A 629 7.10 53.84 -9.21
N ALA A 630 7.38 53.58 -7.93
CA ALA A 630 8.22 54.49 -7.16
C ALA A 630 9.69 54.28 -7.47
N ASP A 631 10.19 53.06 -7.26
CA ASP A 631 11.59 52.76 -7.50
C ASP A 631 11.90 52.81 -8.99
N GLU A 632 13.08 53.34 -9.34
CA GLU A 632 13.48 53.42 -10.73
C GLU A 632 13.76 52.04 -11.31
N LEU A 633 14.29 51.13 -10.50
CA LEU A 633 14.52 49.74 -10.89
C LEU A 633 13.59 48.86 -10.08
N VAL A 634 12.74 48.10 -10.77
CA VAL A 634 11.71 47.29 -10.13
C VAL A 634 12.04 45.82 -10.35
N THR A 635 11.60 44.98 -9.41
CA THR A 635 11.83 43.55 -9.51
C THR A 635 10.74 42.95 -10.39
N ALA A 636 11.12 42.47 -11.56
CA ALA A 636 10.19 41.89 -12.51
C ALA A 636 10.74 40.56 -12.98
N ARG A 637 10.02 39.93 -13.91
CA ARG A 637 10.47 38.68 -14.51
C ARG A 637 10.21 38.72 -16.01
N GLN A 638 11.14 38.14 -16.75
CA GLN A 638 11.09 38.11 -18.20
C GLN A 638 11.69 36.80 -18.69
N LYS A 639 11.01 36.16 -19.62
CA LYS A 639 11.44 34.87 -20.17
C LYS A 639 11.64 33.82 -19.07
N GLY A 640 10.87 33.93 -18.00
CA GLY A 640 10.97 33.01 -16.89
C GLY A 640 12.09 33.30 -15.91
N GLU A 641 12.86 34.37 -16.12
CA GLU A 641 13.98 34.71 -15.26
C GLU A 641 13.67 36.02 -14.55
N SER A 642 13.84 36.03 -13.24
CA SER A 642 13.57 37.22 -12.45
C SER A 642 14.80 38.12 -12.42
N GLY A 643 14.57 39.39 -12.12
CA GLY A 643 15.67 40.33 -12.06
C GLY A 643 15.17 41.74 -11.81
N LEU A 644 16.11 42.68 -11.93
CA LEU A 644 15.83 44.10 -11.76
C LEU A 644 15.77 44.77 -13.12
N HIS A 645 14.70 45.51 -13.37
CA HIS A 645 14.42 46.07 -14.68
C HIS A 645 14.10 47.55 -14.56
N PRO A 646 14.40 48.34 -15.59
CA PRO A 646 14.02 49.75 -15.57
C PRO A 646 12.53 49.93 -15.52
N ARG A 647 12.11 51.04 -14.91
CA ARG A 647 10.69 51.31 -14.73
C ARG A 647 9.96 51.45 -16.06
N GLU A 648 10.63 52.01 -17.07
CA GLU A 648 9.98 52.28 -18.34
C GLU A 648 9.82 51.05 -19.20
N HIS A 649 10.53 49.96 -18.89
CA HIS A 649 10.45 48.74 -19.67
C HIS A 649 9.43 47.75 -19.14
N VAL A 650 8.67 48.12 -18.12
CA VAL A 650 7.69 47.21 -17.53
C VAL A 650 6.39 47.30 -18.32
N ASP A 651 5.88 46.14 -18.73
CA ASP A 651 4.67 46.08 -19.56
C ASP A 651 3.44 45.58 -18.81
N TYR A 652 3.61 44.81 -17.74
CA TYR A 652 2.49 44.22 -17.03
C TYR A 652 2.83 44.13 -15.54
N MET A 653 1.79 43.94 -14.74
CA MET A 653 1.92 43.73 -13.30
C MET A 653 0.98 42.61 -12.89
N ASP A 654 1.26 41.99 -11.75
CA ASP A 654 0.40 40.95 -11.22
C ASP A 654 -0.85 41.56 -10.58
N VAL A 655 -1.99 40.91 -10.80
CA VAL A 655 -3.25 41.46 -10.32
C VAL A 655 -3.40 41.30 -8.81
N ALA A 656 -2.93 40.18 -8.26
CA ALA A 656 -3.13 39.89 -6.84
C ALA A 656 -1.89 39.25 -6.25
N THR A 657 -1.79 39.30 -4.93
CA THR A 657 -0.67 38.70 -4.22
C THR A 657 -0.83 37.20 -4.01
N ASN A 658 -2.04 36.67 -4.21
CA ASN A 658 -2.29 35.24 -4.12
C ASN A 658 -2.51 34.62 -5.49
N GLN A 659 -1.93 35.24 -6.53
CA GLN A 659 -2.12 34.76 -7.89
C GLN A 659 -1.39 33.44 -8.14
N VAL A 660 -0.27 33.20 -7.45
CA VAL A 660 0.53 32.01 -7.71
C VAL A 660 0.07 30.78 -6.92
N VAL A 661 -0.67 30.97 -5.84
CA VAL A 661 -1.04 29.87 -4.97
C VAL A 661 -2.51 29.50 -5.22
N SER A 662 -2.86 28.29 -4.83
CA SER A 662 -4.22 27.79 -4.96
C SER A 662 -5.06 28.23 -3.77
N ILE A 663 -6.32 27.79 -3.76
CA ILE A 663 -7.25 28.21 -2.72
C ILE A 663 -6.82 27.69 -1.36
N ALA A 664 -6.43 26.41 -1.30
CA ALA A 664 -6.02 25.81 -0.03
C ALA A 664 -4.78 26.51 0.52
N ALA A 665 -3.82 26.82 -0.34
CA ALA A 665 -2.65 27.58 0.11
C ALA A 665 -3.02 29.02 0.41
N SER A 666 -4.01 29.58 -0.28
CA SER A 666 -4.47 30.92 0.01
C SER A 666 -5.17 31.00 1.36
N LEU A 667 -5.59 29.87 1.92
CA LEU A 667 -6.23 29.86 3.23
C LEU A 667 -5.26 29.70 4.40
N ILE A 668 -3.95 29.66 4.14
CA ILE A 668 -2.94 29.51 5.18
C ILE A 668 -2.46 30.89 5.58
N PRO A 669 -2.72 31.34 6.80
CA PRO A 669 -2.20 32.65 7.23
C PRO A 669 -0.71 32.61 7.46
N PHE A 670 -0.05 33.73 7.17
CA PHE A 670 1.40 33.87 7.31
C PHE A 670 2.14 32.78 6.52
N LEU A 671 1.66 32.51 5.30
CA LEU A 671 2.27 31.48 4.47
C LEU A 671 3.70 31.82 4.10
N GLU A 672 4.01 33.10 3.97
CA GLU A 672 5.34 33.55 3.58
C GLU A 672 6.40 33.25 4.63
N HIS A 673 6.01 32.88 5.84
CA HIS A 673 6.93 32.50 6.90
C HIS A 673 7.04 31.00 7.08
N ASP A 674 6.44 30.22 6.18
CA ASP A 674 6.46 28.77 6.25
C ASP A 674 7.30 28.21 5.11
N ASP A 675 8.07 27.17 5.41
CA ASP A 675 8.79 26.46 4.38
C ASP A 675 7.81 25.70 3.49
N ALA A 676 8.12 25.63 2.19
CA ALA A 676 7.19 25.08 1.22
C ALA A 676 6.86 23.62 1.51
N ASN A 677 7.81 22.88 2.09
CA ASN A 677 7.55 21.48 2.42
C ASN A 677 6.43 21.36 3.45
N ARG A 678 6.35 22.31 4.37
CA ARG A 678 5.29 22.31 5.37
C ARG A 678 4.03 22.99 4.89
N ALA A 679 4.14 23.98 4.00
CA ALA A 679 2.96 24.55 3.37
C ALA A 679 2.22 23.51 2.54
N LEU A 680 2.96 22.62 1.89
CA LEU A 680 2.36 21.50 1.19
C LEU A 680 1.49 20.67 2.12
N MET A 681 2.04 20.31 3.28
CA MET A 681 1.28 19.52 4.25
C MET A 681 0.08 20.26 4.77
N GLY A 682 0.23 21.56 5.04
CA GLY A 682 -0.90 22.34 5.53
C GLY A 682 -2.04 22.40 4.53
N ALA A 683 -1.70 22.66 3.27
CA ALA A 683 -2.72 22.69 2.22
C ALA A 683 -3.39 21.33 2.06
N ASN A 684 -2.62 20.26 2.13
CA ASN A 684 -3.21 18.93 1.98
C ASN A 684 -4.13 18.60 3.16
N MET A 685 -3.69 18.88 4.38
CA MET A 685 -4.46 18.50 5.57
C MET A 685 -5.64 19.41 5.85
N GLN A 686 -5.69 20.61 5.25
CA GLN A 686 -6.90 21.40 5.38
C GLN A 686 -8.11 20.72 4.74
N ARG A 687 -7.88 19.81 3.81
CA ARG A 687 -8.95 19.14 3.09
C ARG A 687 -9.43 17.87 3.78
N GLN A 688 -8.77 17.44 4.85
CA GLN A 688 -9.18 16.25 5.59
C GLN A 688 -9.89 16.57 6.89
N ALA A 689 -10.15 17.85 7.16
CA ALA A 689 -10.79 18.24 8.41
C ALA A 689 -12.24 17.77 8.46
N VAL A 690 -12.67 17.33 9.63
CA VAL A 690 -14.02 16.82 9.85
C VAL A 690 -14.84 17.92 10.53
N PRO A 691 -16.03 18.23 10.04
CA PRO A 691 -16.86 19.23 10.72
C PRO A 691 -17.27 18.78 12.12
N THR A 692 -17.42 19.75 13.01
CA THR A 692 -17.76 19.53 14.40
C THR A 692 -19.21 19.93 14.66
N LEU A 693 -19.65 19.76 15.91
CA LEU A 693 -21.02 20.11 16.27
C LEU A 693 -21.27 21.60 16.10
N ARG A 694 -20.35 22.43 16.57
CA ARG A 694 -20.46 23.88 16.48
C ARG A 694 -19.33 24.39 15.60
N SER A 695 -19.69 24.98 14.46
CA SER A 695 -18.70 25.60 13.60
C SER A 695 -18.20 26.89 14.23
N GLU A 696 -16.89 27.07 14.23
CA GLU A 696 -16.26 28.26 14.79
C GLU A 696 -15.33 28.88 13.76
N LYS A 697 -15.47 30.17 13.54
CA LYS A 697 -14.64 30.89 12.59
C LYS A 697 -13.18 30.88 13.05
N PRO A 698 -12.24 31.03 12.12
CA PRO A 698 -10.85 31.26 12.51
C PRO A 698 -10.66 32.70 12.99
N LEU A 699 -10.04 32.86 14.15
CA LEU A 699 -9.70 34.19 14.63
C LEU A 699 -8.70 34.86 13.68
N VAL A 700 -7.71 34.10 13.22
CA VAL A 700 -6.73 34.57 12.25
C VAL A 700 -7.06 33.90 10.92
N GLY A 701 -7.31 34.70 9.89
CA GLY A 701 -7.65 34.18 8.60
C GLY A 701 -6.98 34.94 7.47
N THR A 702 -7.35 34.63 6.24
CA THR A 702 -6.75 35.27 5.08
C THR A 702 -7.71 36.09 4.24
N GLY A 703 -9.02 35.93 4.42
CA GLY A 703 -10.00 36.64 3.64
C GLY A 703 -10.67 35.83 2.54
N ILE A 704 -10.17 34.62 2.26
CA ILE A 704 -10.74 33.78 1.21
C ILE A 704 -11.81 32.84 1.75
N GLU A 705 -12.10 32.89 3.04
CA GLU A 705 -13.07 31.96 3.63
C GLU A 705 -14.46 32.15 3.05
N ARG A 706 -14.88 33.40 2.87
CA ARG A 706 -16.20 33.68 2.31
C ARG A 706 -16.33 33.14 0.90
N ASN A 707 -15.28 33.28 0.10
CA ASN A 707 -15.31 32.79 -1.28
C ASN A 707 -15.53 31.28 -1.32
N VAL A 708 -14.79 30.54 -0.50
CA VAL A 708 -14.92 29.09 -0.49
C VAL A 708 -16.31 28.70 0.00
N ALA A 709 -16.78 29.35 1.05
CA ALA A 709 -18.10 29.01 1.61
C ALA A 709 -19.21 29.26 0.59
N VAL A 710 -19.12 30.36 -0.16
CA VAL A 710 -20.19 30.69 -1.09
C VAL A 710 -20.09 29.84 -2.36
N ASP A 711 -18.89 29.69 -2.91
CA ASP A 711 -18.73 28.99 -4.17
C ASP A 711 -18.70 27.48 -4.03
N SER A 712 -18.65 26.95 -2.81
CA SER A 712 -18.76 25.50 -2.65
C SER A 712 -20.18 25.02 -2.86
N GLY A 713 -21.17 25.86 -2.56
CA GLY A 713 -22.56 25.48 -2.65
C GLY A 713 -23.14 24.86 -1.41
N VAL A 714 -22.36 24.72 -0.33
CA VAL A 714 -22.87 24.13 0.89
C VAL A 714 -23.86 25.06 1.59
N THR A 715 -23.67 26.37 1.46
CA THR A 715 -24.55 27.33 2.09
C THR A 715 -25.80 27.55 1.26
N ALA A 716 -26.79 28.21 1.86
CA ALA A 716 -28.00 28.63 1.17
C ALA A 716 -27.89 30.13 0.92
N VAL A 717 -27.83 30.52 -0.35
CA VAL A 717 -27.60 31.89 -0.75
C VAL A 717 -28.88 32.44 -1.37
N ALA A 718 -29.26 33.65 -0.96
CA ALA A 718 -30.48 34.27 -1.45
C ALA A 718 -30.41 34.53 -2.94
N LYS A 719 -31.29 33.89 -3.70
CA LYS A 719 -31.36 34.13 -5.14
C LYS A 719 -31.86 35.54 -5.42
N ARG A 720 -32.82 36.03 -4.64
CA ARG A 720 -33.35 37.38 -4.76
C ARG A 720 -33.43 38.01 -3.38
N GLY A 721 -33.35 39.33 -3.35
CA GLY A 721 -33.45 40.04 -2.09
C GLY A 721 -34.87 40.14 -1.59
N GLY A 722 -35.01 40.60 -0.37
CA GLY A 722 -36.31 40.78 0.23
C GLY A 722 -36.22 40.72 1.75
N VAL A 723 -37.31 40.30 2.35
CA VAL A 723 -37.45 40.20 3.80
C VAL A 723 -37.78 38.75 4.15
N ILE A 724 -37.07 38.20 5.13
CA ILE A 724 -37.29 36.82 5.53
C ILE A 724 -38.67 36.73 6.17
N GLN A 725 -39.60 36.10 5.46
CA GLN A 725 -40.96 35.97 5.97
C GLN A 725 -41.02 34.97 7.11
N SER A 726 -40.38 33.81 6.94
CA SER A 726 -40.44 32.77 7.97
C SER A 726 -39.12 32.03 8.05
N VAL A 727 -38.70 31.72 9.27
CA VAL A 727 -37.47 30.97 9.51
C VAL A 727 -37.80 29.76 10.35
N ASP A 728 -37.17 28.64 10.02
CA ASP A 728 -37.31 27.40 10.77
C ASP A 728 -36.05 26.58 10.52
N ALA A 729 -35.83 25.58 11.37
CA ALA A 729 -34.62 24.78 11.27
C ALA A 729 -34.54 24.01 9.95
N SER A 730 -35.64 23.89 9.22
CA SER A 730 -35.66 23.15 7.97
C SER A 730 -36.13 23.96 6.77
N ARG A 731 -36.69 25.15 6.97
CA ARG A 731 -37.27 25.90 5.86
C ARG A 731 -37.05 27.39 6.09
N ILE A 732 -36.72 28.10 5.02
CA ILE A 732 -36.63 29.56 5.03
C ILE A 732 -37.49 30.10 3.90
N VAL A 733 -38.42 30.99 4.23
CA VAL A 733 -39.31 31.59 3.25
C VAL A 733 -39.03 33.09 3.21
N VAL A 734 -38.68 33.58 2.02
CA VAL A 734 -38.28 34.96 1.80
C VAL A 734 -39.35 35.66 0.98
N LYS A 735 -39.80 36.81 1.48
CA LYS A 735 -40.74 37.67 0.76
C LYS A 735 -39.93 38.61 -0.13
N VAL A 736 -40.03 38.43 -1.44
CA VAL A 736 -39.13 39.10 -2.37
C VAL A 736 -39.49 40.58 -2.48
N ASN A 737 -38.46 41.40 -2.76
CA ASN A 737 -38.65 42.83 -2.94
C ASN A 737 -39.52 43.11 -4.16
N GLU A 738 -40.17 44.28 -4.13
CA GLU A 738 -41.08 44.65 -5.22
C GLU A 738 -40.34 44.97 -6.52
N GLU A 739 -39.04 45.26 -6.45
CA GLU A 739 -38.29 45.61 -7.65
C GLU A 739 -37.81 44.40 -8.43
N GLU A 740 -37.86 43.20 -7.86
CA GLU A 740 -37.21 42.04 -8.46
C GLU A 740 -38.18 40.91 -8.74
N LEU A 741 -39.44 41.23 -9.02
CA LEU A 741 -40.43 40.22 -9.35
C LEU A 741 -40.55 40.07 -10.86
N ILE A 742 -40.58 38.82 -11.32
CA ILE A 742 -41.03 38.50 -12.67
C ILE A 742 -42.53 38.80 -12.70
N PRO A 743 -43.01 39.66 -13.60
CA PRO A 743 -44.45 39.95 -13.65
C PRO A 743 -45.33 38.71 -13.57
N GLY A 744 -46.29 38.73 -12.65
CA GLY A 744 -47.11 37.58 -12.40
C GLY A 744 -46.39 36.43 -11.69
N GLU A 745 -45.65 36.75 -10.64
CA GLU A 745 -44.94 35.75 -9.84
C GLU A 745 -45.49 35.77 -8.42
N ALA A 746 -45.52 34.59 -7.79
CA ALA A 746 -46.02 34.44 -6.43
C ALA A 746 -45.35 35.42 -5.47
N GLY A 747 -44.06 35.65 -5.66
CA GLY A 747 -43.35 36.62 -4.87
C GLY A 747 -42.63 36.09 -3.66
N ILE A 748 -42.52 34.77 -3.52
CA ILE A 748 -41.82 34.16 -2.40
C ILE A 748 -40.72 33.25 -2.93
N ASP A 749 -39.71 33.04 -2.09
CA ASP A 749 -38.65 32.08 -2.36
C ASP A 749 -38.57 31.12 -1.19
N ILE A 750 -38.53 29.82 -1.48
CA ILE A 750 -38.51 28.78 -0.47
C ILE A 750 -37.16 28.07 -0.53
N TYR A 751 -36.51 27.96 0.63
CA TYR A 751 -35.23 27.26 0.76
C TYR A 751 -35.43 26.13 1.75
N ASN A 752 -35.39 24.90 1.24
CA ASN A 752 -35.44 23.71 2.08
C ASN A 752 -34.02 23.27 2.38
N LEU A 753 -33.73 23.07 3.67
CA LEU A 753 -32.38 22.85 4.13
C LEU A 753 -32.08 21.37 4.29
N THR A 754 -30.86 20.97 3.97
CA THR A 754 -30.41 19.61 4.19
C THR A 754 -30.12 19.40 5.66
N LYS A 755 -30.72 18.37 6.26
CA LYS A 755 -30.62 18.12 7.68
C LYS A 755 -30.09 16.70 7.92
N TYR A 756 -28.87 16.61 8.43
CA TYR A 756 -28.24 15.35 8.85
C TYR A 756 -28.28 14.31 7.73
N THR A 757 -27.58 14.63 6.65
CA THR A 757 -27.44 13.74 5.49
C THR A 757 -26.02 13.24 5.43
N ARG A 758 -25.87 11.94 5.18
CA ARG A 758 -24.56 11.32 5.09
C ARG A 758 -23.78 11.85 3.89
N SER A 759 -22.49 12.05 4.08
CA SER A 759 -21.60 12.45 2.99
C SER A 759 -20.86 11.21 2.45
N ASN A 760 -20.01 11.45 1.46
CA ASN A 760 -19.27 10.36 0.84
C ASN A 760 -18.27 9.73 1.79
N GLN A 761 -17.88 10.43 2.86
CA GLN A 761 -16.94 9.93 3.83
C GLN A 761 -17.60 9.66 5.18
N ASN A 762 -18.91 9.40 5.15
CA ASN A 762 -19.69 9.07 6.35
C ASN A 762 -19.68 10.20 7.36
N THR A 763 -19.57 11.44 6.90
CA THR A 763 -19.68 12.61 7.77
C THR A 763 -21.09 13.18 7.68
N CYS A 764 -21.32 14.26 8.41
CA CYS A 764 -22.64 14.85 8.53
C CYS A 764 -22.72 16.11 7.70
N ILE A 765 -23.74 16.18 6.85
CA ILE A 765 -24.07 17.40 6.10
C ILE A 765 -25.32 17.98 6.72
N ASN A 766 -25.20 19.16 7.32
CA ASN A 766 -26.30 19.80 8.01
C ASN A 766 -26.26 21.29 7.74
N GLN A 767 -27.43 21.87 7.47
CA GLN A 767 -27.57 23.29 7.20
C GLN A 767 -28.36 23.93 8.33
N ARG A 768 -27.80 25.00 8.90
CA ARG A 768 -28.39 25.68 10.04
C ARG A 768 -28.75 27.11 9.66
N PRO A 769 -29.98 27.56 9.93
CA PRO A 769 -30.34 28.94 9.63
C PRO A 769 -29.48 29.93 10.40
N CYS A 770 -29.19 31.06 9.75
CA CYS A 770 -28.49 32.16 10.40
C CYS A 770 -29.23 33.47 10.17
N VAL A 771 -30.55 33.40 10.02
CA VAL A 771 -31.40 34.57 9.83
C VAL A 771 -32.57 34.50 10.80
N MET A 772 -33.13 35.66 11.09
CA MET A 772 -34.27 35.86 11.97
C MET A 772 -35.48 36.29 11.16
N PRO A 773 -36.69 36.05 11.64
CA PRO A 773 -37.87 36.56 10.93
C PRO A 773 -37.86 38.09 10.86
N GLY A 774 -38.25 38.62 9.72
CA GLY A 774 -38.26 40.05 9.49
C GLY A 774 -36.93 40.67 9.14
N GLU A 775 -35.89 39.86 8.98
CA GLU A 775 -34.56 40.38 8.69
C GLU A 775 -34.43 40.66 7.19
N PRO A 776 -34.02 41.85 6.79
CA PRO A 776 -33.81 42.12 5.36
C PRO A 776 -32.63 41.36 4.82
N VAL A 777 -32.77 40.86 3.59
CA VAL A 777 -31.71 40.13 2.91
C VAL A 777 -31.59 40.65 1.49
N ALA A 778 -30.36 40.74 1.01
CA ALA A 778 -30.08 41.12 -0.37
C ALA A 778 -29.67 39.88 -1.15
N ARG A 779 -29.47 40.06 -2.45
CA ARG A 779 -28.99 38.98 -3.29
C ARG A 779 -27.58 38.59 -2.90
N GLY A 780 -27.32 37.29 -2.84
CA GLY A 780 -26.01 36.80 -2.45
C GLY A 780 -25.80 36.64 -0.97
N ASP A 781 -26.77 37.00 -0.15
CA ASP A 781 -26.64 36.84 1.29
C ASP A 781 -26.78 35.38 1.69
N VAL A 782 -26.04 34.99 2.73
CA VAL A 782 -26.05 33.63 3.22
C VAL A 782 -27.23 33.48 4.18
N LEU A 783 -28.16 32.59 3.84
CA LEU A 783 -29.33 32.36 4.68
C LEU A 783 -29.12 31.22 5.65
N ALA A 784 -28.47 30.15 5.22
CA ALA A 784 -28.14 29.02 6.08
C ALA A 784 -26.68 28.64 5.87
N ASP A 785 -26.05 28.15 6.92
CA ASP A 785 -24.66 27.74 6.89
C ASP A 785 -24.57 26.23 6.77
N GLY A 786 -23.82 25.76 5.79
CA GLY A 786 -23.60 24.35 5.61
C GLY A 786 -22.56 23.84 6.58
N PRO A 787 -22.11 22.60 6.39
CA PRO A 787 -21.05 22.08 7.25
C PRO A 787 -19.77 22.89 7.10
N SER A 788 -19.10 23.09 8.23
CA SER A 788 -17.84 23.85 8.28
C SER A 788 -18.02 25.26 7.73
N THR A 789 -19.12 25.91 8.10
CA THR A 789 -19.36 27.31 7.75
C THR A 789 -19.94 28.03 8.95
N ASP A 790 -19.49 29.27 9.16
CA ASP A 790 -19.93 30.10 10.28
C ASP A 790 -20.24 31.49 9.75
N LEU A 791 -21.52 31.81 9.62
CA LEU A 791 -21.97 33.11 9.10
C LEU A 791 -21.38 33.39 7.72
N GLY A 792 -21.33 32.37 6.87
CA GLY A 792 -20.80 32.54 5.54
C GLY A 792 -19.30 32.46 5.41
N GLU A 793 -18.59 32.15 6.50
CA GLU A 793 -17.14 31.99 6.47
C GLU A 793 -16.80 30.53 6.69
N LEU A 794 -15.76 30.06 5.99
CA LEU A 794 -15.32 28.69 6.13
C LEU A 794 -14.74 28.46 7.53
N ALA A 795 -15.30 27.51 8.25
CA ALA A 795 -14.93 27.21 9.63
C ALA A 795 -14.52 25.74 9.69
N LEU A 796 -13.26 25.46 9.39
CA LEU A 796 -12.81 24.08 9.34
C LEU A 796 -12.51 23.50 10.73
N GLY A 797 -12.04 24.31 11.67
CA GLY A 797 -11.64 23.80 12.96
C GLY A 797 -12.10 24.63 14.14
N GLN A 798 -11.29 24.66 15.19
CA GLN A 798 -11.61 25.41 16.41
C GLN A 798 -10.40 26.19 16.88
N ASN A 799 -10.65 27.31 17.56
CA ASN A 799 -9.60 28.12 18.14
C ASN A 799 -9.25 27.59 19.52
N MET A 800 -7.99 27.21 19.70
CA MET A 800 -7.53 26.55 20.91
C MET A 800 -6.47 27.40 21.59
N ARG A 801 -6.54 27.46 22.92
CA ARG A 801 -5.49 28.09 23.71
C ARG A 801 -4.28 27.15 23.75
N ILE A 802 -3.14 27.66 23.30
CA ILE A 802 -1.96 26.87 23.01
C ILE A 802 -0.81 27.40 23.83
N ALA A 803 -0.07 26.49 24.46
CA ALA A 803 1.21 26.79 25.08
C ALA A 803 2.29 25.97 24.38
N PHE A 804 3.38 26.63 24.02
CA PHE A 804 4.53 25.98 23.39
C PHE A 804 5.54 25.66 24.49
N MET A 805 5.45 24.45 25.03
CA MET A 805 6.39 24.02 26.06
C MET A 805 6.36 22.50 26.12
N PRO A 806 7.46 21.87 26.51
CA PRO A 806 7.41 20.42 26.76
C PRO A 806 6.67 20.14 28.05
N TRP A 807 5.93 19.03 28.07
CA TRP A 807 5.17 18.64 29.26
C TRP A 807 5.37 17.14 29.50
N ASN A 808 6.44 16.82 30.24
CA ASN A 808 6.67 15.48 30.79
C ASN A 808 6.67 14.39 29.73
N GLY A 809 7.07 14.74 28.51
CA GLY A 809 7.19 13.78 27.45
C GLY A 809 5.90 13.40 26.76
N TYR A 810 4.78 14.02 27.13
CA TYR A 810 3.52 13.71 26.49
C TYR A 810 3.30 14.46 25.19
N ASN A 811 4.18 15.42 24.86
CA ASN A 811 4.24 16.01 23.54
C ASN A 811 5.54 15.63 22.84
N PHE A 812 6.07 14.45 23.17
CA PHE A 812 7.27 13.94 22.52
C PHE A 812 7.01 13.66 21.05
N GLU A 813 8.03 13.89 20.23
CA GLU A 813 7.92 13.85 18.77
C GLU A 813 6.82 14.82 18.37
N ASP A 814 5.71 14.37 17.78
CA ASP A 814 4.63 15.25 17.41
C ASP A 814 3.36 15.02 18.24
N SER A 815 3.51 14.43 19.42
CA SER A 815 2.36 14.15 20.26
C SER A 815 1.74 15.44 20.77
N ILE A 816 0.44 15.40 21.06
CA ILE A 816 -0.33 16.54 21.48
C ILE A 816 -0.99 16.23 22.82
N LEU A 817 -0.87 17.15 23.77
CA LEU A 817 -1.51 17.04 25.07
C LEU A 817 -2.74 17.93 25.11
N VAL A 818 -3.88 17.34 25.43
CA VAL A 818 -5.17 18.02 25.36
C VAL A 818 -5.82 18.01 26.73
N SER A 819 -6.39 19.15 27.11
CA SER A 819 -7.08 19.27 28.38
C SER A 819 -8.40 18.52 28.37
N GLU A 820 -8.85 18.11 29.55
CA GLU A 820 -10.13 17.42 29.66
C GLU A 820 -11.29 18.34 29.31
N ARG A 821 -11.13 19.65 29.50
CA ARG A 821 -12.21 20.58 29.20
C ARG A 821 -12.58 20.54 27.72
N VAL A 822 -11.57 20.46 26.84
CA VAL A 822 -11.83 20.38 25.41
C VAL A 822 -12.77 19.22 25.11
N VAL A 823 -12.61 18.11 25.84
CA VAL A 823 -13.55 17.00 25.71
C VAL A 823 -14.89 17.35 26.31
N GLN A 824 -14.90 18.05 27.45
CA GLN A 824 -16.15 18.40 28.10
C GLN A 824 -16.99 19.36 27.27
N ASP A 825 -16.37 20.34 26.64
CA ASP A 825 -17.14 21.29 25.83
C ASP A 825 -17.48 20.76 24.45
N ASP A 826 -17.12 19.52 24.12
CA ASP A 826 -17.44 18.91 22.83
C ASP A 826 -16.96 19.78 21.67
N ARG A 827 -15.74 20.30 21.81
CA ARG A 827 -15.21 21.20 20.79
C ARG A 827 -14.76 20.46 19.54
N PHE A 828 -14.38 19.19 19.67
CA PHE A 828 -14.00 18.38 18.53
C PHE A 828 -14.86 17.12 18.41
N THR A 829 -16.08 17.16 18.96
CA THR A 829 -17.02 16.06 18.78
C THR A 829 -17.62 16.13 17.39
N THR A 830 -17.69 14.99 16.71
CA THR A 830 -18.15 14.94 15.34
C THR A 830 -19.29 13.94 15.20
N ILE A 831 -20.16 14.17 14.23
CA ILE A 831 -21.27 13.29 13.91
C ILE A 831 -20.94 12.52 12.65
N HIS A 832 -21.02 11.20 12.72
CA HIS A 832 -20.73 10.33 11.58
C HIS A 832 -21.97 9.50 11.30
N ILE A 833 -22.47 9.59 10.08
CA ILE A 833 -23.67 8.86 9.67
C ILE A 833 -23.24 7.69 8.79
N GLN A 834 -23.68 6.49 9.16
CA GLN A 834 -23.26 5.25 8.52
C GLN A 834 -24.48 4.53 7.98
N GLU A 835 -24.39 4.05 6.75
CA GLU A 835 -25.49 3.38 6.07
C GLU A 835 -25.25 1.88 6.06
N LEU A 836 -26.24 1.11 6.52
CA LEU A 836 -26.17 -0.33 6.55
C LEU A 836 -27.35 -0.91 5.77
N SER A 837 -27.11 -2.04 5.11
CA SER A 837 -28.11 -2.62 4.23
C SER A 837 -28.35 -4.09 4.57
N CYS A 838 -29.62 -4.49 4.54
CA CYS A 838 -30.03 -5.87 4.65
C CYS A 838 -30.81 -6.22 3.39
N VAL A 839 -30.27 -7.17 2.61
CA VAL A 839 -30.85 -7.55 1.33
C VAL A 839 -31.44 -8.93 1.46
N ALA A 840 -32.75 -9.03 1.33
CA ALA A 840 -33.45 -10.30 1.28
C ALA A 840 -33.60 -10.72 -0.17
N ARG A 841 -32.98 -11.85 -0.52
CA ARG A 841 -32.89 -12.35 -1.89
C ARG A 841 -33.75 -13.59 -2.06
N ASP A 842 -33.67 -14.15 -3.26
CA ASP A 842 -34.33 -15.41 -3.58
C ASP A 842 -33.28 -16.48 -3.78
N THR A 843 -33.43 -17.60 -3.08
CA THR A 843 -32.49 -18.71 -3.15
C THR A 843 -33.19 -19.92 -3.73
N LYS A 844 -32.39 -20.94 -4.05
CA LYS A 844 -32.94 -22.20 -4.56
C LYS A 844 -33.82 -22.86 -3.52
N LEU A 845 -33.37 -22.88 -2.26
CA LEU A 845 -34.17 -23.48 -1.20
C LEU A 845 -35.47 -22.72 -0.99
N GLY A 846 -35.43 -21.40 -1.06
CA GLY A 846 -36.62 -20.60 -0.86
C GLY A 846 -36.27 -19.13 -0.87
N ALA A 847 -37.22 -18.32 -0.43
CA ALA A 847 -37.07 -16.88 -0.39
C ALA A 847 -36.73 -16.43 1.02
N GLU A 848 -35.70 -15.60 1.14
CA GLU A 848 -35.35 -15.05 2.45
C GLU A 848 -36.41 -14.08 2.91
N GLU A 849 -36.72 -14.14 4.20
CA GLU A 849 -37.83 -13.38 4.78
C GLU A 849 -37.32 -12.45 5.86
N ILE A 850 -37.79 -11.22 5.83
CA ILE A 850 -37.49 -10.24 6.87
C ILE A 850 -38.62 -10.29 7.90
N THR A 851 -38.28 -10.72 9.11
CA THR A 851 -39.27 -10.95 10.14
C THR A 851 -38.60 -10.87 11.50
N ALA A 852 -39.43 -10.76 12.54
CA ALA A 852 -38.96 -10.73 13.92
C ALA A 852 -38.86 -12.12 14.54
N ASP A 853 -39.19 -13.17 13.79
CA ASP A 853 -39.12 -14.54 14.28
C ASP A 853 -37.72 -15.07 14.02
N ILE A 854 -36.80 -14.72 14.91
CA ILE A 854 -35.39 -15.09 14.79
C ILE A 854 -35.13 -16.26 15.72
N PRO A 855 -34.77 -17.44 15.21
CA PRO A 855 -34.50 -18.58 16.10
C PRO A 855 -33.31 -18.32 17.00
N ASN A 856 -33.38 -18.92 18.20
CA ASN A 856 -32.29 -18.90 19.17
C ASN A 856 -31.94 -17.49 19.63
N VAL A 857 -32.92 -16.59 19.61
CA VAL A 857 -32.74 -15.22 20.09
C VAL A 857 -33.93 -14.88 20.98
N GLY A 858 -33.64 -14.40 22.18
CA GLY A 858 -34.67 -14.11 23.15
C GLY A 858 -35.36 -12.77 22.90
N GLU A 859 -36.30 -12.46 23.78
CA GLU A 859 -37.05 -11.22 23.69
C GLU A 859 -36.20 -9.99 24.03
N ALA A 860 -35.02 -10.18 24.61
CA ALA A 860 -34.15 -9.04 24.91
C ALA A 860 -33.70 -8.33 23.65
N ALA A 861 -33.35 -9.09 22.61
CA ALA A 861 -32.85 -8.51 21.38
C ALA A 861 -33.96 -8.09 20.42
N LEU A 862 -35.20 -8.47 20.68
CA LEU A 862 -36.33 -8.09 19.84
C LEU A 862 -37.07 -6.88 20.38
N SER A 863 -36.59 -6.25 21.45
CA SER A 863 -37.27 -5.10 22.02
C SER A 863 -37.29 -3.93 21.06
N LYS A 864 -36.17 -3.69 20.38
CA LYS A 864 -36.06 -2.55 19.47
C LYS A 864 -36.65 -2.83 18.10
N LEU A 865 -37.06 -4.05 17.81
CA LEU A 865 -37.67 -4.39 16.54
C LEU A 865 -39.19 -4.24 16.62
N ASP A 866 -39.79 -3.97 15.47
CA ASP A 866 -41.23 -3.87 15.36
C ASP A 866 -41.80 -5.22 14.90
N GLU A 867 -43.08 -5.23 14.54
CA GLU A 867 -43.70 -6.46 14.04
C GLU A 867 -43.04 -6.92 12.75
N SER A 868 -42.71 -5.98 11.86
CA SER A 868 -42.09 -6.33 10.58
C SER A 868 -40.64 -6.75 10.72
N GLY A 869 -40.04 -6.63 11.90
CA GLY A 869 -38.66 -7.02 12.09
C GLY A 869 -37.63 -5.96 11.78
N ILE A 870 -38.02 -4.69 11.77
CA ILE A 870 -37.12 -3.58 11.48
C ILE A 870 -37.05 -2.68 12.70
N VAL A 871 -35.84 -2.19 13.00
CA VAL A 871 -35.62 -1.38 14.20
C VAL A 871 -36.43 -0.08 14.12
N TYR A 872 -36.82 0.42 15.29
CA TYR A 872 -37.54 1.68 15.37
C TYR A 872 -36.61 2.85 15.10
N ILE A 873 -37.19 3.94 14.60
CA ILE A 873 -36.45 5.18 14.39
C ILE A 873 -36.29 5.89 15.73
N GLY A 874 -35.05 6.20 16.08
CA GLY A 874 -34.74 6.74 17.38
C GLY A 874 -34.25 5.72 18.38
N ALA A 875 -33.99 4.49 17.95
CA ALA A 875 -33.55 3.44 18.85
C ALA A 875 -32.06 3.54 19.10
N GLU A 876 -31.67 3.61 20.36
CA GLU A 876 -30.25 3.64 20.72
C GLU A 876 -29.72 2.22 20.72
N VAL A 877 -28.74 1.96 19.85
CA VAL A 877 -28.25 0.61 19.60
C VAL A 877 -26.77 0.55 19.89
N LYS A 878 -26.32 -0.62 20.32
CA LYS A 878 -24.91 -0.91 20.56
C LYS A 878 -24.48 -2.08 19.69
N GLY A 879 -23.19 -2.43 19.78
CA GLY A 879 -22.64 -3.48 18.96
C GLY A 879 -23.30 -4.82 19.13
N GLY A 880 -23.62 -5.48 18.01
CA GLY A 880 -24.27 -6.77 18.03
C GLY A 880 -25.77 -6.73 18.10
N ASP A 881 -26.38 -5.55 18.24
CA ASP A 881 -27.82 -5.44 18.28
C ASP A 881 -28.42 -5.67 16.90
N ILE A 882 -29.59 -6.29 16.87
CA ILE A 882 -30.25 -6.61 15.60
C ILE A 882 -30.97 -5.36 15.09
N LEU A 883 -30.68 -4.98 13.84
CA LEU A 883 -31.37 -3.88 13.19
C LEU A 883 -32.51 -4.37 12.30
N VAL A 884 -32.22 -5.27 11.37
CA VAL A 884 -33.23 -5.91 10.54
C VAL A 884 -33.08 -7.41 10.70
N GLY A 885 -34.17 -8.08 11.08
CA GLY A 885 -34.16 -9.51 11.28
C GLY A 885 -34.46 -10.24 9.98
N LYS A 886 -33.65 -11.25 9.69
CA LYS A 886 -33.78 -11.99 8.44
C LYS A 886 -33.43 -13.45 8.69
N VAL A 887 -34.18 -14.35 8.06
CA VAL A 887 -33.97 -15.78 8.16
C VAL A 887 -33.82 -16.38 6.77
N THR A 888 -32.78 -17.17 6.58
CA THR A 888 -32.47 -17.80 5.31
C THR A 888 -32.74 -19.30 5.38
N PRO A 889 -33.50 -19.87 4.45
CA PRO A 889 -33.72 -21.31 4.48
C PRO A 889 -32.39 -22.07 4.33
N LYS A 890 -32.28 -23.17 5.04
CA LYS A 890 -31.07 -23.99 5.05
C LYS A 890 -31.43 -25.43 4.70
N GLY A 891 -30.47 -26.12 4.09
CA GLY A 891 -30.70 -27.49 3.68
C GLY A 891 -30.54 -28.47 4.82
N GLU A 892 -30.71 -29.74 4.49
CA GLU A 892 -30.49 -30.80 5.47
C GLU A 892 -29.05 -30.80 5.93
N THR A 893 -28.85 -30.87 7.24
CA THR A 893 -27.54 -30.84 7.85
C THR A 893 -27.29 -32.15 8.58
N GLN A 894 -26.17 -32.81 8.26
CA GLN A 894 -25.81 -34.04 8.93
C GLN A 894 -25.46 -33.77 10.39
N LEU A 895 -25.95 -34.62 11.27
CA LEU A 895 -25.69 -34.51 12.70
C LEU A 895 -24.70 -35.57 13.12
N THR A 896 -23.72 -35.17 13.93
CA THR A 896 -22.81 -36.14 14.51
C THR A 896 -23.57 -37.04 15.48
N PRO A 897 -23.09 -38.28 15.68
CA PRO A 897 -23.81 -39.18 16.59
C PRO A 897 -24.04 -38.61 17.98
N GLU A 898 -23.08 -37.85 18.50
CA GLU A 898 -23.26 -37.24 19.81
C GLU A 898 -24.39 -36.21 19.78
N GLU A 899 -24.51 -35.47 18.67
CA GLU A 899 -25.64 -34.56 18.53
C GLU A 899 -26.95 -35.30 18.45
N LYS A 900 -26.96 -36.47 17.81
CA LYS A 900 -28.17 -37.29 17.79
C LYS A 900 -28.55 -37.76 19.19
N LEU A 901 -27.56 -38.18 19.98
CA LEU A 901 -27.85 -38.58 21.37
C LEU A 901 -28.35 -37.39 22.18
N LEU A 902 -27.75 -36.22 21.99
CA LEU A 902 -28.20 -35.04 22.72
C LEU A 902 -29.62 -34.67 22.34
N ARG A 903 -29.98 -34.82 21.06
CA ARG A 903 -31.36 -34.57 20.65
C ARG A 903 -32.30 -35.61 21.22
N ALA A 904 -31.86 -36.87 21.33
CA ALA A 904 -32.70 -37.89 21.94
C ALA A 904 -32.96 -37.59 23.41
N ILE A 905 -31.94 -37.11 24.13
CA ILE A 905 -32.13 -36.77 25.53
C ILE A 905 -33.07 -35.57 25.67
N PHE A 906 -32.66 -34.43 25.11
CA PHE A 906 -33.50 -33.25 25.05
C PHE A 906 -33.96 -33.08 23.60
N GLY A 907 -35.26 -33.21 23.38
CA GLY A 907 -35.79 -33.38 22.04
C GLY A 907 -35.91 -32.15 21.18
N GLU A 908 -35.52 -30.97 21.68
CA GLU A 908 -35.69 -29.75 20.92
C GLU A 908 -34.93 -29.80 19.60
N LYS A 909 -35.62 -29.45 18.51
CA LYS A 909 -35.00 -29.42 17.20
C LYS A 909 -35.80 -28.45 16.33
N ALA A 910 -35.27 -27.23 16.16
CA ALA A 910 -35.89 -26.21 15.31
C ALA A 910 -34.77 -25.57 14.49
N SER A 911 -34.55 -26.10 13.29
CA SER A 911 -33.47 -25.64 12.42
C SER A 911 -33.93 -25.50 10.98
N ASP A 912 -35.19 -25.13 10.78
CA ASP A 912 -35.69 -24.92 9.42
C ASP A 912 -34.98 -23.75 8.74
N VAL A 913 -34.73 -22.68 9.49
CA VAL A 913 -34.15 -21.46 8.96
C VAL A 913 -32.92 -21.09 9.78
N LYS A 914 -32.05 -20.29 9.17
CA LYS A 914 -30.80 -19.85 9.77
C LYS A 914 -30.81 -18.34 9.92
N ASP A 915 -30.29 -17.86 11.05
CA ASP A 915 -30.28 -16.43 11.38
C ASP A 915 -29.16 -15.74 10.61
N THR A 916 -29.53 -15.07 9.52
CA THR A 916 -28.61 -14.21 8.76
C THR A 916 -29.22 -12.81 8.80
N SER A 917 -28.92 -12.06 9.86
CA SER A 917 -29.58 -10.81 10.15
C SER A 917 -28.57 -9.66 10.11
N LEU A 918 -29.08 -8.45 9.97
CA LEU A 918 -28.25 -7.26 10.01
C LEU A 918 -28.06 -6.83 11.46
N ARG A 919 -26.80 -6.71 11.87
CA ARG A 919 -26.46 -6.35 13.24
C ARG A 919 -25.53 -5.15 13.24
N VAL A 920 -25.60 -4.37 14.31
CA VAL A 920 -24.69 -3.23 14.45
C VAL A 920 -23.26 -3.76 14.54
N PRO A 921 -22.31 -3.19 13.80
CA PRO A 921 -20.93 -3.66 13.87
C PRO A 921 -20.36 -3.46 15.27
N ASN A 922 -19.39 -4.31 15.62
CA ASN A 922 -18.78 -4.25 16.94
C ASN A 922 -18.12 -2.89 17.17
N SER A 923 -18.17 -2.44 18.42
CA SER A 923 -17.61 -1.15 18.84
C SER A 923 -18.26 0.02 18.11
N VAL A 924 -19.54 -0.10 17.79
CA VAL A 924 -20.31 0.98 17.17
C VAL A 924 -21.58 1.16 17.98
N ALA A 925 -21.77 2.36 18.53
CA ALA A 925 -22.97 2.70 19.28
C ALA A 925 -23.53 3.99 18.72
N GLY A 926 -24.81 3.99 18.40
CA GLY A 926 -25.41 5.16 17.79
C GLY A 926 -26.92 5.09 17.82
N THR A 927 -27.53 6.02 17.10
CA THR A 927 -28.98 6.17 17.05
C THR A 927 -29.46 5.97 15.62
N VAL A 928 -30.54 5.21 15.47
CA VAL A 928 -31.14 5.00 14.16
C VAL A 928 -31.94 6.24 13.80
N ILE A 929 -31.54 6.91 12.72
CA ILE A 929 -32.16 8.17 12.31
C ILE A 929 -33.00 8.04 11.05
N ASP A 930 -32.87 6.93 10.31
CA ASP A 930 -33.67 6.75 9.11
C ASP A 930 -33.68 5.27 8.73
N VAL A 931 -34.83 4.81 8.26
CA VAL A 931 -34.99 3.47 7.74
C VAL A 931 -35.74 3.56 6.42
N GLN A 932 -35.19 2.97 5.37
CA GLN A 932 -35.79 2.97 4.05
C GLN A 932 -35.98 1.54 3.57
N VAL A 933 -37.14 1.26 2.99
CA VAL A 933 -37.47 -0.08 2.51
C VAL A 933 -37.74 0.00 1.01
N PHE A 934 -37.03 -0.81 0.25
CA PHE A 934 -37.23 -0.95 -1.19
C PHE A 934 -37.78 -2.35 -1.44
N THR A 935 -38.92 -2.42 -2.13
CA THR A 935 -39.57 -3.68 -2.43
C THR A 935 -39.68 -3.85 -3.94
N ARG A 936 -39.40 -5.05 -4.41
CA ARG A 936 -39.51 -5.34 -5.83
C ARG A 936 -40.97 -5.27 -6.28
N ASP A 937 -41.16 -4.81 -7.51
CA ASP A 937 -42.50 -4.71 -8.08
C ASP A 937 -43.11 -6.10 -8.21
N GLY A 938 -44.16 -6.36 -7.44
CA GLY A 938 -44.78 -7.66 -7.40
C GLY A 938 -44.59 -8.43 -6.11
N VAL A 939 -44.01 -7.82 -5.08
CA VAL A 939 -43.77 -8.45 -3.79
C VAL A 939 -44.57 -7.70 -2.74
N GLU A 940 -45.15 -8.44 -1.80
CA GLU A 940 -46.01 -7.84 -0.79
C GLU A 940 -45.25 -6.83 0.05
N LYS A 941 -45.85 -5.65 0.21
CA LYS A 941 -45.28 -4.62 1.08
C LYS A 941 -45.68 -4.91 2.52
N ASP A 942 -44.71 -5.04 3.40
CA ASP A 942 -45.00 -5.33 4.79
C ASP A 942 -45.56 -4.10 5.49
N LYS A 943 -45.86 -4.24 6.78
CA LYS A 943 -46.49 -3.15 7.52
C LYS A 943 -45.57 -1.93 7.60
N ARG A 944 -44.27 -2.16 7.81
CA ARG A 944 -43.35 -1.04 7.96
C ARG A 944 -43.22 -0.24 6.67
N ALA A 945 -43.11 -0.92 5.53
CA ALA A 945 -43.02 -0.21 4.26
C ALA A 945 -44.28 0.61 4.01
N LEU A 946 -45.44 0.06 4.33
CA LEU A 946 -46.69 0.81 4.20
C LEU A 946 -46.69 2.02 5.13
N GLU A 947 -46.16 1.87 6.34
CA GLU A 947 -46.07 3.02 7.25
C GLU A 947 -45.18 4.11 6.69
N ILE A 948 -44.03 3.74 6.14
CA ILE A 948 -43.15 4.76 5.53
C ILE A 948 -43.83 5.40 4.33
N GLU A 949 -44.55 4.60 3.54
CA GLU A 949 -45.24 5.17 2.38
C GLU A 949 -46.32 6.16 2.81
N GLN A 950 -47.08 5.83 3.84
CA GLN A 950 -48.09 6.74 4.35
C GLN A 950 -47.46 8.01 4.91
N MET A 951 -46.35 7.86 5.64
CA MET A 951 -45.66 9.03 6.18
C MET A 951 -45.15 9.93 5.06
N GLN A 952 -44.59 9.33 4.02
CA GLN A 952 -44.09 10.12 2.90
C GLN A 952 -45.22 10.82 2.16
N LEU A 953 -46.36 10.13 1.96
CA LEU A 953 -47.50 10.75 1.31
C LEU A 953 -48.02 11.92 2.15
N LYS A 954 -48.12 11.74 3.46
CA LYS A 954 -48.59 12.81 4.32
C LYS A 954 -47.62 13.98 4.31
N GLU A 955 -46.31 13.70 4.33
CA GLU A 955 -45.32 14.77 4.28
C GLU A 955 -45.39 15.53 2.96
N ALA A 956 -45.60 14.82 1.85
CA ALA A 956 -45.75 15.49 0.56
C ALA A 956 -46.99 16.36 0.54
N LYS A 957 -48.11 15.83 1.05
CA LYS A 957 -49.33 16.64 1.18
C LYS A 957 -49.06 17.91 1.97
N LYS A 958 -48.43 17.76 3.15
CA LYS A 958 -48.23 18.90 4.04
C LYS A 958 -47.29 19.93 3.41
N ASP A 959 -46.19 19.48 2.82
CA ASP A 959 -45.25 20.40 2.18
C ASP A 959 -45.90 21.13 1.02
N LEU A 960 -46.64 20.41 0.17
CA LEU A 960 -47.31 21.05 -0.95
C LEU A 960 -48.36 22.04 -0.47
N THR A 961 -49.11 21.69 0.57
CA THR A 961 -50.13 22.59 1.09
C THR A 961 -49.51 23.86 1.65
N GLU A 962 -48.42 23.71 2.43
CA GLU A 962 -47.77 24.88 3.00
C GLU A 962 -47.18 25.77 1.92
N GLU A 963 -46.48 25.15 0.95
CA GLU A 963 -45.89 25.92 -0.14
C GLU A 963 -46.97 26.65 -0.93
N PHE A 964 -48.08 25.96 -1.24
CA PHE A 964 -49.16 26.59 -1.98
C PHE A 964 -49.78 27.73 -1.17
N GLN A 965 -49.95 27.54 0.13
CA GLN A 965 -50.53 28.60 0.95
C GLN A 965 -49.64 29.83 0.97
N ILE A 966 -48.33 29.64 1.12
CA ILE A 966 -47.44 30.81 1.16
C ILE A 966 -47.40 31.49 -0.21
N LEU A 967 -47.35 30.71 -1.30
CA LEU A 967 -47.28 31.34 -2.61
C LEU A 967 -48.59 32.05 -2.96
N GLU A 968 -49.73 31.51 -2.54
CA GLU A 968 -51.00 32.18 -2.80
C GLU A 968 -51.17 33.40 -1.90
N GLY A 969 -50.61 33.37 -0.69
CA GLY A 969 -50.60 34.58 0.12
C GLY A 969 -49.74 35.68 -0.47
N GLY A 970 -48.60 35.30 -1.05
CA GLY A 970 -47.78 36.26 -1.75
C GLY A 970 -48.46 36.81 -3.00
N LEU A 971 -49.11 35.93 -3.76
CA LEU A 971 -49.82 36.37 -4.96
C LEU A 971 -51.00 37.27 -4.61
N LEU A 972 -51.76 36.90 -3.58
CA LEU A 972 -52.93 37.69 -3.18
C LEU A 972 -52.52 38.86 -2.30
N LEU A 1021 -56.00 26.90 -10.81
CA LEU A 1021 -55.06 26.67 -9.72
C LEU A 1021 -55.18 25.25 -9.19
N LYS A 1022 -56.22 24.53 -9.61
CA LYS A 1022 -56.44 23.17 -9.13
C LYS A 1022 -55.80 22.13 -10.02
N ALA A 1023 -55.91 22.26 -11.33
CA ALA A 1023 -55.44 21.23 -12.25
C ALA A 1023 -53.92 21.06 -12.16
N ASP A 1024 -53.18 22.17 -12.16
CA ASP A 1024 -51.73 22.09 -12.15
C ASP A 1024 -51.21 21.47 -10.85
N PHE A 1025 -51.76 21.89 -9.71
CA PHE A 1025 -51.29 21.34 -8.44
C PHE A 1025 -51.73 19.90 -8.27
N ASP A 1026 -52.90 19.53 -8.78
CA ASP A 1026 -53.29 18.13 -8.79
C ASP A 1026 -52.33 17.29 -9.63
N LYS A 1027 -51.88 17.84 -10.76
CA LYS A 1027 -50.91 17.13 -11.59
C LYS A 1027 -49.58 16.96 -10.85
N LYS A 1028 -49.11 18.02 -10.17
CA LYS A 1028 -47.86 17.92 -9.43
C LYS A 1028 -47.96 16.88 -8.33
N PHE A 1029 -49.05 16.90 -7.57
CA PHE A 1029 -49.22 15.93 -6.50
C PHE A 1029 -49.39 14.51 -7.04
N GLU A 1030 -50.03 14.36 -8.20
CA GLU A 1030 -50.15 13.04 -8.80
C GLU A 1030 -48.78 12.51 -9.21
N ALA A 1031 -47.92 13.37 -9.75
CA ALA A 1031 -46.56 12.95 -10.07
C ALA A 1031 -45.80 12.53 -8.82
N LYS A 1032 -45.94 13.30 -7.74
CA LYS A 1032 -45.29 12.93 -6.48
C LYS A 1032 -45.81 11.59 -5.96
N ARG A 1033 -47.13 11.37 -6.04
CA ARG A 1033 -47.70 10.11 -5.59
C ARG A 1033 -47.20 8.94 -6.42
N ARG A 1034 -47.10 9.13 -7.74
CA ARG A 1034 -46.58 8.08 -8.61
C ARG A 1034 -45.14 7.75 -8.24
N LYS A 1035 -44.34 8.78 -7.97
CA LYS A 1035 -42.95 8.54 -7.59
C LYS A 1035 -42.86 7.79 -6.27
N ILE A 1036 -43.71 8.15 -5.30
CA ILE A 1036 -43.64 7.54 -3.97
C ILE A 1036 -44.12 6.09 -4.02
N THR A 1037 -45.25 5.85 -4.68
CA THR A 1037 -45.93 4.56 -4.55
C THR A 1037 -45.29 3.45 -5.37
N GLN A 1038 -44.71 3.78 -6.52
CA GLN A 1038 -44.30 2.74 -7.47
C GLN A 1038 -43.20 1.86 -6.89
N GLY A 1039 -43.02 0.71 -7.51
CA GLY A 1039 -42.00 -0.23 -7.11
C GLY A 1039 -40.61 0.23 -7.51
N ASP A 1040 -39.62 -0.53 -7.06
CA ASP A 1040 -38.22 -0.19 -7.25
C ASP A 1040 -37.55 -1.23 -8.14
N ASP A 1041 -36.76 -0.76 -9.10
CA ASP A 1041 -36.01 -1.63 -9.99
C ASP A 1041 -34.73 -2.05 -9.28
N LEU A 1042 -34.76 -3.22 -8.65
CA LEU A 1042 -33.62 -3.73 -7.91
C LEU A 1042 -32.84 -4.73 -8.75
N ALA A 1043 -31.69 -5.15 -8.21
CA ALA A 1043 -30.86 -6.12 -8.90
C ALA A 1043 -31.58 -7.46 -9.00
N PRO A 1044 -31.32 -8.23 -10.05
CA PRO A 1044 -32.03 -9.50 -10.22
C PRO A 1044 -31.77 -10.44 -9.06
N GLY A 1045 -32.84 -11.12 -8.64
CA GLY A 1045 -32.80 -12.01 -7.49
C GLY A 1045 -33.00 -11.34 -6.16
N VAL A 1046 -33.10 -10.01 -6.11
CA VAL A 1046 -33.25 -9.27 -4.87
C VAL A 1046 -34.73 -9.03 -4.64
N LEU A 1047 -35.24 -9.48 -3.51
CA LEU A 1047 -36.65 -9.33 -3.18
C LEU A 1047 -36.92 -8.07 -2.38
N LYS A 1048 -36.04 -7.72 -1.46
CA LYS A 1048 -36.27 -6.56 -0.62
C LYS A 1048 -34.93 -6.03 -0.11
N ILE A 1049 -34.87 -4.70 0.09
CA ILE A 1049 -33.70 -4.06 0.66
C ILE A 1049 -34.17 -3.17 1.80
N VAL A 1050 -33.49 -3.24 2.94
CA VAL A 1050 -33.76 -2.35 4.07
C VAL A 1050 -32.46 -1.63 4.41
N LYS A 1051 -32.48 -0.30 4.37
CA LYS A 1051 -31.32 0.52 4.67
C LYS A 1051 -31.56 1.26 5.97
N VAL A 1052 -30.60 1.16 6.88
CA VAL A 1052 -30.66 1.77 8.21
C VAL A 1052 -29.51 2.76 8.32
N TYR A 1053 -29.81 3.98 8.77
CA TYR A 1053 -28.82 5.02 8.93
C TYR A 1053 -28.57 5.25 10.41
N LEU A 1054 -27.30 5.15 10.82
CA LEU A 1054 -26.89 5.29 12.21
C LEU A 1054 -26.09 6.56 12.38
N ALA A 1055 -26.45 7.35 13.39
CA ALA A 1055 -25.69 8.54 13.74
C ALA A 1055 -24.83 8.23 14.96
N VAL A 1056 -23.53 8.43 14.83
CA VAL A 1056 -22.56 8.14 15.88
C VAL A 1056 -21.87 9.44 16.27
N LYS A 1057 -21.87 9.76 17.55
CA LYS A 1057 -21.14 10.91 18.08
C LYS A 1057 -19.76 10.43 18.51
N ARG A 1058 -18.73 10.89 17.82
CA ARG A 1058 -17.36 10.53 18.13
C ARG A 1058 -16.68 11.69 18.85
N ARG A 1059 -16.18 11.41 20.05
CA ARG A 1059 -15.46 12.38 20.85
C ARG A 1059 -13.97 12.21 20.66
N ILE A 1060 -13.22 13.28 20.95
CA ILE A 1060 -11.78 13.24 20.83
C ILE A 1060 -11.20 12.28 21.87
N GLN A 1061 -10.17 11.55 21.47
CA GLN A 1061 -9.56 10.54 22.34
C GLN A 1061 -8.11 10.36 21.92
N PRO A 1062 -7.28 9.80 22.78
CA PRO A 1062 -5.89 9.51 22.38
C PRO A 1062 -5.84 8.62 21.16
N GLY A 1063 -5.00 9.00 20.21
CA GLY A 1063 -4.89 8.34 18.93
C GLY A 1063 -5.46 9.13 17.77
N ASP A 1064 -6.27 10.15 18.05
CA ASP A 1064 -6.83 10.98 17.00
C ASP A 1064 -5.78 11.95 16.48
N LYS A 1065 -5.89 12.27 15.19
CA LYS A 1065 -4.94 13.14 14.51
C LYS A 1065 -5.47 14.57 14.48
N MET A 1066 -4.63 15.51 14.91
CA MET A 1066 -4.98 16.91 14.97
C MET A 1066 -3.89 17.72 14.29
N ALA A 1067 -4.29 18.79 13.61
CA ALA A 1067 -3.35 19.58 12.84
C ALA A 1067 -3.81 21.03 12.80
N GLY A 1068 -2.86 21.92 12.53
CA GLY A 1068 -3.11 23.29 12.16
C GLY A 1068 -3.09 23.46 10.66
N ARG A 1069 -2.73 24.67 10.22
CA ARG A 1069 -2.68 24.99 8.80
C ARG A 1069 -1.26 25.20 8.31
N HIS A 1070 -0.26 24.77 9.08
CA HIS A 1070 1.14 24.98 8.74
C HIS A 1070 1.93 23.67 8.69
N GLY A 1071 1.25 22.55 8.49
CA GLY A 1071 1.91 21.27 8.49
C GLY A 1071 2.22 20.72 9.86
N ASN A 1072 1.71 21.35 10.92
CA ASN A 1072 1.94 20.90 12.29
C ASN A 1072 0.87 19.87 12.63
N LYS A 1073 1.15 18.62 12.31
CA LYS A 1073 0.24 17.52 12.58
C LYS A 1073 0.74 16.71 13.78
N GLY A 1074 -0.18 15.98 14.39
CA GLY A 1074 0.19 15.17 15.53
C GLY A 1074 -0.95 14.27 15.96
N VAL A 1075 -0.66 13.46 16.96
CA VAL A 1075 -1.60 12.52 17.54
C VAL A 1075 -1.74 12.83 19.01
N ILE A 1076 -2.98 12.80 19.50
CA ILE A 1076 -3.23 13.06 20.91
C ILE A 1076 -2.67 11.93 21.75
N SER A 1077 -1.89 12.27 22.77
CA SER A 1077 -1.28 11.28 23.64
C SER A 1077 -2.01 11.10 24.96
N LYS A 1078 -2.54 12.18 25.53
CA LYS A 1078 -3.17 12.11 26.84
C LYS A 1078 -4.25 13.18 26.93
N ILE A 1079 -5.34 12.83 27.60
CA ILE A 1079 -6.38 13.78 27.96
C ILE A 1079 -6.13 14.17 29.41
N ASN A 1080 -5.55 15.34 29.61
CA ASN A 1080 -5.08 15.79 30.91
C ASN A 1080 -6.23 16.39 31.72
N PRO A 1081 -6.25 16.17 33.03
CA PRO A 1081 -7.18 16.90 33.88
C PRO A 1081 -6.88 18.40 33.90
N VAL A 1082 -7.92 19.19 34.14
CA VAL A 1082 -7.77 20.64 34.08
C VAL A 1082 -6.84 21.13 35.19
N GLU A 1083 -6.85 20.50 36.35
CA GLU A 1083 -6.01 20.96 37.46
C GLU A 1083 -4.54 20.67 37.22
N ASP A 1084 -4.21 19.81 36.26
CA ASP A 1084 -2.84 19.49 35.92
C ASP A 1084 -2.31 20.30 34.75
N MET A 1085 -3.11 21.16 34.19
CA MET A 1085 -2.54 21.82 33.03
C MET A 1085 -1.93 23.16 33.42
N PRO A 1086 -0.96 23.65 32.64
CA PRO A 1086 -0.37 24.96 32.92
C PRO A 1086 -1.43 26.05 32.90
N TYR A 1087 -1.28 27.02 33.81
CA TYR A 1087 -2.23 28.10 33.93
C TYR A 1087 -1.49 29.40 34.16
N ASP A 1088 -2.18 30.51 33.86
CA ASP A 1088 -1.60 31.84 33.97
C ASP A 1088 -1.89 32.44 35.34
N GLU A 1089 -1.51 33.70 35.51
CA GLU A 1089 -1.72 34.39 36.78
C GLU A 1089 -3.20 34.58 37.10
N ASN A 1090 -4.06 34.57 36.10
CA ASN A 1090 -5.49 34.73 36.30
C ASN A 1090 -6.21 33.41 36.51
N GLY A 1091 -5.49 32.30 36.56
CA GLY A 1091 -6.09 31.00 36.78
C GLY A 1091 -6.61 30.31 35.56
N GLN A 1092 -6.39 30.85 34.38
CA GLN A 1092 -6.91 30.26 33.16
C GLN A 1092 -5.94 29.19 32.66
N PRO A 1093 -6.36 27.93 32.60
CA PRO A 1093 -5.50 26.89 32.03
C PRO A 1093 -5.48 26.94 30.51
N VAL A 1094 -4.39 26.45 29.95
CA VAL A 1094 -4.32 26.29 28.51
C VAL A 1094 -5.16 25.09 28.09
N ASP A 1095 -5.50 25.03 26.81
CA ASP A 1095 -6.28 23.92 26.30
C ASP A 1095 -5.40 22.81 25.73
N ILE A 1096 -4.36 23.18 24.98
CA ILE A 1096 -3.49 22.23 24.31
C ILE A 1096 -2.05 22.70 24.50
N VAL A 1097 -1.17 21.75 24.79
CA VAL A 1097 0.26 22.02 24.96
C VAL A 1097 0.99 21.40 23.78
N LEU A 1098 1.76 22.22 23.08
CA LEU A 1098 2.47 21.80 21.87
C LEU A 1098 3.97 21.87 22.10
N ASN A 1099 4.69 20.97 21.47
CA ASN A 1099 6.13 20.87 21.64
C ASN A 1099 6.83 21.99 20.87
N PRO A 1100 7.68 22.78 21.52
CA PRO A 1100 8.42 23.83 20.79
C PRO A 1100 9.54 23.29 19.92
N LEU A 1101 9.87 22.00 20.04
CA LEU A 1101 10.96 21.43 19.24
C LEU A 1101 10.57 21.22 17.79
N GLY A 1102 9.28 21.18 17.48
CA GLY A 1102 8.85 20.98 16.12
C GLY A 1102 8.84 22.22 15.25
N VAL A 1103 9.09 23.39 15.81
CA VAL A 1103 9.08 24.63 15.03
C VAL A 1103 10.42 24.88 14.32
N PRO A 1104 11.56 24.90 15.00
CA PRO A 1104 12.78 25.40 14.35
C PRO A 1104 13.29 24.53 13.22
N SER A 1105 13.28 23.21 13.38
CA SER A 1105 13.80 22.32 12.34
C SER A 1105 12.87 22.18 11.15
N ARG A 1106 11.62 22.58 11.29
CA ARG A 1106 10.66 22.48 10.19
C ARG A 1106 10.36 23.82 9.54
N MET A 1107 10.87 24.93 10.10
CA MET A 1107 10.84 26.24 9.47
C MET A 1107 9.42 26.65 9.07
N ASN A 1108 8.46 26.40 9.95
CA ASN A 1108 7.11 26.91 9.81
C ASN A 1108 6.88 27.92 10.93
N ILE A 1109 7.32 29.15 10.69
CA ILE A 1109 7.24 30.21 11.69
C ILE A 1109 5.90 30.92 11.66
N GLY A 1110 5.09 30.70 10.62
CA GLY A 1110 3.77 31.29 10.59
C GLY A 1110 2.88 30.85 11.73
N GLN A 1111 3.17 29.69 12.33
CA GLN A 1111 2.36 29.24 13.46
C GLN A 1111 2.61 30.08 14.70
N ILE A 1112 3.85 30.51 14.94
CA ILE A 1112 4.12 31.40 16.06
C ILE A 1112 3.44 32.75 15.87
N LEU A 1113 3.52 33.29 14.65
CA LEU A 1113 2.86 34.56 14.36
C LEU A 1113 1.36 34.44 14.50
N GLU A 1114 0.80 33.30 14.08
CA GLU A 1114 -0.62 33.06 14.25
C GLU A 1114 -0.99 32.98 15.73
N VAL A 1115 -0.14 32.36 16.54
CA VAL A 1115 -0.38 32.28 17.98
C VAL A 1115 -0.40 33.67 18.59
N HIS A 1116 0.57 34.51 18.23
CA HIS A 1116 0.62 35.87 18.76
C HIS A 1116 -0.61 36.68 18.35
N LEU A 1117 -0.96 36.63 17.07
CA LEU A 1117 -2.11 37.39 16.60
C LEU A 1117 -3.41 36.86 17.17
N GLY A 1118 -3.51 35.55 17.39
CA GLY A 1118 -4.70 35.01 18.03
C GLY A 1118 -4.83 35.44 19.47
N LEU A 1119 -3.71 35.50 20.19
CA LEU A 1119 -3.73 36.05 21.55
C LEU A 1119 -4.24 37.49 21.53
N ALA A 1120 -3.73 38.29 20.61
CA ALA A 1120 -4.16 39.68 20.52
C ALA A 1120 -5.65 39.79 20.19
N ALA A 1121 -6.12 38.98 19.24
CA ALA A 1121 -7.52 39.04 18.82
C ALA A 1121 -8.45 38.61 19.95
N LYS A 1122 -8.09 37.55 20.67
CA LYS A 1122 -8.89 37.14 21.81
C LYS A 1122 -8.86 38.19 22.92
N GLY A 1123 -7.73 38.86 23.11
CA GLY A 1123 -7.70 39.94 24.10
C GLY A 1123 -8.64 41.08 23.75
N ILE A 1124 -8.67 41.47 22.49
CA ILE A 1124 -9.58 42.53 22.07
C ILE A 1124 -11.04 42.08 22.20
N GLY A 1125 -11.32 40.83 21.84
CA GLY A 1125 -12.65 40.30 22.04
C GLY A 1125 -13.06 40.29 23.52
N ASP A 1126 -12.12 39.96 24.40
CA ASP A 1126 -12.41 40.00 25.83
C ASP A 1126 -12.67 41.41 26.30
N LYS A 1127 -11.95 42.39 25.77
CA LYS A 1127 -12.21 43.78 26.11
C LYS A 1127 -13.63 44.19 25.68
N ILE A 1128 -14.03 43.79 24.46
CA ILE A 1128 -15.38 44.11 23.99
C ILE A 1128 -16.43 43.44 24.87
N ASN A 1129 -16.19 42.17 25.24
CA ASN A 1129 -17.12 41.48 26.13
C ASN A 1129 -17.23 42.18 27.47
N GLN A 1130 -16.11 42.66 28.01
CA GLN A 1130 -16.15 43.40 29.26
C GLN A 1130 -16.96 44.68 29.11
N MET A 1131 -16.78 45.40 28.01
CA MET A 1131 -17.53 46.63 27.81
C MET A 1131 -19.02 46.37 27.66
N ILE A 1132 -19.39 45.24 27.07
CA ILE A 1132 -20.82 44.90 26.99
C ILE A 1132 -21.36 44.51 28.36
N LYS A 1133 -20.59 43.73 29.13
CA LYS A 1133 -21.09 43.25 30.42
C LYS A 1133 -21.29 44.39 31.41
N GLU A 1134 -20.39 45.37 31.41
CA GLU A 1134 -20.54 46.52 32.30
C GLU A 1134 -21.53 47.55 31.79
N GLN A 1135 -22.15 47.31 30.63
CA GLN A 1135 -23.20 48.17 30.09
C GLN A 1135 -22.72 49.61 29.94
N GLN A 1136 -21.54 49.77 29.34
CA GLN A 1136 -21.02 51.09 29.07
C GLN A 1136 -21.81 51.75 27.94
N GLU A 1137 -21.61 53.05 27.78
CA GLU A 1137 -22.34 53.79 26.76
C GLU A 1137 -21.95 53.30 25.37
N LEU A 1138 -22.91 53.36 24.46
CA LEU A 1138 -22.67 52.95 23.08
C LEU A 1138 -21.63 53.82 22.40
N ALA A 1139 -21.47 55.07 22.84
CA ALA A 1139 -20.43 55.92 22.28
C ALA A 1139 -19.04 55.37 22.58
N LYS A 1140 -18.83 54.88 23.79
CA LYS A 1140 -17.55 54.26 24.13
C LYS A 1140 -17.32 52.99 23.32
N LEU A 1141 -18.36 52.20 23.12
CA LEU A 1141 -18.24 51.01 22.28
C LEU A 1141 -17.87 51.37 20.85
N ARG A 1142 -18.51 52.42 20.31
CA ARG A 1142 -18.18 52.87 18.96
C ARG A 1142 -16.75 53.35 18.87
N GLU A 1143 -16.29 54.11 19.87
CA GLU A 1143 -14.92 54.61 19.87
C GLU A 1143 -13.92 53.46 19.92
N PHE A 1144 -14.17 52.46 20.76
CA PHE A 1144 -13.27 51.32 20.84
C PHE A 1144 -13.26 50.54 19.53
N LEU A 1145 -14.43 50.32 18.93
CA LEU A 1145 -14.47 49.58 17.68
C LEU A 1145 -13.73 50.33 16.57
N GLN A 1146 -13.89 51.65 16.52
CA GLN A 1146 -13.18 52.43 15.50
C GLN A 1146 -11.68 52.40 15.74
N LYS A 1147 -11.25 52.45 17.01
CA LYS A 1147 -9.84 52.34 17.31
C LYS A 1147 -9.28 50.99 16.87
N VAL A 1148 -10.05 49.92 17.09
CA VAL A 1148 -9.61 48.59 16.66
C VAL A 1148 -9.51 48.51 15.15
N TYR A 1149 -10.50 49.04 14.43
CA TYR A 1149 -10.53 48.92 12.98
C TYR A 1149 -9.61 49.92 12.27
N ASP A 1150 -9.07 50.90 12.99
CA ASP A 1150 -8.13 51.86 12.43
C ASP A 1150 -6.68 51.51 12.72
N LEU A 1151 -6.42 50.37 13.34
CA LEU A 1151 -5.05 49.98 13.67
C LEU A 1151 -4.29 49.61 12.41
N GLY A 1152 -3.10 50.17 12.25
CA GLY A 1152 -2.27 49.91 11.10
C GLY A 1152 -2.64 50.77 9.91
N ASP A 1153 -1.74 50.77 8.92
CA ASP A 1153 -1.97 51.49 7.66
C ASP A 1153 -2.47 50.48 6.65
N THR A 1154 -3.74 50.13 6.77
CA THR A 1154 -4.35 49.08 5.97
C THR A 1154 -5.19 49.67 4.85
N ARG A 1155 -5.68 48.79 3.98
CA ARG A 1155 -6.52 49.17 2.86
C ARG A 1155 -8.00 49.21 3.23
N GLN A 1156 -8.34 48.91 4.46
CA GLN A 1156 -9.73 48.83 4.90
C GLN A 1156 -10.11 50.11 5.62
N ARG A 1157 -11.21 50.71 5.19
CA ARG A 1157 -11.80 51.88 5.83
C ARG A 1157 -13.19 51.51 6.33
N VAL A 1158 -13.25 51.01 7.56
CA VAL A 1158 -14.51 50.70 8.22
C VAL A 1158 -14.91 51.90 9.05
N ASP A 1159 -16.07 52.46 8.77
CA ASP A 1159 -16.59 53.62 9.50
C ASP A 1159 -17.77 53.16 10.34
N ILE A 1160 -17.57 53.12 11.66
CA ILE A 1160 -18.64 52.75 12.57
C ILE A 1160 -19.74 53.80 12.60
N SER A 1161 -19.44 55.03 12.16
CA SER A 1161 -20.44 56.09 12.12
C SER A 1161 -21.58 55.79 11.16
N GLU A 1162 -21.34 54.96 10.15
CA GLU A 1162 -22.36 54.61 9.17
C GLU A 1162 -23.18 53.39 9.60
N LEU A 1163 -22.89 52.81 10.76
CA LEU A 1163 -23.65 51.67 11.27
C LEU A 1163 -24.68 52.15 12.28
N SER A 1164 -25.88 51.58 12.20
CA SER A 1164 -26.93 51.92 13.15
C SER A 1164 -26.58 51.36 14.53
N ASP A 1165 -27.35 51.80 15.53
CA ASP A 1165 -27.14 51.33 16.88
C ASP A 1165 -27.33 49.82 16.98
N GLU A 1166 -28.38 49.31 16.36
CA GLU A 1166 -28.62 47.87 16.38
C GLU A 1166 -27.52 47.12 15.64
N ASP A 1167 -27.04 47.69 14.53
CA ASP A 1167 -25.93 47.08 13.80
C ASP A 1167 -24.67 47.03 14.65
N VAL A 1168 -24.39 48.11 15.38
CA VAL A 1168 -23.22 48.15 16.24
C VAL A 1168 -23.35 47.11 17.36
N ARG A 1169 -24.55 46.98 17.93
CA ARG A 1169 -24.76 45.99 18.96
C ARG A 1169 -24.57 44.57 18.43
N THR A 1170 -25.09 44.29 17.24
CA THR A 1170 -24.90 42.97 16.64
C THR A 1170 -23.42 42.69 16.37
N LEU A 1171 -22.71 43.67 15.82
CA LEU A 1171 -21.29 43.51 15.55
C LEU A 1171 -20.52 43.26 16.84
N ALA A 1172 -20.81 44.02 17.89
CA ALA A 1172 -20.13 43.84 19.16
C ALA A 1172 -20.45 42.47 19.76
N HIS A 1173 -21.69 42.00 19.61
CA HIS A 1173 -22.05 40.68 20.09
C HIS A 1173 -21.28 39.60 19.36
N ASN A 1174 -21.09 39.76 18.05
CA ASN A 1174 -20.35 38.78 17.28
C ASN A 1174 -18.84 38.86 17.49
N LEU A 1175 -18.34 39.92 18.11
CA LEU A 1175 -16.92 40.04 18.44
C LEU A 1175 -16.61 39.65 19.87
N ARG A 1176 -17.59 39.09 20.60
CA ARG A 1176 -17.38 38.71 21.98
C ARG A 1176 -16.32 37.61 22.10
N ALA A 1177 -16.39 36.62 21.23
CA ALA A 1177 -15.51 35.46 21.28
C ALA A 1177 -14.17 35.70 20.60
N GLY A 1178 -13.78 36.96 20.41
CA GLY A 1178 -12.55 37.27 19.73
C GLY A 1178 -12.79 38.04 18.45
N LEU A 1179 -11.81 38.86 18.07
CA LEU A 1179 -11.92 39.66 16.86
C LEU A 1179 -11.32 38.89 15.70
N PRO A 1180 -12.10 38.54 14.68
CA PRO A 1180 -11.51 37.93 13.48
C PRO A 1180 -10.63 38.92 12.74
N VAL A 1181 -9.47 38.45 12.31
CA VAL A 1181 -8.50 39.28 11.60
C VAL A 1181 -8.10 38.57 10.33
N ALA A 1182 -7.85 39.34 9.28
CA ALA A 1182 -7.45 38.81 7.98
C ALA A 1182 -6.01 39.20 7.70
N THR A 1183 -5.15 38.19 7.51
CA THR A 1183 -3.76 38.40 7.09
C THR A 1183 -3.55 37.71 5.74
N PRO A 1184 -3.64 38.45 4.64
CA PRO A 1184 -3.51 37.81 3.32
C PRO A 1184 -2.11 37.27 3.09
N VAL A 1185 -2.02 36.28 2.20
CA VAL A 1185 -0.74 35.67 1.88
C VAL A 1185 0.11 36.67 1.10
N PHE A 1186 1.35 36.85 1.53
CA PHE A 1186 2.33 37.76 0.95
C PHE A 1186 1.90 39.23 1.07
N ASP A 1187 0.82 39.50 1.80
CA ASP A 1187 0.38 40.84 2.12
C ASP A 1187 -0.10 40.89 3.57
N GLY A 1188 0.61 40.19 4.45
CA GLY A 1188 0.13 39.94 5.79
C GLY A 1188 0.44 41.06 6.77
N ALA A 1189 0.15 40.78 8.03
CA ALA A 1189 0.39 41.72 9.10
C ALA A 1189 1.85 41.69 9.52
N PRO A 1190 2.55 42.81 9.50
CA PRO A 1190 3.91 42.84 10.03
C PRO A 1190 3.93 42.64 11.54
N GLU A 1191 5.13 42.32 12.05
CA GLU A 1191 5.29 42.10 13.48
C GLU A 1191 4.94 43.34 14.29
N SER A 1192 5.17 44.54 13.72
CA SER A 1192 4.79 45.76 14.40
C SER A 1192 3.29 45.84 14.61
N SER A 1193 2.51 45.42 13.61
CA SER A 1193 1.06 45.42 13.75
C SER A 1193 0.61 44.42 14.83
N ILE A 1194 1.25 43.26 14.88
CA ILE A 1194 0.91 42.27 15.89
C ILE A 1194 1.21 42.81 17.29
N LYS A 1195 2.36 43.47 17.44
CA LYS A 1195 2.72 44.03 18.74
C LYS A 1195 1.79 45.16 19.13
N ALA A 1196 1.38 46.00 18.17
CA ALA A 1196 0.40 47.04 18.46
C ALA A 1196 -0.93 46.45 18.89
N MET A 1197 -1.35 45.37 18.22
CA MET A 1197 -2.60 44.70 18.59
C MET A 1197 -2.50 44.12 20.01
N LEU A 1198 -1.34 43.54 20.34
CA LEU A 1198 -1.13 43.02 21.69
C LEU A 1198 -1.19 44.13 22.73
N GLU A 1199 -0.57 45.29 22.41
CA GLU A 1199 -0.61 46.41 23.33
C GLU A 1199 -2.01 46.96 23.51
N LEU A 1200 -2.84 46.94 22.46
CA LEU A 1200 -4.21 47.42 22.60
C LEU A 1200 -5.00 46.55 23.57
N ALA A 1201 -4.78 45.24 23.53
CA ALA A 1201 -5.49 44.29 24.36
C ALA A 1201 -4.87 44.10 25.74
N ASP A 1202 -3.87 44.92 26.09
CA ASP A 1202 -3.21 44.85 27.39
C ASP A 1202 -2.56 43.48 27.62
N LEU A 1203 -1.74 43.08 26.67
CA LEU A 1203 -1.02 41.81 26.70
C LEU A 1203 0.44 42.07 26.39
N PRO A 1204 1.34 41.18 26.82
CA PRO A 1204 2.76 41.40 26.58
C PRO A 1204 3.08 41.47 25.10
N ALA A 1205 4.02 42.35 24.75
CA ALA A 1205 4.39 42.53 23.36
C ALA A 1205 5.20 41.36 22.82
N SER A 1206 5.75 40.53 23.70
CA SER A 1206 6.50 39.35 23.27
C SER A 1206 5.62 38.14 23.06
N GLY A 1207 4.35 38.20 23.45
CA GLY A 1207 3.47 37.06 23.33
C GLY A 1207 3.75 35.93 24.27
N GLN A 1208 4.55 36.16 25.30
CA GLN A 1208 4.95 35.14 26.26
C GLN A 1208 4.44 35.52 27.64
N LEU A 1209 3.75 34.59 28.30
CA LEU A 1209 3.21 34.79 29.63
C LEU A 1209 3.96 33.92 30.64
N THR A 1210 3.69 34.19 31.91
CA THR A 1210 4.24 33.38 33.00
C THR A 1210 3.23 32.31 33.36
N LEU A 1211 3.60 31.05 33.15
CA LEU A 1211 2.73 29.92 33.43
C LEU A 1211 3.18 29.22 34.71
N PHE A 1212 2.23 28.57 35.36
CA PHE A 1212 2.47 27.86 36.60
C PHE A 1212 2.09 26.40 36.42
N ASP A 1213 2.83 25.51 37.08
CA ASP A 1213 2.56 24.09 36.99
C ASP A 1213 1.36 23.74 37.85
N GLY A 1214 0.28 23.28 37.23
CA GLY A 1214 -0.91 22.95 37.98
C GLY A 1214 -0.73 21.83 38.97
N ARG A 1215 0.26 20.96 38.75
CA ARG A 1215 0.51 19.88 39.68
C ARG A 1215 1.19 20.36 40.96
N THR A 1216 2.05 21.38 40.86
CA THR A 1216 2.78 21.88 42.00
C THR A 1216 2.51 23.34 42.35
N GLY A 1217 1.99 24.13 41.41
CA GLY A 1217 1.82 25.54 41.64
C GLY A 1217 3.05 26.37 41.41
N ASP A 1218 4.14 25.76 40.97
CA ASP A 1218 5.42 26.45 40.81
C ASP A 1218 5.52 27.05 39.42
N ALA A 1219 6.01 28.28 39.36
CA ALA A 1219 6.17 28.96 38.09
C ALA A 1219 7.27 28.29 37.26
N PHE A 1220 6.99 28.12 35.98
CA PHE A 1220 8.02 27.67 35.05
C PHE A 1220 9.10 28.73 34.93
N GLU A 1221 10.34 28.28 34.76
CA GLU A 1221 11.48 29.17 34.89
C GLU A 1221 11.59 30.19 33.76
N ARG A 1222 10.83 30.04 32.69
CA ARG A 1222 10.89 30.94 31.55
C ARG A 1222 9.49 31.29 31.08
N PRO A 1223 9.29 32.45 30.49
CA PRO A 1223 8.00 32.77 29.87
C PRO A 1223 7.69 31.82 28.72
N VAL A 1224 6.41 31.53 28.56
CA VAL A 1224 5.94 30.54 27.59
C VAL A 1224 5.06 31.25 26.57
N THR A 1225 5.27 30.92 25.29
CA THR A 1225 4.43 31.47 24.23
C THR A 1225 3.04 30.87 24.33
N VAL A 1226 2.08 31.68 24.77
CA VAL A 1226 0.69 31.27 24.91
C VAL A 1226 -0.15 32.10 23.96
N GLY A 1227 -1.01 31.46 23.22
CA GLY A 1227 -1.89 32.15 22.29
C GLY A 1227 -3.02 31.30 21.84
N TYR A 1228 -3.53 31.56 20.64
CA TYR A 1228 -4.65 30.83 20.09
C TYR A 1228 -4.33 30.35 18.69
N MET A 1229 -4.53 29.06 18.45
CA MET A 1229 -4.25 28.43 17.18
C MET A 1229 -5.52 27.79 16.63
N TYR A 1230 -5.71 27.89 15.32
CA TYR A 1230 -6.81 27.20 14.66
C TYR A 1230 -6.38 25.76 14.41
N MET A 1231 -7.02 24.82 15.10
CA MET A 1231 -6.67 23.42 14.99
C MET A 1231 -7.82 22.63 14.38
N LEU A 1232 -7.47 21.58 13.64
CA LEU A 1232 -8.41 20.78 12.89
C LEU A 1232 -8.41 19.35 13.42
N LYS A 1233 -9.52 18.66 13.19
CA LYS A 1233 -9.65 17.24 13.52
C LYS A 1233 -9.70 16.47 12.21
N LEU A 1234 -8.58 15.86 11.84
CA LEU A 1234 -8.49 15.18 10.56
C LEU A 1234 -9.26 13.86 10.59
N ASN A 1235 -9.63 13.39 9.40
CA ASN A 1235 -10.40 12.17 9.26
C ASN A 1235 -9.49 10.95 9.33
N HIS A 1236 -8.65 10.89 10.36
CA HIS A 1236 -7.80 9.74 10.65
C HIS A 1236 -8.03 9.43 12.12
N LEU A 1237 -9.08 8.67 12.40
CA LEU A 1237 -9.54 8.43 13.76
C LEU A 1237 -9.21 7.01 14.19
N VAL A 1238 -8.72 6.88 15.42
CA VAL A 1238 -8.29 5.59 15.94
C VAL A 1238 -9.45 4.61 16.03
N ASP A 1239 -10.69 5.10 16.04
CA ASP A 1239 -11.84 4.21 16.02
C ASP A 1239 -11.88 3.38 14.74
N ASP A 1240 -11.56 4.01 13.61
CA ASP A 1240 -11.59 3.34 12.32
C ASP A 1240 -10.29 2.60 12.00
N LYS A 1241 -9.29 2.67 12.87
CA LYS A 1241 -7.99 2.11 12.58
C LYS A 1241 -7.55 1.00 13.52
N MET A 1242 -8.22 0.83 14.66
CA MET A 1242 -7.88 -0.24 15.58
C MET A 1242 -8.50 -1.54 15.11
N HIS A 1243 -7.67 -2.53 14.80
CA HIS A 1243 -8.13 -3.83 14.37
C HIS A 1243 -7.37 -4.92 15.13
N ALA A 1244 -8.04 -6.03 15.36
CA ALA A 1244 -7.43 -7.19 15.97
C ALA A 1244 -8.18 -8.44 15.53
N ARG A 1245 -7.45 -9.54 15.39
CA ARG A 1245 -8.06 -10.81 15.00
C ARG A 1245 -7.26 -11.94 15.63
N SER A 1246 -7.97 -12.95 16.12
CA SER A 1246 -7.34 -14.20 16.56
C SER A 1246 -7.53 -15.32 15.55
N THR A 1247 -8.75 -15.49 15.05
CA THR A 1247 -9.06 -16.47 14.03
C THR A 1247 -10.32 -16.03 13.32
N GLY A 1248 -10.37 -16.23 12.00
CA GLY A 1248 -11.54 -15.86 11.24
C GLY A 1248 -11.64 -16.54 9.89
N SER A 1249 -12.06 -15.78 8.89
CA SER A 1249 -12.25 -16.31 7.54
C SER A 1249 -10.90 -16.60 6.88
N TYR A 1250 -10.93 -17.46 5.89
CA TYR A 1250 -9.73 -17.86 5.16
C TYR A 1250 -10.01 -17.83 3.65
N SER A 1251 -8.93 -17.72 2.88
CA SER A 1251 -9.05 -17.66 1.43
C SER A 1251 -9.47 -19.01 0.87
N LEU A 1252 -10.06 -18.95 -0.33
CA LEU A 1252 -10.60 -20.14 -0.96
C LEU A 1252 -9.51 -21.02 -1.56
N VAL A 1253 -8.48 -20.43 -2.14
CA VAL A 1253 -7.44 -21.17 -2.84
C VAL A 1253 -6.18 -21.30 -1.99
N THR A 1254 -5.68 -20.19 -1.46
CA THR A 1254 -4.46 -20.23 -0.66
C THR A 1254 -4.70 -20.66 0.78
N GLN A 1255 -5.95 -20.66 1.24
CA GLN A 1255 -6.32 -21.03 2.59
C GLN A 1255 -5.60 -20.17 3.63
N GLN A 1256 -5.35 -18.92 3.28
CA GLN A 1256 -4.72 -17.96 4.16
C GLN A 1256 -5.75 -16.97 4.66
N PRO A 1257 -5.50 -16.31 5.79
CA PRO A 1257 -6.44 -15.33 6.30
C PRO A 1257 -6.68 -14.22 5.29
N LEU A 1258 -7.91 -13.73 5.27
CA LEU A 1258 -8.26 -12.63 4.37
C LEU A 1258 -7.58 -11.35 4.83
N GLY A 1259 -7.73 -10.31 4.03
CA GLY A 1259 -7.10 -9.04 4.34
C GLY A 1259 -8.07 -7.89 4.43
N GLY A 1260 -8.02 -7.15 5.52
CA GLY A 1260 -8.85 -5.97 5.69
C GLY A 1260 -9.65 -5.99 6.97
N LYS A 1261 -9.91 -4.80 7.52
CA LYS A 1261 -10.78 -4.68 8.67
C LYS A 1261 -12.22 -5.03 8.33
N ALA A 1262 -12.64 -4.79 7.09
CA ALA A 1262 -13.99 -5.11 6.68
C ALA A 1262 -14.23 -6.62 6.69
N GLN A 1263 -13.22 -7.39 6.34
CA GLN A 1263 -13.30 -8.84 6.29
C GLN A 1263 -12.80 -9.50 7.58
N PHE A 1264 -12.49 -8.71 8.61
CA PHE A 1264 -11.90 -9.20 9.85
C PHE A 1264 -10.63 -9.99 9.55
N GLY A 1265 -9.80 -9.44 8.68
CA GLY A 1265 -8.60 -10.12 8.22
C GLY A 1265 -7.43 -9.94 9.14
N GLY A 1266 -6.31 -10.54 8.74
CA GLY A 1266 -5.09 -10.49 9.52
C GLY A 1266 -4.00 -9.67 8.87
N GLN A 1267 -3.00 -9.30 9.65
CA GLN A 1267 -1.89 -8.52 9.13
C GLN A 1267 -1.00 -9.38 8.27
N ARG A 1268 -0.32 -8.74 7.32
CA ARG A 1268 0.58 -9.45 6.41
C ARG A 1268 1.99 -9.45 7.00
N PHE A 1269 2.54 -10.65 7.18
CA PHE A 1269 3.92 -10.82 7.58
C PHE A 1269 4.74 -10.96 6.31
N GLY A 1270 5.24 -9.83 5.80
CA GLY A 1270 5.89 -9.79 4.52
C GLY A 1270 7.30 -10.32 4.53
N GLU A 1271 7.96 -10.15 3.39
CA GLU A 1271 9.32 -10.65 3.23
C GLU A 1271 10.29 -9.99 4.20
N MET A 1272 10.15 -8.68 4.40
CA MET A 1272 11.08 -7.97 5.27
C MET A 1272 10.92 -8.39 6.73
N GLU A 1273 9.70 -8.71 7.16
CA GLU A 1273 9.49 -9.24 8.49
C GLU A 1273 10.15 -10.61 8.64
N VAL A 1274 10.07 -11.44 7.61
CA VAL A 1274 10.74 -12.73 7.63
C VAL A 1274 12.25 -12.53 7.70
N TRP A 1275 12.77 -11.53 6.99
CA TRP A 1275 14.19 -11.23 7.07
C TRP A 1275 14.58 -10.79 8.48
N ALA A 1276 13.74 -9.99 9.13
CA ALA A 1276 14.02 -9.56 10.49
C ALA A 1276 14.05 -10.76 11.44
N LEU A 1277 13.08 -11.67 11.30
CA LEU A 1277 13.06 -12.86 12.15
C LEU A 1277 14.27 -13.75 11.90
N GLU A 1278 14.68 -13.87 10.63
CA GLU A 1278 15.88 -14.65 10.32
C GLU A 1278 17.13 -14.01 10.92
N ALA A 1279 17.21 -12.68 10.87
CA ALA A 1279 18.36 -11.98 11.45
C ALA A 1279 18.40 -12.17 12.96
N TYR A 1280 17.24 -12.13 13.62
CA TYR A 1280 17.20 -12.42 15.04
C TYR A 1280 17.62 -13.85 15.34
N GLY A 1281 17.18 -14.79 14.52
CA GLY A 1281 17.35 -16.20 14.81
C GLY A 1281 16.12 -16.88 15.37
N ALA A 1282 14.96 -16.22 15.34
CA ALA A 1282 13.73 -16.76 15.89
C ALA A 1282 13.12 -17.73 14.88
N ALA A 1283 13.64 -18.95 14.87
CA ALA A 1283 13.17 -19.96 13.93
C ALA A 1283 11.76 -20.43 14.29
N TYR A 1284 11.47 -20.59 15.58
CA TYR A 1284 10.18 -21.12 15.99
C TYR A 1284 9.07 -20.09 15.81
N THR A 1285 9.35 -18.82 16.09
CA THR A 1285 8.37 -17.77 15.80
C THR A 1285 8.07 -17.71 14.31
N LEU A 1286 9.12 -17.82 13.48
CA LEU A 1286 8.93 -17.79 12.04
C LEU A 1286 8.11 -18.99 11.57
N GLN A 1287 8.37 -20.17 12.12
CA GLN A 1287 7.59 -21.34 11.73
C GLN A 1287 6.14 -21.21 12.18
N GLU A 1288 5.91 -20.60 13.34
CA GLU A 1288 4.54 -20.29 13.75
C GLU A 1288 3.85 -19.40 12.74
N MET A 1289 4.54 -18.35 12.31
CA MET A 1289 3.95 -17.41 11.36
C MET A 1289 3.64 -18.09 10.03
N LEU A 1290 4.56 -18.93 9.56
CA LEU A 1290 4.38 -19.55 8.24
C LEU A 1290 3.31 -20.64 8.27
N THR A 1291 3.34 -21.52 9.27
CA THR A 1291 2.48 -22.68 9.23
C THR A 1291 1.17 -22.56 10.00
N VAL A 1292 1.25 -22.45 11.34
CA VAL A 1292 0.05 -22.61 12.16
C VAL A 1292 -0.75 -21.33 12.30
N LYS A 1293 -0.28 -20.22 11.74
CA LYS A 1293 -1.04 -18.99 11.75
C LYS A 1293 -1.61 -18.61 10.39
N SER A 1294 -1.12 -19.21 9.31
CA SER A 1294 -1.56 -18.80 7.98
C SER A 1294 -2.29 -19.90 7.23
N ASP A 1295 -1.66 -21.04 6.94
CA ASP A 1295 -2.25 -21.95 5.96
C ASP A 1295 -2.06 -23.43 6.26
N ASP A 1296 -1.53 -23.81 7.42
CA ASP A 1296 -1.53 -25.22 7.82
C ASP A 1296 -2.90 -25.53 8.39
N VAL A 1297 -3.75 -26.14 7.56
CA VAL A 1297 -5.16 -26.30 7.93
C VAL A 1297 -5.32 -27.20 9.14
N ASN A 1298 -4.61 -28.32 9.17
CA ASN A 1298 -4.69 -29.20 10.32
C ASN A 1298 -3.92 -28.63 11.51
N GLY A 1299 -2.77 -28.02 11.23
CA GLY A 1299 -1.94 -27.50 12.30
C GLY A 1299 -2.59 -26.36 13.04
N ARG A 1300 -3.32 -25.49 12.34
CA ARG A 1300 -3.93 -24.35 13.00
C ARG A 1300 -5.10 -24.78 13.89
N THR A 1301 -5.88 -25.76 13.46
CA THR A 1301 -6.92 -26.30 14.33
C THR A 1301 -6.32 -27.00 15.54
N LYS A 1302 -5.25 -27.78 15.33
CA LYS A 1302 -4.59 -28.42 16.46
C LYS A 1302 -4.02 -27.39 17.42
N MET A 1303 -3.49 -26.29 16.90
CA MET A 1303 -2.93 -25.25 17.75
C MET A 1303 -4.01 -24.56 18.56
N TYR A 1304 -5.16 -24.28 17.95
CA TYR A 1304 -6.28 -23.71 18.70
C TYR A 1304 -6.72 -24.64 19.81
N LYS A 1305 -6.84 -25.93 19.50
CA LYS A 1305 -7.24 -26.90 20.52
C LYS A 1305 -6.22 -27.00 21.63
N ASN A 1306 -4.93 -26.96 21.29
CA ASN A 1306 -3.88 -27.02 22.31
C ASN A 1306 -3.93 -25.80 23.22
N ILE A 1307 -4.11 -24.61 22.65
CA ILE A 1307 -4.19 -23.41 23.48
C ILE A 1307 -5.41 -23.45 24.38
N VAL A 1308 -6.54 -23.95 23.85
CA VAL A 1308 -7.74 -24.10 24.68
C VAL A 1308 -7.46 -25.09 25.82
N ASP A 1309 -6.66 -26.12 25.55
CA ASP A 1309 -6.27 -27.07 26.58
C ASP A 1309 -5.09 -26.59 27.41
N GLY A 1310 -4.54 -25.42 27.11
CA GLY A 1310 -3.40 -24.90 27.86
C GLY A 1310 -2.11 -25.71 27.70
N ASN A 1311 -1.78 -26.10 26.49
CA ASN A 1311 -0.58 -26.89 26.22
C ASN A 1311 0.51 -26.13 25.50
N HIS A 1312 0.16 -25.20 24.62
CA HIS A 1312 1.11 -24.31 23.96
C HIS A 1312 2.21 -25.07 23.23
N ALA A 1313 1.79 -26.01 22.39
CA ALA A 1313 2.70 -26.73 21.50
C ALA A 1313 2.06 -26.82 20.13
N MET A 1314 2.90 -26.85 19.11
CA MET A 1314 2.45 -26.91 17.73
C MET A 1314 3.01 -28.14 17.05
N GLU A 1315 2.29 -28.64 16.05
CA GLU A 1315 2.70 -29.75 15.21
C GLU A 1315 2.66 -29.25 13.77
N PRO A 1316 3.71 -28.55 13.32
CA PRO A 1316 3.67 -27.93 12.00
C PRO A 1316 3.54 -28.95 10.88
N GLY A 1317 2.92 -28.53 9.79
CA GLY A 1317 2.81 -29.35 8.61
C GLY A 1317 3.21 -28.59 7.36
N MET A 1318 2.72 -29.02 6.23
CA MET A 1318 3.02 -28.37 4.97
C MET A 1318 2.02 -27.24 4.70
N PRO A 1319 2.49 -26.04 4.41
CA PRO A 1319 1.57 -24.97 3.99
C PRO A 1319 0.83 -25.35 2.72
N GLU A 1320 -0.42 -24.92 2.63
CA GLU A 1320 -1.23 -25.23 1.44
C GLU A 1320 -0.74 -24.51 0.21
N SER A 1321 -0.13 -23.33 0.38
CA SER A 1321 0.39 -22.60 -0.77
C SER A 1321 1.47 -23.38 -1.49
N PHE A 1322 2.29 -24.13 -0.75
CA PHE A 1322 3.30 -24.95 -1.42
C PHE A 1322 2.67 -26.09 -2.21
N ASN A 1323 1.59 -26.68 -1.69
CA ASN A 1323 0.88 -27.70 -2.45
C ASN A 1323 0.28 -27.11 -3.72
N VAL A 1324 -0.26 -25.89 -3.63
CA VAL A 1324 -0.75 -25.22 -4.81
C VAL A 1324 0.38 -25.00 -5.81
N LEU A 1325 1.54 -24.56 -5.33
CA LEU A 1325 2.68 -24.35 -6.21
C LEU A 1325 3.10 -25.64 -6.91
N LEU A 1326 3.14 -26.74 -6.17
CA LEU A 1326 3.47 -28.03 -6.77
C LEU A 1326 2.47 -28.40 -7.84
N LYS A 1327 1.18 -28.17 -7.58
CA LYS A 1327 0.16 -28.50 -8.56
C LYS A 1327 0.28 -27.66 -9.82
N GLU A 1328 0.55 -26.36 -9.69
CA GLU A 1328 0.71 -25.54 -10.89
C GLU A 1328 1.96 -25.90 -11.67
N ILE A 1329 3.07 -26.19 -10.99
CA ILE A 1329 4.27 -26.58 -11.71
C ILE A 1329 4.06 -27.91 -12.44
N ARG A 1330 3.33 -28.84 -11.81
CA ARG A 1330 2.98 -30.07 -12.51
C ARG A 1330 2.06 -29.80 -13.69
N SER A 1331 1.13 -28.85 -13.54
CA SER A 1331 0.24 -28.48 -14.63
C SER A 1331 1.00 -27.84 -15.80
N LEU A 1332 2.16 -27.25 -15.53
CA LEU A 1332 3.02 -26.77 -16.61
C LEU A 1332 3.81 -27.89 -17.27
N GLY A 1333 3.45 -29.14 -17.03
CA GLY A 1333 4.16 -30.28 -17.61
C GLY A 1333 5.57 -30.48 -17.09
N ILE A 1334 5.79 -30.24 -15.81
CA ILE A 1334 7.10 -30.37 -15.19
C ILE A 1334 6.94 -31.22 -13.94
N ASN A 1335 7.71 -32.30 -13.86
CA ASN A 1335 7.62 -33.23 -12.73
C ASN A 1335 8.42 -32.66 -11.57
N ILE A 1336 7.71 -32.11 -10.59
CA ILE A 1336 8.31 -31.64 -9.35
C ILE A 1336 7.76 -32.49 -8.22
N GLU A 1337 8.65 -33.00 -7.37
CA GLU A 1337 8.25 -33.96 -6.36
C GLU A 1337 9.18 -33.86 -5.15
N LEU A 1338 8.74 -34.46 -4.07
CA LEU A 1338 9.46 -34.48 -2.81
C LEU A 1338 10.08 -35.86 -2.61
N GLU A 1339 11.36 -35.91 -2.29
CA GLU A 1339 12.06 -37.15 -2.02
C GLU A 1339 12.35 -37.32 -0.54
N ASP A 1340 12.23 -38.55 -0.06
CA ASP A 1340 12.49 -38.87 1.34
C ASP A 1340 13.92 -39.34 1.54
N GLU B 16 9.97 -35.74 6.91
CA GLU B 16 9.16 -36.45 5.94
C GLU B 16 9.87 -36.56 4.60
N PHE B 17 10.33 -35.43 4.08
CA PHE B 17 11.06 -35.38 2.82
C PHE B 17 12.35 -34.62 3.02
N ASP B 18 13.37 -35.00 2.26
CA ASP B 18 14.70 -34.43 2.41
C ASP B 18 15.16 -33.56 1.25
N ALA B 19 14.47 -33.60 0.12
CA ALA B 19 14.86 -32.83 -1.04
C ALA B 19 13.67 -32.65 -1.96
N ILE B 20 13.81 -31.73 -2.90
CA ILE B 20 12.82 -31.50 -3.95
C ILE B 20 13.50 -31.76 -5.29
N LYS B 21 12.89 -32.63 -6.10
CA LYS B 21 13.45 -33.04 -7.37
C LYS B 21 12.58 -32.49 -8.50
N ILE B 22 13.23 -31.90 -9.49
CA ILE B 22 12.55 -31.32 -10.64
C ILE B 22 13.06 -31.99 -11.91
N GLY B 23 12.21 -32.05 -12.92
CA GLY B 23 12.59 -32.63 -14.19
C GLY B 23 11.42 -32.62 -15.15
N LEU B 24 11.68 -33.15 -16.35
CA LEU B 24 10.64 -33.25 -17.35
C LEU B 24 9.60 -34.29 -16.94
N ALA B 25 8.41 -34.15 -17.51
CA ALA B 25 7.30 -35.06 -17.24
C ALA B 25 7.01 -35.88 -18.49
N SER B 26 7.01 -37.20 -18.34
CA SER B 26 6.67 -38.11 -19.41
C SER B 26 5.16 -38.24 -19.53
N PRO B 27 4.67 -38.67 -20.70
CA PRO B 27 3.23 -38.93 -20.83
C PRO B 27 2.71 -39.93 -19.82
N ASP B 28 3.50 -40.96 -19.52
CA ASP B 28 3.09 -41.94 -18.52
C ASP B 28 3.00 -41.32 -17.14
N MET B 29 3.92 -40.42 -16.80
CA MET B 29 3.87 -39.74 -15.51
C MET B 29 2.63 -38.85 -15.41
N ILE B 30 2.31 -38.13 -16.49
CA ILE B 30 1.13 -37.27 -16.48
C ILE B 30 -0.14 -38.12 -16.38
N ARG B 31 -0.15 -39.29 -17.02
CA ARG B 31 -1.29 -40.19 -16.89
C ARG B 31 -1.38 -40.76 -15.48
N SER B 32 -0.23 -41.01 -14.84
CA SER B 32 -0.23 -41.52 -13.47
C SER B 32 -0.77 -40.48 -12.50
N TRP B 33 -0.45 -39.21 -12.71
CA TRP B 33 -1.01 -38.16 -11.86
C TRP B 33 -2.52 -38.09 -11.99
N SER B 34 -3.06 -38.47 -13.14
CA SER B 34 -4.45 -38.19 -13.47
C SER B 34 -5.40 -39.20 -12.86
N PHE B 35 -6.57 -38.73 -12.45
CA PHE B 35 -7.66 -39.58 -11.98
C PHE B 35 -8.74 -39.77 -13.03
N GLY B 36 -8.54 -39.25 -14.24
CA GLY B 36 -9.52 -39.38 -15.30
C GLY B 36 -9.15 -38.49 -16.45
N GLU B 37 -9.93 -38.59 -17.52
CA GLU B 37 -9.71 -37.82 -18.73
C GLU B 37 -10.84 -36.83 -18.92
N VAL B 38 -10.48 -35.57 -19.13
CA VAL B 38 -11.45 -34.51 -19.38
C VAL B 38 -11.79 -34.52 -20.87
N LYS B 39 -13.05 -34.83 -21.19
CA LYS B 39 -13.47 -34.99 -22.56
C LYS B 39 -14.38 -33.88 -23.08
N LYS B 40 -15.03 -33.15 -22.20
CA LYS B 40 -15.94 -32.09 -22.61
C LYS B 40 -15.57 -30.78 -21.95
N PRO B 41 -15.81 -29.65 -22.61
CA PRO B 41 -15.58 -28.34 -22.00
C PRO B 41 -16.67 -27.89 -21.03
N GLU B 42 -17.58 -28.78 -20.65
CA GLU B 42 -18.65 -28.42 -19.75
C GLU B 42 -18.12 -28.24 -18.33
N THR B 43 -18.74 -27.32 -17.59
CA THR B 43 -18.34 -27.04 -16.22
C THR B 43 -19.42 -27.41 -15.22
N ILE B 44 -20.60 -26.78 -15.30
CA ILE B 44 -21.70 -27.04 -14.39
C ILE B 44 -22.99 -26.84 -15.16
N ASN B 45 -24.05 -27.53 -14.70
CA ASN B 45 -25.36 -27.33 -15.30
C ASN B 45 -25.89 -25.95 -14.98
N TYR B 46 -26.66 -25.39 -15.92
CA TYR B 46 -27.12 -24.03 -15.77
C TYR B 46 -28.37 -23.91 -14.89
N ARG B 47 -29.01 -25.02 -14.56
CA ARG B 47 -30.14 -25.02 -13.63
C ARG B 47 -29.78 -25.62 -12.29
N THR B 48 -29.29 -26.86 -12.28
CA THR B 48 -28.99 -27.55 -11.03
C THR B 48 -27.63 -27.18 -10.46
N PHE B 49 -26.77 -26.54 -11.24
CA PHE B 49 -25.45 -26.10 -10.81
C PHE B 49 -24.59 -27.27 -10.31
N LYS B 50 -24.81 -28.43 -10.86
CA LYS B 50 -24.04 -29.63 -10.56
C LYS B 50 -23.00 -29.88 -11.63
N PRO B 51 -21.87 -30.48 -11.26
CA PRO B 51 -20.82 -30.76 -12.25
C PRO B 51 -21.32 -31.69 -13.35
N GLU B 52 -20.87 -31.42 -14.56
CA GLU B 52 -21.22 -32.24 -15.71
C GLU B 52 -20.21 -33.35 -15.88
N ARG B 53 -20.68 -34.50 -16.36
CA ARG B 53 -19.83 -35.68 -16.50
C ARG B 53 -18.77 -35.45 -17.57
N ASP B 54 -17.56 -35.90 -17.27
CA ASP B 54 -16.40 -35.78 -18.15
C ASP B 54 -16.06 -34.34 -18.50
N GLY B 55 -16.44 -33.39 -17.64
CA GLY B 55 -16.15 -31.99 -17.85
C GLY B 55 -14.96 -31.52 -17.03
N LEU B 56 -14.78 -30.21 -17.02
CA LEU B 56 -13.68 -29.60 -16.28
C LEU B 56 -13.88 -29.67 -14.77
N PHE B 57 -15.09 -30.01 -14.31
CA PHE B 57 -15.38 -30.08 -12.87
C PHE B 57 -15.98 -31.41 -12.49
N CYS B 58 -15.72 -32.46 -13.25
CA CYS B 58 -16.37 -33.75 -13.04
C CYS B 58 -16.09 -34.29 -11.65
N ALA B 59 -17.15 -34.73 -10.97
CA ALA B 59 -17.00 -35.36 -9.66
C ALA B 59 -16.48 -36.79 -9.79
N ARG B 60 -16.72 -37.44 -10.93
CA ARG B 60 -16.16 -38.76 -11.16
C ARG B 60 -14.65 -38.71 -11.31
N ILE B 61 -14.10 -37.60 -11.79
CA ILE B 61 -12.66 -37.46 -11.94
C ILE B 61 -12.02 -36.84 -10.70
N PHE B 62 -12.59 -35.75 -10.21
CA PHE B 62 -11.92 -34.93 -9.21
C PHE B 62 -12.44 -35.13 -7.80
N GLY B 63 -13.62 -35.72 -7.63
CA GLY B 63 -14.13 -36.01 -6.31
C GLY B 63 -15.47 -35.38 -6.02
N PRO B 64 -16.09 -35.78 -4.91
CA PRO B 64 -17.44 -35.30 -4.61
C PRO B 64 -17.47 -33.82 -4.27
N VAL B 65 -18.65 -33.21 -4.48
CA VAL B 65 -18.84 -31.81 -4.16
C VAL B 65 -19.28 -31.60 -2.72
N LYS B 66 -19.84 -32.63 -2.08
CA LYS B 66 -20.16 -32.61 -0.67
C LYS B 66 -19.42 -33.75 0.02
N ASP B 67 -19.09 -33.55 1.29
CA ASP B 67 -18.34 -34.57 2.02
C ASP B 67 -19.18 -35.84 2.17
N TYR B 68 -18.60 -36.96 1.74
CA TYR B 68 -19.21 -38.28 1.91
C TYR B 68 -20.60 -38.35 1.28
N GLU B 69 -20.68 -37.89 0.04
CA GLU B 69 -21.90 -37.94 -0.75
C GLU B 69 -21.54 -38.23 -2.20
N CYS B 70 -22.54 -38.65 -2.97
CA CYS B 70 -22.41 -38.79 -4.41
C CYS B 70 -23.43 -37.91 -5.10
N LEU B 71 -23.18 -37.62 -6.38
CA LEU B 71 -24.13 -36.81 -7.14
C LEU B 71 -25.51 -37.47 -7.20
N CYS B 72 -25.55 -38.79 -7.10
CA CYS B 72 -26.83 -39.49 -7.06
C CYS B 72 -27.62 -39.12 -5.81
N GLY B 73 -26.93 -39.02 -4.68
CA GLY B 73 -27.59 -38.96 -3.39
C GLY B 73 -27.89 -40.31 -2.78
N LYS B 74 -27.37 -41.40 -3.36
CA LYS B 74 -27.66 -42.73 -2.84
C LYS B 74 -26.76 -43.08 -1.67
N TYR B 75 -25.44 -42.93 -1.84
CA TYR B 75 -24.48 -43.13 -0.76
C TYR B 75 -24.18 -41.77 -0.15
N LYS B 76 -24.68 -41.53 1.07
CA LYS B 76 -24.67 -40.19 1.62
C LYS B 76 -24.32 -40.24 3.12
N ARG B 77 -23.32 -41.04 3.49
CA ARG B 77 -22.81 -41.05 4.85
C ARG B 77 -21.43 -41.68 4.87
N LEU B 78 -20.80 -41.62 6.05
CA LEU B 78 -19.48 -42.21 6.27
C LEU B 78 -19.53 -43.73 6.29
N LYS B 79 -20.71 -44.33 6.43
CA LYS B 79 -20.83 -45.78 6.38
C LYS B 79 -20.36 -46.34 5.05
N HIS B 80 -20.41 -45.54 3.98
CA HIS B 80 -20.05 -45.98 2.63
C HIS B 80 -18.76 -45.35 2.15
N ARG B 81 -17.83 -45.06 3.05
CA ARG B 81 -16.58 -44.42 2.66
C ARG B 81 -15.78 -45.32 1.75
N GLY B 82 -15.25 -44.75 0.67
CA GLY B 82 -14.44 -45.50 -0.26
C GLY B 82 -15.21 -46.32 -1.27
N VAL B 83 -16.54 -46.20 -1.31
CA VAL B 83 -17.38 -46.98 -2.22
C VAL B 83 -17.75 -46.10 -3.40
N ILE B 84 -17.56 -46.63 -4.61
CA ILE B 84 -17.86 -45.90 -5.83
C ILE B 84 -19.27 -46.24 -6.28
N CYS B 85 -20.12 -45.23 -6.37
CA CYS B 85 -21.51 -45.45 -6.76
C CYS B 85 -21.59 -45.94 -8.20
N GLU B 86 -22.39 -46.99 -8.43
CA GLU B 86 -22.49 -47.55 -9.78
C GLU B 86 -23.30 -46.68 -10.70
N LYS B 87 -24.24 -45.89 -10.16
CA LYS B 87 -25.06 -45.03 -11.01
C LYS B 87 -24.28 -43.83 -11.51
N CYS B 88 -23.45 -43.23 -10.66
CA CYS B 88 -22.71 -42.02 -10.99
C CYS B 88 -21.22 -42.26 -11.20
N GLY B 89 -20.58 -42.99 -10.28
CA GLY B 89 -19.15 -43.17 -10.31
C GLY B 89 -18.37 -42.29 -9.37
N VAL B 90 -19.07 -41.49 -8.55
CA VAL B 90 -18.40 -40.57 -7.64
C VAL B 90 -18.01 -41.32 -6.37
N GLU B 91 -16.73 -41.23 -6.02
CA GLU B 91 -16.24 -41.87 -4.80
C GLU B 91 -16.75 -41.13 -3.57
N VAL B 92 -17.12 -41.89 -2.54
CA VAL B 92 -17.61 -41.33 -1.29
C VAL B 92 -16.38 -41.03 -0.43
N THR B 93 -15.98 -39.77 -0.39
CA THR B 93 -14.82 -39.33 0.37
C THR B 93 -15.01 -37.85 0.70
N GLN B 94 -13.93 -37.20 1.12
CA GLN B 94 -13.99 -35.79 1.46
C GLN B 94 -13.93 -34.93 0.20
N THR B 95 -14.21 -33.64 0.39
CA THR B 95 -14.21 -32.69 -0.71
C THR B 95 -12.85 -32.04 -0.94
N LYS B 96 -11.97 -32.06 0.05
CA LYS B 96 -10.64 -31.48 -0.13
C LYS B 96 -9.82 -32.23 -1.17
N VAL B 97 -10.23 -33.44 -1.53
CA VAL B 97 -9.54 -34.18 -2.58
C VAL B 97 -9.64 -33.47 -3.92
N ARG B 98 -10.60 -32.56 -4.07
CA ARG B 98 -10.70 -31.76 -5.28
C ARG B 98 -9.63 -30.69 -5.37
N ARG B 99 -8.83 -30.51 -4.32
CA ARG B 99 -7.66 -29.66 -4.36
C ARG B 99 -6.39 -30.43 -4.73
N ASP B 100 -6.47 -31.75 -4.89
CA ASP B 100 -5.28 -32.57 -5.08
C ASP B 100 -5.38 -33.44 -6.32
N ARG B 101 -6.59 -33.87 -6.67
CA ARG B 101 -6.79 -34.75 -7.81
C ARG B 101 -6.64 -33.98 -9.11
N MET B 102 -5.81 -34.49 -10.01
CA MET B 102 -5.57 -33.88 -11.31
C MET B 102 -6.24 -34.71 -12.40
N GLY B 103 -6.30 -34.13 -13.60
CA GLY B 103 -6.84 -34.84 -14.73
C GLY B 103 -5.91 -34.79 -15.92
N HIS B 104 -6.34 -35.28 -17.07
CA HIS B 104 -5.50 -35.19 -18.26
C HIS B 104 -6.35 -35.11 -19.51
N ILE B 105 -5.74 -34.53 -20.55
CA ILE B 105 -6.33 -34.43 -21.88
C ILE B 105 -5.40 -35.16 -22.84
N GLU B 106 -5.95 -36.08 -23.62
CA GLU B 106 -5.18 -36.78 -24.65
C GLU B 106 -5.23 -35.94 -25.92
N LEU B 107 -4.12 -35.26 -26.20
CA LEU B 107 -4.06 -34.36 -27.35
C LEU B 107 -4.11 -35.17 -28.65
N ALA B 108 -4.88 -34.65 -29.62
CA ALA B 108 -5.00 -35.31 -30.91
C ALA B 108 -3.71 -35.22 -31.72
N SER B 109 -2.98 -34.13 -31.57
CA SER B 109 -1.67 -33.98 -32.21
C SER B 109 -0.67 -33.48 -31.17
N PRO B 110 0.60 -33.86 -31.32
CA PRO B 110 1.63 -33.36 -30.40
C PRO B 110 1.75 -31.85 -30.47
N VAL B 111 2.06 -31.24 -29.33
CA VAL B 111 2.21 -29.81 -29.18
C VAL B 111 3.56 -29.53 -28.53
N ALA B 112 4.30 -28.56 -29.08
CA ALA B 112 5.55 -28.17 -28.48
C ALA B 112 5.32 -27.37 -27.20
N HIS B 113 6.18 -27.61 -26.21
CA HIS B 113 6.11 -26.86 -24.97
C HIS B 113 6.77 -25.50 -25.15
N ILE B 114 6.05 -24.44 -24.78
CA ILE B 114 6.50 -23.08 -25.07
C ILE B 114 7.76 -22.73 -24.30
N TRP B 115 7.91 -23.24 -23.08
CA TRP B 115 9.10 -22.93 -22.29
C TRP B 115 10.36 -23.52 -22.92
N PHE B 116 10.27 -24.75 -23.41
CA PHE B 116 11.41 -25.41 -24.02
C PHE B 116 11.56 -25.05 -25.49
N LEU B 117 10.82 -24.06 -25.97
CA LEU B 117 10.89 -23.61 -27.35
C LEU B 117 11.29 -22.15 -27.47
N LYS B 118 10.71 -21.26 -26.66
CA LYS B 118 10.93 -19.83 -26.83
C LYS B 118 11.65 -19.15 -25.68
N SER B 119 11.80 -19.83 -24.54
CA SER B 119 12.61 -19.26 -23.45
C SER B 119 14.06 -19.33 -23.87
N LEU B 120 14.60 -18.20 -24.33
CA LEU B 120 15.93 -18.18 -24.92
C LEU B 120 16.99 -18.48 -23.87
N PRO B 121 17.99 -19.31 -24.20
CA PRO B 121 18.18 -20.02 -25.47
C PRO B 121 17.26 -21.24 -25.60
N SER B 122 16.85 -21.58 -26.81
CA SER B 122 15.90 -22.65 -27.02
C SER B 122 16.56 -24.01 -26.78
N ARG B 123 15.98 -24.81 -25.89
CA ARG B 123 16.55 -26.12 -25.59
C ARG B 123 16.37 -27.07 -26.76
N ILE B 124 15.22 -27.01 -27.44
CA ILE B 124 15.01 -27.87 -28.59
C ILE B 124 16.00 -27.51 -29.70
N GLY B 125 16.19 -26.21 -29.96
CA GLY B 125 17.14 -25.80 -30.95
C GLY B 125 18.57 -26.14 -30.59
N LEU B 126 18.94 -25.97 -29.31
CA LEU B 126 20.29 -26.31 -28.87
C LEU B 126 20.54 -27.80 -28.99
N LEU B 127 19.58 -28.62 -28.59
CA LEU B 127 19.74 -30.07 -28.67
C LEU B 127 19.81 -30.54 -30.12
N MET B 128 18.94 -30.01 -30.97
CA MET B 128 18.87 -30.41 -32.37
C MET B 128 19.80 -29.62 -33.27
N ASP B 129 20.50 -28.62 -32.73
CA ASP B 129 21.48 -27.83 -33.49
C ASP B 129 20.85 -27.20 -34.73
N MET B 130 19.61 -26.72 -34.58
CA MET B 130 18.91 -26.03 -35.64
C MET B 130 18.37 -24.71 -35.12
N PRO B 131 18.46 -23.64 -35.90
CA PRO B 131 17.99 -22.33 -35.42
C PRO B 131 16.51 -22.34 -35.08
N LEU B 132 16.14 -21.47 -34.14
CA LEU B 132 14.76 -21.40 -33.69
C LEU B 132 13.81 -21.04 -34.82
N ARG B 133 14.25 -20.17 -35.74
CA ARG B 133 13.39 -19.78 -36.85
C ARG B 133 13.01 -20.98 -37.70
N ASP B 134 13.97 -21.87 -37.98
CA ASP B 134 13.68 -23.08 -38.73
C ASP B 134 12.70 -23.97 -37.99
N ILE B 135 12.86 -24.08 -36.67
CA ILE B 135 11.96 -24.91 -35.88
C ILE B 135 10.54 -24.36 -35.95
N GLU B 136 10.38 -23.04 -35.83
CA GLU B 136 9.05 -22.46 -35.93
C GLU B 136 8.48 -22.62 -37.33
N ARG B 137 9.31 -22.53 -38.37
CA ARG B 137 8.82 -22.75 -39.73
C ARG B 137 8.27 -24.17 -39.88
N VAL B 138 8.96 -25.16 -39.32
CA VAL B 138 8.43 -26.52 -39.35
C VAL B 138 7.16 -26.61 -38.52
N LEU B 139 7.14 -25.98 -37.34
CA LEU B 139 5.97 -26.04 -36.47
C LEU B 139 4.77 -25.34 -37.10
N TYR B 140 4.98 -24.16 -37.66
CA TYR B 140 3.89 -23.38 -38.24
C TYR B 140 3.44 -23.92 -39.58
N PHE B 141 3.90 -25.12 -39.95
CA PHE B 141 3.48 -25.79 -41.18
C PHE B 141 3.84 -24.98 -42.42
N GLU B 142 5.03 -24.39 -42.41
CA GLU B 142 5.54 -23.68 -43.58
C GLU B 142 6.63 -24.43 -44.32
N MET B 143 7.31 -25.37 -43.68
CA MET B 143 8.45 -26.05 -44.28
C MET B 143 8.51 -27.49 -43.78
N TYR B 144 8.90 -28.39 -44.66
CA TYR B 144 9.06 -29.79 -44.30
C TYR B 144 10.43 -30.01 -43.66
N VAL B 145 10.60 -31.18 -43.05
CA VAL B 145 11.90 -31.57 -42.52
C VAL B 145 12.02 -33.09 -42.63
N VAL B 146 13.23 -33.54 -42.93
CA VAL B 146 13.50 -34.96 -43.14
C VAL B 146 13.71 -35.64 -41.80
N THR B 147 12.94 -36.70 -41.54
CA THR B 147 13.07 -37.48 -40.32
C THR B 147 13.94 -38.72 -40.51
N GLU B 148 13.62 -39.56 -41.50
CA GLU B 148 14.42 -40.73 -41.84
C GLU B 148 14.97 -40.54 -43.24
N PRO B 149 16.23 -40.16 -43.40
CA PRO B 149 16.75 -39.92 -44.76
C PRO B 149 16.76 -41.14 -45.64
N GLY B 150 16.97 -42.33 -45.07
CA GLY B 150 16.98 -43.52 -45.88
C GLY B 150 18.19 -43.59 -46.80
N MET B 151 18.04 -44.37 -47.88
CA MET B 151 19.08 -44.51 -48.88
C MET B 151 18.97 -43.37 -49.90
N THR B 152 19.32 -42.18 -49.44
CA THR B 152 19.14 -40.97 -50.23
C THR B 152 20.20 -39.96 -49.81
N ASP B 153 20.50 -39.03 -50.71
CA ASP B 153 21.43 -37.95 -50.41
C ASP B 153 20.89 -36.99 -49.35
N LEU B 154 19.59 -37.07 -49.04
CA LEU B 154 19.01 -36.20 -48.04
C LEU B 154 19.62 -36.48 -46.67
N GLU B 155 19.69 -35.43 -45.85
CA GLU B 155 20.22 -35.54 -44.50
C GLU B 155 19.13 -35.17 -43.50
N ARG B 156 19.26 -35.71 -42.29
CA ARG B 156 18.33 -35.39 -41.21
C ARG B 156 18.35 -33.90 -40.92
N GLY B 157 17.17 -33.33 -40.68
CA GLY B 157 17.07 -31.95 -40.27
C GLY B 157 17.15 -30.94 -41.39
N GLN B 158 17.28 -31.39 -42.64
CA GLN B 158 17.35 -30.45 -43.76
C GLN B 158 15.94 -30.08 -44.22
N MET B 159 15.75 -28.80 -44.48
CA MET B 159 14.41 -28.27 -44.73
C MET B 159 14.02 -28.42 -46.20
N LEU B 160 12.77 -28.80 -46.42
CA LEU B 160 12.20 -28.94 -47.75
C LEU B 160 10.96 -28.07 -47.84
N THR B 161 10.85 -27.29 -48.90
CA THR B 161 9.59 -26.62 -49.18
C THR B 161 8.60 -27.61 -49.80
N GLU B 162 7.33 -27.22 -49.82
CA GLU B 162 6.29 -28.09 -50.37
C GLU B 162 6.59 -28.46 -51.81
N GLU B 163 7.04 -27.49 -52.60
CA GLU B 163 7.48 -27.74 -53.97
C GLU B 163 8.59 -28.78 -54.00
N GLU B 164 9.65 -28.53 -53.22
CA GLU B 164 10.78 -29.46 -53.19
C GLU B 164 10.37 -30.81 -52.63
N TYR B 165 9.48 -30.82 -51.63
CA TYR B 165 9.04 -32.09 -51.07
C TYR B 165 8.28 -32.91 -52.10
N LEU B 166 7.40 -32.27 -52.86
CA LEU B 166 6.70 -32.98 -53.93
C LEU B 166 7.68 -33.50 -54.98
N ASP B 167 8.64 -32.65 -55.36
CA ASP B 167 9.64 -33.05 -56.35
C ASP B 167 10.36 -34.32 -55.89
N ARG B 168 10.89 -34.30 -54.68
CA ARG B 168 11.67 -35.44 -54.20
C ARG B 168 10.81 -36.62 -53.79
N LEU B 169 9.52 -36.40 -53.53
CA LEU B 169 8.61 -37.52 -53.33
C LEU B 169 8.38 -38.27 -54.63
N GLU B 170 8.22 -37.53 -55.74
CA GLU B 170 8.19 -38.19 -57.04
C GLU B 170 9.54 -38.84 -57.36
N GLU B 171 10.64 -38.18 -57.01
CA GLU B 171 11.97 -38.67 -57.37
C GLU B 171 12.29 -39.98 -56.66
N TRP B 172 12.10 -40.02 -55.34
CA TRP B 172 12.53 -41.18 -54.54
C TRP B 172 11.38 -42.04 -54.07
N GLY B 173 10.27 -41.47 -53.68
CA GLY B 173 9.10 -42.24 -53.27
C GLY B 173 9.07 -42.46 -51.75
N ASP B 174 9.00 -43.72 -51.33
CA ASP B 174 8.91 -44.07 -49.93
C ASP B 174 10.27 -44.31 -49.27
N GLU B 175 11.36 -44.01 -49.97
CA GLU B 175 12.68 -44.21 -49.40
C GLU B 175 12.91 -43.31 -48.20
N PHE B 176 12.43 -42.07 -48.27
CA PHE B 176 12.61 -41.09 -47.20
C PHE B 176 11.26 -40.77 -46.55
N THR B 177 11.34 -40.26 -45.33
CA THR B 177 10.20 -39.74 -44.61
C THR B 177 10.43 -38.27 -44.31
N ALA B 178 9.50 -37.43 -44.72
CA ALA B 178 9.55 -36.01 -44.42
C ALA B 178 8.24 -35.60 -43.77
N LYS B 179 8.32 -34.88 -42.67
CA LYS B 179 7.14 -34.50 -41.91
C LYS B 179 7.15 -32.99 -41.67
N MET B 180 6.09 -32.51 -41.05
CA MET B 180 5.90 -31.08 -40.85
C MET B 180 5.04 -30.87 -39.61
N GLY B 181 5.55 -30.11 -38.65
CA GLY B 181 4.80 -29.84 -37.44
C GLY B 181 5.51 -30.29 -36.18
N ALA B 182 4.76 -30.45 -35.08
CA ALA B 182 5.37 -30.91 -33.84
C ALA B 182 5.69 -32.39 -33.89
N GLU B 183 4.96 -33.16 -34.71
CA GLU B 183 5.28 -34.58 -34.89
C GLU B 183 6.66 -34.74 -35.50
N ALA B 184 7.02 -33.86 -36.44
CA ALA B 184 8.35 -33.91 -37.03
C ALA B 184 9.43 -33.65 -35.99
N ILE B 185 9.22 -32.65 -35.13
CA ILE B 185 10.21 -32.35 -34.10
C ILE B 185 10.30 -33.49 -33.10
N LYS B 186 9.17 -34.11 -32.76
CA LYS B 186 9.20 -35.25 -31.85
C LYS B 186 9.96 -36.42 -32.46
N ASP B 187 9.75 -36.67 -33.75
CA ASP B 187 10.48 -37.75 -34.42
C ASP B 187 11.98 -37.45 -34.49
N LEU B 188 12.34 -36.20 -34.75
CA LEU B 188 13.75 -35.83 -34.77
C LEU B 188 14.39 -35.98 -33.40
N LEU B 189 13.67 -35.59 -32.34
CA LEU B 189 14.22 -35.70 -30.99
C LEU B 189 14.28 -37.15 -30.52
N ALA B 190 13.35 -38.00 -30.98
CA ALA B 190 13.33 -39.39 -30.53
C ALA B 190 14.42 -40.21 -31.19
N SER B 191 14.84 -39.84 -32.39
CA SER B 191 15.84 -40.59 -33.14
C SER B 191 17.27 -40.19 -32.80
N MET B 192 17.46 -39.23 -31.90
CA MET B 192 18.81 -38.82 -31.54
C MET B 192 19.48 -39.85 -30.67
N ASP B 193 20.76 -40.11 -30.94
CA ASP B 193 21.59 -40.99 -30.13
C ASP B 193 22.46 -40.11 -29.25
N LEU B 194 22.05 -39.93 -27.99
CA LEU B 194 22.72 -38.96 -27.13
C LEU B 194 24.18 -39.31 -26.82
N PRO B 195 24.55 -40.54 -26.45
CA PRO B 195 25.98 -40.82 -26.24
C PRO B 195 26.82 -40.59 -27.48
N ALA B 196 26.29 -40.93 -28.65
CA ALA B 196 27.02 -40.69 -29.90
C ALA B 196 27.26 -39.20 -30.12
N GLU B 197 26.23 -38.37 -29.87
CA GLU B 197 26.42 -36.94 -30.01
C GLU B 197 27.45 -36.43 -29.00
N ALA B 198 27.40 -36.91 -27.77
CA ALA B 198 28.36 -36.47 -26.76
C ALA B 198 29.78 -36.81 -27.18
N GLU B 199 29.99 -38.01 -27.70
CA GLU B 199 31.31 -38.38 -28.20
C GLU B 199 31.73 -37.49 -29.35
N GLN B 200 30.80 -37.17 -30.25
CA GLN B 200 31.13 -36.34 -31.40
C GLN B 200 31.53 -34.93 -30.96
N MET B 201 30.77 -34.33 -30.04
CA MET B 201 31.16 -32.99 -29.57
C MET B 201 32.48 -33.03 -28.82
N ARG B 202 32.74 -34.07 -28.03
CA ARG B 202 34.03 -34.15 -27.36
C ARG B 202 35.17 -34.22 -28.35
N GLU B 203 35.02 -35.07 -29.38
CA GLU B 203 36.06 -35.19 -30.39
C GLU B 203 36.27 -33.87 -31.13
N GLU B 204 35.18 -33.17 -31.46
CA GLU B 204 35.31 -31.91 -32.18
C GLU B 204 35.88 -30.81 -31.30
N LEU B 205 35.62 -30.87 -29.99
CA LEU B 205 36.22 -29.93 -29.06
C LEU B 205 37.70 -30.18 -28.90
N ASP B 206 38.14 -31.44 -29.04
CA ASP B 206 39.57 -31.73 -28.96
C ASP B 206 40.34 -31.02 -30.06
N THR B 207 39.78 -30.96 -31.26
CA THR B 207 40.47 -30.43 -32.43
C THR B 207 39.88 -29.10 -32.90
N THR B 208 39.53 -28.23 -31.96
CA THR B 208 39.00 -26.92 -32.29
C THR B 208 39.88 -25.83 -31.71
N ASN B 209 39.90 -24.69 -32.38
CA ASN B 209 40.69 -23.53 -31.96
C ASN B 209 39.85 -22.29 -31.74
N SER B 210 38.83 -22.05 -32.55
CA SER B 210 37.99 -20.88 -32.39
C SER B 210 37.26 -20.93 -31.06
N GLU B 211 37.25 -19.80 -30.36
CA GLU B 211 36.58 -19.74 -29.06
C GLU B 211 35.07 -19.67 -29.18
N THR B 212 34.54 -19.10 -30.26
CA THR B 212 33.10 -19.04 -30.45
C THR B 212 32.50 -20.43 -30.64
N LYS B 213 33.08 -21.21 -31.57
CA LYS B 213 32.64 -22.57 -31.76
C LYS B 213 32.88 -23.40 -30.51
N ARG B 214 33.96 -23.11 -29.78
CA ARG B 214 34.20 -23.80 -28.51
C ARG B 214 33.07 -23.54 -27.52
N LYS B 215 32.63 -22.28 -27.41
CA LYS B 215 31.52 -21.96 -26.54
C LYS B 215 30.25 -22.69 -26.97
N LYS B 216 29.97 -22.70 -28.27
CA LYS B 216 28.76 -23.36 -28.76
C LYS B 216 28.77 -24.84 -28.42
N LEU B 217 29.88 -25.53 -28.74
CA LEU B 217 29.93 -26.96 -28.48
C LEU B 217 29.95 -27.26 -26.98
N THR B 218 30.55 -26.41 -26.16
CA THR B 218 30.55 -26.69 -24.74
C THR B 218 29.15 -26.52 -24.15
N LYS B 219 28.39 -25.53 -24.63
CA LYS B 219 27.01 -25.38 -24.18
C LYS B 219 26.16 -26.57 -24.59
N ARG B 220 26.27 -26.97 -25.87
CA ARG B 220 25.46 -28.09 -26.34
C ARG B 220 25.87 -29.40 -25.66
N LEU B 221 27.17 -29.60 -25.43
CA LEU B 221 27.63 -30.80 -24.74
C LEU B 221 27.14 -30.84 -23.31
N LYS B 222 27.10 -29.69 -22.64
CA LYS B 222 26.53 -29.64 -21.30
C LYS B 222 25.08 -30.07 -21.32
N LEU B 223 24.30 -29.55 -22.29
CA LEU B 223 22.90 -29.93 -22.38
C LEU B 223 22.75 -31.42 -22.65
N VAL B 224 23.55 -31.97 -23.57
CA VAL B 224 23.41 -33.38 -23.95
C VAL B 224 23.76 -34.29 -22.79
N GLU B 225 24.87 -34.01 -22.09
CA GLU B 225 25.24 -34.89 -20.99
C GLU B 225 24.32 -34.71 -19.79
N ALA B 226 23.75 -33.51 -19.62
CA ALA B 226 22.71 -33.36 -18.60
C ALA B 226 21.50 -34.23 -18.93
N PHE B 227 21.10 -34.27 -20.21
CA PHE B 227 19.99 -35.14 -20.60
C PHE B 227 20.33 -36.61 -20.36
N VAL B 228 21.56 -37.02 -20.67
CA VAL B 228 21.94 -38.41 -20.47
C VAL B 228 21.93 -38.77 -18.99
N ALA B 229 22.47 -37.88 -18.14
CA ALA B 229 22.56 -38.18 -16.72
C ALA B 229 21.20 -38.17 -16.04
N SER B 230 20.34 -37.23 -16.42
CA SER B 230 19.08 -37.03 -15.71
C SER B 230 18.08 -38.15 -15.95
N GLY B 231 18.24 -38.93 -17.01
CA GLY B 231 17.26 -39.93 -17.37
C GLY B 231 16.10 -39.38 -18.16
N ASN B 232 16.03 -38.08 -18.36
CA ASN B 232 14.99 -37.48 -19.17
C ASN B 232 15.16 -37.87 -20.63
N LYS B 233 14.07 -37.90 -21.36
CA LYS B 233 14.16 -38.09 -22.79
C LYS B 233 13.79 -36.81 -23.52
N PRO B 234 14.52 -36.47 -24.58
CA PRO B 234 14.27 -35.18 -25.26
C PRO B 234 12.87 -35.04 -25.80
N GLU B 235 12.26 -36.12 -26.30
CA GLU B 235 10.93 -36.03 -26.89
C GLU B 235 9.86 -35.69 -25.86
N TRP B 236 10.17 -35.75 -24.58
CA TRP B 236 9.24 -35.27 -23.56
C TRP B 236 9.08 -33.76 -23.58
N MET B 237 9.94 -33.04 -24.31
CA MET B 237 9.74 -31.61 -24.50
C MET B 237 8.59 -31.30 -25.45
N ILE B 238 8.04 -32.32 -26.11
CA ILE B 238 6.86 -32.19 -26.95
C ILE B 238 5.71 -32.92 -26.27
N LEU B 239 4.62 -32.21 -26.01
CA LEU B 239 3.54 -32.74 -25.19
C LEU B 239 2.58 -33.60 -26.02
N THR B 240 2.22 -34.76 -25.48
CA THR B 240 1.15 -35.59 -26.03
C THR B 240 -0.04 -35.71 -25.10
N VAL B 241 0.19 -35.70 -23.79
CA VAL B 241 -0.85 -35.69 -22.79
C VAL B 241 -0.70 -34.42 -21.97
N LEU B 242 -1.79 -33.68 -21.82
CA LEU B 242 -1.76 -32.39 -21.13
C LEU B 242 -2.39 -32.53 -19.75
N PRO B 243 -1.65 -32.25 -18.67
CA PRO B 243 -2.25 -32.32 -17.33
C PRO B 243 -3.28 -31.24 -17.12
N VAL B 244 -4.21 -31.51 -16.21
CA VAL B 244 -5.30 -30.59 -15.89
C VAL B 244 -5.31 -30.36 -14.38
N LEU B 245 -5.29 -29.08 -14.00
CA LEU B 245 -5.23 -28.66 -12.62
C LEU B 245 -6.49 -29.08 -11.86
N PRO B 246 -6.38 -29.31 -10.55
CA PRO B 246 -7.56 -29.60 -9.73
C PRO B 246 -8.57 -28.46 -9.80
N PRO B 247 -9.86 -28.77 -9.79
CA PRO B 247 -10.87 -27.70 -9.95
C PRO B 247 -10.86 -26.69 -8.82
N ASP B 248 -10.59 -27.12 -7.59
CA ASP B 248 -10.64 -26.20 -6.46
C ASP B 248 -9.51 -25.20 -6.47
N LEU B 249 -8.50 -25.40 -7.30
CA LEU B 249 -7.47 -24.39 -7.53
C LEU B 249 -7.81 -23.45 -8.68
N ARG B 250 -8.87 -23.75 -9.44
CA ARG B 250 -9.41 -22.86 -10.47
C ARG B 250 -10.91 -22.78 -10.30
N PRO B 251 -11.37 -22.22 -9.19
CA PRO B 251 -12.76 -22.42 -8.79
C PRO B 251 -13.76 -21.62 -9.60
N LEU B 252 -14.97 -22.17 -9.68
CA LEU B 252 -16.15 -21.52 -10.26
C LEU B 252 -17.17 -21.41 -9.13
N VAL B 253 -17.17 -20.28 -8.44
CA VAL B 253 -17.92 -20.16 -7.20
C VAL B 253 -19.05 -19.14 -7.33
N PRO B 254 -20.20 -19.38 -6.69
CA PRO B 254 -21.30 -18.43 -6.79
C PRO B 254 -21.08 -17.19 -5.94
N LEU B 255 -21.44 -16.05 -6.51
CA LEU B 255 -21.41 -14.77 -5.82
C LEU B 255 -22.82 -14.43 -5.35
N ASP B 256 -22.94 -13.29 -4.69
CA ASP B 256 -24.26 -12.83 -4.26
C ASP B 256 -25.05 -12.32 -5.45
N GLY B 257 -26.27 -12.81 -5.59
CA GLY B 257 -27.14 -12.42 -6.68
C GLY B 257 -27.16 -13.34 -7.87
N GLY B 258 -26.61 -14.55 -7.74
CA GLY B 258 -26.56 -15.49 -8.83
C GLY B 258 -25.37 -15.36 -9.75
N ARG B 259 -24.52 -14.35 -9.55
CA ARG B 259 -23.32 -14.21 -10.35
C ARG B 259 -22.30 -15.28 -9.97
N PHE B 260 -21.43 -15.58 -10.91
CA PHE B 260 -20.36 -16.55 -10.71
C PHE B 260 -19.02 -15.91 -10.98
N ALA B 261 -18.04 -16.22 -10.14
CA ALA B 261 -16.67 -15.81 -10.34
C ALA B 261 -15.86 -17.02 -10.78
N THR B 262 -15.03 -16.85 -11.81
CA THR B 262 -14.27 -17.94 -12.38
C THR B 262 -12.82 -17.51 -12.58
N SER B 263 -11.96 -18.51 -12.71
CA SER B 263 -10.56 -18.29 -13.07
C SER B 263 -10.39 -18.36 -14.58
N ASP B 264 -9.40 -17.64 -15.08
CA ASP B 264 -9.13 -17.62 -16.52
C ASP B 264 -8.65 -18.97 -17.03
N LEU B 265 -8.09 -19.79 -16.15
CA LEU B 265 -7.63 -21.11 -16.54
C LEU B 265 -8.77 -21.94 -17.10
N ASN B 266 -10.00 -21.71 -16.64
CA ASN B 266 -11.15 -22.42 -17.20
C ASN B 266 -11.37 -22.04 -18.65
N ASP B 267 -11.25 -20.75 -18.98
CA ASP B 267 -11.36 -20.32 -20.37
C ASP B 267 -10.27 -20.94 -21.23
N LEU B 268 -9.03 -20.93 -20.73
CA LEU B 268 -7.92 -21.50 -21.51
C LEU B 268 -8.11 -23.00 -21.72
N TYR B 269 -8.49 -23.72 -20.67
CA TYR B 269 -8.72 -25.16 -20.79
C TYR B 269 -9.87 -25.46 -21.74
N ARG B 270 -10.94 -24.68 -21.67
CA ARG B 270 -12.06 -24.89 -22.57
C ARG B 270 -11.65 -24.67 -24.02
N ARG B 271 -10.83 -23.66 -24.27
CA ARG B 271 -10.32 -23.44 -25.63
C ARG B 271 -9.52 -24.65 -26.10
N VAL B 272 -8.64 -25.16 -25.24
CA VAL B 272 -7.82 -26.31 -25.62
C VAL B 272 -8.70 -27.52 -25.93
N ILE B 273 -9.68 -27.79 -25.07
CA ILE B 273 -10.53 -28.97 -25.26
C ILE B 273 -11.36 -28.84 -26.52
N ASN B 274 -11.91 -27.65 -26.78
CA ASN B 274 -12.72 -27.44 -27.97
C ASN B 274 -11.89 -27.64 -29.23
N ARG B 275 -10.68 -27.08 -29.27
CA ARG B 275 -9.86 -27.23 -30.46
C ARG B 275 -9.40 -28.66 -30.65
N ASN B 276 -9.13 -29.38 -29.55
CA ASN B 276 -8.77 -30.78 -29.65
C ASN B 276 -9.92 -31.62 -30.20
N ASN B 277 -11.14 -31.38 -29.71
CA ASN B 277 -12.29 -32.13 -30.20
C ASN B 277 -12.56 -31.82 -31.66
N ARG B 278 -12.41 -30.56 -32.07
CA ARG B 278 -12.59 -30.22 -33.47
C ARG B 278 -11.52 -30.87 -34.35
N LEU B 279 -10.29 -30.97 -33.84
CA LEU B 279 -9.25 -31.68 -34.60
C LEU B 279 -9.62 -33.14 -34.78
N LYS B 280 -10.10 -33.79 -33.72
CA LYS B 280 -10.50 -35.19 -33.84
C LYS B 280 -11.65 -35.35 -34.83
N ARG B 281 -12.61 -34.43 -34.81
CA ARG B 281 -13.75 -34.54 -35.72
C ARG B 281 -13.33 -34.29 -37.16
N LEU B 282 -12.40 -33.35 -37.38
CA LEU B 282 -11.90 -33.11 -38.73
C LEU B 282 -11.14 -34.33 -39.25
N LEU B 283 -10.34 -34.96 -38.39
CA LEU B 283 -9.63 -36.17 -38.82
C LEU B 283 -10.60 -37.31 -39.10
N GLU B 284 -11.70 -37.38 -38.35
CA GLU B 284 -12.71 -38.39 -38.63
C GLU B 284 -13.45 -38.13 -39.93
N LEU B 285 -13.64 -36.85 -40.29
CA LEU B 285 -14.32 -36.51 -41.52
C LEU B 285 -13.42 -36.56 -42.76
N ALA B 286 -12.12 -36.78 -42.57
CA ALA B 286 -11.15 -36.77 -43.67
C ALA B 286 -11.18 -35.43 -44.41
N ALA B 287 -10.91 -34.37 -43.66
CA ALA B 287 -10.99 -33.02 -44.20
C ALA B 287 -9.80 -32.72 -45.09
N PRO B 288 -9.90 -31.68 -45.92
CA PRO B 288 -8.71 -31.22 -46.66
C PRO B 288 -7.57 -30.84 -45.73
N ASP B 289 -6.35 -31.03 -46.21
CA ASP B 289 -5.17 -30.87 -45.38
C ASP B 289 -5.01 -29.45 -44.87
N ILE B 290 -5.50 -28.45 -45.62
CA ILE B 290 -5.35 -27.07 -45.18
C ILE B 290 -6.13 -26.83 -43.89
N ILE B 291 -7.34 -27.37 -43.79
CA ILE B 291 -8.15 -27.21 -42.59
C ILE B 291 -7.50 -27.91 -41.40
N VAL B 292 -6.95 -29.11 -41.63
CA VAL B 292 -6.30 -29.85 -40.55
C VAL B 292 -5.06 -29.11 -40.07
N ARG B 293 -4.28 -28.56 -40.99
CA ARG B 293 -3.11 -27.77 -40.61
C ARG B 293 -3.52 -26.55 -39.81
N ASN B 294 -4.61 -25.89 -40.22
CA ASN B 294 -5.11 -24.75 -39.46
C ASN B 294 -5.49 -25.16 -38.04
N GLU B 295 -6.20 -26.28 -37.91
CA GLU B 295 -6.62 -26.73 -36.59
C GLU B 295 -5.43 -27.09 -35.71
N LYS B 296 -4.39 -27.69 -36.30
CA LYS B 296 -3.20 -28.00 -35.52
C LYS B 296 -2.47 -26.73 -35.07
N ARG B 297 -2.40 -25.73 -35.94
CA ARG B 297 -1.85 -24.44 -35.52
C ARG B 297 -2.64 -23.86 -34.36
N MET B 298 -3.98 -23.91 -34.44
CA MET B 298 -4.81 -23.34 -33.38
C MET B 298 -4.67 -24.12 -32.08
N LEU B 299 -4.53 -25.44 -32.16
CA LEU B 299 -4.29 -26.23 -30.95
C LEU B 299 -2.97 -25.85 -30.29
N GLN B 300 -1.92 -25.68 -31.10
CA GLN B 300 -0.64 -25.23 -30.56
C GLN B 300 -0.76 -23.87 -29.91
N GLU B 301 -1.47 -22.94 -30.56
CA GLU B 301 -1.65 -21.60 -30.01
C GLU B 301 -2.42 -21.64 -28.69
N SER B 302 -3.46 -22.47 -28.62
CA SER B 302 -4.26 -22.57 -27.40
C SER B 302 -3.43 -23.13 -26.25
N VAL B 303 -2.63 -24.17 -26.51
CA VAL B 303 -1.81 -24.75 -25.44
C VAL B 303 -0.75 -23.75 -24.99
N ASP B 304 -0.16 -23.00 -25.94
CA ASP B 304 0.81 -21.98 -25.57
C ASP B 304 0.17 -20.89 -24.73
N ALA B 305 -1.06 -20.48 -25.06
CA ALA B 305 -1.75 -19.48 -24.27
C ALA B 305 -2.05 -20.01 -22.86
N LEU B 306 -2.43 -21.28 -22.76
CA LEU B 306 -2.69 -21.87 -21.45
C LEU B 306 -1.42 -21.90 -20.60
N LEU B 307 -0.28 -22.24 -21.21
CA LEU B 307 0.95 -22.35 -20.43
C LEU B 307 1.55 -20.98 -20.15
N ASP B 308 1.77 -20.17 -21.19
CA ASP B 308 2.42 -18.86 -21.04
C ASP B 308 1.79 -17.90 -22.05
N ASN B 309 0.91 -17.03 -21.56
CA ASN B 309 0.18 -16.12 -22.44
C ASN B 309 1.02 -14.89 -22.75
N GLY B 310 1.16 -14.59 -24.04
CA GLY B 310 1.92 -13.46 -24.50
C GLY B 310 3.32 -13.76 -24.96
N ARG B 311 3.83 -14.96 -24.70
CA ARG B 311 5.18 -15.29 -25.13
C ARG B 311 5.25 -15.54 -26.63
N ARG B 312 4.25 -16.24 -27.19
CA ARG B 312 4.28 -16.54 -28.62
C ARG B 312 3.94 -15.32 -29.46
N GLY B 313 2.99 -14.52 -29.02
CA GLY B 313 2.54 -13.38 -29.79
C GLY B 313 1.49 -12.57 -29.07
N ARG B 314 0.42 -12.22 -29.79
CA ARG B 314 -0.66 -11.45 -29.19
C ARG B 314 -1.32 -12.26 -28.08
N ALA B 315 -1.35 -11.68 -26.88
CA ALA B 315 -1.93 -12.37 -25.74
C ALA B 315 -3.44 -12.46 -25.89
N ILE B 316 -3.98 -13.65 -25.62
CA ILE B 316 -5.42 -13.85 -25.70
C ILE B 316 -6.10 -13.07 -24.58
N THR B 317 -7.16 -12.35 -24.92
CA THR B 317 -7.88 -11.52 -23.97
C THR B 317 -9.29 -12.04 -23.80
N GLY B 318 -9.85 -11.82 -22.61
CA GLY B 318 -11.21 -12.19 -22.31
C GLY B 318 -12.20 -11.10 -22.65
N SER B 319 -13.43 -11.27 -22.15
CA SER B 319 -14.48 -10.28 -22.39
C SER B 319 -14.17 -8.94 -21.75
N ASN B 320 -13.33 -8.92 -20.72
CA ASN B 320 -12.92 -7.68 -20.07
C ASN B 320 -11.85 -6.93 -20.85
N LYS B 321 -11.49 -7.42 -22.04
CA LYS B 321 -10.48 -6.82 -22.91
C LYS B 321 -9.09 -6.80 -22.27
N ARG B 322 -8.81 -7.73 -21.37
CA ARG B 322 -7.51 -7.82 -20.73
C ARG B 322 -6.95 -9.23 -20.86
N PRO B 323 -5.63 -9.38 -20.91
CA PRO B 323 -5.05 -10.70 -21.15
C PRO B 323 -5.43 -11.70 -20.06
N LEU B 324 -5.66 -12.94 -20.48
CA LEU B 324 -5.98 -14.00 -19.54
C LEU B 324 -4.74 -14.41 -18.76
N LYS B 325 -4.95 -14.81 -17.52
CA LYS B 325 -3.84 -15.16 -16.63
C LYS B 325 -3.58 -16.65 -16.74
N SER B 326 -2.34 -17.01 -17.09
CA SER B 326 -1.95 -18.39 -17.34
C SER B 326 -1.18 -18.94 -16.14
N LEU B 327 -0.71 -20.18 -16.28
CA LEU B 327 -0.02 -20.85 -15.18
C LEU B 327 1.32 -20.20 -14.86
N ALA B 328 2.03 -19.76 -15.90
CA ALA B 328 3.26 -19.02 -15.67
C ALA B 328 2.99 -17.76 -14.86
N ASP B 329 1.89 -17.07 -15.15
CA ASP B 329 1.50 -15.92 -14.34
C ASP B 329 1.07 -16.34 -12.95
N MET B 330 0.53 -17.56 -12.81
CA MET B 330 0.20 -18.07 -11.48
C MET B 330 1.44 -18.15 -10.61
N ILE B 331 2.55 -18.64 -11.17
CA ILE B 331 3.72 -18.97 -10.35
C ILE B 331 4.75 -17.85 -10.27
N LYS B 332 4.70 -16.85 -11.14
CA LYS B 332 5.81 -15.93 -11.31
C LYS B 332 5.41 -14.49 -11.01
N GLY B 333 6.43 -13.68 -10.70
CA GLY B 333 6.28 -12.25 -10.56
C GLY B 333 6.19 -11.79 -9.12
N LYS B 334 6.06 -10.48 -8.97
CA LYS B 334 5.85 -9.89 -7.66
C LYS B 334 4.54 -10.34 -7.04
N GLN B 335 3.51 -10.49 -7.87
CA GLN B 335 2.19 -10.94 -7.43
C GLN B 335 2.02 -12.45 -7.55
N GLY B 336 3.08 -13.19 -7.83
CA GLY B 336 3.00 -14.62 -7.99
C GLY B 336 2.96 -15.36 -6.67
N ARG B 337 2.88 -16.68 -6.78
CA ARG B 337 2.74 -17.52 -5.59
C ARG B 337 3.99 -17.49 -4.72
N PHE B 338 5.17 -17.37 -5.33
CA PHE B 338 6.41 -17.42 -4.56
C PHE B 338 6.51 -16.25 -3.58
N ARG B 339 6.18 -15.04 -4.03
CA ARG B 339 6.36 -13.84 -3.23
C ARG B 339 5.11 -13.41 -2.49
N GLN B 340 3.93 -13.57 -3.09
CA GLN B 340 2.71 -13.13 -2.42
C GLN B 340 2.28 -14.09 -1.31
N ASN B 341 2.47 -15.39 -1.50
CA ASN B 341 1.89 -16.36 -0.59
C ASN B 341 2.90 -17.29 0.09
N LEU B 342 4.14 -17.36 -0.40
CA LEU B 342 5.11 -18.30 0.15
C LEU B 342 6.21 -17.62 0.94
N LEU B 343 6.78 -16.54 0.43
CA LEU B 343 7.79 -15.80 1.18
C LEU B 343 7.17 -14.82 2.17
N GLY B 344 5.88 -14.56 2.04
CA GLY B 344 5.17 -13.73 3.00
C GLY B 344 3.71 -14.13 3.01
N LYS B 345 3.07 -13.96 4.17
CA LYS B 345 1.73 -14.45 4.37
C LYS B 345 0.96 -13.50 5.26
N ARG B 346 -0.37 -13.62 5.21
CA ARG B 346 -1.23 -13.03 6.22
C ARG B 346 -1.37 -14.01 7.37
N VAL B 347 -1.38 -13.49 8.60
CA VAL B 347 -1.29 -14.34 9.78
C VAL B 347 -2.44 -14.04 10.72
N ASP B 348 -2.74 -15.02 11.57
CA ASP B 348 -3.71 -14.88 12.63
C ASP B 348 -3.05 -14.30 13.88
N TYR B 349 -3.87 -14.03 14.90
CA TYR B 349 -3.39 -13.51 16.18
C TYR B 349 -2.58 -12.23 15.99
N SER B 350 -3.07 -11.36 15.12
CA SER B 350 -2.38 -10.13 14.77
C SER B 350 -3.37 -8.98 14.78
N GLY B 351 -2.84 -7.79 15.02
CA GLY B 351 -3.66 -6.59 15.07
C GLY B 351 -2.85 -5.39 14.65
N ARG B 352 -3.50 -4.24 14.63
CA ARG B 352 -2.85 -3.01 14.18
C ARG B 352 -3.56 -1.82 14.80
N SER B 353 -2.80 -0.80 15.17
CA SER B 353 -3.41 0.42 15.69
C SER B 353 -2.41 1.57 15.63
N VAL B 354 -2.95 2.78 15.81
CA VAL B 354 -2.13 3.97 15.91
C VAL B 354 -1.30 3.91 17.18
N ILE B 355 -0.11 4.52 17.15
CA ILE B 355 0.81 4.51 18.27
C ILE B 355 0.90 5.92 18.86
N THR B 356 0.77 6.00 20.18
CA THR B 356 1.03 7.19 20.97
C THR B 356 2.29 6.96 21.80
N VAL B 357 2.61 7.92 22.66
CA VAL B 357 3.82 7.88 23.47
C VAL B 357 3.44 7.58 24.91
N GLY B 358 4.10 6.58 25.49
CA GLY B 358 4.03 6.35 26.91
C GLY B 358 5.33 6.75 27.59
N PRO B 359 5.34 7.92 28.23
CA PRO B 359 6.57 8.37 28.90
C PRO B 359 6.78 7.74 30.27
N TYR B 360 5.79 7.02 30.79
CA TYR B 360 5.90 6.34 32.08
C TYR B 360 6.38 4.90 31.93
N LEU B 361 6.42 4.37 30.72
CA LEU B 361 6.72 2.97 30.51
C LEU B 361 8.18 2.68 30.81
N ARG B 362 8.47 1.40 30.99
CA ARG B 362 9.84 0.91 31.06
C ARG B 362 10.24 0.35 29.71
N LEU B 363 11.55 0.17 29.52
CA LEU B 363 12.07 -0.16 28.20
C LEU B 363 11.52 -1.47 27.66
N HIS B 364 11.06 -2.37 28.53
CA HIS B 364 10.53 -3.66 28.11
C HIS B 364 9.01 -3.68 28.03
N GLN B 365 8.36 -2.56 28.26
CA GLN B 365 6.91 -2.50 28.35
C GLN B 365 6.32 -1.75 27.16
N CYS B 366 5.11 -2.15 26.78
CA CYS B 366 4.34 -1.44 25.77
C CYS B 366 2.88 -1.39 26.20
N GLY B 367 2.25 -0.24 26.01
CA GLY B 367 0.84 -0.10 26.33
C GLY B 367 -0.07 -0.69 25.26
N LEU B 368 -0.85 -1.69 25.64
CA LEU B 368 -1.73 -2.38 24.71
C LEU B 368 -3.19 -2.15 25.08
N PRO B 369 -4.05 -1.82 24.12
CA PRO B 369 -5.47 -1.61 24.43
C PRO B 369 -6.13 -2.88 24.95
N LYS B 370 -7.13 -2.69 25.81
CA LYS B 370 -7.81 -3.83 26.42
C LYS B 370 -8.63 -4.63 25.42
N LYS B 371 -9.39 -3.95 24.56
CA LYS B 371 -10.21 -4.65 23.58
C LYS B 371 -9.34 -5.41 22.59
N MET B 372 -8.25 -4.79 22.17
CA MET B 372 -7.31 -5.42 21.25
C MET B 372 -6.69 -6.67 21.87
N ALA B 373 -6.31 -6.59 23.13
CA ALA B 373 -5.79 -7.76 23.84
C ALA B 373 -6.85 -8.84 23.99
N LEU B 374 -8.09 -8.43 24.27
CA LEU B 374 -9.17 -9.40 24.40
C LEU B 374 -9.36 -10.18 23.12
N GLU B 375 -9.32 -9.50 21.97
CA GLU B 375 -9.44 -10.22 20.71
C GLU B 375 -8.22 -11.08 20.42
N LEU B 376 -7.02 -10.57 20.70
CA LEU B 376 -5.81 -11.32 20.37
C LEU B 376 -5.64 -12.57 21.22
N PHE B 377 -5.88 -12.46 22.53
CA PHE B 377 -5.65 -13.54 23.47
C PHE B 377 -6.90 -14.34 23.78
N LYS B 378 -7.82 -14.43 22.84
CA LYS B 378 -9.12 -15.07 23.11
C LYS B 378 -9.02 -16.54 23.48
N PRO B 379 -8.28 -17.40 22.75
CA PRO B 379 -8.19 -18.80 23.17
C PRO B 379 -7.59 -18.97 24.55
N PHE B 380 -6.62 -18.12 24.92
CA PHE B 380 -6.03 -18.20 26.24
C PHE B 380 -7.05 -17.88 27.33
N ILE B 381 -7.90 -16.88 27.07
CA ILE B 381 -8.96 -16.54 28.02
C ILE B 381 -9.96 -17.67 28.14
N TYR B 382 -10.31 -18.31 27.01
CA TYR B 382 -11.20 -19.46 27.05
C TYR B 382 -10.59 -20.58 27.90
N SER B 383 -9.30 -20.84 27.71
CA SER B 383 -8.63 -21.89 28.46
C SER B 383 -8.64 -21.60 29.96
N LYS B 384 -8.38 -20.35 30.34
CA LYS B 384 -8.34 -20.05 31.78
C LYS B 384 -9.74 -20.00 32.38
N LEU B 385 -10.75 -19.60 31.61
CA LEU B 385 -12.12 -19.69 32.11
C LEU B 385 -12.53 -21.13 32.34
N GLU B 386 -12.17 -22.02 31.42
CA GLU B 386 -12.49 -23.44 31.60
C GLU B 386 -11.72 -24.04 32.77
N THR B 387 -10.45 -23.67 32.91
CA THR B 387 -9.59 -24.26 33.94
C THR B 387 -10.11 -23.94 35.34
N ARG B 388 -10.46 -22.69 35.59
CA ARG B 388 -10.84 -22.25 36.93
C ARG B 388 -12.33 -22.43 37.20
N GLY B 389 -13.06 -23.07 36.31
CA GLY B 389 -14.43 -23.43 36.58
C GLY B 389 -15.45 -22.34 36.39
N LEU B 390 -15.04 -21.17 35.89
CA LEU B 390 -15.99 -20.10 35.67
C LEU B 390 -16.90 -20.39 34.48
N ALA B 391 -16.41 -21.15 33.51
CA ALA B 391 -17.19 -21.55 32.35
C ALA B 391 -17.21 -23.07 32.25
N THR B 392 -18.40 -23.63 32.07
CA THR B 392 -18.52 -25.09 31.99
C THR B 392 -17.97 -25.62 30.67
N THR B 393 -18.32 -24.97 29.57
CA THR B 393 -17.88 -25.38 28.25
C THR B 393 -17.23 -24.19 27.54
N ILE B 394 -16.81 -24.41 26.30
CA ILE B 394 -16.17 -23.35 25.55
C ILE B 394 -17.20 -22.35 25.02
N LYS B 395 -18.43 -22.78 24.80
CA LYS B 395 -19.47 -21.86 24.36
C LYS B 395 -19.87 -20.90 25.48
N ALA B 396 -19.91 -21.40 26.72
CA ALA B 396 -20.15 -20.53 27.86
C ALA B 396 -19.03 -19.50 27.98
N ALA B 397 -17.78 -19.93 27.79
CA ALA B 397 -16.66 -18.99 27.81
C ALA B 397 -16.78 -17.95 26.71
N LYS B 398 -17.22 -18.37 25.52
CA LYS B 398 -17.43 -17.41 24.44
C LYS B 398 -18.49 -16.39 24.80
N LYS B 399 -19.58 -16.84 25.41
CA LYS B 399 -20.62 -15.91 25.85
C LYS B 399 -20.11 -14.94 26.89
N MET B 400 -19.34 -15.43 27.87
CA MET B 400 -18.78 -14.55 28.89
C MET B 400 -17.85 -13.51 28.28
N VAL B 401 -17.00 -13.92 27.35
CA VAL B 401 -16.09 -12.97 26.72
C VAL B 401 -16.87 -11.95 25.90
N GLU B 402 -17.90 -12.39 25.20
CA GLU B 402 -18.70 -11.46 24.41
C GLU B 402 -19.45 -10.47 25.30
N ARG B 403 -19.85 -10.89 26.49
CA ARG B 403 -20.57 -9.99 27.40
C ARG B 403 -19.64 -9.09 28.21
N GLU B 404 -18.33 -9.34 28.19
CA GLU B 404 -17.33 -8.50 28.82
C GLU B 404 -17.59 -8.36 30.32
N GLU B 405 -17.50 -9.49 31.02
CA GLU B 405 -17.63 -9.50 32.47
C GLU B 405 -16.29 -9.13 33.11
N ALA B 406 -16.36 -8.74 34.39
CA ALA B 406 -15.16 -8.31 35.11
C ALA B 406 -14.19 -9.46 35.29
N VAL B 407 -14.70 -10.66 35.56
CA VAL B 407 -13.84 -11.82 35.74
C VAL B 407 -13.09 -12.10 34.44
N VAL B 408 -13.67 -11.76 33.29
CA VAL B 408 -12.96 -11.89 32.03
C VAL B 408 -11.76 -10.96 32.00
N TRP B 409 -11.92 -9.74 32.53
CA TRP B 409 -10.79 -8.80 32.57
C TRP B 409 -9.69 -9.29 33.51
N ASP B 410 -10.07 -9.87 34.65
CA ASP B 410 -9.06 -10.44 35.54
C ASP B 410 -8.32 -11.60 34.88
N ILE B 411 -9.06 -12.46 34.17
CA ILE B 411 -8.45 -13.55 33.42
C ILE B 411 -7.50 -13.01 32.36
N LEU B 412 -7.89 -11.93 31.69
CA LEU B 412 -7.03 -11.34 30.66
C LEU B 412 -5.73 -10.80 31.27
N ASP B 413 -5.82 -10.16 32.43
CA ASP B 413 -4.62 -9.71 33.12
C ASP B 413 -3.71 -10.89 33.46
N GLU B 414 -4.29 -11.96 33.99
CA GLU B 414 -3.51 -13.13 34.35
C GLU B 414 -2.89 -13.79 33.11
N VAL B 415 -3.57 -13.72 31.97
CA VAL B 415 -3.04 -14.29 30.74
C VAL B 415 -1.85 -13.47 30.24
N ILE B 416 -1.98 -12.15 30.23
CA ILE B 416 -0.93 -11.30 29.65
C ILE B 416 0.13 -10.96 30.69
N ARG B 417 0.05 -11.57 31.87
CA ARG B 417 0.95 -11.22 32.96
C ARG B 417 2.41 -11.25 32.53
N GLU B 418 2.83 -12.34 31.86
CA GLU B 418 4.22 -12.43 31.43
C GLU B 418 4.33 -12.94 30.00
N HIS B 419 3.33 -12.65 29.17
CA HIS B 419 3.31 -13.11 27.79
C HIS B 419 3.83 -11.99 26.90
N PRO B 420 5.02 -12.12 26.31
CA PRO B 420 5.53 -11.05 25.45
C PRO B 420 4.76 -10.96 24.15
N VAL B 421 4.78 -9.76 23.57
CA VAL B 421 4.03 -9.47 22.35
C VAL B 421 4.97 -8.72 21.40
N LEU B 422 4.82 -8.96 20.11
CA LEU B 422 5.75 -8.47 19.10
C LEU B 422 5.17 -7.25 18.40
N LEU B 423 5.92 -6.16 18.38
CA LEU B 423 5.52 -4.92 17.73
C LEU B 423 6.37 -4.70 16.49
N ASN B 424 5.69 -4.31 15.41
CA ASN B 424 6.26 -4.17 14.07
C ASN B 424 5.80 -2.85 13.46
N ARG B 425 6.71 -2.20 12.73
CA ARG B 425 6.37 -1.01 11.96
C ARG B 425 6.96 -1.14 10.57
N ALA B 426 6.13 -0.91 9.56
CA ALA B 426 6.53 -0.95 8.15
C ALA B 426 7.03 0.42 7.70
N PRO B 427 8.08 0.47 6.88
CA PRO B 427 8.88 -0.63 6.36
C PRO B 427 9.85 -1.19 7.39
N THR B 428 10.06 -2.50 7.40
CA THR B 428 10.98 -3.14 8.34
C THR B 428 12.34 -3.19 7.67
N LEU B 429 13.10 -2.10 7.81
CA LEU B 429 14.37 -1.96 7.13
C LEU B 429 15.48 -2.77 7.77
N HIS B 430 15.40 -3.04 9.07
CA HIS B 430 16.35 -3.88 9.76
C HIS B 430 15.62 -4.61 10.88
N ARG B 431 16.33 -5.52 11.55
CA ARG B 431 15.65 -6.39 12.51
C ARG B 431 15.13 -5.64 13.73
N LEU B 432 15.60 -4.41 13.96
CA LEU B 432 15.03 -3.62 15.05
C LEU B 432 13.64 -3.08 14.72
N GLY B 433 13.14 -3.33 13.51
CA GLY B 433 11.77 -3.02 13.17
C GLY B 433 10.75 -3.96 13.75
N ILE B 434 11.19 -5.06 14.35
CA ILE B 434 10.33 -5.96 15.11
C ILE B 434 10.98 -6.16 16.47
N GLN B 435 10.26 -5.82 17.54
CA GLN B 435 10.78 -6.03 18.88
C GLN B 435 9.69 -6.54 19.80
N ALA B 436 10.09 -7.26 20.84
CA ALA B 436 9.17 -7.85 21.79
C ALA B 436 9.10 -7.00 23.04
N PHE B 437 7.88 -6.81 23.55
CA PHE B 437 7.63 -6.04 24.75
C PHE B 437 6.69 -6.80 25.66
N GLU B 438 6.74 -6.47 26.94
CA GLU B 438 5.73 -6.94 27.87
C GLU B 438 4.53 -6.01 27.82
N PRO B 439 3.33 -6.51 27.53
CA PRO B 439 2.18 -5.61 27.41
C PRO B 439 1.61 -5.19 28.76
N VAL B 440 1.25 -3.92 28.83
CA VAL B 440 0.53 -3.35 29.96
C VAL B 440 -0.82 -2.91 29.43
N LEU B 441 -1.90 -3.46 29.99
CA LEU B 441 -3.22 -3.15 29.48
C LEU B 441 -3.62 -1.73 29.83
N ILE B 442 -4.06 -0.99 28.80
CA ILE B 442 -4.44 0.42 28.97
C ILE B 442 -5.83 0.61 28.39
N GLU B 443 -6.57 1.53 28.98
CA GLU B 443 -7.85 1.95 28.42
C GLU B 443 -7.59 2.89 27.25
N GLY B 444 -8.21 2.60 26.12
CA GLY B 444 -8.01 3.37 24.92
C GLY B 444 -7.93 2.45 23.73
N LYS B 445 -7.64 3.05 22.57
CA LYS B 445 -7.57 2.32 21.32
C LYS B 445 -6.22 2.48 20.63
N ALA B 446 -5.25 3.11 21.27
CA ALA B 446 -3.96 3.38 20.68
C ALA B 446 -2.87 2.65 21.46
N ILE B 447 -1.88 2.14 20.73
CA ILE B 447 -0.73 1.49 21.33
C ILE B 447 0.21 2.56 21.89
N GLN B 448 0.70 2.33 23.09
CA GLN B 448 1.66 3.24 23.72
C GLN B 448 3.05 2.67 23.54
N LEU B 449 3.93 3.45 22.93
CA LEU B 449 5.28 3.02 22.58
C LEU B 449 6.30 3.77 23.41
N HIS B 450 7.30 3.05 23.89
CA HIS B 450 8.36 3.68 24.67
C HIS B 450 9.15 4.65 23.79
N PRO B 451 9.45 5.85 24.28
CA PRO B 451 10.18 6.81 23.44
C PRO B 451 11.55 6.32 22.98
N LEU B 452 12.31 5.68 23.86
CA LEU B 452 13.69 5.32 23.57
C LEU B 452 13.83 4.30 22.45
N VAL B 453 12.73 3.64 22.05
CA VAL B 453 12.79 2.69 20.95
C VAL B 453 12.38 3.29 19.62
N CYS B 454 11.90 4.54 19.61
CA CYS B 454 11.37 5.12 18.38
C CYS B 454 12.43 5.20 17.30
N ALA B 455 13.65 5.59 17.66
CA ALA B 455 14.74 5.66 16.69
C ALA B 455 14.99 4.31 16.04
N ALA B 456 14.83 3.22 16.79
CA ALA B 456 14.99 1.90 16.19
C ALA B 456 13.90 1.64 15.15
N TYR B 457 12.67 2.09 15.43
CA TYR B 457 11.54 1.87 14.55
C TYR B 457 11.40 2.94 13.47
N ASN B 458 12.18 4.02 13.55
CA ASN B 458 11.94 5.21 12.74
C ASN B 458 10.51 5.69 12.88
N ALA B 459 10.03 5.72 14.12
CA ALA B 459 8.63 5.98 14.43
C ALA B 459 8.48 7.32 15.12
N ASP B 460 7.57 8.14 14.60
CA ASP B 460 7.17 9.38 15.23
C ASP B 460 5.66 9.39 15.36
N PHE B 461 5.15 10.23 16.24
CA PHE B 461 3.74 10.21 16.60
C PHE B 461 2.99 11.31 15.83
N ASP B 462 2.92 11.11 14.51
CA ASP B 462 2.18 11.99 13.62
C ASP B 462 1.16 11.22 12.78
N GLY B 463 0.80 10.00 13.21
CA GLY B 463 -0.15 9.19 12.48
C GLY B 463 0.36 7.80 12.19
N ASP B 464 1.51 7.45 12.77
CA ASP B 464 2.10 6.15 12.54
C ASP B 464 1.22 5.04 13.11
N GLN B 465 1.24 3.90 12.43
CA GLN B 465 0.51 2.72 12.86
C GLN B 465 1.47 1.55 13.01
N MET B 466 1.23 0.71 14.01
CA MET B 466 2.05 -0.45 14.26
C MET B 466 1.18 -1.70 14.29
N ALA B 467 1.78 -2.81 13.88
CA ALA B 467 1.17 -4.13 13.94
C ALA B 467 1.69 -4.89 15.15
N VAL B 468 0.86 -5.79 15.66
CA VAL B 468 1.14 -6.53 16.89
C VAL B 468 0.86 -8.00 16.63
N HIS B 469 1.75 -8.85 17.11
CA HIS B 469 1.67 -10.29 16.92
C HIS B 469 1.86 -10.99 18.26
N VAL B 470 1.16 -12.11 18.43
CA VAL B 470 1.18 -12.86 19.69
C VAL B 470 1.92 -14.17 19.45
N PRO B 471 3.12 -14.35 20.00
CA PRO B 471 3.77 -15.67 19.95
C PRO B 471 3.02 -16.68 20.79
N LEU B 472 2.73 -17.84 20.19
CA LEU B 472 1.82 -18.82 20.80
C LEU B 472 2.56 -19.87 21.62
N THR B 473 3.47 -20.61 20.99
CA THR B 473 4.13 -21.73 21.65
C THR B 473 5.21 -21.22 22.61
N LEU B 474 5.66 -22.13 23.48
CA LEU B 474 6.66 -21.77 24.49
C LEU B 474 7.97 -21.35 23.84
N GLU B 475 8.36 -22.02 22.75
CA GLU B 475 9.59 -21.66 22.07
C GLU B 475 9.53 -20.25 21.51
N ALA B 476 8.40 -19.88 20.91
CA ALA B 476 8.25 -18.52 20.39
C ALA B 476 8.27 -17.49 21.51
N GLN B 477 7.64 -17.81 22.65
CA GLN B 477 7.66 -16.89 23.79
C GLN B 477 9.08 -16.70 24.31
N LEU B 478 9.84 -17.78 24.42
CA LEU B 478 11.21 -17.65 24.90
C LEU B 478 12.12 -16.97 23.89
N GLU B 479 11.85 -17.13 22.61
CA GLU B 479 12.57 -16.37 21.59
C GLU B 479 12.27 -14.89 21.71
N ALA B 480 11.00 -14.54 21.95
CA ALA B 480 10.64 -13.14 22.15
C ALA B 480 11.32 -12.57 23.39
N ARG B 481 11.37 -13.34 24.47
CA ARG B 481 11.97 -12.85 25.70
C ARG B 481 13.49 -12.74 25.60
N THR B 482 14.13 -13.69 24.92
CA THR B 482 15.59 -13.81 24.95
C THR B 482 16.26 -13.08 23.80
N LEU B 483 15.69 -13.12 22.61
CA LEU B 483 16.33 -12.54 21.43
C LEU B 483 15.72 -11.21 21.02
N MET B 484 14.40 -11.14 20.91
CA MET B 484 13.72 -9.98 20.34
C MET B 484 13.30 -8.94 21.36
N MET B 485 13.54 -9.18 22.65
CA MET B 485 13.11 -8.23 23.67
C MET B 485 13.93 -6.95 23.57
N SER B 486 13.28 -5.82 23.77
CA SER B 486 13.90 -4.51 23.52
C SER B 486 15.12 -4.29 24.40
N THR B 487 15.16 -4.89 25.58
CA THR B 487 16.30 -4.72 26.47
C THR B 487 17.53 -5.47 25.98
N ASN B 488 17.35 -6.50 25.17
CA ASN B 488 18.48 -7.19 24.56
C ASN B 488 19.07 -6.39 23.39
N ASN B 489 18.22 -5.71 22.62
CA ASN B 489 18.65 -4.99 21.41
C ASN B 489 18.79 -3.51 21.75
N ILE B 490 19.94 -3.13 22.28
CA ILE B 490 20.27 -1.72 22.52
C ILE B 490 21.52 -1.29 21.78
N LEU B 491 22.15 -2.19 21.02
CA LEU B 491 23.29 -1.87 20.18
C LEU B 491 22.90 -2.06 18.72
N SER B 492 23.44 -1.20 17.86
CA SER B 492 23.14 -1.29 16.44
C SER B 492 23.92 -2.42 15.81
N PRO B 493 23.27 -3.41 15.20
CA PRO B 493 24.01 -4.51 14.56
C PRO B 493 24.87 -4.05 13.39
N ALA B 494 24.59 -2.88 12.82
CA ALA B 494 25.39 -2.38 11.70
C ALA B 494 26.72 -1.83 12.15
N SER B 495 26.76 -1.16 13.30
CA SER B 495 27.99 -0.50 13.75
C SER B 495 28.38 -0.80 15.19
N GLY B 496 27.49 -1.35 16.01
CA GLY B 496 27.78 -1.58 17.41
C GLY B 496 27.51 -0.40 18.32
N ASP B 497 27.12 0.74 17.75
CA ASP B 497 26.81 1.91 18.55
C ASP B 497 25.44 1.78 19.21
N PRO B 498 25.25 2.41 20.37
CA PRO B 498 23.95 2.33 21.04
C PRO B 498 22.85 2.93 20.18
N ILE B 499 21.68 2.31 20.23
CA ILE B 499 20.54 2.70 19.42
C ILE B 499 19.41 3.28 20.25
N ILE B 500 19.54 3.30 21.57
CA ILE B 500 18.49 3.81 22.45
C ILE B 500 18.91 5.16 23.02
N VAL B 501 19.74 5.89 22.30
CA VAL B 501 20.26 7.16 22.79
C VAL B 501 19.11 8.17 22.88
N PRO B 502 19.03 8.94 23.96
CA PRO B 502 17.91 9.88 24.12
C PRO B 502 17.95 10.99 23.08
N SER B 503 16.78 11.52 22.76
CA SER B 503 16.65 12.53 21.74
C SER B 503 15.59 13.56 22.15
N GLN B 504 15.72 14.76 21.58
CA GLN B 504 14.73 15.83 21.68
C GLN B 504 14.56 16.22 23.14
N ASP B 505 13.35 16.19 23.69
CA ASP B 505 13.08 16.81 24.98
C ASP B 505 14.02 16.31 26.06
N VAL B 506 14.22 14.98 26.13
CA VAL B 506 15.15 14.41 27.09
C VAL B 506 16.48 15.16 27.05
N VAL B 507 17.10 15.18 25.87
CA VAL B 507 18.37 15.88 25.71
C VAL B 507 18.23 17.32 26.18
N LEU B 508 17.19 17.99 25.71
CA LEU B 508 16.98 19.38 26.07
C LEU B 508 16.94 19.54 27.58
N GLY B 509 16.17 18.68 28.25
CA GLY B 509 16.12 18.75 29.70
C GLY B 509 17.49 18.55 30.32
N LEU B 510 18.20 17.50 29.88
CA LEU B 510 19.52 17.26 30.43
C LEU B 510 20.47 18.38 30.07
N TYR B 511 20.22 19.06 28.94
CA TYR B 511 21.01 20.22 28.60
C TYR B 511 20.71 21.39 29.52
N TYR B 512 19.43 21.60 29.84
CA TYR B 512 19.05 22.76 30.62
C TYR B 512 19.49 22.62 32.06
N MET B 513 19.43 21.40 32.60
CA MET B 513 19.76 21.20 34.00
C MET B 513 21.25 21.28 34.25
N THR B 514 22.08 21.01 33.24
CA THR B 514 23.52 20.96 33.39
C THR B 514 24.22 22.22 32.89
N ARG B 515 23.48 23.25 32.50
CA ARG B 515 24.12 24.48 32.07
C ARG B 515 24.56 25.30 33.27
N GLU B 516 25.35 26.33 33.01
CA GLU B 516 26.02 27.12 34.03
C GLU B 516 25.65 28.58 33.85
N LYS B 517 25.27 29.24 34.94
CA LYS B 517 24.88 30.64 34.91
C LYS B 517 25.72 31.44 35.88
N ILE B 518 26.07 32.65 35.48
CA ILE B 518 26.92 33.53 36.28
C ILE B 518 26.04 34.33 37.23
N ASN B 519 26.43 34.35 38.51
CA ASN B 519 25.72 35.09 39.56
C ASN B 519 24.28 34.63 39.69
N ALA B 520 24.09 33.31 39.71
CA ALA B 520 22.78 32.76 40.00
C ALA B 520 22.54 32.75 41.51
N LYS B 521 21.30 32.53 41.89
CA LYS B 521 20.94 32.47 43.30
C LYS B 521 21.59 31.25 43.95
N GLY B 522 22.26 31.47 45.07
CA GLY B 522 22.94 30.40 45.76
C GLY B 522 24.32 30.09 45.27
N GLU B 523 24.98 31.03 44.59
CA GLU B 523 26.33 30.80 44.11
C GLU B 523 27.31 30.74 45.28
N GLY B 524 28.33 29.89 45.13
CA GLY B 524 29.36 29.77 46.13
C GLY B 524 29.00 28.94 47.33
N MET B 525 27.81 28.35 47.35
CA MET B 525 27.38 27.57 48.50
C MET B 525 28.09 26.23 48.55
N TYR B 526 28.26 25.71 49.75
CA TYR B 526 28.91 24.42 49.97
C TYR B 526 27.85 23.39 50.31
N LEU B 527 27.84 22.29 49.57
CA LEU B 527 26.79 21.28 49.68
C LEU B 527 27.37 19.94 50.07
N THR B 528 26.67 19.24 50.95
CA THR B 528 27.13 17.94 51.44
C THR B 528 27.06 16.86 50.39
N GLY B 529 26.18 16.99 49.40
CA GLY B 529 26.04 16.00 48.36
C GLY B 529 24.90 16.29 47.42
N PRO B 530 24.60 15.34 46.53
CA PRO B 530 23.48 15.54 45.60
C PRO B 530 22.14 15.73 46.29
N ALA B 531 21.90 15.04 47.41
CA ALA B 531 20.63 15.16 48.10
C ALA B 531 20.42 16.58 48.61
N GLU B 532 21.47 17.20 49.15
CA GLU B 532 21.31 18.57 49.64
C GLU B 532 21.22 19.56 48.49
N ALA B 533 21.84 19.26 47.34
CA ALA B 533 21.61 20.08 46.17
C ALA B 533 20.14 20.05 45.75
N GLU B 534 19.54 18.86 45.76
CA GLU B 534 18.11 18.77 45.47
C GLU B 534 17.28 19.51 46.50
N LYS B 535 17.65 19.41 47.77
CA LYS B 535 16.93 20.11 48.82
C LYS B 535 17.00 21.62 48.63
N ALA B 536 18.18 22.12 48.27
CA ALA B 536 18.34 23.55 48.00
C ALA B 536 17.51 23.98 46.81
N TYR B 537 17.45 23.15 45.77
CA TYR B 537 16.64 23.47 44.60
C TYR B 537 15.16 23.51 44.95
N ARG B 538 14.68 22.52 45.73
CA ARG B 538 13.27 22.46 46.04
C ARG B 538 12.83 23.55 47.01
N THR B 539 13.75 24.11 47.78
CA THR B 539 13.44 25.17 48.73
C THR B 539 13.66 26.56 48.16
N LYS B 540 13.96 26.67 46.86
CA LYS B 540 14.27 27.93 46.19
C LYS B 540 15.47 28.64 46.81
N THR B 541 16.33 27.89 47.50
CA THR B 541 17.57 28.47 48.00
C THR B 541 18.56 28.71 46.87
N ALA B 542 18.71 27.74 45.98
CA ALA B 542 19.66 27.84 44.88
C ALA B 542 18.98 27.46 43.58
N GLU B 543 19.41 28.09 42.50
CA GLU B 543 18.93 27.76 41.16
C GLU B 543 19.61 26.51 40.64
N LEU B 544 19.06 25.97 39.55
CA LEU B 544 19.67 24.81 38.91
C LEU B 544 21.05 25.14 38.35
N HIS B 545 21.27 26.40 38.00
CA HIS B 545 22.49 26.82 37.31
C HIS B 545 23.43 27.60 38.21
N ALA B 546 23.37 27.34 39.52
CA ALA B 546 24.22 28.00 40.48
C ALA B 546 25.53 27.23 40.62
N ARG B 547 26.66 27.94 40.55
CA ARG B 547 27.97 27.33 40.69
C ARG B 547 28.26 27.15 42.17
N VAL B 548 28.37 25.90 42.60
CA VAL B 548 28.55 25.54 44.00
C VAL B 548 29.70 24.54 44.10
N LYS B 549 30.05 24.20 45.34
CA LYS B 549 30.99 23.13 45.64
C LYS B 549 30.25 22.02 46.36
N VAL B 550 30.34 20.80 45.82
CA VAL B 550 29.57 19.68 46.31
C VAL B 550 30.52 18.55 46.67
N ARG B 551 30.29 17.93 47.82
CA ARG B 551 31.02 16.73 48.21
C ARG B 551 30.49 15.55 47.42
N ILE B 552 31.35 14.95 46.59
CA ILE B 552 30.98 13.88 45.69
C ILE B 552 31.75 12.63 46.08
N THR B 553 31.03 11.53 46.24
CA THR B 553 31.62 10.21 46.45
C THR B 553 31.56 9.47 45.12
N GLU B 554 32.72 9.17 44.56
CA GLU B 554 32.82 8.60 43.23
C GLU B 554 33.51 7.24 43.31
N THR B 555 32.87 6.23 42.74
CA THR B 555 33.42 4.88 42.65
C THR B 555 33.86 4.64 41.22
N ILE B 556 35.07 4.12 41.05
CA ILE B 556 35.65 3.83 39.74
C ILE B 556 35.92 2.35 39.65
N LYS B 557 35.37 1.72 38.61
CA LYS B 557 35.60 0.31 38.32
C LYS B 557 36.62 0.23 37.20
N HIS B 558 37.80 -0.28 37.50
CA HIS B 558 38.89 -0.31 36.54
C HIS B 558 38.71 -1.48 35.58
N GLU B 559 39.65 -1.60 34.64
CA GLU B 559 39.59 -2.68 33.66
C GLU B 559 39.72 -4.05 34.34
N ASN B 560 40.61 -4.16 35.31
CA ASN B 560 40.80 -5.42 36.03
C ASN B 560 39.69 -5.70 37.03
N GLY B 561 38.79 -4.76 37.26
CA GLY B 561 37.70 -4.93 38.21
C GLY B 561 37.92 -4.25 39.54
N LYS B 562 39.01 -3.49 39.70
CA LYS B 562 39.26 -2.79 40.96
C LYS B 562 38.20 -1.71 41.17
N LEU B 563 37.65 -1.67 42.38
CA LEU B 563 36.62 -0.69 42.74
C LEU B 563 37.23 0.29 43.74
N THR B 564 37.53 1.50 43.28
CA THR B 564 38.16 2.51 44.11
C THR B 564 37.16 3.62 44.40
N THR B 565 36.93 3.90 45.68
CA THR B 565 35.97 4.91 46.10
C THR B 565 36.74 6.10 46.67
N GLU B 566 36.48 7.29 46.13
CA GLU B 566 37.09 8.52 46.60
C GLU B 566 36.01 9.55 46.85
N THR B 567 36.09 10.21 48.00
CA THR B 567 35.20 11.33 48.31
C THR B 567 36.01 12.61 48.26
N LYS B 568 35.47 13.62 47.59
CA LYS B 568 36.19 14.88 47.43
C LYS B 568 35.20 15.98 47.07
N MET B 569 35.63 17.22 47.28
CA MET B 569 34.78 18.37 47.03
C MET B 569 35.06 18.91 45.64
N ILE B 570 34.03 18.97 44.80
CA ILE B 570 34.17 19.31 43.39
C ILE B 570 33.36 20.56 43.09
N ASP B 571 33.92 21.44 42.26
CA ASP B 571 33.20 22.60 41.76
C ASP B 571 32.25 22.15 40.66
N THR B 572 30.97 22.44 40.82
CA THR B 572 29.95 21.96 39.89
C THR B 572 28.76 22.90 39.98
N THR B 573 27.62 22.46 39.45
CA THR B 573 26.35 23.16 39.60
C THR B 573 25.38 22.28 40.36
N VAL B 574 24.27 22.89 40.79
CA VAL B 574 23.24 22.14 41.50
C VAL B 574 22.66 21.05 40.61
N GLY B 575 22.37 21.40 39.35
CA GLY B 575 21.77 20.45 38.44
C GLY B 575 22.66 19.25 38.17
N ARG B 576 23.97 19.48 38.09
CA ARG B 576 24.89 18.37 37.82
C ARG B 576 24.89 17.36 38.96
N ALA B 577 24.85 17.83 40.21
CA ALA B 577 24.77 16.91 41.34
C ALA B 577 23.43 16.19 41.39
N MET B 578 22.34 16.93 41.16
CA MET B 578 21.02 16.31 41.11
C MET B 578 20.94 15.25 40.03
N LEU B 579 21.67 15.44 38.92
CA LEU B 579 21.75 14.41 37.90
C LEU B 579 22.67 13.27 38.30
N TRP B 580 23.75 13.57 39.03
CA TRP B 580 24.61 12.54 39.58
C TRP B 580 23.84 11.59 40.47
N GLN B 581 22.75 12.07 41.06
CA GLN B 581 21.95 11.22 41.94
C GLN B 581 21.47 9.94 41.26
N ILE B 582 21.31 9.95 39.94
CA ILE B 582 20.79 8.79 39.22
C ILE B 582 21.86 8.01 38.47
N VAL B 583 23.10 8.48 38.48
CA VAL B 583 24.18 7.81 37.74
C VAL B 583 24.59 6.55 38.51
N PRO B 584 24.69 5.40 37.84
CA PRO B 584 25.10 4.19 38.55
C PRO B 584 26.54 4.25 39.03
N LYS B 585 26.82 3.51 40.09
CA LYS B 585 28.15 3.49 40.67
C LYS B 585 29.14 2.82 39.72
N GLY B 586 30.32 3.42 39.60
CA GLY B 586 31.35 2.87 38.75
C GLY B 586 31.74 3.79 37.60
N LEU B 587 31.29 5.03 37.64
CA LEU B 587 31.54 5.97 36.57
C LEU B 587 32.11 7.27 37.14
N PRO B 588 32.98 7.94 36.39
CA PRO B 588 33.54 9.19 36.87
C PRO B 588 32.51 10.32 36.85
N TYR B 589 32.74 11.30 37.72
CA TYR B 589 31.90 12.49 37.78
C TYR B 589 32.17 13.45 36.62
N SER B 590 33.28 13.28 35.90
CA SER B 590 33.56 14.13 34.76
C SER B 590 32.57 13.94 33.63
N LEU B 591 31.93 12.77 33.55
CA LEU B 591 30.91 12.54 32.54
C LEU B 591 29.68 13.40 32.76
N VAL B 592 29.46 13.88 33.99
CA VAL B 592 28.30 14.70 34.30
C VAL B 592 28.66 16.16 34.53
N ASN B 593 29.91 16.46 34.86
CA ASN B 593 30.33 17.83 35.20
C ASN B 593 30.62 18.64 33.93
N GLN B 594 29.62 18.74 33.08
CA GLN B 594 29.67 19.50 31.85
C GLN B 594 28.24 19.67 31.35
N LYS B 595 28.07 20.58 30.38
CA LYS B 595 26.77 20.70 29.73
C LYS B 595 26.55 19.48 28.84
N LEU B 596 25.37 18.88 28.94
CA LEU B 596 25.10 17.59 28.34
C LEU B 596 24.25 17.78 27.09
N GLY B 597 24.89 17.73 25.93
CA GLY B 597 24.19 17.62 24.67
C GLY B 597 23.91 16.17 24.33
N LYS B 598 23.49 15.94 23.09
CA LYS B 598 23.20 14.58 22.65
C LYS B 598 24.45 13.72 22.69
N LYS B 599 25.59 14.28 22.27
CA LYS B 599 26.83 13.53 22.25
C LYS B 599 27.26 13.13 23.66
N GLN B 600 27.10 14.02 24.63
CA GLN B 600 27.51 13.72 26.00
C GLN B 600 26.65 12.62 26.62
N ILE B 601 25.34 12.65 26.37
CA ILE B 601 24.46 11.60 26.88
C ILE B 601 24.77 10.27 26.18
N SER B 602 25.07 10.33 24.88
CA SER B 602 25.51 9.13 24.18
C SER B 602 26.75 8.54 24.83
N ASN B 603 27.71 9.40 25.17
CA ASN B 603 28.93 8.94 25.85
C ASN B 603 28.62 8.34 27.21
N LEU B 604 27.71 8.96 27.97
CA LEU B 604 27.31 8.42 29.25
C LEU B 604 26.76 7.00 29.11
N LEU B 605 25.81 6.82 28.19
CA LEU B 605 25.23 5.48 28.00
C LEU B 605 26.27 4.48 27.51
N ASN B 606 27.16 4.91 26.60
CA ASN B 606 28.18 4.01 26.10
C ASN B 606 29.13 3.57 27.21
N GLU B 607 29.54 4.50 28.08
CA GLU B 607 30.42 4.13 29.18
C GLU B 607 29.70 3.23 30.18
N ALA B 608 28.42 3.48 30.43
CA ALA B 608 27.65 2.60 31.30
C ALA B 608 27.60 1.19 30.74
N TYR B 609 27.38 1.05 29.44
CA TYR B 609 27.36 -0.28 28.83
C TYR B 609 28.73 -0.94 28.88
N ARG B 610 29.79 -0.18 28.58
CA ARG B 610 31.11 -0.78 28.45
C ARG B 610 31.70 -1.15 29.81
N LYS B 611 31.33 -0.43 30.86
CA LYS B 611 31.94 -0.65 32.17
C LYS B 611 31.01 -1.29 33.19
N LEU B 612 29.73 -1.36 32.94
CA LEU B 612 28.82 -1.88 33.95
C LEU B 612 27.96 -3.04 33.47
N GLY B 613 27.55 -3.05 32.21
CA GLY B 613 26.78 -4.16 31.69
C GLY B 613 25.52 -3.76 30.97
N LEU B 614 24.49 -4.61 31.07
CA LEU B 614 23.22 -4.39 30.38
C LEU B 614 22.11 -3.92 31.32
N LYS B 615 21.96 -4.57 32.48
CA LYS B 615 20.89 -4.19 33.40
C LYS B 615 21.07 -2.76 33.88
N ASP B 616 22.31 -2.42 34.27
CA ASP B 616 22.59 -1.06 34.72
C ASP B 616 22.34 -0.06 33.61
N THR B 617 22.69 -0.40 32.38
CA THR B 617 22.45 0.50 31.26
C THR B 617 20.95 0.72 31.03
N VAL B 618 20.14 -0.33 31.15
CA VAL B 618 18.71 -0.19 30.95
C VAL B 618 18.10 0.69 32.03
N ILE B 619 18.45 0.44 33.29
CA ILE B 619 17.93 1.27 34.38
C ILE B 619 18.38 2.71 34.21
N PHE B 620 19.65 2.91 33.84
CA PHE B 620 20.19 4.25 33.67
C PHE B 620 19.48 4.98 32.53
N ALA B 621 19.20 4.28 31.43
CA ALA B 621 18.49 4.91 30.32
C ALA B 621 17.09 5.33 30.73
N ASP B 622 16.38 4.46 31.47
CA ASP B 622 15.05 4.82 31.92
C ASP B 622 15.09 6.05 32.82
N GLN B 623 16.05 6.09 33.76
CA GLN B 623 16.14 7.22 34.67
C GLN B 623 16.54 8.50 33.94
N ILE B 624 17.43 8.39 32.95
CA ILE B 624 17.80 9.54 32.15
C ILE B 624 16.59 10.10 31.43
N MET B 625 15.76 9.23 30.86
CA MET B 625 14.62 9.72 30.10
C MET B 625 13.57 10.34 31.02
N TYR B 626 13.34 9.75 32.20
CA TYR B 626 12.44 10.35 33.18
C TYR B 626 12.92 11.75 33.58
N THR B 627 14.20 11.86 33.96
CA THR B 627 14.74 13.13 34.42
C THR B 627 14.71 14.19 33.32
N GLY B 628 15.08 13.80 32.10
CA GLY B 628 15.06 14.73 31.00
C GLY B 628 13.66 15.26 30.72
N PHE B 629 12.66 14.37 30.72
CA PHE B 629 11.29 14.82 30.51
C PHE B 629 10.86 15.78 31.61
N ALA B 630 11.15 15.43 32.87
CA ALA B 630 10.70 16.25 33.99
C ALA B 630 11.30 17.64 33.92
N TYR B 631 12.60 17.74 33.66
CA TYR B 631 13.23 19.05 33.70
C TYR B 631 13.08 19.83 32.40
N ALA B 632 12.78 19.16 31.29
CA ALA B 632 12.32 19.88 30.11
C ALA B 632 10.97 20.52 30.36
N ALA B 633 10.08 19.80 31.07
CA ALA B 633 8.81 20.41 31.45
C ALA B 633 9.03 21.60 32.39
N LEU B 634 9.90 21.43 33.38
CA LEU B 634 10.13 22.48 34.36
C LEU B 634 10.87 23.69 33.78
N SER B 635 11.61 23.49 32.69
CA SER B 635 12.38 24.61 32.12
C SER B 635 11.47 25.70 31.59
N GLY B 636 10.35 25.34 30.97
CA GLY B 636 9.52 26.31 30.29
C GLY B 636 10.05 26.77 28.97
N VAL B 637 10.89 25.96 28.31
CA VAL B 637 11.47 26.36 27.03
C VAL B 637 10.38 26.53 26.00
N SER B 638 10.33 27.69 25.38
CA SER B 638 9.29 28.04 24.43
C SER B 638 9.91 28.79 23.27
N VAL B 639 9.27 28.70 22.11
CA VAL B 639 9.71 29.41 20.91
C VAL B 639 8.82 30.63 20.72
N GLY B 640 9.45 31.78 20.42
CA GLY B 640 8.71 33.01 20.21
C GLY B 640 9.35 33.81 19.09
N ILE B 641 8.64 34.86 18.67
CA ILE B 641 9.11 35.66 17.56
C ILE B 641 10.31 36.51 17.93
N ASP B 642 10.50 36.80 19.21
CA ASP B 642 11.67 37.54 19.66
C ASP B 642 12.89 36.66 19.85
N ASP B 643 12.73 35.34 19.76
CA ASP B 643 13.86 34.43 19.83
C ASP B 643 14.67 34.43 18.54
N MET B 644 14.08 34.87 17.43
CA MET B 644 14.79 34.97 16.15
C MET B 644 15.42 36.35 16.08
N VAL B 645 16.64 36.46 16.57
CA VAL B 645 17.37 37.72 16.58
C VAL B 645 18.10 37.86 15.26
N VAL B 646 17.68 38.84 14.46
CA VAL B 646 18.32 39.12 13.17
C VAL B 646 19.44 40.12 13.40
N PRO B 647 20.67 39.83 13.00
CA PRO B 647 21.77 40.76 13.25
C PRO B 647 21.60 42.06 12.48
N ALA B 648 22.10 43.15 13.06
CA ALA B 648 22.04 44.45 12.41
C ALA B 648 23.01 44.55 11.26
N ALA B 649 23.99 43.65 11.18
CA ALA B 649 24.96 43.66 10.10
C ALA B 649 24.42 43.07 8.80
N LYS B 650 23.28 42.38 8.86
CA LYS B 650 22.74 41.74 7.66
C LYS B 650 22.42 42.76 6.58
N TYR B 651 21.77 43.86 6.96
CA TYR B 651 21.37 44.87 5.99
C TYR B 651 22.58 45.56 5.38
N THR B 652 23.59 45.87 6.19
CA THR B 652 24.81 46.48 5.66
C THR B 652 25.53 45.53 4.71
N GLU B 653 25.59 44.24 5.05
CA GLU B 653 26.24 43.28 4.16
C GLU B 653 25.46 43.15 2.85
N ILE B 654 24.14 43.13 2.92
CA ILE B 654 23.34 43.06 1.70
C ILE B 654 23.58 44.28 0.83
N ALA B 655 23.63 45.47 1.44
CA ALA B 655 23.87 46.68 0.68
C ALA B 655 25.25 46.65 0.01
N GLU B 656 26.28 46.22 0.75
CA GLU B 656 27.62 46.15 0.17
C GLU B 656 27.67 45.16 -0.98
N ALA B 657 27.04 44.00 -0.81
CA ALA B 657 27.02 43.00 -1.88
C ALA B 657 26.30 43.54 -3.11
N GLU B 658 25.18 44.24 -2.91
CA GLU B 658 24.45 44.80 -4.04
C GLU B 658 25.28 45.85 -4.77
N GLU B 659 25.95 46.73 -4.03
CA GLU B 659 26.77 47.76 -4.66
C GLU B 659 27.89 47.14 -5.47
N GLU B 660 28.57 46.14 -4.90
CA GLU B 660 29.68 45.54 -5.62
C GLU B 660 29.20 44.71 -6.81
N VAL B 661 27.99 44.16 -6.73
CA VAL B 661 27.39 43.51 -7.89
C VAL B 661 27.10 44.52 -8.99
N ARG B 662 26.63 45.71 -8.62
CA ARG B 662 26.43 46.76 -9.61
C ARG B 662 27.75 47.15 -10.26
N GLU B 663 28.82 47.22 -9.47
CA GLU B 663 30.14 47.50 -10.04
C GLU B 663 30.56 46.41 -11.03
N ILE B 664 30.31 45.15 -10.69
CA ILE B 664 30.69 44.05 -11.59
C ILE B 664 29.87 44.10 -12.88
N GLN B 665 28.58 44.46 -12.76
CA GLN B 665 27.76 44.64 -13.96
C GLN B 665 28.30 45.77 -14.83
N GLU B 666 28.75 46.86 -14.20
CA GLU B 666 29.37 47.94 -14.96
C GLU B 666 30.63 47.47 -15.68
N GLN B 667 31.44 46.66 -15.01
CA GLN B 667 32.62 46.10 -15.66
C GLN B 667 32.23 45.21 -16.85
N PHE B 668 31.14 44.45 -16.70
CA PHE B 668 30.65 43.64 -17.81
C PHE B 668 30.24 44.50 -18.99
N GLN B 669 29.57 45.62 -18.73
CA GLN B 669 29.19 46.52 -19.81
C GLN B 669 30.40 47.20 -20.47
N SER B 670 31.56 47.19 -19.82
CA SER B 670 32.78 47.73 -20.40
C SER B 670 33.62 46.68 -21.09
N GLY B 671 33.18 45.43 -21.10
CA GLY B 671 33.91 44.36 -21.77
C GLY B 671 35.13 43.87 -21.04
N LEU B 672 35.37 44.31 -19.81
CA LEU B 672 36.53 43.84 -19.07
C LEU B 672 36.45 42.35 -18.78
N VAL B 673 35.26 41.86 -18.43
CA VAL B 673 35.07 40.46 -18.09
C VAL B 673 33.93 39.89 -18.92
N THR B 674 33.99 38.58 -19.16
CA THR B 674 33.00 37.89 -19.95
C THR B 674 31.77 37.56 -19.10
N ALA B 675 30.73 37.01 -19.76
CA ALA B 675 29.50 36.69 -19.05
C ALA B 675 29.71 35.60 -18.01
N GLY B 676 30.47 34.57 -18.35
CA GLY B 676 30.73 33.50 -17.41
C GLY B 676 31.48 33.98 -16.18
N GLU B 677 32.48 34.85 -16.39
CA GLU B 677 33.19 35.45 -15.27
C GLU B 677 32.25 36.25 -14.39
N ARG B 678 31.37 37.05 -15.01
CA ARG B 678 30.41 37.83 -14.25
C ARG B 678 29.53 36.94 -13.38
N TYR B 679 28.99 35.87 -13.97
CA TYR B 679 28.18 34.92 -13.23
C TYR B 679 28.94 34.35 -12.04
N ASN B 680 30.17 33.89 -12.30
CA ASN B 680 30.93 33.23 -11.25
C ASN B 680 31.25 34.18 -10.10
N LYS B 681 31.67 35.41 -10.42
CA LYS B 681 32.06 36.30 -9.32
C LYS B 681 30.86 36.86 -8.59
N VAL B 682 29.72 37.04 -9.26
CA VAL B 682 28.49 37.39 -8.54
C VAL B 682 28.11 36.28 -7.56
N ILE B 683 28.21 35.02 -8.01
CA ILE B 683 27.89 33.90 -7.13
C ILE B 683 28.83 33.86 -5.92
N ASP B 684 30.13 34.06 -6.16
CA ASP B 684 31.08 34.06 -5.06
C ASP B 684 30.81 35.21 -4.10
N ILE B 685 30.46 36.38 -4.63
CA ILE B 685 30.11 37.54 -3.81
C ILE B 685 28.96 37.18 -2.87
N TRP B 686 27.89 36.61 -3.42
CA TRP B 686 26.72 36.31 -2.61
C TRP B 686 27.00 35.18 -1.62
N ALA B 687 27.80 34.19 -1.99
CA ALA B 687 28.15 33.13 -1.04
C ALA B 687 28.95 33.68 0.13
N SER B 688 29.91 34.56 -0.15
CA SER B 688 30.66 35.20 0.93
C SER B 688 29.75 36.04 1.82
N THR B 689 28.80 36.76 1.20
CA THR B 689 27.86 37.56 2.00
C THR B 689 27.03 36.66 2.90
N ASN B 690 26.57 35.52 2.38
CA ASN B 690 25.79 34.61 3.19
C ASN B 690 26.61 34.07 4.36
N ASP B 691 27.87 33.72 4.11
CA ASP B 691 28.73 33.24 5.19
C ASP B 691 28.92 34.31 6.25
N ARG B 692 29.17 35.56 5.84
CA ARG B 692 29.37 36.63 6.81
C ARG B 692 28.11 36.89 7.63
N VAL B 693 26.94 36.89 6.98
CA VAL B 693 25.69 37.13 7.70
C VAL B 693 25.42 36.01 8.69
N ALA B 694 25.68 34.76 8.27
CA ALA B 694 25.52 33.63 9.18
C ALA B 694 26.45 33.74 10.38
N LYS B 695 27.70 34.12 10.15
CA LYS B 695 28.65 34.27 11.24
C LYS B 695 28.21 35.35 12.22
N ALA B 696 27.79 36.51 11.70
CA ALA B 696 27.36 37.59 12.56
C ALA B 696 26.13 37.20 13.38
N MET B 697 25.18 36.52 12.73
CA MET B 697 23.98 36.07 13.43
C MET B 697 24.31 35.07 14.53
N MET B 698 25.18 34.11 14.24
CA MET B 698 25.57 33.13 15.26
C MET B 698 26.28 33.81 16.42
N GLU B 699 27.19 34.74 16.12
CA GLU B 699 27.91 35.44 17.18
C GLU B 699 26.95 36.25 18.05
N ASN B 700 25.98 36.93 17.44
CA ASN B 700 25.02 37.70 18.21
C ASN B 700 24.11 36.81 19.05
N LEU B 701 23.77 35.63 18.53
CA LEU B 701 22.81 34.77 19.20
C LEU B 701 23.44 33.87 20.25
N SER B 702 24.75 33.67 20.22
CA SER B 702 25.40 32.70 21.08
C SER B 702 25.83 33.24 22.44
N SER B 703 25.84 34.56 22.62
CA SER B 703 26.43 35.14 23.82
C SER B 703 25.54 36.25 24.37
N GLU B 704 25.74 36.54 25.65
CA GLU B 704 25.04 37.61 26.34
C GLU B 704 25.97 38.17 27.39
N GLN B 705 25.62 39.35 27.90
CA GLN B 705 26.40 40.02 28.94
C GLN B 705 25.63 40.01 30.24
N VAL B 706 26.31 39.63 31.33
CA VAL B 706 25.67 39.50 32.64
C VAL B 706 26.50 40.26 33.66
N ILE B 707 25.85 40.62 34.76
CA ILE B 707 26.52 41.27 35.89
C ILE B 707 26.88 40.19 36.90
N ASN B 708 28.16 40.09 37.23
CA ASN B 708 28.63 39.08 38.16
C ASN B 708 28.52 39.59 39.60
N ARG B 709 29.02 38.81 40.55
CA ARG B 709 28.90 39.19 41.96
C ARG B 709 29.69 40.45 42.27
N GLN B 710 30.88 40.59 41.68
CA GLN B 710 31.69 41.78 41.87
C GLN B 710 31.08 43.02 41.23
N GLY B 711 30.07 42.87 40.38
CA GLY B 711 29.45 43.98 39.70
C GLY B 711 29.95 44.23 38.30
N GLU B 712 30.97 43.50 37.85
CA GLU B 712 31.51 43.68 36.53
C GLU B 712 30.63 43.00 35.48
N GLN B 713 30.97 43.22 34.21
CA GLN B 713 30.28 42.60 33.09
C GLN B 713 31.06 41.39 32.63
N GLU B 714 30.36 40.27 32.45
CA GLU B 714 30.97 39.02 32.03
C GLU B 714 30.19 38.44 30.87
N LYS B 715 30.88 37.70 30.01
CA LYS B 715 30.27 37.07 28.86
C LYS B 715 29.76 35.69 29.23
N GLN B 716 28.51 35.40 28.90
CA GLN B 716 27.86 34.15 29.23
C GLN B 716 27.27 33.56 27.96
N GLU B 717 27.25 32.24 27.88
CA GLU B 717 26.60 31.58 26.76
C GLU B 717 25.09 31.76 26.86
N SER B 718 24.46 32.04 25.71
CA SER B 718 23.07 32.48 25.69
C SER B 718 22.11 31.37 26.10
N PHE B 719 21.01 31.78 26.73
CA PHE B 719 19.89 30.89 27.04
C PHE B 719 18.74 31.08 26.07
N ASN B 720 19.02 31.60 24.88
CA ASN B 720 18.03 31.71 23.83
C ASN B 720 17.49 30.33 23.47
N SER B 721 16.17 30.23 23.34
CA SER B 721 15.53 28.92 23.16
C SER B 721 15.98 28.25 21.88
N ILE B 722 16.03 28.98 20.78
CA ILE B 722 16.45 28.39 19.51
C ILE B 722 17.92 27.98 19.57
N TYR B 723 18.75 28.83 20.16
CA TYR B 723 20.16 28.49 20.36
C TYR B 723 20.31 27.25 21.23
N MET B 724 19.53 27.15 22.31
CA MET B 724 19.61 25.98 23.17
C MET B 724 19.18 24.73 22.44
N MET B 725 18.11 24.82 21.63
CA MET B 725 17.65 23.65 20.89
C MET B 725 18.70 23.19 19.89
N ALA B 726 19.34 24.13 19.19
CA ALA B 726 20.34 23.74 18.20
C ALA B 726 21.62 23.22 18.85
N ASP B 727 22.10 23.91 19.87
CA ASP B 727 23.38 23.57 20.47
C ASP B 727 23.34 22.24 21.20
N SER B 728 22.21 21.94 21.85
CA SER B 728 22.09 20.68 22.57
C SER B 728 21.98 19.49 21.64
N GLY B 729 21.70 19.70 20.36
CA GLY B 729 21.43 18.61 19.46
C GLY B 729 20.05 18.03 19.57
N ALA B 730 19.13 18.69 20.28
CA ALA B 730 17.77 18.20 20.39
C ALA B 730 17.06 18.27 19.04
N ARG B 731 16.98 19.46 18.45
CA ARG B 731 16.51 19.62 17.09
C ARG B 731 17.05 20.94 16.55
N GLY B 732 17.39 20.95 15.28
CA GLY B 732 17.90 22.16 14.66
C GLY B 732 19.39 22.11 14.45
N SER B 733 19.86 22.86 13.46
CA SER B 733 21.26 22.94 13.13
C SER B 733 21.60 24.39 12.81
N ALA B 734 22.85 24.63 12.40
CA ALA B 734 23.27 25.98 12.06
C ALA B 734 22.56 26.48 10.81
N ALA B 735 22.37 25.62 9.81
CA ALA B 735 21.75 26.04 8.56
C ALA B 735 20.29 26.43 8.75
N GLN B 736 19.57 25.70 9.62
CA GLN B 736 18.17 26.01 9.82
C GLN B 736 17.99 27.32 10.58
N ILE B 737 18.87 27.58 11.55
CA ILE B 737 18.83 28.86 12.24
C ILE B 737 19.21 29.98 11.28
N ARG B 738 20.16 29.69 10.38
CA ARG B 738 20.49 30.60 9.29
C ARG B 738 19.24 31.00 8.52
N GLN B 739 18.45 30.00 8.14
CA GLN B 739 17.24 30.27 7.36
C GLN B 739 16.19 31.01 8.18
N LEU B 740 16.14 30.78 9.50
CA LEU B 740 15.16 31.46 10.32
C LEU B 740 15.52 32.92 10.56
N ALA B 741 16.79 33.21 10.84
CA ALA B 741 17.20 34.53 11.30
C ALA B 741 18.26 35.20 10.44
N GLY B 742 18.73 34.56 9.37
CA GLY B 742 19.71 35.18 8.51
C GLY B 742 19.23 35.34 7.08
N MET B 743 19.86 34.62 6.16
CA MET B 743 19.52 34.62 4.75
C MET B 743 19.16 33.22 4.31
N ARG B 744 18.23 33.10 3.38
CA ARG B 744 17.97 31.80 2.79
C ARG B 744 19.06 31.40 1.80
N GLY B 745 19.67 32.36 1.12
CA GLY B 745 20.80 32.09 0.26
C GLY B 745 20.43 31.75 -1.16
N LEU B 746 21.45 31.39 -1.93
CA LEU B 746 21.28 31.07 -3.33
C LEU B 746 20.52 29.77 -3.49
N MET B 747 19.61 29.74 -4.46
CA MET B 747 18.80 28.57 -4.75
C MET B 747 19.06 28.10 -6.18
N ALA B 748 18.64 26.88 -6.47
CA ALA B 748 18.91 26.22 -7.73
C ALA B 748 17.66 26.10 -8.58
N ARG B 749 17.84 26.19 -9.89
CA ARG B 749 16.80 25.93 -10.84
C ARG B 749 16.52 24.43 -10.89
N PRO B 750 15.39 24.02 -11.50
CA PRO B 750 15.11 22.58 -11.56
C PRO B 750 16.20 21.76 -12.23
N ASP B 751 16.91 22.31 -13.22
CA ASP B 751 18.00 21.57 -13.85
C ASP B 751 19.24 21.51 -12.96
N GLY B 752 19.44 22.50 -12.10
CA GLY B 752 20.56 22.45 -11.18
C GLY B 752 21.38 23.72 -11.14
N SER B 753 21.17 24.62 -12.11
CA SER B 753 21.92 25.86 -12.15
C SER B 753 21.49 26.79 -11.02
N ILE B 754 22.40 27.66 -10.62
CA ILE B 754 22.21 28.57 -9.49
C ILE B 754 21.73 29.91 -9.99
N ILE B 755 20.69 30.44 -9.36
CA ILE B 755 20.16 31.75 -9.72
C ILE B 755 21.03 32.83 -9.10
N GLU B 756 21.34 33.86 -9.90
CA GLU B 756 22.30 34.87 -9.49
C GLU B 756 21.84 35.62 -8.24
N THR B 757 20.63 36.16 -8.27
CA THR B 757 20.13 36.86 -7.11
C THR B 757 19.66 35.84 -6.07
N PRO B 758 20.08 35.97 -4.82
CA PRO B 758 19.64 35.04 -3.78
C PRO B 758 18.40 35.57 -3.06
N ILE B 759 17.85 34.72 -2.19
CA ILE B 759 16.76 35.12 -1.32
C ILE B 759 17.40 35.81 -0.12
N THR B 760 17.33 37.15 -0.11
CA THR B 760 17.91 37.96 0.94
C THR B 760 16.96 38.18 2.12
N ALA B 761 16.01 37.28 2.31
CA ALA B 761 15.07 37.35 3.42
C ALA B 761 15.05 36.03 4.16
N ASN B 762 14.71 36.09 5.43
CA ASN B 762 14.55 34.90 6.25
C ASN B 762 13.07 34.63 6.47
N PHE B 763 12.78 33.54 7.18
CA PHE B 763 11.40 33.19 7.46
C PHE B 763 10.77 34.06 8.53
N LYS B 764 11.58 34.77 9.32
CA LYS B 764 11.03 35.73 10.27
C LYS B 764 10.47 36.96 9.55
N GLU B 765 11.22 37.49 8.59
CA GLU B 765 10.75 38.64 7.82
C GLU B 765 9.68 38.24 6.81
N GLY B 766 9.79 37.06 6.24
CA GLY B 766 8.85 36.61 5.23
C GLY B 766 9.36 36.86 3.83
N LEU B 767 9.13 35.91 2.94
CA LEU B 767 9.53 36.04 1.55
C LEU B 767 8.41 36.69 0.74
N ASN B 768 8.77 37.23 -0.41
CA ASN B 768 7.76 37.70 -1.36
C ASN B 768 7.44 36.56 -2.32
N VAL B 769 6.70 36.87 -3.38
CA VAL B 769 6.18 35.82 -4.26
C VAL B 769 7.30 35.14 -5.03
N LEU B 770 8.21 35.93 -5.62
CA LEU B 770 9.28 35.34 -6.41
C LEU B 770 10.19 34.47 -5.56
N GLN B 771 10.55 34.94 -4.36
CA GLN B 771 11.42 34.16 -3.49
C GLN B 771 10.77 32.84 -3.12
N TYR B 772 9.46 32.86 -2.83
CA TYR B 772 8.76 31.63 -2.49
C TYR B 772 8.71 30.68 -3.68
N PHE B 773 8.52 31.20 -4.89
CA PHE B 773 8.53 30.36 -6.08
C PHE B 773 9.89 29.69 -6.27
N ILE B 774 10.97 30.46 -6.11
CA ILE B 774 12.31 29.89 -6.22
C ILE B 774 12.51 28.80 -5.18
N SER B 775 11.99 29.01 -3.96
CA SER B 775 12.11 27.99 -2.93
C SER B 775 11.37 26.71 -3.31
N THR B 776 10.17 26.86 -3.88
CA THR B 776 9.41 25.69 -4.31
C THR B 776 10.14 24.88 -5.35
N HIS B 777 10.92 25.56 -6.21
CA HIS B 777 11.72 24.84 -7.21
C HIS B 777 12.54 23.72 -6.57
N GLY B 778 13.21 24.02 -5.46
CA GLY B 778 14.02 23.00 -4.80
C GLY B 778 13.25 22.08 -3.88
N ALA B 779 12.18 22.59 -3.26
CA ALA B 779 11.38 21.72 -2.40
C ALA B 779 10.78 20.56 -3.18
N ARG B 780 10.23 20.84 -4.36
CA ARG B 780 9.64 19.78 -5.17
C ARG B 780 10.69 18.76 -5.58
N LYS B 781 11.88 19.22 -5.95
CA LYS B 781 12.95 18.31 -6.33
C LYS B 781 13.32 17.39 -5.18
N GLY B 782 13.44 17.94 -3.97
CA GLY B 782 13.75 17.10 -2.82
C GLY B 782 12.71 16.03 -2.58
N LEU B 783 11.42 16.42 -2.63
CA LEU B 783 10.37 15.44 -2.37
C LEU B 783 10.35 14.33 -3.42
N ALA B 784 10.48 14.70 -4.70
CA ALA B 784 10.49 13.69 -5.75
C ALA B 784 11.69 12.75 -5.63
N ASP B 785 12.85 13.32 -5.28
CA ASP B 785 14.03 12.49 -5.10
C ASP B 785 13.84 11.47 -4.00
N THR B 786 13.27 11.89 -2.87
CA THR B 786 12.99 10.95 -1.79
C THR B 786 12.06 9.84 -2.27
N ALA B 787 10.99 10.22 -2.97
CA ALA B 787 9.98 9.25 -3.39
C ALA B 787 10.59 8.18 -4.29
N LEU B 788 11.45 8.58 -5.24
CA LEU B 788 12.01 7.60 -6.17
C LEU B 788 13.14 6.77 -5.52
N LYS B 789 13.98 7.41 -4.71
CA LYS B 789 15.06 6.67 -4.09
C LYS B 789 14.54 5.63 -3.12
N THR B 790 13.32 5.80 -2.60
CA THR B 790 12.75 4.74 -1.76
C THR B 790 12.66 3.42 -2.52
N ALA B 791 12.10 3.45 -3.73
CA ALA B 791 11.99 2.23 -4.53
C ALA B 791 13.36 1.71 -4.94
N ASN B 792 14.28 2.60 -5.30
CA ASN B 792 15.61 2.15 -5.68
C ASN B 792 16.30 1.41 -4.53
N SER B 793 16.23 1.99 -3.33
CA SER B 793 16.84 1.37 -2.16
C SER B 793 16.19 0.05 -1.82
N GLY B 794 14.86 -0.02 -1.95
CA GLY B 794 14.17 -1.28 -1.66
C GLY B 794 14.63 -2.40 -2.58
N TYR B 795 14.74 -2.11 -3.87
CA TYR B 795 15.22 -3.13 -4.81
C TYR B 795 16.64 -3.56 -4.49
N LEU B 796 17.52 -2.60 -4.16
CA LEU B 796 18.89 -2.95 -3.81
C LEU B 796 18.94 -3.85 -2.57
N THR B 797 18.15 -3.50 -1.55
CA THR B 797 18.14 -4.31 -0.33
C THR B 797 17.65 -5.72 -0.60
N ARG B 798 16.61 -5.85 -1.43
CA ARG B 798 16.12 -7.19 -1.74
C ARG B 798 17.19 -8.01 -2.45
N ARG B 799 17.91 -7.40 -3.39
CA ARG B 799 18.97 -8.14 -4.09
C ARG B 799 20.07 -8.57 -3.13
N LEU B 800 20.47 -7.68 -2.21
CA LEU B 800 21.50 -8.04 -1.24
C LEU B 800 21.04 -9.17 -0.33
N VAL B 801 19.80 -9.11 0.15
CA VAL B 801 19.30 -10.16 1.02
C VAL B 801 19.27 -11.49 0.28
N ASP B 802 18.88 -11.48 -0.99
CA ASP B 802 18.91 -12.72 -1.75
C ASP B 802 20.32 -13.27 -1.90
N VAL B 803 21.28 -12.42 -2.22
CA VAL B 803 22.62 -12.95 -2.48
C VAL B 803 23.27 -13.46 -1.20
N ALA B 804 22.92 -12.89 -0.05
CA ALA B 804 23.62 -13.23 1.19
C ALA B 804 22.78 -14.09 2.14
N GLN B 805 21.64 -14.59 1.71
CA GLN B 805 20.73 -15.26 2.64
C GLN B 805 21.27 -16.60 3.14
N ASP B 806 22.24 -17.19 2.44
CA ASP B 806 22.74 -18.51 2.81
C ASP B 806 23.91 -18.46 3.79
N VAL B 807 24.43 -17.29 4.10
CA VAL B 807 25.64 -17.19 4.93
C VAL B 807 25.22 -17.31 6.40
N VAL B 808 25.64 -18.40 7.03
CA VAL B 808 25.37 -18.66 8.44
C VAL B 808 26.68 -19.09 9.09
N VAL B 809 26.90 -18.67 10.33
CA VAL B 809 28.06 -19.11 11.08
C VAL B 809 27.87 -20.59 11.39
N THR B 810 28.62 -21.44 10.70
CA THR B 810 28.44 -22.89 10.79
C THR B 810 29.45 -23.57 11.69
N GLU B 811 30.62 -22.96 11.92
CA GLU B 811 31.66 -23.56 12.72
C GLU B 811 32.17 -22.59 13.76
N HIS B 812 33.25 -22.95 14.46
CA HIS B 812 33.96 -22.03 15.32
C HIS B 812 35.27 -21.58 14.70
N ASP B 813 36.11 -22.51 14.29
CA ASP B 813 37.37 -22.22 13.62
C ASP B 813 37.49 -23.12 12.39
N CYS B 814 37.83 -22.52 11.25
CA CYS B 814 38.04 -23.26 10.03
C CYS B 814 39.49 -23.69 9.84
N GLY B 815 40.39 -23.26 10.72
CA GLY B 815 41.78 -23.64 10.63
C GLY B 815 42.49 -23.13 9.40
N THR B 816 42.30 -21.86 9.06
CA THR B 816 43.00 -21.24 7.95
C THR B 816 43.98 -20.19 8.48
N LEU B 817 45.12 -20.08 7.79
CA LEU B 817 46.13 -19.09 8.13
C LEU B 817 46.02 -17.81 7.32
N GLU B 818 45.11 -17.76 6.34
CA GLU B 818 44.96 -16.60 5.51
C GLU B 818 44.29 -15.46 6.27
N GLY B 819 44.45 -14.26 5.76
CA GLY B 819 43.85 -13.09 6.38
C GLY B 819 44.02 -11.88 5.50
N VAL B 820 43.53 -10.75 6.00
CA VAL B 820 43.59 -9.48 5.29
C VAL B 820 44.47 -8.52 6.08
N VAL B 821 45.11 -7.62 5.35
CA VAL B 821 46.02 -6.64 5.91
C VAL B 821 45.24 -5.37 6.20
N MET B 822 45.31 -4.89 7.44
CA MET B 822 44.56 -3.74 7.88
C MET B 822 45.51 -2.63 8.31
N THR B 823 45.25 -1.42 7.82
CA THR B 823 46.06 -0.23 8.05
C THR B 823 45.13 0.95 8.20
N PRO B 824 45.55 2.01 8.89
CA PRO B 824 44.71 3.21 8.97
C PRO B 824 44.44 3.76 7.58
N HIS B 825 43.23 4.29 7.40
CA HIS B 825 42.80 4.80 6.11
C HIS B 825 43.32 6.22 5.95
N ILE B 826 44.25 6.42 5.01
CA ILE B 826 44.82 7.72 4.72
C ILE B 826 44.43 8.11 3.31
N GLU B 827 43.76 9.25 3.18
CA GLU B 827 43.38 9.82 1.90
C GLU B 827 43.88 11.25 1.77
N GLY B 828 45.11 11.48 2.21
CA GLY B 828 45.69 12.81 2.17
C GLY B 828 46.64 13.05 3.31
N GLY B 829 46.53 14.21 3.95
CA GLY B 829 47.37 14.54 5.08
C GLY B 829 46.78 14.23 6.43
N ASP B 830 45.60 13.61 6.48
CA ASP B 830 44.94 13.29 7.72
C ASP B 830 44.37 11.88 7.63
N VAL B 831 44.19 11.26 8.80
CA VAL B 831 43.59 9.94 8.85
C VAL B 831 42.08 10.07 8.69
N LYS B 832 41.52 9.30 7.75
CA LYS B 832 40.07 9.30 7.60
C LYS B 832 39.41 8.47 8.69
N VAL B 833 40.05 7.38 9.09
CA VAL B 833 39.56 6.52 10.16
C VAL B 833 40.75 5.80 10.78
N ALA B 834 40.69 5.59 12.08
CA ALA B 834 41.81 5.04 12.81
C ALA B 834 41.85 3.51 12.68
N LEU B 835 43.01 2.94 13.00
CA LEU B 835 43.15 1.49 12.99
C LEU B 835 42.34 0.84 14.10
N THR B 836 42.17 1.55 15.22
CA THR B 836 41.36 1.02 16.32
C THR B 836 39.92 0.80 15.90
N GLU B 837 39.33 1.77 15.18
CA GLU B 837 37.95 1.62 14.74
C GLU B 837 37.79 0.49 13.74
N LEU B 838 38.81 0.23 12.91
CA LEU B 838 38.76 -0.86 11.96
C LEU B 838 38.97 -2.21 12.63
N ALA B 839 39.79 -2.26 13.68
CA ALA B 839 40.18 -3.53 14.28
C ALA B 839 39.30 -3.96 15.44
N LEU B 840 38.41 -3.10 15.92
CA LEU B 840 37.60 -3.43 17.08
C LEU B 840 36.60 -4.52 16.70
N GLY B 841 36.83 -5.73 17.19
CA GLY B 841 35.95 -6.85 16.93
C GLY B 841 36.46 -7.87 15.94
N ARG B 842 37.74 -7.83 15.59
CA ARG B 842 38.30 -8.73 14.59
C ARG B 842 39.37 -9.60 15.23
N VAL B 843 39.48 -10.83 14.75
CA VAL B 843 40.37 -11.83 15.31
C VAL B 843 41.71 -11.77 14.59
N VAL B 844 42.79 -11.74 15.37
CA VAL B 844 44.13 -11.61 14.82
C VAL B 844 44.51 -12.87 14.07
N SER B 845 45.09 -12.70 12.87
CA SER B 845 45.52 -13.82 12.05
C SER B 845 47.02 -14.09 12.12
N GLU B 846 47.83 -13.05 12.27
CA GLU B 846 49.27 -13.20 12.44
C GLU B 846 49.71 -12.37 13.63
N ASP B 847 50.67 -12.91 14.39
CA ASP B 847 51.03 -12.32 15.67
C ASP B 847 51.48 -10.88 15.50
N ILE B 848 51.02 -10.01 16.42
CA ILE B 848 51.31 -8.58 16.36
C ILE B 848 52.62 -8.36 17.12
N LEU B 849 53.73 -8.41 16.39
CA LEU B 849 55.03 -8.13 16.95
C LEU B 849 55.20 -6.63 17.18
N LYS B 850 55.81 -6.26 18.30
CA LYS B 850 56.08 -4.86 18.56
C LYS B 850 57.08 -4.33 17.54
N PRO B 851 56.89 -3.12 17.02
CA PRO B 851 57.81 -2.59 16.01
C PRO B 851 59.23 -2.51 16.54
N GLY B 852 60.18 -2.86 15.68
CA GLY B 852 61.58 -2.89 16.08
C GLY B 852 61.90 -3.91 17.15
N THR B 853 61.03 -4.89 17.35
CA THR B 853 61.18 -5.86 18.42
C THR B 853 60.53 -7.16 17.98
N ASP B 854 60.89 -8.25 18.65
CA ASP B 854 60.32 -9.57 18.35
C ASP B 854 59.40 -10.07 19.45
N GLU B 855 59.02 -9.22 20.41
CA GLU B 855 58.06 -9.62 21.41
C GLU B 855 56.66 -9.71 20.81
N VAL B 856 55.96 -10.81 21.10
CA VAL B 856 54.61 -11.02 20.58
C VAL B 856 53.65 -10.28 21.52
N LEU B 857 53.30 -9.05 21.15
CA LEU B 857 52.40 -8.25 21.98
C LEU B 857 51.00 -8.86 22.02
N ILE B 858 50.48 -9.29 20.87
CA ILE B 858 49.14 -9.85 20.78
C ILE B 858 49.25 -11.15 19.99
N PRO B 859 48.86 -12.29 20.56
CA PRO B 859 49.01 -13.57 19.85
C PRO B 859 47.90 -13.76 18.82
N ARG B 860 47.98 -14.88 18.11
CA ARG B 860 46.99 -15.22 17.10
C ARG B 860 45.71 -15.69 17.76
N ASN B 861 44.59 -15.50 17.05
CA ASN B 861 43.27 -15.96 17.48
C ASN B 861 42.85 -15.33 18.78
N THR B 862 42.98 -14.00 18.86
CA THR B 862 42.47 -13.23 20.00
C THR B 862 41.58 -12.12 19.48
N LEU B 863 40.40 -12.01 20.07
CA LEU B 863 39.47 -10.95 19.70
C LEU B 863 39.99 -9.61 20.20
N LEU B 864 39.89 -8.59 19.35
CA LEU B 864 40.38 -7.25 19.70
C LEU B 864 39.21 -6.45 20.27
N ASP B 865 39.23 -6.27 21.58
CA ASP B 865 38.25 -5.46 22.28
C ASP B 865 38.85 -4.10 22.63
N GLU B 866 38.13 -3.34 23.46
CA GLU B 866 38.56 -1.98 23.78
C GLU B 866 39.92 -1.96 24.47
N LYS B 867 40.14 -2.89 25.40
CA LYS B 867 41.42 -2.93 26.12
C LYS B 867 42.58 -3.19 25.17
N TRP B 868 42.44 -4.19 24.30
CA TRP B 868 43.50 -4.48 23.35
C TRP B 868 43.61 -3.39 22.29
N CYS B 869 42.51 -2.69 22.00
CA CYS B 869 42.59 -1.54 21.12
C CYS B 869 43.44 -0.43 21.73
N LYS B 870 43.26 -0.17 23.02
CA LYS B 870 44.12 0.79 23.71
C LYS B 870 45.57 0.34 23.71
N VAL B 871 45.78 -0.97 23.89
CA VAL B 871 47.15 -1.51 23.84
C VAL B 871 47.77 -1.25 22.48
N ILE B 872 47.02 -1.49 21.41
CA ILE B 872 47.54 -1.25 20.05
C ILE B 872 47.83 0.23 19.85
N ASN B 873 46.92 1.10 20.30
CA ASN B 873 47.09 2.52 20.10
C ASN B 873 48.32 3.05 20.84
N ASP B 874 48.54 2.58 22.06
CA ASP B 874 49.66 3.10 22.85
C ASP B 874 51.01 2.74 22.24
N ASN B 875 51.15 1.52 21.74
CA ASN B 875 52.44 1.04 21.24
C ASN B 875 52.68 1.37 19.79
N SER B 876 51.88 2.27 19.19
CA SER B 876 52.13 2.83 17.88
C SER B 876 52.34 1.74 16.82
N VAL B 877 51.29 0.94 16.63
CA VAL B 877 51.30 -0.12 15.63
C VAL B 877 50.50 0.36 14.43
N ASP B 878 51.05 0.17 13.24
CA ASP B 878 50.45 0.71 12.01
C ASP B 878 49.66 -0.36 11.28
N GLN B 879 50.29 -1.46 10.91
CA GLN B 879 49.67 -2.47 10.07
C GLN B 879 49.51 -3.77 10.86
N ILE B 880 48.31 -4.37 10.78
CA ILE B 880 48.04 -5.65 11.39
C ILE B 880 47.43 -6.57 10.35
N LYS B 881 47.22 -7.82 10.75
CA LYS B 881 46.60 -8.82 9.89
C LYS B 881 45.50 -9.52 10.66
N VAL B 882 44.31 -9.56 10.08
CA VAL B 882 43.12 -10.06 10.77
C VAL B 882 42.39 -11.05 9.89
N ARG B 883 41.64 -11.95 10.52
CA ARG B 883 40.83 -12.91 9.79
C ARG B 883 39.63 -12.22 9.16
N SER B 884 39.25 -12.67 7.98
CA SER B 884 38.14 -12.08 7.24
C SER B 884 37.22 -13.15 6.71
N VAL B 885 35.96 -12.77 6.49
CA VAL B 885 34.97 -13.69 5.95
C VAL B 885 35.33 -14.08 4.53
N VAL B 886 35.94 -13.16 3.77
CA VAL B 886 36.29 -13.44 2.38
C VAL B 886 37.33 -14.56 2.31
N THR B 887 38.24 -14.60 3.27
CA THR B 887 39.32 -15.57 3.30
C THR B 887 38.99 -16.83 4.10
N CYS B 888 37.76 -16.96 4.57
CA CYS B 888 37.38 -18.14 5.34
C CYS B 888 37.39 -19.39 4.48
N ASP B 889 37.77 -20.52 5.07
CA ASP B 889 37.92 -21.77 4.37
C ASP B 889 36.77 -22.74 4.60
N SER B 890 35.68 -22.29 5.22
CA SER B 890 34.56 -23.17 5.50
C SER B 890 33.89 -23.62 4.22
N ASP B 891 33.48 -24.90 4.20
CA ASP B 891 32.83 -25.44 3.01
C ASP B 891 31.49 -24.77 2.76
N PHE B 892 30.70 -24.55 3.81
CA PHE B 892 29.43 -23.87 3.71
C PHE B 892 29.34 -22.84 4.82
N GLY B 893 28.99 -21.61 4.45
CA GLY B 893 28.92 -20.55 5.43
C GLY B 893 30.30 -20.06 5.84
N CYS B 894 30.35 -19.50 7.05
CA CYS B 894 31.59 -18.98 7.62
C CYS B 894 31.72 -19.49 9.05
N CYS B 895 32.87 -19.23 9.66
CA CYS B 895 33.15 -19.61 11.03
C CYS B 895 33.22 -18.37 11.91
N ALA B 896 33.17 -18.61 13.23
CA ALA B 896 33.06 -17.52 14.18
C ALA B 896 34.32 -16.65 14.21
N GLN B 897 35.50 -17.28 14.13
CA GLN B 897 36.73 -16.51 14.24
C GLN B 897 36.95 -15.62 13.02
N CYS B 898 36.65 -16.12 11.82
CA CYS B 898 36.79 -15.30 10.63
C CYS B 898 35.78 -14.17 10.59
N TYR B 899 34.69 -14.26 11.34
CA TYR B 899 33.72 -13.17 11.41
C TYR B 899 34.06 -12.20 12.53
N GLY B 900 34.20 -12.71 13.76
CA GLY B 900 34.56 -11.87 14.87
C GLY B 900 33.41 -11.50 15.79
N ARG B 901 33.46 -10.29 16.32
CA ARG B 901 32.45 -9.87 17.30
C ARG B 901 31.11 -9.64 16.65
N ASP B 902 30.05 -10.09 17.32
CA ASP B 902 28.68 -9.75 16.95
C ASP B 902 28.40 -8.35 17.48
N LEU B 903 28.23 -7.40 16.56
CA LEU B 903 28.15 -6.00 16.97
C LEU B 903 26.93 -5.70 17.82
N ALA B 904 25.82 -6.41 17.59
CA ALA B 904 24.63 -6.18 18.37
C ALA B 904 24.68 -6.81 19.75
N ARG B 905 25.64 -7.69 20.01
CA ARG B 905 25.73 -8.39 21.28
C ARG B 905 27.02 -8.12 22.05
N GLY B 906 28.08 -7.68 21.38
CA GLY B 906 29.29 -7.29 22.05
C GLY B 906 30.33 -8.39 22.24
N HIS B 907 29.99 -9.63 21.97
CA HIS B 907 30.89 -10.75 22.14
C HIS B 907 31.12 -11.45 20.80
N LEU B 908 31.89 -12.52 20.83
CA LEU B 908 32.14 -13.30 19.62
C LEU B 908 30.84 -13.89 19.11
N VAL B 909 30.70 -13.93 17.79
CA VAL B 909 29.45 -14.38 17.17
C VAL B 909 29.19 -15.85 17.49
N ASN B 910 27.93 -16.18 17.71
CA ASN B 910 27.53 -17.54 18.04
C ASN B 910 27.27 -18.35 16.79
N GLN B 911 27.37 -19.66 16.92
CA GLN B 911 27.06 -20.56 15.83
C GLN B 911 25.58 -20.49 15.50
N GLY B 912 25.26 -20.46 14.21
CA GLY B 912 23.89 -20.36 13.77
C GLY B 912 23.39 -18.96 13.52
N GLU B 913 24.25 -17.95 13.65
CA GLU B 913 23.84 -16.57 13.41
C GLU B 913 23.81 -16.30 11.92
N ALA B 914 22.67 -15.86 11.42
CA ALA B 914 22.50 -15.55 10.00
C ALA B 914 23.12 -14.19 9.74
N VAL B 915 24.43 -14.21 9.47
CA VAL B 915 25.16 -12.95 9.30
C VAL B 915 24.97 -12.33 7.93
N GLY B 916 24.58 -13.13 6.92
CA GLY B 916 24.32 -12.56 5.62
C GLY B 916 23.10 -11.65 5.59
N VAL B 917 22.02 -12.07 6.25
CA VAL B 917 20.83 -11.24 6.34
C VAL B 917 21.14 -9.96 7.12
N ILE B 918 21.93 -10.07 8.19
CA ILE B 918 22.32 -8.91 8.96
C ILE B 918 23.14 -7.95 8.11
N ALA B 919 24.07 -8.50 7.32
CA ALA B 919 24.89 -7.66 6.45
C ALA B 919 24.04 -6.94 5.41
N ALA B 920 23.13 -7.67 4.78
CA ALA B 920 22.28 -7.07 3.75
C ALA B 920 21.40 -5.98 4.33
N GLN B 921 20.80 -6.23 5.49
CA GLN B 921 19.97 -5.20 6.12
C GLN B 921 20.80 -4.01 6.56
N SER B 922 22.00 -4.24 7.07
CA SER B 922 22.86 -3.15 7.50
C SER B 922 23.26 -2.25 6.35
N ILE B 923 23.57 -2.84 5.19
CA ILE B 923 23.90 -2.03 4.02
C ILE B 923 22.67 -1.34 3.48
N GLY B 924 21.53 -2.04 3.42
CA GLY B 924 20.37 -1.50 2.75
C GLY B 924 19.60 -0.45 3.52
N GLU B 925 19.61 -0.52 4.85
CA GLU B 925 18.82 0.41 5.65
C GLU B 925 19.18 1.87 5.40
N PRO B 926 20.45 2.28 5.37
CA PRO B 926 20.78 3.69 5.13
C PRO B 926 20.67 4.14 3.68
N GLY B 927 20.07 3.35 2.79
CA GLY B 927 20.00 3.73 1.40
C GLY B 927 19.14 4.96 1.15
N THR B 928 18.18 5.22 2.03
CA THR B 928 17.35 6.40 1.88
C THR B 928 18.14 7.67 2.15
N GLN B 929 19.07 7.63 3.10
CA GLN B 929 19.88 8.81 3.40
C GLN B 929 20.86 9.12 2.27
N LEU B 930 21.25 8.12 1.50
CA LEU B 930 22.19 8.31 0.42
C LEU B 930 21.55 9.15 -0.70
N THR B 931 22.37 9.97 -1.34
CA THR B 931 21.90 10.82 -2.43
C THR B 931 21.69 10.02 -3.70
N ILE B 950 52.95 19.47 -3.18
CA ILE B 950 52.67 18.66 -2.01
C ILE B 950 53.47 19.17 -0.81
N GLN B 951 52.78 19.87 0.10
CA GLN B 951 53.40 20.42 1.29
C GLN B 951 53.04 19.59 2.49
N ALA B 952 54.05 19.18 3.26
CA ALA B 952 53.82 18.33 4.42
C ALA B 952 53.09 19.09 5.52
N LYS B 953 52.13 18.39 6.15
CA LYS B 953 51.42 18.93 7.29
C LYS B 953 51.80 18.25 8.60
N ASN B 954 52.87 17.46 8.61
CA ASN B 954 53.34 16.79 9.81
C ASN B 954 54.84 16.65 9.74
N ASN B 955 55.46 16.42 10.90
CA ASN B 955 56.89 16.27 11.02
C ASN B 955 57.27 14.80 11.05
N GLY B 956 58.33 14.45 10.32
CA GLY B 956 58.78 13.08 10.28
C GLY B 956 59.77 12.86 9.15
N SER B 957 59.90 11.60 8.75
CA SER B 957 60.77 11.19 7.67
C SER B 957 59.94 10.83 6.44
N VAL B 958 60.62 10.73 5.30
CA VAL B 958 59.99 10.44 4.01
C VAL B 958 60.42 9.06 3.56
N LYS B 959 59.44 8.23 3.22
CA LYS B 959 59.68 6.90 2.67
C LYS B 959 58.94 6.78 1.35
N LEU B 960 59.62 6.20 0.36
CA LEU B 960 59.07 6.03 -0.98
C LEU B 960 58.86 4.55 -1.26
N HIS B 961 57.75 4.25 -1.93
CA HIS B 961 57.40 2.86 -2.26
C HIS B 961 57.42 2.62 -3.77
N GLU B 981 54.96 5.35 -4.04
CA GLU B 981 54.23 6.51 -3.58
C GLU B 981 55.01 7.26 -2.50
N LEU B 982 54.43 8.34 -1.99
CA LEU B 982 55.06 9.18 -0.99
C LEU B 982 54.42 8.92 0.37
N THR B 983 55.25 8.66 1.37
CA THR B 983 54.77 8.43 2.73
C THR B 983 55.57 9.28 3.69
N ILE B 984 54.88 9.95 4.62
CA ILE B 984 55.52 10.78 5.64
C ILE B 984 55.25 10.12 6.98
N ILE B 985 56.28 9.52 7.55
CA ILE B 985 56.17 8.76 8.79
C ILE B 985 56.55 9.66 9.96
N ASP B 986 55.79 9.58 11.05
CA ASP B 986 56.14 10.32 12.25
C ASP B 986 57.30 9.64 12.97
N GLU B 987 57.81 10.33 14.00
CA GLU B 987 58.91 9.77 14.79
C GLU B 987 58.49 8.50 15.51
N PHE B 988 57.21 8.41 15.91
CA PHE B 988 56.72 7.21 16.58
C PHE B 988 56.66 6.01 15.65
N GLY B 989 56.69 6.22 14.34
CA GLY B 989 56.66 5.13 13.38
C GLY B 989 55.34 4.91 12.68
N ARG B 990 54.33 5.75 12.94
CA ARG B 990 53.03 5.61 12.30
C ARG B 990 52.99 6.40 11.01
N THR B 991 52.42 5.79 9.97
CA THR B 991 52.26 6.46 8.69
C THR B 991 51.06 7.40 8.76
N LYS B 992 51.31 8.69 8.58
CA LYS B 992 50.27 9.71 8.74
C LYS B 992 50.01 10.55 7.51
N GLU B 993 50.82 10.43 6.46
CA GLU B 993 50.57 11.11 5.20
C GLU B 993 50.89 10.17 4.05
N LYS B 994 49.89 9.88 3.22
CA LYS B 994 50.06 9.05 2.03
C LYS B 994 49.71 9.90 0.81
N HIS B 995 50.68 10.07 -0.07
CA HIS B 995 50.53 10.97 -1.21
C HIS B 995 50.96 10.28 -2.49
N LYS B 996 50.36 10.71 -3.60
CA LYS B 996 50.70 10.17 -4.90
C LYS B 996 52.06 10.67 -5.36
N LEU B 997 52.65 9.94 -6.31
CA LEU B 997 53.94 10.29 -6.90
C LEU B 997 53.78 10.32 -8.41
N PRO B 998 53.33 11.44 -8.98
CA PRO B 998 53.20 11.54 -10.43
C PRO B 998 54.54 11.34 -11.11
N TYR B 999 54.51 10.66 -12.26
CA TYR B 999 55.73 10.38 -13.00
C TYR B 999 56.23 11.64 -13.70
N LEU B 1003 61.14 16.75 -5.96
CA LEU B 1003 61.02 16.44 -4.54
C LEU B 1003 62.10 17.14 -3.72
N SER B 1004 61.71 17.68 -2.57
CA SER B 1004 62.65 18.38 -1.72
C SER B 1004 63.57 17.41 -0.99
N LYS B 1005 63.02 16.32 -0.47
CA LYS B 1005 63.76 15.36 0.33
C LYS B 1005 63.73 13.99 -0.31
N ALA B 1006 64.86 13.29 -0.25
CA ALA B 1006 64.99 11.95 -0.82
C ALA B 1006 64.46 10.93 0.18
N ASP B 1007 64.73 9.66 -0.08
CA ASP B 1007 64.26 8.59 0.80
C ASP B 1007 64.98 8.66 2.15
N GLY B 1008 64.19 8.57 3.23
CA GLY B 1008 64.74 8.58 4.56
C GLY B 1008 65.07 9.95 5.11
N ASP B 1009 64.99 11.00 4.31
CA ASP B 1009 65.32 12.34 4.76
C ASP B 1009 64.21 12.89 5.64
N ALA B 1010 64.57 13.36 6.83
CA ALA B 1010 63.59 13.93 7.73
C ALA B 1010 63.05 15.24 7.18
N VAL B 1011 61.76 15.48 7.39
CA VAL B 1011 61.10 16.69 6.91
C VAL B 1011 60.36 17.32 8.08
N ALA B 1012 60.52 18.62 8.26
CA ALA B 1012 59.81 19.37 9.28
C ALA B 1012 58.45 19.83 8.74
N ALA B 1013 57.58 20.25 9.65
CA ALA B 1013 56.26 20.71 9.27
C ALA B 1013 56.36 21.98 8.44
N GLY B 1014 55.47 22.10 7.45
CA GLY B 1014 55.42 23.25 6.58
C GLY B 1014 56.31 23.17 5.36
N GLU B 1015 57.28 22.25 5.35
CA GLU B 1015 58.15 22.11 4.20
C GLU B 1015 57.36 21.58 3.01
N THR B 1016 57.52 22.22 1.85
CA THR B 1016 56.83 21.82 0.63
C THR B 1016 57.73 20.83 -0.10
N VAL B 1017 57.52 19.54 0.17
CA VAL B 1017 58.30 18.51 -0.49
C VAL B 1017 58.01 18.49 -1.98
N ALA B 1018 56.73 18.60 -2.36
CA ALA B 1018 56.29 18.61 -3.75
C ALA B 1018 56.80 17.39 -4.52
N GLY B 1136 24.32 10.29 -7.04
CA GLY B 1136 25.60 9.63 -7.23
C GLY B 1136 26.05 8.81 -6.03
N GLY B 1137 25.11 8.57 -5.11
CA GLY B 1137 25.41 7.75 -3.95
C GLY B 1137 24.78 6.38 -3.99
N LEU B 1138 23.48 6.32 -4.26
CA LEU B 1138 22.79 5.05 -4.33
C LEU B 1138 23.04 4.34 -5.66
N PRO B 1139 23.00 5.04 -6.80
CA PRO B 1139 23.42 4.39 -8.05
C PRO B 1139 24.85 3.87 -8.01
N ARG B 1140 25.76 4.59 -7.35
CA ARG B 1140 27.14 4.13 -7.27
C ARG B 1140 27.25 2.84 -6.47
N VAL B 1141 26.54 2.76 -5.34
CA VAL B 1141 26.55 1.53 -4.54
C VAL B 1141 25.95 0.38 -5.33
N ALA B 1142 24.85 0.64 -6.03
CA ALA B 1142 24.23 -0.41 -6.84
C ALA B 1142 25.17 -0.89 -7.95
N ASP B 1143 25.89 0.03 -8.59
CA ASP B 1143 26.84 -0.35 -9.63
C ASP B 1143 28.03 -1.09 -9.07
N LEU B 1144 28.45 -0.77 -7.84
CA LEU B 1144 29.55 -1.49 -7.21
C LEU B 1144 29.16 -2.91 -6.86
N PHE B 1145 27.96 -3.09 -6.31
CA PHE B 1145 27.54 -4.43 -5.92
C PHE B 1145 27.08 -5.28 -7.09
N GLU B 1146 26.83 -4.67 -8.25
CA GLU B 1146 26.49 -5.42 -9.45
C GLU B 1146 27.70 -5.68 -10.34
N ALA B 1147 28.89 -5.27 -9.91
CA ALA B 1147 30.13 -5.50 -10.65
C ALA B 1147 30.03 -4.97 -12.08
N ARG B 1148 29.49 -3.76 -12.21
CA ARG B 1148 29.29 -3.17 -13.53
C ARG B 1148 30.62 -2.74 -14.14
N LYS B 1149 30.74 -2.91 -15.44
CA LYS B 1149 31.94 -2.50 -16.16
C LYS B 1149 31.84 -1.03 -16.53
N PRO B 1150 32.85 -0.22 -16.21
CA PRO B 1150 32.80 1.20 -16.56
C PRO B 1150 32.79 1.42 -18.07
N LYS B 1151 32.30 2.60 -18.47
CA LYS B 1151 32.15 2.89 -19.88
C LYS B 1151 33.50 2.92 -20.59
N GLU B 1152 34.50 3.54 -19.96
CA GLU B 1152 35.85 3.62 -20.52
C GLU B 1152 36.81 3.10 -19.46
N PRO B 1153 36.96 1.78 -19.37
CA PRO B 1153 37.78 1.21 -18.30
C PRO B 1153 39.27 1.38 -18.55
N ALA B 1154 40.02 1.39 -17.45
CA ALA B 1154 41.46 1.49 -17.53
C ALA B 1154 42.04 0.21 -18.13
N ILE B 1155 43.00 0.38 -19.03
CA ILE B 1155 43.70 -0.75 -19.64
C ILE B 1155 44.87 -1.10 -18.74
N LEU B 1156 44.88 -2.33 -18.25
CA LEU B 1156 45.88 -2.79 -17.28
C LEU B 1156 46.80 -3.81 -17.94
N ALA B 1157 48.02 -3.90 -17.43
CA ALA B 1157 49.02 -4.80 -17.97
C ALA B 1157 48.60 -6.24 -17.72
N GLU B 1158 48.31 -6.97 -18.80
CA GLU B 1158 47.89 -8.36 -18.66
C GLU B 1158 49.00 -9.21 -18.07
N HIS B 1159 50.24 -9.00 -18.51
CA HIS B 1159 51.36 -9.82 -18.10
C HIS B 1159 52.55 -8.95 -17.79
N SER B 1160 53.45 -9.47 -16.96
CA SER B 1160 54.67 -8.76 -16.60
C SER B 1160 55.72 -8.97 -17.68
N GLY B 1161 56.25 -7.88 -18.21
CA GLY B 1161 57.25 -7.99 -19.26
C GLY B 1161 57.62 -6.63 -19.80
N THR B 1162 58.45 -6.66 -20.85
CA THR B 1162 58.95 -5.44 -21.48
C THR B 1162 57.98 -5.00 -22.56
N VAL B 1163 57.62 -3.72 -22.53
CA VAL B 1163 56.69 -3.15 -23.50
C VAL B 1163 57.41 -2.98 -24.85
N SER B 1164 56.63 -3.08 -25.92
CA SER B 1164 57.13 -2.82 -27.27
C SER B 1164 55.99 -2.28 -28.11
N PHE B 1165 56.28 -1.26 -28.91
CA PHE B 1165 55.26 -0.67 -29.77
C PHE B 1165 54.87 -1.66 -30.85
N GLY B 1166 53.90 -1.30 -31.69
CA GLY B 1166 53.44 -2.25 -32.68
C GLY B 1166 52.90 -1.63 -33.96
N LYS B 1167 52.33 -2.48 -34.81
CA LYS B 1167 51.82 -2.05 -36.11
C LYS B 1167 50.49 -1.35 -35.90
N GLU B 1168 50.43 -0.06 -36.21
CA GLU B 1168 49.22 0.75 -35.99
C GLU B 1168 48.21 0.39 -37.07
N THR B 1169 47.54 -0.74 -36.85
CA THR B 1169 46.52 -1.21 -37.78
C THR B 1169 45.36 -0.22 -37.83
N LYS B 1170 44.81 -0.02 -39.04
CA LYS B 1170 43.76 0.95 -39.23
C LYS B 1170 42.56 0.64 -38.34
N GLY B 1171 41.87 1.70 -37.92
CA GLY B 1171 40.82 1.60 -36.94
C GLY B 1171 41.32 1.81 -35.53
N LYS B 1172 42.05 0.84 -34.98
CA LYS B 1172 42.59 0.94 -33.63
C LYS B 1172 43.92 0.19 -33.55
N ARG B 1173 44.75 0.60 -32.60
CA ARG B 1173 46.17 0.29 -32.55
C ARG B 1173 46.44 -1.03 -31.82
N ARG B 1174 47.65 -1.57 -32.05
CA ARG B 1174 48.11 -2.75 -31.34
C ARG B 1174 49.46 -2.47 -30.69
N LEU B 1175 49.72 -3.16 -29.58
CA LEU B 1175 50.98 -3.10 -28.85
C LEU B 1175 51.38 -4.52 -28.49
N ILE B 1176 52.65 -4.74 -28.14
CA ILE B 1176 53.09 -6.07 -27.76
C ILE B 1176 53.91 -5.99 -26.48
N ILE B 1177 54.04 -7.14 -25.82
CA ILE B 1177 54.85 -7.26 -24.62
C ILE B 1177 55.66 -8.55 -24.72
N THR B 1178 56.92 -8.48 -24.33
CA THR B 1178 57.81 -9.64 -24.29
C THR B 1178 57.96 -10.09 -22.84
N ARG B 1179 57.61 -11.34 -22.57
CA ARG B 1179 57.62 -11.84 -21.21
C ARG B 1179 59.01 -12.37 -20.84
N ASP B 1180 59.15 -12.84 -19.60
CA ASP B 1180 60.42 -13.37 -19.14
C ASP B 1180 60.84 -14.61 -19.93
N SER B 1181 59.89 -15.30 -20.55
CA SER B 1181 60.19 -16.45 -21.39
C SER B 1181 60.40 -16.07 -22.85
N GLY B 1182 60.31 -14.80 -23.18
CA GLY B 1182 60.47 -14.34 -24.55
C GLY B 1182 59.22 -14.41 -25.38
N ASP B 1183 58.12 -14.94 -24.85
CA ASP B 1183 56.88 -15.01 -25.59
C ASP B 1183 56.27 -13.62 -25.76
N THR B 1184 55.67 -13.39 -26.93
CA THR B 1184 55.08 -12.10 -27.26
C THR B 1184 53.57 -12.17 -27.06
N TYR B 1185 53.05 -11.27 -26.24
CA TYR B 1185 51.61 -11.15 -26.01
C TYR B 1185 51.13 -9.84 -26.62
N GLU B 1186 50.11 -9.92 -27.46
CA GLU B 1186 49.62 -8.77 -28.23
C GLU B 1186 48.38 -8.19 -27.56
N GLU B 1187 48.37 -6.88 -27.40
CA GLU B 1187 47.26 -6.16 -26.78
C GLU B 1187 46.67 -5.18 -27.79
N MET B 1188 45.35 -5.01 -27.71
CA MET B 1188 44.58 -4.24 -28.67
C MET B 1188 44.05 -2.99 -27.97
N ILE B 1189 44.48 -1.82 -28.44
CA ILE B 1189 44.22 -0.57 -27.74
C ILE B 1189 43.50 0.41 -28.67
N PRO B 1190 42.48 1.12 -28.20
CA PRO B 1190 41.84 2.15 -29.04
C PRO B 1190 42.79 3.32 -29.28
N LYS B 1191 42.51 4.06 -30.35
CA LYS B 1191 43.37 5.16 -30.76
C LYS B 1191 43.46 6.24 -29.68
N HIS B 1192 42.32 6.66 -29.16
CA HIS B 1192 42.26 7.77 -28.19
C HIS B 1192 42.56 7.22 -26.80
N ARG B 1193 43.84 6.96 -26.56
CA ARG B 1193 44.28 6.43 -25.27
C ARG B 1193 45.63 7.04 -24.92
N GLN B 1194 45.65 7.84 -23.85
CA GLN B 1194 46.88 8.48 -23.37
C GLN B 1194 47.73 7.43 -22.65
N LEU B 1195 48.38 6.59 -23.45
CA LEU B 1195 49.24 5.55 -22.90
C LEU B 1195 50.31 6.14 -22.00
N ASN B 1196 50.52 5.48 -20.87
CA ASN B 1196 51.47 5.92 -19.85
C ASN B 1196 52.72 5.01 -19.91
N VAL B 1197 52.78 4.13 -20.89
CA VAL B 1197 53.83 3.13 -20.99
C VAL B 1197 54.88 3.62 -21.96
N PHE B 1198 56.14 3.22 -21.71
CA PHE B 1198 57.26 3.55 -22.57
C PHE B 1198 58.04 2.29 -22.89
N GLU B 1199 58.52 2.21 -24.13
CA GLU B 1199 59.20 1.01 -24.59
C GLU B 1199 60.50 0.78 -23.83
N GLY B 1200 60.86 -0.49 -23.68
CA GLY B 1200 62.00 -0.87 -22.89
C GLY B 1200 61.76 -0.91 -21.41
N GLU B 1201 60.52 -0.69 -20.96
CA GLU B 1201 60.17 -0.69 -19.55
C GLU B 1201 59.48 -2.00 -19.20
N ARG B 1202 59.88 -2.59 -18.08
CA ARG B 1202 59.27 -3.83 -17.59
C ARG B 1202 58.08 -3.46 -16.70
N ILE B 1203 56.91 -3.33 -17.31
CA ILE B 1203 55.71 -3.02 -16.54
C ILE B 1203 55.25 -4.27 -15.80
N GLU B 1204 55.00 -4.12 -14.50
CA GLU B 1204 54.52 -5.25 -13.71
C GLU B 1204 53.07 -5.55 -14.06
N ARG B 1205 52.65 -6.77 -13.72
CA ARG B 1205 51.26 -7.16 -13.94
C ARG B 1205 50.33 -6.32 -13.10
N GLY B 1206 49.24 -5.87 -13.71
CA GLY B 1206 48.31 -4.98 -13.05
C GLY B 1206 48.64 -3.51 -13.15
N ASP B 1207 49.76 -3.15 -13.77
CA ASP B 1207 50.12 -1.75 -13.92
C ASP B 1207 49.21 -1.08 -14.94
N VAL B 1208 48.87 0.18 -14.68
CA VAL B 1208 47.94 0.91 -15.52
C VAL B 1208 48.66 1.39 -16.78
N ILE B 1209 48.11 1.02 -17.94
CA ILE B 1209 48.65 1.48 -19.22
C ILE B 1209 47.90 2.72 -19.70
N ALA B 1210 46.57 2.65 -19.74
CA ALA B 1210 45.73 3.80 -20.04
C ALA B 1210 44.91 4.12 -18.80
N ASP B 1211 44.91 5.38 -18.41
CA ASP B 1211 44.20 5.80 -17.21
C ASP B 1211 42.69 5.71 -17.41
N GLY B 1212 41.98 5.48 -16.31
CA GLY B 1212 40.55 5.41 -16.33
C GLY B 1212 40.01 4.66 -15.12
N PRO B 1213 38.68 4.62 -14.98
CA PRO B 1213 38.08 3.81 -13.91
C PRO B 1213 38.44 2.35 -14.07
N GLU B 1214 38.65 1.67 -12.95
CA GLU B 1214 39.12 0.29 -12.94
C GLU B 1214 37.94 -0.67 -12.82
N SER B 1215 37.88 -1.64 -13.73
CA SER B 1215 36.87 -2.67 -13.64
C SER B 1215 37.21 -3.62 -12.50
N PRO B 1216 36.26 -3.97 -11.63
CA PRO B 1216 36.55 -4.93 -10.56
C PRO B 1216 36.98 -6.29 -11.09
N HIS B 1217 36.48 -6.70 -12.25
CA HIS B 1217 36.89 -7.98 -12.82
C HIS B 1217 38.36 -7.97 -13.19
N ASP B 1218 38.84 -6.87 -13.77
CA ASP B 1218 40.26 -6.76 -14.07
C ASP B 1218 41.10 -6.79 -12.80
N ILE B 1219 40.62 -6.12 -11.75
CA ILE B 1219 41.32 -6.13 -10.47
C ILE B 1219 41.44 -7.56 -9.95
N LEU B 1220 40.34 -8.31 -10.00
CA LEU B 1220 40.37 -9.69 -9.53
C LEU B 1220 41.31 -10.54 -10.37
N ARG B 1221 41.28 -10.35 -11.69
CA ARG B 1221 42.08 -11.19 -12.57
C ARG B 1221 43.58 -10.91 -12.40
N LEU B 1222 43.95 -9.64 -12.22
CA LEU B 1222 45.34 -9.25 -12.27
C LEU B 1222 45.95 -8.95 -10.90
N ARG B 1223 45.15 -8.80 -9.87
CA ARG B 1223 45.70 -8.48 -8.55
C ARG B 1223 45.30 -9.47 -7.46
N GLY B 1224 44.08 -9.99 -7.48
CA GLY B 1224 43.70 -11.06 -6.59
C GLY B 1224 42.42 -10.75 -5.83
N ILE B 1225 42.07 -11.65 -4.91
CA ILE B 1225 40.86 -11.51 -4.11
C ILE B 1225 40.97 -10.32 -3.16
N HIS B 1226 42.13 -10.17 -2.52
CA HIS B 1226 42.30 -9.10 -1.54
C HIS B 1226 42.14 -7.74 -2.18
N ALA B 1227 42.69 -7.56 -3.39
CA ALA B 1227 42.60 -6.27 -4.07
C ALA B 1227 41.16 -5.90 -4.41
N VAL B 1228 40.39 -6.85 -4.95
CA VAL B 1228 39.01 -6.54 -5.31
C VAL B 1228 38.17 -6.30 -4.06
N THR B 1229 38.43 -7.06 -2.99
CA THR B 1229 37.73 -6.83 -1.74
C THR B 1229 38.01 -5.43 -1.21
N THR B 1230 39.28 -5.02 -1.20
CA THR B 1230 39.63 -3.69 -0.74
C THR B 1230 39.01 -2.61 -1.62
N TYR B 1231 39.02 -2.82 -2.94
CA TYR B 1231 38.44 -1.84 -3.85
C TYR B 1231 36.96 -1.64 -3.57
N ILE B 1232 36.18 -2.72 -3.54
CA ILE B 1232 34.74 -2.61 -3.34
C ILE B 1232 34.44 -2.02 -1.97
N ALA B 1233 35.13 -2.50 -0.94
CA ALA B 1233 34.88 -1.99 0.41
C ALA B 1233 35.19 -0.51 0.50
N ASN B 1234 36.31 -0.08 -0.09
CA ASN B 1234 36.70 1.32 -0.01
C ASN B 1234 35.72 2.21 -0.76
N GLU B 1235 35.27 1.81 -1.94
CA GLU B 1235 34.33 2.64 -2.68
C GLU B 1235 32.99 2.75 -1.97
N VAL B 1236 32.46 1.61 -1.49
CA VAL B 1236 31.19 1.63 -0.78
C VAL B 1236 31.30 2.47 0.49
N GLN B 1237 32.40 2.30 1.23
CA GLN B 1237 32.56 3.07 2.46
C GLN B 1237 32.78 4.55 2.17
N GLU B 1238 33.39 4.89 1.04
CA GLU B 1238 33.51 6.29 0.68
C GLU B 1238 32.14 6.91 0.45
N VAL B 1239 31.28 6.20 -0.29
CA VAL B 1239 29.93 6.70 -0.50
C VAL B 1239 29.19 6.86 0.82
N TYR B 1240 29.32 5.88 1.72
CA TYR B 1240 28.56 5.93 2.96
C TYR B 1240 29.13 6.96 3.94
N ARG B 1241 30.45 7.11 3.99
CA ARG B 1241 31.08 8.05 4.89
C ARG B 1241 30.92 9.50 4.43
N LEU B 1242 30.70 9.73 3.13
CA LEU B 1242 30.39 11.08 2.70
C LEU B 1242 29.11 11.59 3.37
N GLN B 1243 28.14 10.70 3.57
CA GLN B 1243 26.87 11.05 4.19
C GLN B 1243 26.83 10.80 5.69
N GLY B 1244 27.93 10.34 6.28
CA GLY B 1244 27.96 10.15 7.71
C GLY B 1244 27.31 8.89 8.23
N VAL B 1245 27.29 7.82 7.44
CA VAL B 1245 26.70 6.55 7.84
C VAL B 1245 27.81 5.62 8.31
N LYS B 1246 27.64 5.02 9.48
CA LYS B 1246 28.63 4.13 10.07
C LYS B 1246 28.18 2.69 9.84
N ILE B 1247 28.90 1.97 8.99
CA ILE B 1247 28.64 0.57 8.68
C ILE B 1247 29.95 -0.18 8.75
N ASN B 1248 29.97 -1.29 9.48
CA ASN B 1248 31.19 -2.09 9.58
C ASN B 1248 31.54 -2.72 8.24
N ASP B 1249 32.84 -2.93 8.02
CA ASP B 1249 33.31 -3.47 6.76
C ASP B 1249 33.10 -4.98 6.64
N LYS B 1250 32.84 -5.68 7.74
CA LYS B 1250 32.62 -7.11 7.65
C LYS B 1250 31.33 -7.44 6.89
N HIS B 1251 30.34 -6.55 6.93
CA HIS B 1251 29.13 -6.75 6.14
C HIS B 1251 29.44 -6.70 4.64
N ILE B 1252 30.19 -5.68 4.22
CA ILE B 1252 30.59 -5.58 2.83
C ILE B 1252 31.44 -6.77 2.43
N GLU B 1253 32.30 -7.23 3.33
CA GLU B 1253 33.11 -8.40 3.04
C GLU B 1253 32.25 -9.66 2.87
N THR B 1254 31.19 -9.79 3.66
CA THR B 1254 30.27 -10.91 3.47
C THR B 1254 29.61 -10.87 2.10
N ILE B 1255 29.17 -9.68 1.69
CA ILE B 1255 28.57 -9.55 0.37
C ILE B 1255 29.58 -9.87 -0.73
N VAL B 1256 30.82 -9.41 -0.56
CA VAL B 1256 31.85 -9.68 -1.56
C VAL B 1256 32.18 -11.16 -1.62
N ARG B 1257 32.18 -11.83 -0.47
CA ARG B 1257 32.36 -13.28 -0.47
C ARG B 1257 31.27 -13.96 -1.27
N GLN B 1258 30.02 -13.54 -1.09
CA GLN B 1258 28.96 -14.09 -1.91
C GLN B 1258 29.09 -13.69 -3.37
N MET B 1259 29.84 -12.63 -3.66
CA MET B 1259 30.13 -12.29 -5.05
C MET B 1259 31.19 -13.20 -5.66
N LEU B 1260 32.15 -13.65 -4.86
CA LEU B 1260 33.23 -14.53 -5.34
C LEU B 1260 32.90 -15.97 -4.95
N ARG B 1261 32.02 -16.59 -5.72
CA ARG B 1261 31.57 -17.94 -5.44
C ARG B 1261 31.73 -18.91 -6.59
N LYS B 1262 32.13 -18.45 -7.76
CA LYS B 1262 32.25 -19.29 -8.94
C LYS B 1262 33.67 -19.28 -9.46
N CYS B 1263 34.03 -20.34 -10.17
CA CYS B 1263 35.34 -20.46 -10.79
C CYS B 1263 35.19 -21.10 -12.16
N THR B 1264 35.97 -20.61 -13.12
CA THR B 1264 36.04 -21.21 -14.44
C THR B 1264 37.27 -22.10 -14.51
N ILE B 1265 37.08 -23.35 -14.91
CA ILE B 1265 38.16 -24.33 -14.95
C ILE B 1265 39.01 -24.07 -16.17
N THR B 1266 40.32 -23.89 -15.96
CA THR B 1266 41.28 -23.70 -17.03
C THR B 1266 41.99 -24.99 -17.41
N PHE B 1267 42.37 -25.80 -16.42
CA PHE B 1267 42.93 -27.12 -16.64
C PHE B 1267 41.92 -28.16 -16.18
N ALA B 1268 41.50 -29.02 -17.09
CA ALA B 1268 40.52 -30.05 -16.73
C ALA B 1268 41.09 -31.03 -15.71
N GLY B 1269 42.37 -31.40 -15.87
CA GLY B 1269 42.93 -32.41 -14.99
C GLY B 1269 42.25 -33.75 -15.21
N ASP B 1270 42.07 -34.51 -14.12
CA ASP B 1270 41.34 -35.76 -14.17
C ASP B 1270 39.99 -35.68 -13.46
N SER B 1271 39.69 -34.58 -12.78
CA SER B 1271 38.41 -34.41 -12.12
C SER B 1271 37.31 -34.20 -13.15
N GLU B 1272 36.07 -34.47 -12.74
CA GLU B 1272 34.91 -34.40 -13.63
C GLU B 1272 34.51 -32.95 -13.91
N PHE B 1273 35.45 -32.22 -14.51
CA PHE B 1273 35.23 -30.83 -14.87
C PHE B 1273 35.76 -30.58 -16.27
N LEU B 1274 34.98 -29.91 -17.08
CA LEU B 1274 35.33 -29.53 -18.44
C LEU B 1274 36.02 -28.17 -18.46
N PRO B 1275 36.95 -27.97 -19.39
CA PRO B 1275 37.56 -26.64 -19.53
C PRO B 1275 36.51 -25.60 -19.91
N GLY B 1276 36.71 -24.39 -19.41
CA GLY B 1276 35.79 -23.30 -19.71
C GLY B 1276 34.43 -23.45 -19.07
N GLU B 1277 34.35 -24.16 -17.96
CA GLU B 1277 33.10 -24.42 -17.26
C GLU B 1277 33.05 -23.59 -15.99
N THR B 1278 31.95 -22.87 -15.79
CA THR B 1278 31.74 -22.08 -14.58
C THR B 1278 31.04 -22.96 -13.55
N VAL B 1279 31.77 -23.30 -12.48
CA VAL B 1279 31.24 -24.17 -11.44
C VAL B 1279 31.52 -23.55 -10.08
N GLU B 1280 30.81 -24.06 -9.06
CA GLU B 1280 30.96 -23.54 -7.71
C GLU B 1280 32.36 -23.82 -7.16
N TYR B 1281 32.90 -22.84 -6.43
CA TYR B 1281 34.25 -22.95 -5.91
C TYR B 1281 34.36 -23.99 -4.82
N SER B 1282 33.33 -24.11 -3.97
CA SER B 1282 33.37 -25.07 -2.88
C SER B 1282 33.44 -26.50 -3.40
N GLN B 1283 32.69 -26.79 -4.47
CA GLN B 1283 32.76 -28.12 -5.08
C GLN B 1283 34.15 -28.42 -5.59
N VAL B 1284 34.79 -27.44 -6.26
CA VAL B 1284 36.14 -27.65 -6.75
C VAL B 1284 37.11 -27.86 -5.60
N LYS B 1285 36.94 -27.13 -4.51
CA LYS B 1285 37.85 -27.28 -3.39
C LYS B 1285 37.71 -28.66 -2.75
N ILE B 1286 36.47 -29.14 -2.60
CA ILE B 1286 36.25 -30.47 -2.05
C ILE B 1286 36.83 -31.53 -2.97
N ALA B 1287 36.61 -31.39 -4.28
CA ALA B 1287 37.15 -32.35 -5.24
C ALA B 1287 38.67 -32.35 -5.22
N ASN B 1288 39.28 -31.17 -5.13
CA ASN B 1288 40.73 -31.08 -5.08
C ASN B 1288 41.28 -31.72 -3.82
N ARG B 1289 40.61 -31.53 -2.68
CA ARG B 1289 41.03 -32.20 -1.45
C ARG B 1289 40.96 -33.71 -1.60
N LYS B 1290 39.87 -34.21 -2.19
CA LYS B 1290 39.74 -35.66 -2.38
C LYS B 1290 40.83 -36.18 -3.32
N LEU B 1291 41.10 -35.45 -4.41
CA LEU B 1291 42.09 -35.91 -5.38
C LEU B 1291 43.50 -35.86 -4.80
N VAL B 1292 43.80 -34.85 -3.99
CA VAL B 1292 45.09 -34.80 -3.31
C VAL B 1292 45.22 -35.96 -2.34
N GLU B 1293 44.13 -36.29 -1.64
CA GLU B 1293 44.15 -37.48 -0.80
C GLU B 1293 44.38 -38.74 -1.63
N GLU B 1294 43.89 -38.76 -2.87
CA GLU B 1294 44.16 -39.85 -3.79
C GLU B 1294 45.44 -39.66 -4.60
N GLY B 1295 46.18 -38.57 -4.37
CA GLY B 1295 47.45 -38.35 -5.02
C GLY B 1295 47.36 -38.22 -6.53
N LYS B 1296 46.42 -37.42 -7.02
CA LYS B 1296 46.17 -37.29 -8.45
C LYS B 1296 46.14 -35.81 -8.81
N GLU B 1297 46.27 -35.53 -10.11
CA GLU B 1297 46.36 -34.16 -10.60
C GLU B 1297 45.13 -33.35 -10.21
N PRO B 1298 45.30 -32.22 -9.53
CA PRO B 1298 44.15 -31.38 -9.16
C PRO B 1298 43.75 -30.44 -10.29
N ALA B 1299 42.53 -29.94 -10.18
CA ALA B 1299 42.00 -28.99 -11.15
C ALA B 1299 42.56 -27.60 -10.92
N ARG B 1300 42.67 -26.84 -12.01
CA ARG B 1300 43.14 -25.46 -11.97
C ARG B 1300 42.01 -24.55 -12.41
N PHE B 1301 41.80 -23.46 -11.68
CA PHE B 1301 40.62 -22.62 -11.85
C PHE B 1301 41.00 -21.16 -11.76
N GLU B 1302 40.15 -20.32 -12.33
CA GLU B 1302 40.23 -18.87 -12.17
C GLU B 1302 38.91 -18.39 -11.56
N ARG B 1303 39.00 -17.71 -10.42
CA ARG B 1303 37.80 -17.27 -9.74
C ARG B 1303 37.13 -16.12 -10.48
N GLU B 1304 35.80 -16.09 -10.46
CA GLU B 1304 35.01 -15.11 -11.17
C GLU B 1304 34.26 -14.23 -10.18
N LEU B 1305 34.15 -12.94 -10.52
CA LEU B 1305 33.36 -11.99 -9.75
C LEU B 1305 32.05 -11.75 -10.48
N LEU B 1306 30.94 -12.08 -9.83
CA LEU B 1306 29.61 -11.88 -10.37
C LEU B 1306 28.89 -10.81 -9.58
N GLY B 1307 27.96 -10.12 -10.23
CA GLY B 1307 27.10 -9.20 -9.54
C GLY B 1307 26.15 -9.92 -8.63
N ILE B 1308 25.52 -9.17 -7.73
CA ILE B 1308 24.66 -9.80 -6.73
C ILE B 1308 23.44 -10.44 -7.40
N THR B 1309 22.93 -9.83 -8.46
CA THR B 1309 21.80 -10.43 -9.18
C THR B 1309 22.22 -11.71 -9.88
N LYS B 1310 23.32 -11.67 -10.62
CA LYS B 1310 23.80 -12.87 -11.31
C LYS B 1310 24.21 -13.96 -10.32
N ALA B 1311 24.87 -13.57 -9.23
CA ALA B 1311 25.23 -14.56 -8.22
C ALA B 1311 24.00 -15.18 -7.58
N SER B 1312 22.95 -14.38 -7.35
CA SER B 1312 21.71 -14.92 -6.80
C SER B 1312 21.06 -15.89 -7.77
N LEU B 1313 21.08 -15.57 -9.07
CA LEU B 1313 20.43 -16.43 -10.05
C LEU B 1313 21.23 -17.70 -10.32
N ALA B 1314 22.51 -17.73 -9.95
CA ALA B 1314 23.38 -18.87 -10.24
C ALA B 1314 23.67 -19.70 -9.00
N THR B 1315 22.76 -19.68 -8.02
CA THR B 1315 22.93 -20.49 -6.84
C THR B 1315 22.63 -21.96 -7.15
N GLU B 1316 22.98 -22.83 -6.20
CA GLU B 1316 22.75 -24.26 -6.38
C GLU B 1316 21.27 -24.60 -6.30
N SER B 1317 20.54 -23.99 -5.39
CA SER B 1317 19.13 -24.30 -5.19
C SER B 1317 18.28 -23.54 -6.20
N PHE B 1318 17.38 -24.26 -6.87
CA PHE B 1318 16.49 -23.62 -7.82
C PHE B 1318 15.25 -23.03 -7.17
N ILE B 1319 14.92 -23.44 -5.94
CA ILE B 1319 13.80 -22.84 -5.24
C ILE B 1319 14.08 -21.38 -4.93
N SER B 1320 15.26 -21.09 -4.37
CA SER B 1320 15.62 -19.72 -4.07
C SER B 1320 15.75 -18.87 -5.34
N ALA B 1321 16.39 -19.43 -6.38
CA ALA B 1321 16.56 -18.69 -7.62
C ALA B 1321 15.22 -18.40 -8.27
N ALA B 1322 14.30 -19.37 -8.27
CA ALA B 1322 12.97 -19.12 -8.80
C ALA B 1322 12.22 -18.09 -7.97
N SER B 1323 12.37 -18.14 -6.65
CA SER B 1323 11.69 -17.19 -5.77
C SER B 1323 12.26 -15.78 -5.91
N PHE B 1324 13.48 -15.64 -6.42
CA PHE B 1324 14.06 -14.30 -6.57
C PHE B 1324 13.47 -13.57 -7.76
N GLN B 1325 13.74 -14.06 -8.97
CA GLN B 1325 13.23 -13.48 -10.21
C GLN B 1325 13.66 -14.38 -11.36
N GLU B 1326 13.14 -14.09 -12.55
CA GLU B 1326 13.36 -14.89 -13.75
C GLU B 1326 12.96 -16.36 -13.51
N THR B 1327 11.71 -16.53 -13.09
CA THR B 1327 11.22 -17.85 -12.71
C THR B 1327 11.20 -18.81 -13.89
N THR B 1328 10.80 -18.32 -15.07
CA THR B 1328 10.68 -19.20 -16.23
C THR B 1328 12.04 -19.76 -16.63
N ARG B 1329 13.07 -18.91 -16.70
CA ARG B 1329 14.40 -19.38 -17.07
C ARG B 1329 14.94 -20.38 -16.06
N VAL B 1330 14.78 -20.07 -14.77
CA VAL B 1330 15.31 -20.95 -13.73
C VAL B 1330 14.63 -22.31 -13.78
N LEU B 1331 13.29 -22.29 -13.88
CA LEU B 1331 12.55 -23.55 -13.89
C LEU B 1331 12.83 -24.35 -15.16
N THR B 1332 12.98 -23.69 -16.30
CA THR B 1332 13.29 -24.40 -17.54
C THR B 1332 14.66 -25.06 -17.46
N GLU B 1333 15.67 -24.31 -17.00
CA GLU B 1333 17.00 -24.88 -16.87
C GLU B 1333 17.02 -26.03 -15.87
N ALA B 1334 16.36 -25.86 -14.74
CA ALA B 1334 16.33 -26.92 -13.74
C ALA B 1334 15.61 -28.15 -14.26
N ALA B 1335 14.52 -27.96 -15.02
CA ALA B 1335 13.76 -29.09 -15.53
C ALA B 1335 14.56 -29.87 -16.56
N VAL B 1336 15.24 -29.17 -17.49
CA VAL B 1336 16.03 -29.90 -18.48
C VAL B 1336 17.22 -30.57 -17.81
N SER B 1337 17.80 -29.93 -16.80
CA SER B 1337 18.96 -30.52 -16.13
C SER B 1337 18.58 -31.65 -15.18
N GLY B 1338 17.40 -31.59 -14.58
CA GLY B 1338 17.00 -32.59 -13.60
C GLY B 1338 17.61 -32.31 -12.24
N LYS B 1339 17.52 -31.06 -11.80
CA LYS B 1339 18.20 -30.62 -10.60
C LYS B 1339 17.51 -31.15 -9.35
N ARG B 1340 18.26 -31.20 -8.27
CA ARG B 1340 17.79 -31.64 -6.96
C ARG B 1340 18.15 -30.57 -5.95
N ASP B 1341 17.18 -30.13 -5.16
CA ASP B 1341 17.38 -29.09 -4.15
C ASP B 1341 17.43 -29.74 -2.78
N ASP B 1342 18.53 -29.54 -2.06
CA ASP B 1342 18.74 -30.15 -0.76
C ASP B 1342 18.20 -29.30 0.38
N LEU B 1343 17.65 -28.13 0.10
CA LEU B 1343 17.06 -27.24 1.11
C LEU B 1343 18.08 -26.90 2.20
N ARG B 1344 19.14 -26.23 1.79
CA ARG B 1344 20.24 -25.89 2.69
C ARG B 1344 20.22 -24.45 3.17
N GLY B 1345 19.50 -23.56 2.48
CA GLY B 1345 19.44 -22.16 2.85
C GLY B 1345 18.15 -21.80 3.54
N LEU B 1346 18.02 -20.51 3.84
CA LEU B 1346 16.87 -20.04 4.62
C LEU B 1346 15.60 -19.98 3.78
N LYS B 1347 15.69 -19.50 2.54
CA LYS B 1347 14.48 -19.29 1.75
C LYS B 1347 13.75 -20.59 1.45
N GLU B 1348 14.50 -21.65 1.15
CA GLU B 1348 13.85 -22.93 0.85
C GLU B 1348 13.07 -23.45 2.04
N ASN B 1349 13.65 -23.38 3.23
CA ASN B 1349 12.98 -23.85 4.43
C ASN B 1349 11.83 -22.93 4.84
N VAL B 1350 11.93 -21.64 4.53
CA VAL B 1350 10.79 -20.75 4.73
C VAL B 1350 9.64 -21.14 3.81
N ILE B 1351 9.95 -21.48 2.56
CA ILE B 1351 8.91 -21.80 1.59
C ILE B 1351 8.23 -23.13 1.95
N VAL B 1352 9.02 -24.13 2.38
CA VAL B 1352 8.45 -25.42 2.70
C VAL B 1352 7.95 -25.53 4.14
N GLY B 1353 8.02 -24.44 4.90
CA GLY B 1353 7.44 -24.42 6.24
C GLY B 1353 8.29 -25.01 7.34
N ARG B 1354 9.54 -25.36 7.05
CA ARG B 1354 10.42 -25.98 8.03
C ARG B 1354 11.20 -24.91 8.81
N LEU B 1355 11.86 -25.37 9.86
CA LEU B 1355 12.74 -24.49 10.63
C LEU B 1355 13.92 -24.05 9.77
N ILE B 1356 14.25 -22.78 9.86
CA ILE B 1356 15.40 -22.27 9.12
C ILE B 1356 16.68 -22.79 9.77
N PRO B 1357 17.71 -23.11 8.99
CA PRO B 1357 18.98 -23.61 9.54
C PRO B 1357 19.85 -22.52 10.15
N ALA B 1358 19.24 -21.65 10.94
CA ALA B 1358 19.95 -20.57 11.60
C ALA B 1358 19.33 -20.32 12.96
N GLY B 1359 20.18 -19.97 13.93
CA GLY B 1359 19.68 -19.67 15.26
C GLY B 1359 19.10 -20.90 15.93
N THR B 1360 17.88 -20.74 16.45
CA THR B 1360 17.27 -21.79 17.26
C THR B 1360 17.04 -23.07 16.48
N GLY B 1361 16.86 -22.97 15.16
CA GLY B 1361 16.71 -24.17 14.34
C GLY B 1361 18.02 -24.80 13.93
N PHE B 1362 19.13 -24.08 14.05
CA PHE B 1362 20.42 -24.56 13.56
C PHE B 1362 20.72 -25.96 14.08
N ALA B 1363 20.76 -26.11 15.40
CA ALA B 1363 21.04 -27.40 16.00
C ALA B 1363 20.15 -28.48 15.43
N TYR B 1364 18.86 -28.19 15.28
CA TYR B 1364 17.92 -29.17 14.74
C TYR B 1364 18.42 -29.72 13.42
N HIS B 1365 18.77 -28.82 12.49
CA HIS B 1365 19.24 -29.27 11.19
C HIS B 1365 20.51 -30.09 11.34
N GLN B 1366 21.42 -29.66 12.22
CA GLN B 1366 22.64 -30.42 12.46
C GLN B 1366 22.31 -31.86 12.82
N ASP B 1367 21.33 -32.05 13.71
CA ASP B 1367 20.96 -33.40 14.11
C ASP B 1367 20.57 -34.23 12.90
N ARG B 1368 19.79 -33.66 11.99
CA ARG B 1368 19.39 -34.40 10.80
C ARG B 1368 20.61 -34.76 9.96
N GLN B 1369 21.55 -33.83 9.82
CA GLN B 1369 22.76 -34.14 9.05
C GLN B 1369 23.55 -35.27 9.69
N ALA B 1370 23.40 -35.48 11.00
CA ALA B 1370 23.99 -36.65 11.63
C ALA B 1370 23.26 -37.92 11.22
N LYS B 1371 21.92 -37.88 11.26
CA LYS B 1371 21.14 -39.09 11.00
C LYS B 1371 21.29 -39.54 9.55
N ARG B 1372 21.36 -38.59 8.62
CA ARG B 1372 21.67 -38.95 7.24
C ARG B 1372 23.07 -39.51 7.10
N ALA B 1373 24.02 -39.01 7.91
CA ALA B 1373 25.37 -39.56 7.90
C ALA B 1373 25.38 -41.00 8.39
N GLN B 1374 24.59 -41.30 9.43
CA GLN B 1374 24.50 -42.65 9.97
C GLN B 1374 23.54 -43.50 9.15
N VAL C 6 18.24 -11.05 30.73
CA VAL C 6 18.57 -12.47 30.61
C VAL C 6 20.07 -12.66 30.48
N GLN C 7 20.82 -11.66 30.94
CA GLN C 7 22.28 -11.74 30.84
C GLN C 7 22.84 -12.87 31.68
N ASP C 8 22.29 -13.08 32.88
CA ASP C 8 22.77 -14.16 33.73
C ASP C 8 22.54 -15.53 33.07
N ALA C 9 21.39 -15.70 32.44
CA ALA C 9 21.08 -16.97 31.79
C ALA C 9 22.03 -17.25 30.63
N VAL C 10 22.30 -16.24 29.80
CA VAL C 10 23.21 -16.44 28.69
C VAL C 10 24.64 -16.62 29.17
N GLU C 11 24.99 -16.03 30.31
CA GLU C 11 26.30 -16.29 30.90
C GLU C 11 26.41 -17.73 31.39
N LYS C 12 25.34 -18.25 31.99
CA LYS C 12 25.38 -19.63 32.50
C LYS C 12 25.32 -20.65 31.37
N ILE C 13 24.67 -20.32 30.26
CA ILE C 13 24.59 -21.25 29.13
C ILE C 13 25.68 -20.98 28.11
N GLY C 14 25.80 -19.73 27.66
CA GLY C 14 26.82 -19.37 26.69
C GLY C 14 26.26 -18.95 25.35
N ASN C 15 25.26 -19.67 24.88
CA ASN C 15 24.62 -19.41 23.60
C ASN C 15 23.14 -19.12 23.84
N ARG C 16 22.65 -18.04 23.21
CA ARG C 16 21.25 -17.65 23.40
C ARG C 16 20.30 -18.70 22.82
N PHE C 17 20.64 -19.26 21.66
CA PHE C 17 19.79 -20.27 21.04
C PHE C 17 19.70 -21.53 21.90
N ASP C 18 20.85 -21.97 22.43
CA ASP C 18 20.85 -23.11 23.33
C ASP C 18 20.05 -22.83 24.59
N LEU C 19 20.15 -21.61 25.11
CA LEU C 19 19.36 -21.23 26.28
C LEU C 19 17.87 -21.29 25.97
N VAL C 20 17.47 -20.81 24.78
CA VAL C 20 16.07 -20.86 24.39
C VAL C 20 15.58 -22.30 24.34
N LEU C 21 16.38 -23.19 23.75
CA LEU C 21 15.98 -24.59 23.63
C LEU C 21 15.85 -25.26 25.00
N VAL C 22 16.83 -25.04 25.88
CA VAL C 22 16.81 -25.66 27.20
C VAL C 22 15.63 -25.12 28.01
N ALA C 23 15.40 -23.81 27.97
CA ALA C 23 14.29 -23.23 28.70
C ALA C 23 12.96 -23.71 28.15
N ALA C 24 12.87 -23.91 26.84
CA ALA C 24 11.64 -24.46 26.26
C ALA C 24 11.37 -25.86 26.75
N ARG C 25 12.41 -26.70 26.81
CA ARG C 25 12.24 -28.05 27.33
C ARG C 25 11.79 -28.02 28.79
N ARG C 26 12.43 -27.18 29.61
CA ARG C 26 12.05 -27.10 31.02
C ARG C 26 10.64 -26.57 31.20
N ALA C 27 10.25 -25.55 30.42
CA ALA C 27 8.90 -25.00 30.52
C ALA C 27 7.86 -26.01 30.09
N ARG C 28 8.15 -26.80 29.05
CA ARG C 28 7.23 -27.86 28.66
C ARG C 28 7.13 -28.93 29.74
N GLN C 29 8.23 -29.21 30.43
CA GLN C 29 8.17 -30.15 31.55
C GLN C 29 7.27 -29.63 32.66
N MET C 30 7.36 -28.33 32.97
CA MET C 30 6.51 -27.80 34.04
C MET C 30 5.06 -27.61 33.60
N GLN C 31 4.80 -27.41 32.31
CA GLN C 31 3.45 -27.15 31.84
C GLN C 31 2.73 -28.43 31.40
N SER C 32 3.27 -29.10 30.37
CA SER C 32 2.63 -30.32 29.89
C SER C 32 2.89 -31.48 30.83
N GLY C 33 4.11 -31.62 31.34
CA GLY C 33 4.41 -32.64 32.31
C GLY C 33 4.04 -32.22 33.72
N GLY C 34 4.16 -33.17 34.63
CA GLY C 34 3.85 -32.93 36.02
C GLY C 34 5.00 -32.46 36.86
N LYS C 35 6.14 -32.13 36.25
CA LYS C 35 7.31 -31.72 37.01
C LYS C 35 7.06 -30.41 37.74
N ASP C 36 7.61 -30.30 38.93
CA ASP C 36 7.47 -29.13 39.77
C ASP C 36 8.71 -28.25 39.69
N ALA C 37 8.52 -26.96 39.99
CA ALA C 37 9.61 -26.01 39.92
C ALA C 37 10.58 -26.23 41.08
N LEU C 38 11.86 -26.01 40.81
CA LEU C 38 12.90 -26.09 41.83
C LEU C 38 13.16 -24.75 42.50
N VAL C 39 12.41 -23.72 42.15
CA VAL C 39 12.52 -22.40 42.78
C VAL C 39 11.12 -21.92 43.12
N PRO C 40 11.00 -20.96 44.04
CA PRO C 40 9.68 -20.38 44.32
C PRO C 40 9.04 -19.82 43.06
N GLU C 41 7.80 -20.23 42.81
CA GLU C 41 7.14 -19.85 41.56
C GLU C 41 6.89 -18.34 41.50
N GLU C 42 6.44 -17.75 42.61
CA GLU C 42 6.21 -16.31 42.71
C GLU C 42 5.25 -15.82 41.63
N ASN C 43 4.22 -16.62 41.34
CA ASN C 43 3.19 -16.28 40.36
C ASN C 43 3.79 -15.94 39.01
N ASP C 44 4.67 -16.81 38.53
CA ASP C 44 5.37 -16.63 37.27
C ASP C 44 5.01 -17.73 36.29
N LYS C 45 5.09 -17.41 35.00
CA LYS C 45 4.79 -18.36 33.95
C LYS C 45 5.92 -19.38 33.83
N PRO C 46 5.66 -20.54 33.21
CA PRO C 46 6.71 -21.56 33.10
C PRO C 46 7.98 -21.09 32.44
N THR C 47 7.89 -20.19 31.45
CA THR C 47 9.09 -19.70 30.77
C THR C 47 9.99 -18.92 31.73
N VAL C 48 9.40 -18.03 32.53
CA VAL C 48 10.19 -17.25 33.47
C VAL C 48 10.74 -18.13 34.58
N ILE C 49 9.96 -19.12 35.02
CA ILE C 49 10.46 -20.06 36.02
C ILE C 49 11.67 -20.82 35.49
N ALA C 50 11.58 -21.29 34.24
CA ALA C 50 12.71 -22.00 33.64
C ALA C 50 13.93 -21.09 33.51
N LEU C 51 13.73 -19.85 33.11
CA LEU C 51 14.85 -18.92 33.01
C LEU C 51 15.50 -18.68 34.37
N ARG C 52 14.68 -18.52 35.41
CA ARG C 52 15.23 -18.33 36.75
C ARG C 52 15.99 -19.56 37.22
N GLU C 53 15.48 -20.75 36.93
CA GLU C 53 16.19 -21.98 37.29
C GLU C 53 17.51 -22.08 36.57
N ILE C 54 17.54 -21.72 35.29
CA ILE C 54 18.80 -21.72 34.54
C ILE C 54 19.78 -20.72 35.14
N GLU C 55 19.30 -19.54 35.49
CA GLU C 55 20.17 -18.54 36.11
C GLU C 55 20.75 -19.03 37.42
N GLU C 56 19.94 -19.72 38.22
CA GLU C 56 20.42 -20.26 39.49
C GLU C 56 21.36 -21.43 39.31
N GLY C 57 21.50 -21.97 38.10
CA GLY C 57 22.36 -23.10 37.86
C GLY C 57 21.74 -24.45 38.11
N LEU C 58 20.44 -24.52 38.39
CA LEU C 58 19.80 -25.79 38.67
C LEU C 58 19.53 -26.59 37.40
N ILE C 59 19.25 -25.93 36.29
CA ILE C 59 18.85 -26.60 35.05
C ILE C 59 19.90 -26.32 33.97
N THR C 60 20.46 -27.39 33.42
CA THR C 60 21.33 -27.34 32.25
C THR C 60 20.91 -28.46 31.30
N LYS C 61 21.50 -28.46 30.11
CA LYS C 61 21.19 -29.50 29.14
C LYS C 61 21.60 -30.88 29.65
N ASP C 62 22.80 -30.96 30.25
CA ASP C 62 23.27 -32.24 30.79
C ASP C 62 22.39 -32.71 31.93
N VAL C 63 21.93 -31.79 32.78
CA VAL C 63 21.04 -32.16 33.87
C VAL C 63 19.73 -32.72 33.34
N LEU C 64 19.18 -32.07 32.31
CA LEU C 64 17.93 -32.55 31.71
C LEU C 64 18.12 -33.93 31.09
N ASP C 65 19.23 -34.13 30.37
CA ASP C 65 19.49 -35.44 29.78
C ASP C 65 19.67 -36.51 30.85
N ALA C 66 20.35 -36.17 31.95
CA ALA C 66 20.53 -37.14 33.03
C ALA C 66 19.21 -37.51 33.68
N ARG C 67 18.33 -36.53 33.90
CA ARG C 67 17.03 -36.84 34.50
C ARG C 67 16.17 -37.65 33.55
N GLU C 68 16.26 -37.38 32.24
CA GLU C 68 15.54 -38.20 31.27
C GLU C 68 16.05 -39.63 31.28
N ARG C 69 17.37 -39.81 31.37
CA ARG C 69 17.94 -41.15 31.44
C ARG C 69 17.48 -41.87 32.71
N GLN C 70 17.45 -41.16 33.84
CA GLN C 70 16.99 -41.76 35.08
C GLN C 70 15.52 -42.18 34.97
N GLU C 71 14.69 -41.34 34.36
CA GLU C 71 13.29 -41.69 34.16
C GLU C 71 13.15 -42.91 33.26
N GLN C 72 13.96 -42.99 32.21
CA GLN C 72 13.92 -44.15 31.33
C GLN C 72 14.35 -45.41 32.05
N GLN C 73 15.37 -45.31 32.92
CA GLN C 73 15.81 -46.47 33.68
C GLN C 73 14.70 -46.97 34.62
N GLU C 74 14.00 -46.05 35.28
CA GLU C 74 12.90 -46.41 36.16
C GLU C 74 11.67 -46.81 35.35
N SER D 4 5.39 30.46 68.87
CA SER D 4 6.75 29.95 68.97
C SER D 4 7.19 29.29 67.68
N VAL D 5 8.15 28.37 67.79
CA VAL D 5 8.66 27.66 66.62
C VAL D 5 7.83 26.43 66.31
N THR D 6 7.48 25.65 67.33
CA THR D 6 6.74 24.41 67.11
C THR D 6 5.25 24.64 66.88
N GLU D 7 4.71 25.77 67.28
CA GLU D 7 3.29 26.07 67.13
C GLU D 7 3.09 27.07 66.01
N PHE D 8 2.17 26.75 65.09
CA PHE D 8 1.84 27.61 63.97
C PHE D 8 0.56 28.39 64.23
N LEU D 9 0.30 29.36 63.37
CA LEU D 9 -0.94 30.14 63.41
C LEU D 9 -1.90 29.60 62.36
N LYS D 10 -3.10 29.23 62.80
CA LYS D 10 -4.08 28.64 61.89
C LYS D 10 -4.81 29.74 61.13
N PRO D 11 -4.97 29.62 59.82
CA PRO D 11 -5.71 30.63 59.07
C PRO D 11 -7.19 30.62 59.39
N ARG D 12 -7.82 31.77 59.20
CA ARG D 12 -9.25 31.92 59.35
C ARG D 12 -9.82 32.62 58.13
N LEU D 13 -11.12 32.42 57.92
CA LEU D 13 -11.88 33.06 56.84
C LEU D 13 -12.18 34.50 57.25
N VAL D 14 -11.43 35.46 56.71
CA VAL D 14 -11.60 36.82 57.19
C VAL D 14 -12.49 37.67 56.28
N ASP D 15 -12.58 37.35 54.99
CA ASP D 15 -13.39 38.15 54.09
C ASP D 15 -13.94 37.29 52.96
N ILE D 16 -15.17 37.57 52.56
CA ILE D 16 -15.78 36.99 51.36
C ILE D 16 -16.34 38.14 50.55
N GLU D 17 -15.82 38.35 49.35
CA GLU D 17 -16.26 39.40 48.46
C GLU D 17 -16.98 38.78 47.28
N GLN D 18 -18.21 39.19 47.05
CA GLN D 18 -19.05 38.64 45.98
C GLN D 18 -19.12 39.69 44.87
N ILE D 19 -18.18 39.59 43.92
CA ILE D 19 -18.14 40.55 42.82
C ILE D 19 -19.40 40.47 41.98
N SER D 20 -19.82 39.25 41.66
CA SER D 20 -21.06 39.03 40.92
C SER D 20 -21.67 37.72 41.41
N THR D 21 -22.72 37.26 40.74
CA THR D 21 -23.34 36.00 41.11
C THR D 21 -22.46 34.81 40.77
N THR D 22 -21.49 34.98 39.86
CA THR D 22 -20.63 33.90 39.41
C THR D 22 -19.15 34.21 39.62
N HIS D 23 -18.84 35.10 40.56
CA HIS D 23 -17.46 35.52 40.79
C HIS D 23 -17.33 35.93 42.24
N ALA D 24 -16.29 35.43 42.91
CA ALA D 24 -16.10 35.74 44.32
C ALA D 24 -14.63 35.71 44.68
N LYS D 25 -14.29 36.40 45.76
CA LYS D 25 -12.95 36.39 46.34
C LYS D 25 -13.05 36.02 47.80
N VAL D 26 -12.22 35.08 48.23
CA VAL D 26 -12.22 34.55 49.59
C VAL D 26 -10.83 34.73 50.16
N THR D 27 -10.73 35.36 51.33
CA THR D 27 -9.45 35.68 51.92
C THR D 27 -9.24 34.90 53.21
N LEU D 28 -8.12 34.19 53.28
CA LEU D 28 -7.71 33.40 54.44
C LEU D 28 -6.48 34.03 55.06
N GLU D 29 -6.55 34.29 56.37
CA GLU D 29 -5.50 35.00 57.09
C GLU D 29 -5.58 34.60 58.56
N PRO D 30 -4.45 34.44 59.26
CA PRO D 30 -3.05 34.55 58.81
C PRO D 30 -2.47 33.23 58.32
N LEU D 31 -1.41 33.29 57.52
CA LEU D 31 -0.73 32.11 57.03
C LEU D 31 0.77 32.32 57.20
N GLU D 32 1.47 31.30 57.68
CA GLU D 32 2.91 31.41 57.86
C GLU D 32 3.63 31.27 56.52
N ARG D 33 4.95 31.28 56.58
CA ARG D 33 5.75 31.29 55.37
C ARG D 33 5.62 29.95 54.64
N GLY D 34 5.36 30.02 53.34
CA GLY D 34 5.20 28.83 52.52
C GLY D 34 3.86 28.16 52.60
N PHE D 35 3.09 28.39 53.67
CA PHE D 35 1.81 27.71 53.80
C PHE D 35 0.75 28.27 52.88
N GLY D 36 0.90 29.55 52.49
CA GLY D 36 -0.05 30.11 51.55
C GLY D 36 -0.04 29.38 50.22
N HIS D 37 1.14 29.13 49.67
N HIS D 37 1.14 29.12 49.69
CA HIS D 37 1.22 28.43 48.40
CA HIS D 37 1.25 28.43 48.40
C HIS D 37 0.78 26.98 48.53
C HIS D 37 0.80 26.98 48.52
N THR D 38 1.17 26.30 49.62
CA THR D 38 0.77 24.92 49.82
C THR D 38 -0.75 24.79 49.87
N LEU D 39 -1.39 25.59 50.73
CA LEU D 39 -2.84 25.53 50.85
C LEU D 39 -3.52 26.00 49.57
N GLY D 40 -2.97 27.02 48.91
CA GLY D 40 -3.58 27.49 47.68
C GLY D 40 -3.59 26.43 46.59
N ASN D 41 -2.46 25.76 46.39
CA ASN D 41 -2.42 24.73 45.37
C ASN D 41 -3.32 23.55 45.73
N ALA D 42 -3.30 23.12 47.00
CA ALA D 42 -4.14 22.02 47.40
C ALA D 42 -5.62 22.34 47.20
N LEU D 43 -6.03 23.54 47.61
CA LEU D 43 -7.43 23.94 47.49
C LEU D 43 -7.82 24.13 46.04
N ARG D 44 -6.91 24.64 45.20
CA ARG D 44 -7.23 24.78 43.79
C ARG D 44 -7.42 23.43 43.13
N ARG D 45 -6.56 22.47 43.44
CA ARG D 45 -6.69 21.15 42.82
C ARG D 45 -7.94 20.43 43.30
N ILE D 46 -8.30 20.58 44.58
CA ILE D 46 -9.51 19.94 45.07
C ILE D 46 -10.76 20.63 44.52
N LEU D 47 -10.77 21.95 44.48
CA LEU D 47 -11.93 22.70 44.01
C LEU D 47 -12.19 22.44 42.53
N LEU D 48 -11.14 22.40 41.72
CA LEU D 48 -11.31 22.22 40.29
C LEU D 48 -11.68 20.81 39.90
N SER D 49 -11.67 19.86 40.83
CA SER D 49 -11.81 18.46 40.45
C SER D 49 -12.97 17.74 41.16
N SER D 50 -13.24 18.09 42.40
CA SER D 50 -14.08 17.25 43.26
C SER D 50 -15.12 18.08 44.01
N MET D 51 -15.83 18.94 43.29
CA MET D 51 -16.92 19.70 43.89
C MET D 51 -18.25 19.17 43.43
N PRO D 52 -19.19 18.91 44.34
CA PRO D 52 -20.50 18.40 43.94
C PRO D 52 -21.35 19.48 43.29
N GLY D 53 -22.31 19.03 42.47
CA GLY D 53 -23.18 19.94 41.79
C GLY D 53 -24.41 19.22 41.26
N CYS D 54 -25.22 19.98 40.52
CA CYS D 54 -26.43 19.45 39.91
C CYS D 54 -26.42 19.77 38.43
N ALA D 55 -26.83 18.80 37.62
CA ALA D 55 -26.76 18.95 36.17
C ALA D 55 -27.95 18.25 35.52
N VAL D 56 -28.29 18.74 34.32
CA VAL D 56 -29.33 18.10 33.51
C VAL D 56 -28.78 16.81 32.94
N THR D 57 -29.56 15.74 33.05
CA THR D 57 -29.16 14.41 32.59
C THR D 57 -30.09 13.82 31.54
N GLU D 58 -31.39 14.09 31.62
CA GLU D 58 -32.37 13.52 30.71
C GLU D 58 -33.34 14.59 30.28
N VAL D 59 -33.68 14.59 28.99
CA VAL D 59 -34.68 15.50 28.45
C VAL D 59 -35.70 14.71 27.64
N GLU D 60 -36.97 15.06 27.81
CA GLU D 60 -38.05 14.46 27.04
C GLU D 60 -38.86 15.58 26.41
N ILE D 61 -38.81 15.67 25.08
CA ILE D 61 -39.52 16.70 24.33
C ILE D 61 -40.62 16.02 23.53
N GLU D 62 -41.83 16.56 23.60
CA GLU D 62 -42.98 15.93 22.96
C GLU D 62 -42.82 15.94 21.44
N GLY D 63 -43.07 14.78 20.82
CA GLY D 63 -42.97 14.66 19.39
C GLY D 63 -41.57 14.51 18.86
N VAL D 64 -40.58 14.27 19.72
CA VAL D 64 -39.19 14.17 19.32
C VAL D 64 -38.70 12.77 19.65
N LEU D 65 -38.09 12.11 18.67
CA LEU D 65 -37.57 10.76 18.84
C LEU D 65 -36.08 10.71 19.08
N HIS D 66 -35.31 11.64 18.52
CA HIS D 66 -33.86 11.67 18.71
C HIS D 66 -33.37 13.09 18.51
N GLU D 67 -32.08 13.29 18.79
CA GLU D 67 -31.50 14.63 18.74
C GLU D 67 -31.32 15.12 17.31
N TYR D 68 -31.09 14.21 16.37
CA TYR D 68 -30.78 14.57 14.99
C TYR D 68 -32.07 14.79 14.19
N SER D 69 -32.84 15.77 14.62
CA SER D 69 -34.12 16.08 14.01
C SER D 69 -34.44 17.54 14.24
N THR D 70 -35.57 17.98 13.68
CA THR D 70 -36.03 19.34 13.81
C THR D 70 -37.47 19.35 14.32
N LYS D 71 -37.88 20.48 14.87
CA LYS D 71 -39.24 20.68 15.32
C LYS D 71 -39.80 21.92 14.66
N GLU D 72 -41.05 21.86 14.24
CA GLU D 72 -41.65 22.97 13.51
C GLU D 72 -41.79 24.19 14.40
N GLY D 73 -41.40 25.35 13.88
CA GLY D 73 -41.47 26.59 14.61
C GLY D 73 -40.28 26.86 15.52
N VAL D 74 -39.33 25.95 15.61
CA VAL D 74 -38.14 26.10 16.43
C VAL D 74 -36.95 26.27 15.51
N GLN D 75 -36.18 27.35 15.73
CA GLN D 75 -35.06 27.63 14.86
C GLN D 75 -33.89 26.68 15.11
N GLU D 76 -33.71 26.26 16.36
CA GLU D 76 -32.61 25.38 16.72
C GLU D 76 -33.00 23.92 16.51
N ASP D 77 -32.00 23.10 16.19
CA ASP D 77 -32.21 21.67 16.21
C ASP D 77 -32.25 21.17 17.64
N ILE D 78 -32.70 19.92 17.80
CA ILE D 78 -32.78 19.34 19.14
C ILE D 78 -31.40 19.18 19.74
N LEU D 79 -30.39 18.90 18.91
CA LEU D 79 -29.03 18.81 19.40
C LEU D 79 -28.57 20.13 20.00
N GLU D 80 -28.86 21.25 19.33
CA GLU D 80 -28.49 22.54 19.86
C GLU D 80 -29.28 22.89 21.12
N ILE D 81 -30.53 22.44 21.21
CA ILE D 81 -31.31 22.66 22.43
C ILE D 81 -30.70 21.89 23.60
N LEU D 82 -30.26 20.65 23.37
CA LEU D 82 -29.60 19.89 24.43
C LEU D 82 -28.29 20.54 24.83
N LEU D 83 -27.54 21.05 23.85
CA LEU D 83 -26.30 21.77 24.18
C LEU D 83 -26.59 23.00 25.02
N ASN D 84 -27.66 23.72 24.69
CA ASN D 84 -28.06 24.88 25.50
C ASN D 84 -28.47 24.47 26.90
N LEU D 85 -29.17 23.35 27.02
CA LEU D 85 -29.58 22.87 28.35
C LEU D 85 -28.40 22.43 29.18
N LYS D 86 -27.30 22.02 28.55
CA LYS D 86 -26.10 21.70 29.31
C LYS D 86 -25.58 22.88 30.11
N GLY D 87 -25.94 24.10 29.73
CA GLY D 87 -25.45 25.28 30.42
C GLY D 87 -26.41 25.83 31.46
N LEU D 88 -27.34 24.99 31.90
CA LEU D 88 -28.33 25.40 32.88
C LEU D 88 -27.75 25.29 34.29
N ALA D 89 -27.84 26.38 35.06
CA ALA D 89 -27.35 26.43 36.43
C ALA D 89 -28.53 26.21 37.37
N VAL D 90 -28.56 25.03 38.00
CA VAL D 90 -29.68 24.61 38.84
C VAL D 90 -29.14 24.29 40.23
N ARG D 91 -29.80 24.82 41.25
CA ARG D 91 -29.51 24.51 42.65
C ARG D 91 -30.68 23.72 43.21
N VAL D 92 -30.42 22.50 43.65
CA VAL D 92 -31.45 21.59 44.16
C VAL D 92 -31.31 21.52 45.67
N ALA D 93 -32.43 21.59 46.37
CA ALA D 93 -32.42 21.62 47.83
C ALA D 93 -31.84 20.33 48.38
N GLU D 94 -31.16 20.47 49.52
CA GLU D 94 -30.47 19.34 50.13
C GLU D 94 -31.45 18.23 50.48
N GLY D 95 -31.01 16.99 50.31
CA GLY D 95 -31.84 15.83 50.53
C GLY D 95 -32.44 15.24 49.26
N LYS D 96 -32.32 15.93 48.14
CA LYS D 96 -32.82 15.45 46.86
C LYS D 96 -31.65 15.33 45.89
N ASP D 97 -31.44 14.13 45.37
CA ASP D 97 -30.44 13.88 44.34
C ASP D 97 -31.06 13.75 42.96
N GLU D 98 -32.32 14.11 42.81
CA GLU D 98 -33.06 13.93 41.56
C GLU D 98 -34.27 14.84 41.60
N VAL D 99 -34.57 15.48 40.46
CA VAL D 99 -35.74 16.34 40.37
C VAL D 99 -36.16 16.43 38.92
N PHE D 100 -37.45 16.67 38.70
CA PHE D 100 -38.02 16.86 37.37
C PHE D 100 -38.61 18.25 37.27
N ILE D 101 -38.22 18.97 36.23
CA ILE D 101 -38.74 20.31 35.96
C ILE D 101 -39.35 20.30 34.56
N THR D 102 -40.22 21.28 34.31
CA THR D 102 -40.98 21.31 33.08
C THR D 102 -40.81 22.65 32.39
N LEU D 103 -40.88 22.63 31.06
CA LEU D 103 -40.76 23.84 30.26
C LEU D 103 -41.82 23.80 29.16
N ASN D 104 -42.89 24.58 29.32
CA ASN D 104 -43.92 24.71 28.32
C ASN D 104 -43.98 26.17 27.88
N LYS D 105 -43.91 26.39 26.56
CA LYS D 105 -43.98 27.75 26.04
C LYS D 105 -44.50 27.75 24.62
N SER D 106 -45.44 28.65 24.33
CA SER D 106 -45.99 28.82 22.99
C SER D 106 -45.85 30.28 22.56
N GLY D 107 -45.74 30.49 21.26
CA GLY D 107 -45.65 31.82 20.72
C GLY D 107 -44.22 32.21 20.39
N SER D 108 -44.09 33.18 19.50
CA SER D 108 -42.78 33.61 19.04
C SER D 108 -42.01 34.29 20.17
N GLY D 109 -40.71 34.03 20.22
CA GLY D 109 -39.84 34.61 21.21
C GLY D 109 -38.76 33.65 21.65
N PRO D 110 -37.76 34.18 22.36
CA PRO D 110 -36.72 33.31 22.94
C PRO D 110 -37.24 32.59 24.18
N VAL D 111 -37.21 31.27 24.15
CA VAL D 111 -37.52 30.45 25.31
C VAL D 111 -36.28 30.35 26.18
N VAL D 112 -36.37 30.89 27.39
CA VAL D 112 -35.22 31.02 28.29
C VAL D 112 -35.45 30.19 29.54
N ALA D 113 -34.47 30.20 30.45
CA ALA D 113 -34.54 29.39 31.66
C ALA D 113 -35.58 29.89 32.65
N GLY D 114 -35.94 31.18 32.58
CA GLY D 114 -36.95 31.72 33.48
C GLY D 114 -38.36 31.24 33.20
N ASP D 115 -38.56 30.50 32.12
CA ASP D 115 -39.86 29.94 31.76
C ASP D 115 -40.06 28.52 32.26
N ILE D 116 -39.14 28.01 33.06
CA ILE D 116 -39.22 26.65 33.58
C ILE D 116 -40.07 26.64 34.84
N THR D 117 -40.97 25.66 34.92
CA THR D 117 -41.82 25.48 36.09
C THR D 117 -41.17 24.48 37.04
N HIS D 118 -40.89 24.91 38.26
CA HIS D 118 -40.25 24.08 39.27
C HIS D 118 -41.05 24.14 40.57
N ASP D 119 -40.86 23.11 41.40
CA ASP D 119 -41.71 22.86 42.55
C ASP D 119 -41.25 23.56 43.82
N GLY D 120 -40.32 24.49 43.73
CA GLY D 120 -39.86 25.25 44.87
C GLY D 120 -38.62 24.69 45.53
N ASP D 121 -38.30 23.43 45.30
CA ASP D 121 -37.04 22.84 45.74
C ASP D 121 -35.92 23.05 44.74
N VAL D 122 -36.19 23.73 43.63
CA VAL D 122 -35.23 23.98 42.57
C VAL D 122 -35.12 25.48 42.36
N GLU D 123 -33.88 25.99 42.30
CA GLU D 123 -33.63 27.39 42.02
C GLU D 123 -32.83 27.50 40.74
N ILE D 124 -33.31 28.32 39.81
CA ILE D 124 -32.59 28.61 38.57
C ILE D 124 -31.75 29.85 38.81
N VAL D 125 -30.44 29.73 38.60
CA VAL D 125 -29.53 30.83 38.91
C VAL D 125 -29.39 31.80 37.73
N ASN D 126 -29.56 31.33 36.50
CA ASN D 126 -29.42 32.16 35.31
C ASN D 126 -30.72 32.12 34.52
N PRO D 127 -31.73 32.89 34.94
CA PRO D 127 -33.00 32.90 34.20
C PRO D 127 -32.89 33.49 32.80
N GLU D 128 -31.85 34.26 32.51
CA GLU D 128 -31.68 34.85 31.20
C GLU D 128 -31.03 33.90 30.20
N HIS D 129 -30.68 32.69 30.62
CA HIS D 129 -30.06 31.72 29.73
C HIS D 129 -31.04 31.30 28.65
N VAL D 130 -30.66 31.47 27.40
CA VAL D 130 -31.53 31.16 26.27
C VAL D 130 -31.43 29.68 25.95
N ILE D 131 -32.58 29.00 25.94
CA ILE D 131 -32.63 27.60 25.58
C ILE D 131 -32.97 27.41 24.10
N CYS D 132 -33.96 28.14 23.59
CA CYS D 132 -34.31 28.01 22.19
C CYS D 132 -35.00 29.27 21.72
N HIS D 133 -35.42 29.27 20.46
CA HIS D 133 -36.19 30.35 19.86
C HIS D 133 -37.40 29.75 19.15
N LEU D 134 -38.58 30.30 19.42
CA LEU D 134 -39.79 29.93 18.71
C LEU D 134 -40.09 31.00 17.68
N THR D 135 -40.11 30.62 16.41
CA THR D 135 -40.17 31.58 15.31
C THR D 135 -41.55 31.72 14.70
N SER D 136 -42.56 31.08 15.28
CA SER D 136 -43.92 31.16 14.75
C SER D 136 -44.90 31.35 15.89
N ASP D 137 -46.04 31.98 15.58
CA ASP D 137 -47.08 32.16 16.57
C ASP D 137 -47.77 30.84 16.90
N ASN D 138 -47.78 29.90 15.95
CA ASN D 138 -48.34 28.58 16.18
C ASN D 138 -47.35 27.64 16.86
N ALA D 139 -46.09 28.05 17.01
CA ALA D 139 -45.08 27.16 17.56
C ALA D 139 -45.29 26.94 19.05
N ALA D 140 -45.01 25.73 19.51
CA ALA D 140 -45.11 25.38 20.91
C ALA D 140 -44.01 24.38 21.26
N ILE D 141 -43.55 24.44 22.50
CA ILE D 141 -42.50 23.55 23.00
C ILE D 141 -42.90 23.07 24.38
N ALA D 142 -42.65 21.79 24.65
CA ALA D 142 -43.00 21.19 25.93
C ALA D 142 -41.95 20.13 26.25
N MET D 143 -41.04 20.46 27.17
CA MET D 143 -39.98 19.54 27.59
C MET D 143 -40.13 19.17 29.05
N ARG D 144 -39.70 17.96 29.37
CA ARG D 144 -39.59 17.47 30.74
C ARG D 144 -38.11 17.18 30.99
N ILE D 145 -37.50 17.94 31.88
CA ILE D 145 -36.07 17.92 32.12
C ILE D 145 -35.79 17.24 33.45
N LYS D 146 -34.78 16.38 33.47
CA LYS D 146 -34.36 15.67 34.68
C LYS D 146 -33.02 16.24 35.14
N VAL D 147 -32.94 16.60 36.42
CA VAL D 147 -31.74 17.18 37.00
C VAL D 147 -31.29 16.28 38.15
N GLU D 148 -30.02 15.89 38.12
CA GLU D 148 -29.45 14.99 39.12
C GLU D 148 -28.26 15.65 39.80
N ARG D 149 -28.04 15.25 41.05
CA ARG D 149 -26.85 15.63 41.79
C ARG D 149 -25.73 14.64 41.52
N GLY D 150 -24.50 15.15 41.52
CA GLY D 150 -23.37 14.32 41.22
C GLY D 150 -22.08 15.08 41.39
N ARG D 151 -21.00 14.46 40.91
CA ARG D 151 -19.67 15.05 41.03
C ARG D 151 -18.86 14.65 39.82
N GLY D 152 -18.22 15.63 39.19
CA GLY D 152 -17.34 15.35 38.07
C GLY D 152 -18.01 15.45 36.72
N TYR D 153 -17.53 14.67 35.76
CA TYR D 153 -18.05 14.63 34.39
C TYR D 153 -18.48 13.20 34.09
N VAL D 154 -19.77 13.01 33.89
CA VAL D 154 -20.33 11.71 33.55
C VAL D 154 -20.97 11.79 32.17
N PRO D 155 -20.29 11.32 31.13
CA PRO D 155 -20.90 11.30 29.80
C PRO D 155 -22.02 10.28 29.71
N ALA D 156 -22.86 10.47 28.70
CA ALA D 156 -24.01 9.58 28.52
C ALA D 156 -23.57 8.16 28.24
N SER D 157 -22.50 7.98 27.48
CA SER D 157 -22.01 6.64 27.15
C SER D 157 -21.55 5.91 28.41
N ALA D 158 -20.89 6.62 29.33
CA ALA D 158 -20.35 5.99 30.52
C ALA D 158 -21.42 5.55 31.51
N ARG D 159 -22.66 5.98 31.34
CA ARG D 159 -23.72 5.57 32.26
C ARG D 159 -24.04 4.10 32.06
N ILE D 160 -24.15 3.37 33.17
CA ILE D 160 -24.43 1.94 33.10
C ILE D 160 -25.83 1.71 32.57
N HIS D 161 -25.98 0.70 31.71
CA HIS D 161 -27.27 0.37 31.12
C HIS D 161 -28.17 -0.33 32.15
N GLU D 166 -35.00 -0.58 31.07
CA GLU D 166 -35.31 -0.15 29.72
C GLU D 166 -35.41 1.36 29.63
N ARG D 167 -35.20 1.90 28.43
CA ARG D 167 -35.26 3.34 28.19
C ARG D 167 -36.19 3.59 27.01
N PRO D 168 -37.35 4.19 27.22
CA PRO D 168 -38.29 4.43 26.12
C PRO D 168 -37.71 5.40 25.09
N ILE D 169 -38.12 5.20 23.83
CA ILE D 169 -37.63 6.06 22.76
C ILE D 169 -38.25 7.44 22.90
N GLY D 170 -37.39 8.46 22.91
CA GLY D 170 -37.83 9.82 23.15
C GLY D 170 -37.05 10.44 24.28
N ARG D 171 -36.67 9.62 25.25
CA ARG D 171 -35.80 10.06 26.33
C ARG D 171 -34.39 10.28 25.79
N LEU D 172 -33.87 11.49 25.98
CA LEU D 172 -32.59 11.89 25.41
C LEU D 172 -31.59 12.10 26.54
N LEU D 173 -30.47 11.41 26.46
CA LEU D 173 -29.41 11.52 27.45
C LEU D 173 -28.53 12.72 27.14
N VAL D 174 -28.13 13.42 28.19
CA VAL D 174 -27.30 14.62 28.09
C VAL D 174 -26.05 14.42 28.93
N ASP D 175 -24.90 14.70 28.34
CA ASP D 175 -23.64 14.63 29.08
C ASP D 175 -23.64 15.63 30.23
N ALA D 176 -23.26 15.17 31.40
CA ALA D 176 -23.42 15.94 32.63
C ALA D 176 -22.06 16.38 33.15
N THR D 177 -21.90 17.68 33.35
CA THR D 177 -20.74 18.27 33.99
C THR D 177 -21.22 18.80 35.33
N PHE D 178 -21.05 17.99 36.37
CA PHE D 178 -21.64 18.31 37.66
C PHE D 178 -20.88 19.40 38.40
N SER D 179 -19.58 19.51 38.17
CA SER D 179 -18.76 20.46 38.92
C SER D 179 -19.21 21.89 38.65
N PRO D 180 -19.58 22.66 39.68
CA PRO D 180 -19.97 24.06 39.46
C PRO D 180 -18.80 25.01 39.33
N VAL D 181 -17.59 24.59 39.68
CA VAL D 181 -16.43 25.46 39.64
C VAL D 181 -15.85 25.47 38.23
N ASP D 182 -15.63 26.65 37.68
CA ASP D 182 -15.09 26.81 36.34
C ASP D 182 -13.64 27.29 36.36
N LYS D 183 -13.33 28.31 37.14
CA LYS D 183 -11.98 28.85 37.18
C LYS D 183 -11.58 29.18 38.62
N ILE D 184 -10.35 28.83 38.98
CA ILE D 184 -9.81 29.12 40.30
C ILE D 184 -8.44 29.75 40.13
N ALA D 185 -8.25 30.91 40.76
CA ALA D 185 -6.96 31.55 40.89
C ALA D 185 -6.67 31.79 42.36
N TYR D 186 -5.40 31.96 42.70
CA TYR D 186 -5.05 32.26 44.08
C TYR D 186 -3.76 33.06 44.11
N SER D 187 -3.68 33.96 45.08
CA SER D 187 -2.50 34.79 45.28
C SER D 187 -2.15 34.81 46.76
N VAL D 188 -0.86 34.96 47.05
CA VAL D 188 -0.36 35.08 48.41
C VAL D 188 0.29 36.44 48.54
N GLU D 189 -0.30 37.31 49.35
CA GLU D 189 0.19 38.66 49.57
C GLU D 189 0.63 38.83 51.01
N ALA D 190 1.22 39.97 51.31
CA ALA D 190 1.65 40.25 52.68
C ALA D 190 0.45 40.53 53.57
N ALA D 191 0.56 40.15 54.83
CA ALA D 191 -0.46 40.37 55.82
C ALA D 191 0.09 41.25 56.93
N ARG D 192 -0.70 42.21 57.38
CA ARG D 192 -0.32 43.12 58.47
C ARG D 192 -0.99 42.58 59.74
N VAL D 193 -0.25 41.78 60.50
CA VAL D 193 -0.75 41.16 61.71
C VAL D 193 0.15 41.56 62.86
N GLU D 194 -0.43 42.21 63.88
CA GLU D 194 0.27 42.63 65.09
C GLU D 194 1.57 43.34 64.78
N GLN D 195 2.69 42.67 65.05
CA GLN D 195 4.01 43.21 64.77
C GLN D 195 4.85 42.36 63.84
N ARG D 196 4.47 41.11 63.61
CA ARG D 196 5.26 40.25 62.76
C ARG D 196 5.10 40.63 61.30
N THR D 197 6.11 40.27 60.50
CA THR D 197 6.11 40.53 59.07
C THR D 197 6.18 39.27 58.22
N ASP D 198 6.33 38.10 58.84
CA ASP D 198 6.46 36.85 58.10
C ASP D 198 5.12 36.26 57.69
N LEU D 199 4.01 36.75 58.23
CA LEU D 199 2.71 36.18 57.92
C LEU D 199 2.25 36.61 56.52
N ASP D 200 1.32 35.84 55.97
CA ASP D 200 0.84 36.03 54.61
C ASP D 200 -0.66 35.90 54.58
N LYS D 201 -1.24 36.31 53.46
CA LYS D 201 -2.68 36.32 53.24
C LYS D 201 -2.98 35.65 51.91
N LEU D 202 -3.90 34.69 51.92
CA LEU D 202 -4.27 33.94 50.72
C LEU D 202 -5.59 34.45 50.19
N VAL D 203 -5.60 34.85 48.92
CA VAL D 203 -6.82 35.32 48.26
C VAL D 203 -7.14 34.35 47.14
N ILE D 204 -8.31 33.72 47.21
CA ILE D 204 -8.77 32.76 46.24
C ILE D 204 -9.88 33.41 45.42
N ASP D 205 -9.68 33.48 44.11
CA ASP D 205 -10.66 33.99 43.18
C ASP D 205 -11.37 32.80 42.54
N MET D 206 -12.69 32.74 42.71
CA MET D 206 -13.49 31.63 42.22
C MET D 206 -14.51 32.15 41.22
N GLU D 207 -14.50 31.59 40.01
CA GLU D 207 -15.52 31.83 39.01
C GLU D 207 -16.28 30.53 38.81
N THR D 208 -17.56 30.54 39.19
CA THR D 208 -18.42 29.36 39.13
C THR D 208 -19.66 29.67 38.31
N ASN D 209 -20.66 28.80 38.36
CA ASN D 209 -21.93 29.04 37.70
C ASN D 209 -22.99 29.57 38.65
N GLY D 210 -22.61 29.93 39.87
CA GLY D 210 -23.53 30.51 40.83
C GLY D 210 -24.24 29.50 41.72
N THR D 211 -24.06 28.21 41.47
CA THR D 211 -24.79 27.20 42.23
C THR D 211 -24.21 27.00 43.63
N LEU D 212 -22.89 27.08 43.76
CA LEU D 212 -22.20 26.78 45.01
C LEU D 212 -21.70 28.06 45.66
N GLU D 213 -21.92 28.19 46.95
CA GLU D 213 -21.43 29.33 47.69
C GLU D 213 -19.92 29.23 47.89
N PRO D 214 -19.23 30.37 48.00
CA PRO D 214 -17.76 30.33 48.18
C PRO D 214 -17.34 29.67 49.48
N GLU D 215 -17.94 30.06 50.60
CA GLU D 215 -17.56 29.51 51.89
C GLU D 215 -17.80 28.01 51.93
N GLU D 216 -18.95 27.56 51.42
CA GLU D 216 -19.24 26.14 51.38
C GLU D 216 -18.21 25.39 50.54
N ALA D 217 -17.80 25.99 49.42
CA ALA D 217 -16.77 25.37 48.59
C ALA D 217 -15.46 25.22 49.34
N ILE D 218 -15.05 26.28 50.05
CA ILE D 218 -13.79 26.24 50.77
C ILE D 218 -13.82 25.17 51.86
N ARG D 219 -14.93 25.11 52.60
CA ARG D 219 -15.02 24.11 53.66
C ARG D 219 -15.10 22.70 53.10
N ARG D 220 -15.76 22.50 51.96
CA ARG D 220 -15.80 21.17 51.37
C ARG D 220 -14.42 20.72 50.90
N ALA D 221 -13.66 21.64 50.28
CA ALA D 221 -12.30 21.31 49.87
C ALA D 221 -11.43 20.99 51.07
N ALA D 222 -11.56 21.77 52.15
CA ALA D 222 -10.78 21.51 53.35
C ALA D 222 -11.16 20.18 53.97
N THR D 223 -12.45 19.84 53.97
CA THR D 223 -12.89 18.56 54.51
C THR D 223 -12.29 17.40 53.72
N ILE D 224 -12.31 17.50 52.39
CA ILE D 224 -11.72 16.44 51.56
C ILE D 224 -10.24 16.31 51.86
N LEU D 225 -9.53 17.44 51.95
CA LEU D 225 -8.10 17.39 52.22
C LEU D 225 -7.80 16.75 53.57
N ALA D 226 -8.56 17.12 54.60
CA ALA D 226 -8.32 16.55 55.93
C ALA D 226 -8.63 15.06 55.96
N GLU D 227 -9.72 14.64 55.32
CA GLU D 227 -10.06 13.23 55.29
C GLU D 227 -9.00 12.41 54.56
N GLN D 228 -8.42 12.98 53.49
CA GLN D 228 -7.36 12.24 52.80
C GLN D 228 -6.05 12.27 53.58
N LEU D 229 -5.81 13.31 54.37
CA LEU D 229 -4.61 13.34 55.18
C LEU D 229 -4.68 12.43 56.39
N ASP D 230 -5.88 12.05 56.82
CA ASP D 230 -6.02 11.16 57.98
C ASP D 230 -5.21 9.87 57.81
N ALA D 231 -5.11 9.35 56.58
CA ALA D 231 -4.35 8.13 56.34
C ALA D 231 -2.88 8.32 56.69
N PHE D 232 -2.31 9.49 56.37
CA PHE D 232 -0.94 9.78 56.74
C PHE D 232 -0.82 10.04 58.24
N VAL D 233 -1.81 10.74 58.82
CA VAL D 233 -1.78 11.00 60.25
C VAL D 233 -1.85 9.72 61.06
N ASP D 234 -2.33 8.62 60.45
CA ASP D 234 -2.38 7.36 61.15
C ASP D 234 -1.61 6.29 60.38
N LEU D 235 -0.39 6.63 59.98
CA LEU D 235 0.40 5.75 59.10
C LEU D 235 0.61 4.38 59.73
N ARG D 236 0.16 3.35 59.03
CA ARG D 236 0.34 1.97 59.46
C ARG D 236 0.15 1.07 58.24
N ASP D 237 0.64 -0.16 58.37
CA ASP D 237 0.51 -1.14 57.29
C ASP D 237 -0.93 -1.68 57.28
N VAL D 238 -1.61 -1.49 56.15
CA VAL D 238 -2.99 -1.96 56.02
C VAL D 238 -3.07 -3.05 54.97
N SER E 4 -22.53 8.52 46.59
CA SER E 4 -22.60 9.78 47.32
C SER E 4 -21.62 10.80 46.76
N VAL E 5 -21.98 12.08 46.86
CA VAL E 5 -21.12 13.13 46.34
C VAL E 5 -20.01 13.51 47.30
N THR E 6 -20.15 13.17 48.58
CA THR E 6 -19.13 13.45 49.58
C THR E 6 -18.30 12.21 49.91
N GLU E 7 -18.48 11.12 49.19
CA GLU E 7 -17.76 9.88 49.44
C GLU E 7 -16.56 9.81 48.50
N PHE E 8 -15.36 9.68 49.07
CA PHE E 8 -14.13 9.60 48.31
C PHE E 8 -13.35 8.35 48.72
N LEU E 9 -12.55 7.86 47.79
CA LEU E 9 -11.73 6.67 48.04
C LEU E 9 -10.64 6.99 49.05
N LYS E 10 -10.53 6.16 50.04
CA LYS E 10 -9.43 6.23 51.00
C LYS E 10 -8.42 5.13 50.69
N PRO E 11 -7.15 5.35 51.00
CA PRO E 11 -6.15 4.31 50.76
C PRO E 11 -6.48 3.03 51.52
N ARG E 12 -6.34 1.90 50.83
CA ARG E 12 -6.61 0.58 51.38
C ARG E 12 -5.37 -0.25 51.59
N LEU E 13 -4.40 -0.15 50.68
CA LEU E 13 -3.10 -0.80 50.79
C LEU E 13 -2.06 0.27 51.07
N VAL E 14 -1.50 0.24 52.28
CA VAL E 14 -0.39 1.09 52.68
C VAL E 14 0.76 0.17 53.07
N ASP E 15 1.88 0.30 52.35
CA ASP E 15 3.03 -0.56 52.53
C ASP E 15 4.20 0.32 52.91
N ILE E 16 4.82 0.02 54.05
CA ILE E 16 6.01 0.74 54.52
C ILE E 16 7.17 -0.23 54.48
N GLU E 17 8.17 0.07 53.65
CA GLU E 17 9.35 -0.77 53.50
C GLU E 17 10.55 0.00 54.04
N GLN E 18 11.30 -0.61 54.94
CA GLN E 18 12.40 0.04 55.64
C GLN E 18 13.72 -0.46 55.07
N ILE E 19 14.32 0.35 54.20
CA ILE E 19 15.65 0.04 53.70
C ILE E 19 16.66 0.09 54.85
N SER E 20 16.56 1.13 55.67
CA SER E 20 17.43 1.30 56.82
C SER E 20 16.64 1.99 57.93
N THR E 21 17.32 2.34 59.02
CA THR E 21 16.66 3.02 60.11
C THR E 21 16.36 4.48 59.79
N THR E 22 16.97 5.03 58.74
CA THR E 22 16.74 6.40 58.33
C THR E 22 16.25 6.52 56.90
N HIS E 23 15.91 5.42 56.26
CA HIS E 23 15.45 5.41 54.88
C HIS E 23 14.21 4.53 54.77
N ALA E 24 13.18 5.01 54.08
CA ALA E 24 11.93 4.26 53.99
C ALA E 24 11.24 4.56 52.68
N LYS E 25 10.33 3.66 52.30
CA LYS E 25 9.52 3.81 51.11
C LYS E 25 8.07 3.47 51.48
N VAL E 26 7.18 4.45 51.33
CA VAL E 26 5.78 4.33 51.71
C VAL E 26 4.92 4.39 50.47
N THR E 27 4.13 3.35 50.24
CA THR E 27 3.25 3.28 49.08
C THR E 27 1.81 3.24 49.57
N LEU E 28 1.01 4.19 49.09
CA LEU E 28 -0.42 4.26 49.39
C LEU E 28 -1.22 4.11 48.11
N GLU E 29 -2.20 3.20 48.13
CA GLU E 29 -3.03 2.92 46.98
C GLU E 29 -4.36 2.38 47.47
N PRO E 30 -5.49 2.74 46.85
CA PRO E 30 -5.66 3.65 45.72
C PRO E 30 -6.06 5.05 46.16
N LEU E 31 -5.74 6.04 45.34
CA LEU E 31 -6.14 7.41 45.57
C LEU E 31 -6.97 7.89 44.38
N GLU E 32 -7.80 8.89 44.62
CA GLU E 32 -8.58 9.46 43.54
C GLU E 32 -7.67 10.19 42.55
N ARG E 33 -8.20 10.39 41.35
CA ARG E 33 -7.41 10.99 40.28
C ARG E 33 -6.92 12.38 40.67
N GLY E 34 -5.61 12.55 40.69
CA GLY E 34 -4.99 13.82 40.98
C GLY E 34 -4.58 14.03 42.41
N PHE E 35 -5.06 13.21 43.34
CA PHE E 35 -4.75 13.40 44.75
C PHE E 35 -3.32 12.99 45.08
N GLY E 36 -2.71 12.11 44.27
CA GLY E 36 -1.32 11.75 44.51
C GLY E 36 -0.42 12.96 44.46
N HIS E 37 -0.54 13.77 43.41
CA HIS E 37 0.29 14.96 43.28
C HIS E 37 -0.01 15.96 44.38
N THR E 38 -1.29 16.16 44.70
CA THR E 38 -1.66 17.09 45.76
C THR E 38 -1.01 16.73 47.08
N LEU E 39 -1.23 15.49 47.53
CA LEU E 39 -0.70 15.06 48.82
C LEU E 39 0.82 15.03 48.82
N GLY E 40 1.42 14.49 47.76
CA GLY E 40 2.87 14.40 47.72
C GLY E 40 3.54 15.77 47.74
N ASN E 41 3.05 16.69 46.92
CA ASN E 41 3.64 18.02 46.87
C ASN E 41 3.46 18.74 48.20
N ALA E 42 2.26 18.68 48.79
CA ALA E 42 2.05 19.36 50.07
C ALA E 42 2.97 18.80 51.14
N LEU E 43 3.08 17.47 51.21
CA LEU E 43 3.95 16.86 52.20
C LEU E 43 5.41 17.22 51.96
N ARG E 44 5.82 17.28 50.71
CA ARG E 44 7.21 17.64 50.39
C ARG E 44 7.53 19.05 50.85
N ARG E 45 6.65 20.02 50.54
CA ARG E 45 6.90 21.38 51.00
C ARG E 45 6.92 21.47 52.51
N ILE E 46 5.99 20.80 53.19
CA ILE E 46 5.94 20.88 54.65
C ILE E 46 7.19 20.26 55.25
N LEU E 47 7.63 19.12 54.73
CA LEU E 47 8.78 18.43 55.28
C LEU E 47 10.08 19.17 55.00
N LEU E 48 10.17 19.86 53.87
CA LEU E 48 11.43 20.50 53.52
C LEU E 48 11.56 21.91 54.09
N SER E 49 10.47 22.68 54.14
CA SER E 49 10.57 24.10 54.45
C SER E 49 9.80 24.52 55.68
N SER E 50 9.11 23.62 56.37
CA SER E 50 8.31 24.02 57.52
C SER E 50 8.39 23.08 58.71
N MET E 51 9.19 22.02 58.64
CA MET E 51 9.24 21.06 59.73
C MET E 51 10.15 21.57 60.84
N PRO E 52 9.66 21.67 62.08
CA PRO E 52 10.52 22.11 63.18
C PRO E 52 11.63 21.10 63.46
N GLY E 53 12.76 21.63 63.91
CA GLY E 53 13.91 20.80 64.24
C GLY E 53 14.96 21.62 64.92
N CYS E 54 16.08 20.98 65.21
CA CYS E 54 17.20 21.61 65.89
C CYS E 54 18.46 21.44 65.05
N ALA E 55 19.24 22.50 64.94
CA ALA E 55 20.38 22.50 64.02
C ALA E 55 21.46 23.46 64.50
N VAL E 56 22.67 23.22 64.00
CA VAL E 56 23.80 24.10 64.25
C VAL E 56 23.63 25.37 63.42
N THR E 57 23.82 26.51 64.03
CA THR E 57 23.63 27.78 63.35
C THR E 57 24.87 28.65 63.32
N GLU E 58 25.61 28.74 64.42
CA GLU E 58 26.68 29.72 64.56
C GLU E 58 27.87 29.03 65.24
N VAL E 59 29.08 29.44 64.88
CA VAL E 59 30.28 28.81 65.43
C VAL E 59 31.33 29.87 65.72
N GLU E 60 32.13 29.60 66.75
CA GLU E 60 33.29 30.40 67.10
C GLU E 60 34.51 29.49 67.15
N ILE E 61 35.55 29.82 66.40
CA ILE E 61 36.79 29.07 66.39
C ILE E 61 37.92 29.99 66.83
N GLU E 62 38.70 29.55 67.81
CA GLU E 62 39.76 30.40 68.36
C GLU E 62 40.82 30.68 67.31
N GLY E 63 41.17 31.95 67.14
CA GLY E 63 42.15 32.34 66.16
C GLY E 63 41.63 32.52 64.76
N VAL E 64 40.33 32.39 64.54
CA VAL E 64 39.71 32.54 63.21
C VAL E 64 38.72 33.69 63.28
N LEU E 65 38.83 34.63 62.35
CA LEU E 65 37.96 35.78 62.28
C LEU E 65 36.99 35.72 61.12
N HIS E 66 37.48 35.49 59.91
CA HIS E 66 36.67 35.44 58.71
C HIS E 66 36.58 34.01 58.20
N GLU E 67 35.50 33.73 57.47
CA GLU E 67 35.30 32.40 56.93
C GLU E 67 36.34 32.02 55.89
N TYR E 68 36.99 33.00 55.27
CA TYR E 68 38.03 32.74 54.28
C TYR E 68 39.43 32.69 54.88
N SER E 69 39.55 32.82 56.20
CA SER E 69 40.86 32.78 56.84
C SER E 69 41.42 31.37 56.81
N THR E 70 42.70 31.26 57.12
CA THR E 70 43.41 29.99 57.15
C THR E 70 43.84 29.68 58.57
N LYS E 71 43.73 28.40 58.95
CA LYS E 71 44.18 27.92 60.25
C LYS E 71 45.25 26.87 60.04
N GLU E 72 46.34 26.98 60.80
CA GLU E 72 47.43 26.04 60.68
C GLU E 72 47.16 24.79 61.50
N GLY E 73 47.42 23.63 60.90
CA GLY E 73 47.28 22.36 61.56
C GLY E 73 46.03 21.58 61.19
N VAL E 74 45.05 22.22 60.57
CA VAL E 74 43.81 21.57 60.15
C VAL E 74 43.87 21.36 58.65
N GLN E 75 43.68 20.12 58.22
CA GLN E 75 43.71 19.82 56.79
C GLN E 75 42.55 20.49 56.06
N GLU E 76 41.35 20.42 56.64
CA GLU E 76 40.19 21.04 56.02
C GLU E 76 40.26 22.55 56.16
N ASP E 77 39.78 23.26 55.14
CA ASP E 77 39.64 24.70 55.25
C ASP E 77 38.45 25.04 56.13
N ILE E 78 38.32 26.33 56.44
CA ILE E 78 37.26 26.77 57.35
C ILE E 78 35.88 26.48 56.75
N LEU E 79 35.73 26.71 55.46
CA LEU E 79 34.44 26.48 54.81
C LEU E 79 34.05 25.00 54.86
N GLU E 80 35.03 24.11 54.69
CA GLU E 80 34.73 22.68 54.80
C GLU E 80 34.40 22.28 56.23
N ILE E 81 35.02 22.93 57.22
CA ILE E 81 34.65 22.68 58.61
C ILE E 81 33.21 23.11 58.86
N LEU E 82 32.82 24.26 58.31
CA LEU E 82 31.42 24.69 58.43
C LEU E 82 30.49 23.72 57.73
N LEU E 83 30.91 23.19 56.59
CA LEU E 83 30.10 22.20 55.89
C LEU E 83 29.93 20.93 56.72
N ASN E 84 31.00 20.49 57.39
CA ASN E 84 30.89 19.31 58.25
C ASN E 84 29.96 19.56 59.42
N LEU E 85 29.98 20.77 59.98
CA LEU E 85 29.09 21.10 61.07
C LEU E 85 27.63 21.13 60.65
N LYS E 86 27.35 21.27 59.36
CA LYS E 86 25.97 21.31 58.91
C LYS E 86 25.31 19.94 59.01
N GLY E 87 26.05 18.89 58.69
CA GLY E 87 25.52 17.54 58.80
C GLY E 87 25.73 16.93 60.16
N LEU E 88 25.25 17.60 61.20
CA LEU E 88 25.40 17.16 62.59
C LEU E 88 24.01 16.95 63.17
N ALA E 89 23.57 15.69 63.21
CA ALA E 89 22.25 15.38 63.75
C ALA E 89 22.26 15.60 65.27
N VAL E 90 21.39 16.48 65.74
CA VAL E 90 21.37 16.89 67.13
C VAL E 90 19.94 17.00 67.62
N ARG E 91 19.69 16.51 68.82
CA ARG E 91 18.42 16.67 69.52
C ARG E 91 18.64 17.56 70.74
N VAL E 92 17.71 18.49 70.97
CA VAL E 92 17.75 19.39 72.11
C VAL E 92 16.47 19.21 72.90
N ALA E 93 16.60 19.11 74.22
CA ALA E 93 15.46 18.83 75.07
C ALA E 93 14.39 19.91 74.94
N GLU E 94 13.13 19.49 75.01
CA GLU E 94 12.03 20.41 74.82
C GLU E 94 12.04 21.49 75.90
N GLY E 95 11.65 22.71 75.51
CA GLY E 95 11.76 23.85 76.38
C GLY E 95 13.04 24.64 76.21
N LYS E 96 13.97 24.17 75.41
CA LYS E 96 15.20 24.87 75.12
C LYS E 96 15.21 25.26 73.64
N ASP E 97 15.41 26.55 73.37
CA ASP E 97 15.48 27.05 72.01
C ASP E 97 16.90 27.42 71.59
N GLU E 98 17.87 27.32 72.50
CA GLU E 98 19.23 27.74 72.22
C GLU E 98 20.16 27.02 73.18
N VAL E 99 21.18 26.35 72.64
CA VAL E 99 22.19 25.69 73.46
C VAL E 99 23.56 25.98 72.88
N PHE E 100 24.57 25.90 73.74
CA PHE E 100 25.96 26.11 73.36
C PHE E 100 26.75 24.88 73.76
N ILE E 101 27.32 24.20 72.77
CA ILE E 101 28.19 23.07 73.02
C ILE E 101 29.61 23.46 72.63
N THR E 102 30.57 22.69 73.11
CA THR E 102 31.98 23.01 72.88
C THR E 102 32.72 21.75 72.44
N LEU E 103 33.72 21.96 71.59
CA LEU E 103 34.56 20.88 71.08
C LEU E 103 36.00 21.31 71.22
N ASN E 104 36.76 20.59 72.04
CA ASN E 104 38.18 20.88 72.25
C ASN E 104 38.97 19.61 72.02
N LYS E 105 39.95 19.67 71.14
CA LYS E 105 40.78 18.48 70.91
C LYS E 105 42.17 18.89 70.43
N SER E 106 43.18 18.28 71.03
CA SER E 106 44.58 18.49 70.66
C SER E 106 45.19 17.17 70.27
N GLY E 107 45.95 17.17 69.17
CA GLY E 107 46.60 15.95 68.71
C GLY E 107 46.65 15.85 67.20
N SER E 108 46.74 14.62 66.70
CA SER E 108 46.73 14.37 65.27
C SER E 108 45.72 13.27 64.98
N GLY E 109 44.86 13.51 63.99
CA GLY E 109 43.85 12.55 63.63
C GLY E 109 42.50 13.20 63.37
N PRO E 110 41.47 12.39 63.14
CA PRO E 110 40.14 12.93 62.85
C PRO E 110 39.45 13.40 64.12
N VAL E 111 39.09 14.69 64.14
CA VAL E 111 38.26 15.25 65.19
C VAL E 111 36.81 15.02 64.80
N VAL E 112 36.10 14.23 65.60
CA VAL E 112 34.77 13.73 65.26
C VAL E 112 33.72 14.34 66.17
N ALA E 113 32.45 14.03 65.91
CA ALA E 113 31.35 14.63 66.65
C ALA E 113 31.20 14.05 68.05
N GLY E 114 31.77 12.89 68.32
CA GLY E 114 31.69 12.31 69.65
C GLY E 114 32.60 12.96 70.66
N ASP E 115 33.47 13.87 70.23
CA ASP E 115 34.34 14.63 71.11
C ASP E 115 33.73 15.94 71.56
N ILE E 116 32.40 16.05 71.56
CA ILE E 116 31.71 17.25 71.96
C ILE E 116 31.13 17.04 73.35
N THR E 117 31.37 17.98 74.25
CA THR E 117 30.86 17.93 75.60
C THR E 117 29.69 18.90 75.74
N HIS E 118 28.58 18.41 76.30
CA HIS E 118 27.38 19.21 76.43
C HIS E 118 26.85 19.19 77.86
N ASP E 119 25.65 19.73 78.07
CA ASP E 119 25.07 19.86 79.40
C ASP E 119 23.96 18.84 79.65
N GLY E 120 23.95 17.74 78.91
CA GLY E 120 22.95 16.71 79.10
C GLY E 120 21.61 16.97 78.44
N ASP E 121 21.40 18.17 77.88
CA ASP E 121 20.20 18.48 77.13
C ASP E 121 20.40 18.33 75.62
N VAL E 122 21.56 17.85 75.20
CA VAL E 122 21.91 17.72 73.79
C VAL E 122 22.31 16.27 73.53
N GLU E 123 21.72 15.69 72.50
CA GLU E 123 22.00 14.31 72.10
C GLU E 123 22.51 14.31 70.66
N ILE E 124 23.71 13.78 70.46
CA ILE E 124 24.28 13.67 69.13
C ILE E 124 23.93 12.30 68.57
N VAL E 125 23.24 12.29 67.43
CA VAL E 125 22.76 11.03 66.87
C VAL E 125 23.88 10.31 66.11
N ASN E 126 24.83 11.04 65.55
CA ASN E 126 25.93 10.46 64.78
C ASN E 126 27.25 10.86 65.41
N PRO E 127 27.69 10.14 66.45
CA PRO E 127 28.99 10.46 67.07
C PRO E 127 30.18 10.25 66.15
N GLU E 128 30.03 9.46 65.09
CA GLU E 128 31.14 9.15 64.19
C GLU E 128 31.31 10.18 63.08
N HIS E 129 30.50 11.23 63.06
CA HIS E 129 30.63 12.26 62.05
C HIS E 129 31.96 13.00 62.22
N VAL E 130 32.70 13.12 61.13
CA VAL E 130 34.02 13.74 61.16
C VAL E 130 33.86 15.25 61.00
N ILE E 131 34.33 16.01 61.99
CA ILE E 131 34.26 17.46 61.92
C ILE E 131 35.49 18.04 61.23
N CYS E 132 36.68 17.56 61.59
CA CYS E 132 37.89 18.04 60.92
C CYS E 132 38.99 16.99 61.05
N HIS E 133 40.18 17.34 60.57
CA HIS E 133 41.36 16.49 60.64
C HIS E 133 42.54 17.32 61.11
N LEU E 134 43.06 17.02 62.29
CA LEU E 134 44.26 17.67 62.80
C LEU E 134 45.50 16.97 62.24
N THR E 135 46.45 17.76 61.76
CA THR E 135 47.64 17.22 61.09
C THR E 135 48.89 17.28 61.94
N SER E 136 49.04 18.29 62.78
CA SER E 136 50.24 18.48 63.59
C SER E 136 49.92 18.23 65.05
N ASP E 137 50.83 17.56 65.75
CA ASP E 137 50.61 17.25 67.15
C ASP E 137 50.67 18.50 68.04
N ASN E 138 51.18 19.60 67.52
CA ASN E 138 51.21 20.86 68.25
C ASN E 138 49.95 21.69 68.03
N ALA E 139 48.99 21.18 67.26
CA ALA E 139 47.80 21.92 66.89
C ALA E 139 46.62 21.45 67.71
N ALA E 140 45.83 22.39 68.22
CA ALA E 140 44.62 22.12 68.98
C ALA E 140 43.48 22.94 68.40
N ILE E 141 42.28 22.37 68.45
CA ILE E 141 41.08 23.01 67.92
C ILE E 141 40.11 23.25 69.07
N ALA E 142 39.63 24.49 69.17
CA ALA E 142 38.67 24.91 70.18
C ALA E 142 37.50 25.58 69.47
N MET E 143 36.33 24.96 69.56
CA MET E 143 35.14 25.41 68.85
C MET E 143 33.99 25.58 69.82
N ARG E 144 33.25 26.67 69.65
CA ARG E 144 32.03 26.98 70.41
C ARG E 144 30.87 26.96 69.43
N ILE E 145 30.07 25.90 69.48
CA ILE E 145 29.00 25.65 68.52
C ILE E 145 27.66 26.05 69.13
N LYS E 146 26.85 26.77 68.37
CA LYS E 146 25.52 27.17 68.79
C LYS E 146 24.48 26.33 68.07
N VAL E 147 23.56 25.75 68.83
CA VAL E 147 22.49 24.93 68.28
C VAL E 147 21.17 25.59 68.64
N GLU E 148 20.37 25.90 67.62
CA GLU E 148 19.06 26.50 67.81
C GLU E 148 17.97 25.56 67.34
N ARG E 149 16.73 26.01 67.58
CA ARG E 149 15.53 25.34 67.11
C ARG E 149 14.83 26.23 66.10
N GLY E 150 14.54 25.68 64.93
CA GLY E 150 13.90 26.44 63.87
C GLY E 150 13.04 25.59 62.97
N ARG E 151 12.70 26.13 61.80
CA ARG E 151 11.86 25.42 60.83
C ARG E 151 12.52 25.49 59.46
N GLY E 152 12.72 24.33 58.85
CA GLY E 152 13.10 24.28 57.45
C GLY E 152 14.58 24.25 57.17
N TYR E 153 14.98 24.97 56.12
CA TYR E 153 16.36 25.00 55.63
C TYR E 153 16.72 26.45 55.39
N VAL E 154 17.32 27.10 56.38
CA VAL E 154 17.69 28.51 56.31
C VAL E 154 19.19 28.60 56.03
N PRO E 155 19.60 29.10 54.87
CA PRO E 155 21.04 29.20 54.57
C PRO E 155 21.68 30.38 55.28
N ALA E 156 23.00 30.42 55.21
CA ALA E 156 23.75 31.50 55.83
C ALA E 156 23.47 32.83 55.15
N SER E 157 23.33 32.83 53.83
CA SER E 157 23.10 34.06 53.09
C SER E 157 21.77 34.71 53.48
N ALA E 158 20.76 33.90 53.81
CA ALA E 158 19.48 34.45 54.23
C ALA E 158 19.55 35.15 55.58
N ARG E 159 20.54 34.83 56.40
CA ARG E 159 20.69 35.42 57.73
C ARG E 159 21.69 36.57 57.75
N ILE E 160 22.23 36.98 56.61
CA ILE E 160 23.18 38.08 56.58
C ILE E 160 22.47 39.41 56.77
N ILE E 169 32.79 40.44 64.44
CA ILE E 169 32.62 39.85 65.75
C ILE E 169 33.44 38.58 65.89
N GLY E 170 33.66 37.89 64.76
CA GLY E 170 34.34 36.62 64.76
C GLY E 170 33.45 35.40 64.72
N ARG E 171 32.15 35.58 64.53
CA ARG E 171 31.21 34.48 64.50
C ARG E 171 30.99 34.03 63.05
N LEU E 172 31.17 32.73 62.81
CA LEU E 172 30.99 32.17 61.49
C LEU E 172 29.60 31.55 61.41
N LEU E 173 28.88 31.84 60.33
CA LEU E 173 27.52 31.37 60.15
C LEU E 173 27.50 30.06 59.38
N VAL E 174 26.69 29.12 59.85
CA VAL E 174 26.54 27.81 59.25
C VAL E 174 25.14 27.68 58.69
N ASP E 175 25.03 27.10 57.50
CA ASP E 175 23.72 26.81 56.94
C ASP E 175 22.92 25.93 57.89
N ALA E 176 21.69 26.35 58.19
CA ALA E 176 20.89 25.76 59.24
C ALA E 176 19.95 24.73 58.63
N THR E 177 20.23 23.45 58.86
CA THR E 177 19.39 22.36 58.40
C THR E 177 18.47 21.91 59.54
N PHE E 178 17.47 22.76 59.80
CA PHE E 178 16.55 22.49 60.90
C PHE E 178 15.74 21.22 60.66
N SER E 179 15.22 21.05 59.45
CA SER E 179 14.34 19.93 59.16
C SER E 179 15.12 18.63 59.18
N PRO E 180 14.65 17.60 59.90
CA PRO E 180 15.35 16.30 59.87
C PRO E 180 15.33 15.63 58.52
N VAL E 181 14.44 16.05 57.61
CA VAL E 181 14.30 15.38 56.32
C VAL E 181 15.49 15.73 55.44
N ASP E 182 16.25 14.72 55.04
CA ASP E 182 17.38 14.93 54.14
C ASP E 182 16.98 14.75 52.68
N LYS E 183 16.02 13.89 52.40
CA LYS E 183 15.55 13.67 51.04
C LYS E 183 14.10 13.20 51.07
N ILE E 184 13.29 13.75 50.18
CA ILE E 184 11.95 13.25 49.94
C ILE E 184 11.66 13.32 48.45
N ALA E 185 11.28 12.18 47.86
CA ALA E 185 10.86 12.12 46.48
C ALA E 185 9.54 11.36 46.43
N TYR E 186 8.66 11.76 45.52
CA TYR E 186 7.39 11.09 45.38
C TYR E 186 7.09 10.83 43.92
N SER E 187 6.49 9.68 43.66
CA SER E 187 6.06 9.27 42.34
C SER E 187 4.59 8.90 42.38
N VAL E 188 3.88 9.19 41.30
CA VAL E 188 2.47 8.84 41.17
C VAL E 188 2.34 7.88 40.01
N GLU E 189 1.94 6.65 40.32
CA GLU E 189 1.74 5.61 39.33
C GLU E 189 0.24 5.35 39.15
N ALA E 190 -0.08 4.54 38.16
CA ALA E 190 -1.46 4.19 37.89
C ALA E 190 -1.93 3.07 38.82
N ALA E 191 -3.20 3.13 39.19
CA ALA E 191 -3.80 2.12 40.05
C ALA E 191 -5.26 1.97 39.68
N ARG E 192 -5.76 0.75 39.85
CA ARG E 192 -7.12 0.40 39.44
C ARG E 192 -7.82 -0.38 40.54
N VAL E 193 -9.09 -0.03 40.78
CA VAL E 193 -10.01 -0.87 41.52
C VAL E 193 -11.18 -1.17 40.60
N GLU E 194 -11.59 -2.43 40.56
CA GLU E 194 -12.56 -2.91 39.58
C GLU E 194 -12.09 -2.55 38.18
N GLN E 195 -12.90 -1.80 37.44
CA GLN E 195 -12.54 -1.35 36.10
C GLN E 195 -12.17 0.13 36.04
N ARG E 196 -12.03 0.79 37.20
CA ARG E 196 -11.62 2.18 37.25
C ARG E 196 -10.10 2.24 37.21
N THR E 197 -9.55 2.42 36.02
CA THR E 197 -8.11 2.39 35.82
C THR E 197 -7.45 3.76 35.92
N ASP E 198 -8.19 4.78 36.36
CA ASP E 198 -7.67 6.14 36.42
C ASP E 198 -7.22 6.55 37.82
N LEU E 199 -7.07 5.60 38.74
CA LEU E 199 -6.73 5.94 40.10
C LEU E 199 -5.22 6.12 40.25
N ASP E 200 -4.82 6.72 41.37
CA ASP E 200 -3.43 7.08 41.61
C ASP E 200 -2.84 6.25 42.74
N LYS E 201 -1.56 5.92 42.61
CA LYS E 201 -0.77 5.29 43.65
C LYS E 201 0.40 6.21 43.99
N LEU E 202 0.58 6.50 45.27
CA LEU E 202 1.60 7.44 45.72
C LEU E 202 2.74 6.67 46.39
N VAL E 203 3.95 6.85 45.87
CA VAL E 203 5.15 6.23 46.41
C VAL E 203 6.07 7.33 46.90
N ILE E 204 6.40 7.31 48.18
CA ILE E 204 7.26 8.31 48.81
C ILE E 204 8.53 7.62 49.27
N ASP E 205 9.66 8.02 48.70
CA ASP E 205 10.98 7.57 49.13
C ASP E 205 11.53 8.68 50.01
N MET E 206 11.86 8.35 51.25
CA MET E 206 12.15 9.33 52.26
C MET E 206 13.41 8.95 53.02
N GLU E 207 14.21 9.95 53.38
CA GLU E 207 15.46 9.74 54.11
C GLU E 207 15.66 10.89 55.07
N THR E 208 15.81 10.56 56.35
CA THR E 208 16.04 11.53 57.41
C THR E 208 17.48 11.45 57.91
N ASN E 209 17.85 12.42 58.74
CA ASN E 209 19.22 12.48 59.27
C ASN E 209 19.46 11.51 60.41
N GLY E 210 18.40 11.02 61.05
CA GLY E 210 18.56 10.09 62.15
C GLY E 210 17.83 10.55 63.39
N THR E 211 17.52 11.84 63.46
CA THR E 211 16.76 12.36 64.58
C THR E 211 15.37 11.74 64.64
N LEU E 212 14.71 11.59 63.50
CA LEU E 212 13.37 11.06 63.42
C LEU E 212 13.33 9.92 62.42
N GLU E 213 12.48 8.93 62.70
CA GLU E 213 12.18 7.92 61.71
C GLU E 213 11.31 8.52 60.61
N PRO E 214 11.43 8.03 59.38
CA PRO E 214 10.65 8.61 58.27
C PRO E 214 9.14 8.58 58.50
N GLU E 215 8.63 7.49 59.07
CA GLU E 215 7.19 7.40 59.31
C GLU E 215 6.73 8.48 60.27
N GLU E 216 7.50 8.73 61.33
CA GLU E 216 7.14 9.78 62.28
C GLU E 216 7.15 11.15 61.61
N ALA E 217 8.11 11.39 60.73
CA ALA E 217 8.18 12.66 60.02
C ALA E 217 6.97 12.85 59.13
N ILE E 218 6.56 11.79 58.43
CA ILE E 218 5.36 11.89 57.60
C ILE E 218 4.14 12.17 58.48
N ARG E 219 4.05 11.51 59.63
CA ARG E 219 2.92 11.74 60.53
C ARG E 219 2.88 13.20 61.00
N ARG E 220 4.03 13.76 61.39
CA ARG E 220 4.00 15.14 61.86
C ARG E 220 3.72 16.13 60.75
N ALA E 221 4.22 15.87 59.54
CA ALA E 221 3.89 16.76 58.42
C ALA E 221 2.40 16.74 58.15
N ALA E 222 1.80 15.55 58.12
CA ALA E 222 0.36 15.45 57.90
C ALA E 222 -0.41 16.11 59.03
N THR E 223 0.08 15.99 60.26
CA THR E 223 -0.58 16.64 61.39
C THR E 223 -0.56 18.15 61.25
N ILE E 224 0.58 18.72 60.84
CA ILE E 224 0.66 20.16 60.62
C ILE E 224 -0.34 20.58 59.55
N LEU E 225 -0.38 19.85 58.43
CA LEU E 225 -1.29 20.22 57.36
C LEU E 225 -2.75 20.11 57.81
N ALA E 226 -3.07 19.06 58.56
CA ALA E 226 -4.45 18.87 59.02
C ALA E 226 -4.85 19.96 60.02
N GLU E 227 -3.95 20.32 60.93
CA GLU E 227 -4.27 21.37 61.90
C GLU E 227 -4.34 22.74 61.25
N GLN E 228 -3.71 22.94 60.10
CA GLN E 228 -3.88 24.21 59.41
C GLN E 228 -5.28 24.39 58.84
N LEU E 229 -6.07 23.33 58.72
CA LEU E 229 -7.41 23.40 58.15
C LEU E 229 -8.51 23.29 59.19
N ASP E 230 -8.16 23.40 60.48
CA ASP E 230 -9.13 23.12 61.54
C ASP E 230 -10.30 24.08 61.50
N ALA E 231 -10.04 25.35 61.17
CA ALA E 231 -11.10 26.35 61.18
C ALA E 231 -12.13 26.15 60.08
N PHE E 232 -11.87 25.27 59.11
CA PHE E 232 -12.75 25.11 57.96
C PHE E 232 -13.53 23.81 57.96
N VAL E 233 -13.01 22.75 58.57
CA VAL E 233 -13.72 21.48 58.62
C VAL E 233 -14.83 21.55 59.66
N ARG F 95 8.04 -14.59 -41.24
CA ARG F 95 7.92 -13.14 -41.18
C ARG F 95 6.75 -12.72 -40.29
N THR F 96 5.82 -13.64 -40.06
CA THR F 96 4.66 -13.36 -39.23
C THR F 96 4.41 -14.55 -38.30
N THR F 97 3.72 -14.26 -37.20
CA THR F 97 3.36 -15.27 -36.22
C THR F 97 1.87 -15.48 -36.06
N ASP F 98 1.05 -14.57 -36.56
CA ASP F 98 -0.40 -14.68 -36.39
C ASP F 98 -0.95 -15.81 -37.25
N PRO F 99 -1.60 -16.81 -36.68
CA PRO F 99 -2.18 -17.89 -37.52
C PRO F 99 -3.22 -17.39 -38.50
N VAL F 100 -3.87 -16.26 -38.19
CA VAL F 100 -4.86 -15.70 -39.11
C VAL F 100 -4.19 -15.33 -40.43
N ARG F 101 -3.07 -14.63 -40.36
CA ARG F 101 -2.39 -14.20 -41.58
C ARG F 101 -1.86 -15.39 -42.36
N MET F 102 -1.34 -16.40 -41.67
CA MET F 102 -0.89 -17.61 -42.35
C MET F 102 -2.05 -18.31 -43.05
N TYR F 103 -3.21 -18.36 -42.40
CA TYR F 103 -4.38 -18.97 -43.03
C TYR F 103 -4.80 -18.22 -44.28
N MET F 104 -4.82 -16.88 -44.22
CA MET F 104 -5.15 -16.12 -45.42
C MET F 104 -4.11 -16.29 -46.52
N ARG F 105 -2.82 -16.39 -46.17
CA ARG F 105 -1.82 -16.66 -47.19
C ARG F 105 -2.06 -18.01 -47.85
N GLU F 106 -2.37 -19.03 -47.07
CA GLU F 106 -2.58 -20.36 -47.65
C GLU F 106 -3.87 -20.43 -48.45
N MET F 107 -4.90 -19.69 -48.03
CA MET F 107 -6.18 -19.71 -48.72
C MET F 107 -6.15 -18.89 -50.01
N GLY F 108 -5.45 -17.75 -50.01
CA GLY F 108 -5.44 -16.90 -51.19
C GLY F 108 -4.84 -17.54 -52.41
N THR F 109 -3.95 -18.52 -52.22
CA THR F 109 -3.29 -19.18 -53.34
C THR F 109 -4.22 -20.06 -54.16
N VAL F 110 -5.51 -20.13 -53.82
CA VAL F 110 -6.48 -20.92 -54.57
C VAL F 110 -7.37 -19.97 -55.35
N GLU F 111 -7.47 -20.18 -56.66
CA GLU F 111 -8.28 -19.33 -57.50
C GLU F 111 -9.76 -19.59 -57.25
N LEU F 112 -10.58 -18.59 -57.55
CA LEU F 112 -12.01 -18.67 -57.34
C LEU F 112 -12.69 -19.30 -58.54
N LEU F 113 -13.72 -20.10 -58.28
CA LEU F 113 -14.42 -20.82 -59.32
C LEU F 113 -15.43 -19.91 -60.03
N THR F 114 -15.91 -20.39 -61.18
CA THR F 114 -16.99 -19.78 -61.94
C THR F 114 -18.16 -20.76 -61.97
N ARG F 115 -19.22 -20.38 -62.70
CA ARG F 115 -20.36 -21.29 -62.82
C ARG F 115 -19.98 -22.58 -63.50
N GLU F 116 -19.25 -22.49 -64.62
CA GLU F 116 -18.82 -23.68 -65.34
C GLU F 116 -17.93 -24.54 -64.47
N GLY F 117 -17.03 -23.93 -63.71
CA GLY F 117 -16.18 -24.69 -62.81
C GLY F 117 -16.97 -25.42 -61.74
N GLU F 118 -17.97 -24.75 -61.16
CA GLU F 118 -18.79 -25.40 -60.15
C GLU F 118 -19.55 -26.59 -60.72
N ILE F 119 -20.14 -26.43 -61.91
CA ILE F 119 -20.83 -27.56 -62.54
C ILE F 119 -19.86 -28.68 -62.87
N ASP F 120 -18.66 -28.35 -63.34
CA ASP F 120 -17.69 -29.39 -63.66
C ASP F 120 -17.27 -30.18 -62.42
N ILE F 121 -17.00 -29.48 -61.31
CA ILE F 121 -16.60 -30.15 -60.09
C ILE F 121 -17.76 -31.00 -59.55
N ALA F 122 -18.98 -30.48 -59.59
CA ALA F 122 -20.12 -31.26 -59.15
C ALA F 122 -20.30 -32.50 -60.01
N LYS F 123 -20.09 -32.37 -61.32
CA LYS F 123 -20.18 -33.52 -62.21
C LYS F 123 -19.13 -34.56 -61.86
N ARG F 124 -17.91 -34.12 -61.51
CA ARG F 124 -16.88 -35.08 -61.12
C ARG F 124 -17.25 -35.79 -59.83
N ILE F 125 -17.82 -35.06 -58.86
CA ILE F 125 -18.26 -35.70 -57.63
C ILE F 125 -19.32 -36.75 -57.91
N GLU F 126 -20.30 -36.40 -58.75
CA GLU F 126 -21.36 -37.34 -59.09
C GLU F 126 -20.81 -38.54 -59.84
N ASP F 127 -19.82 -38.32 -60.71
CA ASP F 127 -19.22 -39.41 -61.46
C ASP F 127 -18.53 -40.38 -60.51
N GLY F 128 -17.77 -39.85 -59.56
CA GLY F 128 -17.12 -40.72 -58.58
C GLY F 128 -18.11 -41.50 -57.74
N ILE F 129 -19.18 -40.84 -57.29
CA ILE F 129 -20.21 -41.52 -56.51
C ILE F 129 -20.88 -42.60 -57.34
N ASN F 130 -21.09 -42.33 -58.63
CA ASN F 130 -21.69 -43.34 -59.51
C ASN F 130 -20.77 -44.53 -59.69
N GLN F 131 -19.46 -44.29 -59.82
CA GLN F 131 -18.52 -45.41 -59.91
C GLN F 131 -18.54 -46.24 -58.64
N VAL F 132 -18.59 -45.59 -57.47
CA VAL F 132 -18.65 -46.32 -56.21
C VAL F 132 -19.93 -47.13 -56.15
N GLN F 133 -21.05 -46.53 -56.56
CA GLN F 133 -22.32 -47.24 -56.53
C GLN F 133 -22.31 -48.45 -57.44
N SER F 134 -21.73 -48.31 -58.63
CA SER F 134 -21.61 -49.43 -59.55
C SER F 134 -20.74 -50.53 -58.96
N ALA F 135 -19.64 -50.15 -58.29
CA ALA F 135 -18.79 -51.14 -57.65
C ALA F 135 -19.53 -51.90 -56.55
N ILE F 136 -20.30 -51.19 -55.73
CA ILE F 136 -21.08 -51.87 -54.69
C ILE F 136 -22.15 -52.75 -55.29
N ALA F 137 -22.74 -52.33 -56.42
CA ALA F 137 -23.80 -53.10 -57.04
C ALA F 137 -23.30 -54.46 -57.49
N GLU F 138 -22.06 -54.53 -58.01
CA GLU F 138 -21.46 -55.80 -58.41
C GLU F 138 -21.03 -56.59 -57.18
N TYR F 139 -22.01 -56.94 -56.35
CA TYR F 139 -21.74 -57.68 -55.14
C TYR F 139 -22.97 -58.52 -54.82
N PRO F 140 -22.79 -59.83 -54.63
CA PRO F 140 -23.96 -60.69 -54.39
C PRO F 140 -24.73 -60.34 -53.13
N GLY F 141 -24.10 -59.68 -52.15
CA GLY F 141 -24.78 -59.33 -50.91
C GLY F 141 -25.51 -58.01 -50.95
N THR F 142 -25.17 -57.16 -51.92
CA THR F 142 -25.73 -55.81 -51.94
C THR F 142 -27.20 -55.80 -52.35
N ILE F 143 -27.51 -56.38 -53.51
CA ILE F 143 -28.87 -56.29 -54.04
C ILE F 143 -29.90 -56.95 -53.12
N PRO F 144 -29.67 -58.14 -52.56
CA PRO F 144 -30.65 -58.69 -51.62
C PRO F 144 -30.95 -57.79 -50.43
N TYR F 145 -29.96 -57.06 -49.94
CA TYR F 145 -30.21 -56.15 -48.82
C TYR F 145 -31.20 -55.06 -49.21
N ILE F 146 -31.01 -54.45 -50.37
CA ILE F 146 -31.94 -53.42 -50.85
C ILE F 146 -33.32 -54.03 -51.08
N LEU F 147 -33.35 -55.25 -51.63
CA LEU F 147 -34.63 -55.90 -51.89
C LEU F 147 -35.40 -56.17 -50.61
N GLU F 148 -34.72 -56.65 -49.55
CA GLU F 148 -35.43 -56.90 -48.31
C GLU F 148 -35.81 -55.60 -47.61
N GLN F 149 -34.99 -54.56 -47.74
CA GLN F 149 -35.38 -53.26 -47.21
C GLN F 149 -36.66 -52.76 -47.87
N PHE F 150 -36.76 -52.89 -49.20
CA PHE F 150 -38.00 -52.54 -49.87
C PHE F 150 -39.15 -53.45 -49.46
N ASP F 151 -38.87 -54.73 -49.22
CA ASP F 151 -39.92 -55.64 -48.80
C ASP F 151 -40.52 -55.21 -47.48
N ARG F 152 -39.68 -54.76 -46.55
CA ARG F 152 -40.21 -54.26 -45.28
C ARG F 152 -40.89 -52.90 -45.46
N VAL F 153 -40.35 -52.04 -46.33
CA VAL F 153 -40.91 -50.70 -46.49
C VAL F 153 -42.30 -50.75 -47.12
N GLN F 154 -42.45 -51.54 -48.19
CA GLN F 154 -43.72 -51.62 -48.90
C GLN F 154 -44.81 -52.22 -48.01
N ALA F 155 -44.42 -53.03 -47.02
CA ALA F 155 -45.36 -53.53 -46.03
C ALA F 155 -45.80 -52.45 -45.04
N GLU F 156 -45.39 -51.21 -45.28
CA GLU F 156 -45.73 -50.07 -44.42
C GLU F 156 -45.27 -50.29 -42.99
N GLU F 157 -44.09 -50.90 -42.83
CA GLU F 157 -43.50 -51.14 -41.52
C GLU F 157 -42.21 -50.36 -41.29
N LEU F 158 -41.62 -49.80 -42.35
CA LEU F 158 -40.36 -49.06 -42.23
C LEU F 158 -40.50 -47.71 -42.94
N ARG F 159 -39.63 -46.78 -42.56
CA ARG F 159 -39.63 -45.45 -43.15
C ARG F 159 -39.22 -45.50 -44.61
N LEU F 160 -39.89 -44.71 -45.44
CA LEU F 160 -39.54 -44.64 -46.86
C LEU F 160 -38.28 -43.80 -47.09
N THR F 161 -38.09 -42.75 -46.29
CA THR F 161 -36.93 -41.89 -46.45
C THR F 161 -35.64 -42.65 -46.14
N ASP F 162 -35.66 -43.53 -45.14
CA ASP F 162 -34.50 -44.32 -44.81
C ASP F 162 -34.10 -45.28 -45.91
N LEU F 163 -35.05 -45.68 -46.75
CA LEU F 163 -34.76 -46.60 -47.85
C LEU F 163 -34.07 -45.89 -49.01
N ILE F 164 -34.74 -44.89 -49.58
CA ILE F 164 -34.21 -44.14 -50.71
C ILE F 164 -34.40 -42.64 -50.44
N SER F 165 -33.63 -41.83 -51.16
CA SER F 165 -33.69 -40.38 -51.03
C SER F 165 -34.06 -39.66 -52.32
N GLY F 166 -33.97 -40.32 -53.47
CA GLY F 166 -34.30 -39.66 -54.72
C GLY F 166 -34.23 -40.63 -55.88
N PHE F 167 -34.55 -40.12 -57.06
CA PHE F 167 -34.55 -40.91 -58.28
C PHE F 167 -33.83 -40.13 -59.37
N VAL F 168 -32.94 -40.80 -60.09
CA VAL F 168 -32.19 -40.17 -61.17
C VAL F 168 -33.05 -40.18 -62.43
N ASP F 169 -33.30 -39.00 -62.99
CA ASP F 169 -34.11 -38.86 -64.20
C ASP F 169 -33.31 -38.13 -65.26
N PRO F 170 -33.07 -38.72 -66.43
CA PRO F 170 -32.32 -38.08 -67.52
C PRO F 170 -33.18 -37.10 -68.32
N PRO F 222 -45.96 -44.38 -52.25
CA PRO F 222 -45.02 -45.00 -53.18
C PRO F 222 -45.63 -45.20 -54.57
N GLU F 223 -45.97 -44.09 -55.23
CA GLU F 223 -46.55 -44.18 -56.57
C GLU F 223 -45.54 -44.72 -57.58
N LEU F 224 -44.31 -44.20 -57.53
CA LEU F 224 -43.27 -44.62 -58.47
C LEU F 224 -42.27 -45.58 -57.86
N ALA F 225 -42.02 -45.49 -56.55
CA ALA F 225 -41.05 -46.36 -55.92
C ALA F 225 -41.48 -47.83 -56.01
N ARG F 226 -42.78 -48.09 -55.85
CA ARG F 226 -43.27 -49.46 -55.91
C ARG F 226 -42.98 -50.09 -57.27
N GLU F 227 -43.23 -49.36 -58.35
CA GLU F 227 -43.01 -49.89 -59.69
C GLU F 227 -41.54 -50.18 -59.94
N LYS F 228 -40.67 -49.22 -59.59
CA LYS F 228 -39.24 -49.39 -59.83
C LYS F 228 -38.67 -50.53 -59.00
N PHE F 229 -39.13 -50.67 -57.75
CA PHE F 229 -38.61 -51.74 -56.91
C PHE F 229 -39.16 -53.10 -57.31
N ASN F 230 -40.39 -53.15 -57.83
CA ASN F 230 -40.88 -54.40 -58.41
C ASN F 230 -40.06 -54.78 -59.64
N GLU F 231 -39.71 -53.80 -60.46
CA GLU F 231 -38.82 -54.06 -61.59
C GLU F 231 -37.47 -54.58 -61.11
N LEU F 232 -36.93 -53.96 -60.06
CA LEU F 232 -35.65 -54.41 -59.52
C LEU F 232 -35.73 -55.84 -59.00
N ARG F 233 -36.83 -56.18 -58.31
CA ARG F 233 -37.00 -57.54 -57.82
C ARG F 233 -37.07 -58.54 -58.96
N GLY F 234 -37.87 -58.21 -59.99
CA GLY F 234 -37.97 -59.11 -61.13
C GLY F 234 -36.64 -59.31 -61.84
N LYS F 235 -35.89 -58.22 -62.04
CA LYS F 235 -34.60 -58.38 -62.69
C LYS F 235 -33.60 -59.11 -61.81
N PHE F 236 -33.67 -58.95 -60.49
CA PHE F 236 -32.80 -59.75 -59.62
C PHE F 236 -33.13 -61.22 -59.76
N GLN F 237 -34.42 -61.56 -59.85
CA GLN F 237 -34.79 -62.95 -60.09
C GLN F 237 -34.22 -63.45 -61.41
N ASN F 238 -34.31 -62.63 -62.46
CA ASN F 238 -33.78 -63.02 -63.77
C ASN F 238 -32.27 -63.24 -63.70
N LEU F 239 -31.55 -62.33 -63.05
CA LEU F 239 -30.10 -62.45 -62.93
C LEU F 239 -29.72 -63.70 -62.14
N GLN F 240 -30.43 -63.97 -61.04
CA GLN F 240 -30.18 -65.19 -60.28
C GLN F 240 -30.48 -66.43 -61.12
N LEU F 241 -31.48 -66.33 -62.01
CA LEU F 241 -31.77 -67.43 -62.90
C LEU F 241 -30.61 -67.70 -63.85
N ALA F 242 -30.00 -66.64 -64.38
CA ALA F 242 -28.96 -66.78 -65.40
C ALA F 242 -27.55 -66.53 -64.88
N VAL F 243 -27.36 -66.51 -63.55
CA VAL F 243 -26.04 -66.17 -63.02
C VAL F 243 -25.03 -67.29 -63.27
N ASN F 244 -25.43 -68.55 -63.06
CA ASN F 244 -24.50 -69.67 -63.13
C ASN F 244 -25.00 -70.85 -63.94
N GLU F 245 -26.31 -70.98 -64.18
CA GLU F 245 -26.82 -72.11 -64.95
C GLU F 245 -26.31 -72.06 -66.38
N PHE F 246 -26.33 -70.88 -67.00
CA PHE F 246 -25.89 -70.73 -68.38
C PHE F 246 -24.40 -70.49 -68.51
N GLY F 247 -23.70 -70.16 -67.43
CA GLY F 247 -22.28 -69.87 -67.50
C GLY F 247 -21.93 -68.49 -67.00
N ARG F 248 -20.87 -68.39 -66.19
CA ARG F 248 -20.43 -67.10 -65.69
C ARG F 248 -19.87 -66.23 -66.82
N ASP F 249 -19.10 -66.84 -67.73
CA ASP F 249 -18.60 -66.14 -68.90
C ASP F 249 -19.64 -66.04 -70.01
N SER F 250 -20.76 -66.74 -69.87
CA SER F 250 -21.82 -66.65 -70.86
C SER F 250 -22.38 -65.23 -70.90
N HIS F 251 -22.87 -64.84 -72.08
CA HIS F 251 -23.31 -63.46 -72.28
C HIS F 251 -24.49 -63.09 -71.41
N GLN F 252 -25.31 -64.05 -70.99
CA GLN F 252 -26.47 -63.74 -70.16
C GLN F 252 -26.04 -63.16 -68.82
N ALA F 253 -25.08 -63.83 -68.16
CA ALA F 253 -24.66 -63.39 -66.82
C ALA F 253 -24.02 -62.01 -66.86
N SER F 254 -23.44 -61.63 -67.99
CA SER F 254 -22.83 -60.31 -68.11
C SER F 254 -23.82 -59.23 -68.53
N GLU F 255 -24.68 -59.53 -69.50
CA GLU F 255 -25.67 -58.56 -69.95
C GLU F 255 -26.68 -58.24 -68.86
N ALA F 256 -27.15 -59.28 -68.14
CA ALA F 256 -28.07 -59.03 -67.03
C ALA F 256 -27.42 -58.16 -65.97
N SER F 257 -26.15 -58.44 -65.64
CA SER F 257 -25.46 -57.63 -64.64
C SER F 257 -25.28 -56.20 -65.11
N ASP F 258 -24.97 -56.01 -66.40
CA ASP F 258 -24.78 -54.67 -66.93
C ASP F 258 -26.08 -53.86 -66.88
N LEU F 259 -27.20 -54.47 -67.26
CA LEU F 259 -28.45 -53.73 -67.18
C LEU F 259 -28.93 -53.57 -65.73
N VAL F 260 -28.52 -54.47 -64.83
CA VAL F 260 -28.76 -54.24 -63.40
C VAL F 260 -27.96 -53.04 -62.93
N LEU F 261 -26.72 -52.90 -63.41
CA LEU F 261 -25.94 -51.71 -63.11
C LEU F 261 -26.64 -50.46 -63.63
N ASP F 262 -27.19 -50.53 -64.83
CA ASP F 262 -27.94 -49.40 -65.38
C ASP F 262 -29.15 -49.07 -64.52
N ILE F 263 -29.89 -50.08 -64.07
CA ILE F 263 -31.05 -49.85 -63.23
C ILE F 263 -30.65 -49.23 -61.90
N PHE F 264 -29.62 -49.77 -61.26
CA PHE F 264 -29.18 -49.27 -59.97
C PHE F 264 -28.56 -47.88 -60.08
N ARG F 265 -28.04 -47.50 -61.25
CA ARG F 265 -27.54 -46.15 -61.43
C ARG F 265 -28.63 -45.11 -61.32
N GLU F 266 -29.88 -45.49 -61.57
CA GLU F 266 -31.02 -44.57 -61.40
C GLU F 266 -31.61 -44.68 -60.00
N PHE F 267 -30.75 -44.54 -58.99
CA PHE F 267 -31.19 -44.59 -57.60
C PHE F 267 -30.31 -43.65 -56.78
N ARG F 268 -30.91 -42.99 -55.79
CA ARG F 268 -30.20 -42.14 -54.84
C ARG F 268 -30.48 -42.66 -53.44
N LEU F 269 -29.58 -43.46 -52.91
CA LEU F 269 -29.76 -44.01 -51.58
C LEU F 269 -29.39 -42.98 -50.50
N THR F 270 -29.88 -43.24 -49.30
CA THR F 270 -29.51 -42.44 -48.14
C THR F 270 -28.04 -42.70 -47.79
N PRO F 271 -27.27 -41.67 -47.41
CA PRO F 271 -25.84 -41.89 -47.16
C PRO F 271 -25.54 -42.88 -46.04
N LYS F 272 -26.48 -43.10 -45.12
CA LYS F 272 -26.22 -43.97 -43.99
C LYS F 272 -26.00 -45.41 -44.44
N GLN F 273 -26.99 -46.02 -45.07
CA GLN F 273 -26.77 -47.38 -45.55
C GLN F 273 -25.77 -47.41 -46.70
N PHE F 274 -25.55 -46.29 -47.38
CA PHE F 274 -24.44 -46.22 -48.34
C PHE F 274 -23.11 -46.54 -47.66
N ASP F 275 -22.80 -45.81 -46.58
CA ASP F 275 -21.59 -46.12 -45.82
C ASP F 275 -21.66 -47.52 -45.21
N HIS F 276 -22.87 -47.96 -44.84
CA HIS F 276 -23.00 -49.31 -44.28
C HIS F 276 -22.57 -50.37 -45.27
N LEU F 277 -23.01 -50.26 -46.53
CA LEU F 277 -22.58 -51.23 -47.53
C LEU F 277 -21.10 -51.07 -47.86
N VAL F 278 -20.60 -49.83 -47.88
CA VAL F 278 -19.18 -49.64 -48.18
C VAL F 278 -18.31 -50.33 -47.15
N GLU F 279 -18.69 -50.23 -45.86
CA GLU F 279 -17.84 -50.70 -44.78
C GLU F 279 -17.64 -52.21 -44.83
N THR F 280 -18.68 -52.97 -45.19
CA THR F 280 -18.56 -54.43 -45.21
C THR F 280 -17.52 -54.89 -46.22
N LEU F 281 -17.60 -54.37 -47.45
CA LEU F 281 -16.62 -54.73 -48.46
C LEU F 281 -15.24 -54.21 -48.11
N ARG F 282 -15.17 -53.02 -47.49
CA ARG F 282 -13.88 -52.51 -47.03
C ARG F 282 -13.23 -53.46 -46.04
N THR F 283 -14.01 -53.95 -45.07
CA THR F 283 -13.49 -54.87 -44.07
C THR F 283 -13.05 -56.19 -44.70
N SER F 284 -13.85 -56.71 -45.63
CA SER F 284 -13.49 -57.95 -46.31
C SER F 284 -12.18 -57.79 -47.06
N MET F 285 -12.04 -56.68 -47.80
CA MET F 285 -10.83 -56.46 -48.60
C MET F 285 -9.63 -56.30 -47.69
N ASP F 286 -9.81 -55.58 -46.57
CA ASP F 286 -8.71 -55.37 -45.63
C ASP F 286 -8.28 -56.68 -44.98
N ARG F 287 -9.25 -57.56 -44.65
CA ARG F 287 -8.88 -58.86 -44.10
C ARG F 287 -8.12 -59.70 -45.12
N VAL F 288 -8.53 -59.61 -46.40
CA VAL F 288 -7.77 -60.27 -47.46
C VAL F 288 -6.35 -59.74 -47.49
N ARG F 289 -6.19 -58.41 -47.38
CA ARG F 289 -4.85 -57.83 -47.35
C ARG F 289 -4.03 -58.35 -46.19
N THR F 290 -4.63 -58.42 -45.00
CA THR F 290 -3.90 -58.88 -43.83
C THR F 290 -3.45 -60.33 -44.00
N GLN F 291 -4.34 -61.19 -44.50
CA GLN F 291 -3.95 -62.58 -44.71
C GLN F 291 -2.86 -62.71 -45.77
N GLU F 292 -2.96 -61.94 -46.85
CA GLU F 292 -1.94 -61.98 -47.89
C GLU F 292 -0.58 -61.50 -47.36
N ARG F 293 -0.58 -60.42 -46.58
CA ARG F 293 0.69 -59.91 -46.05
C ARG F 293 1.27 -60.88 -45.02
N LEU F 294 0.43 -61.56 -44.25
CA LEU F 294 0.93 -62.60 -43.35
C LEU F 294 1.56 -63.74 -44.13
N VAL F 295 0.92 -64.15 -45.23
CA VAL F 295 1.48 -65.22 -46.06
C VAL F 295 2.83 -64.80 -46.63
N MET F 296 2.92 -63.57 -47.15
CA MET F 296 4.18 -63.08 -47.69
C MET F 296 5.27 -63.00 -46.62
N LYS F 297 4.92 -62.54 -45.42
CA LYS F 297 5.90 -62.50 -44.34
C LYS F 297 6.37 -63.90 -43.96
N ALA F 298 5.45 -64.86 -43.94
CA ALA F 298 5.82 -66.23 -43.60
C ALA F 298 6.75 -66.83 -44.65
N VAL F 299 6.37 -66.74 -45.93
CA VAL F 299 7.18 -67.35 -46.98
C VAL F 299 8.52 -66.66 -47.12
N VAL F 300 8.57 -65.34 -46.92
CA VAL F 300 9.81 -64.60 -47.03
C VAL F 300 10.53 -64.57 -45.69
N LYS F 307 7.88 -65.59 -53.03
CA LYS F 307 8.61 -64.63 -53.84
C LYS F 307 8.15 -64.68 -55.30
N LYS F 308 9.08 -65.06 -56.19
CA LYS F 308 8.74 -65.14 -57.61
C LYS F 308 7.72 -66.23 -57.88
N SER F 309 7.81 -67.35 -57.15
CA SER F 309 6.85 -68.43 -57.34
C SER F 309 5.43 -67.99 -57.00
N PHE F 310 5.26 -67.23 -55.92
CA PHE F 310 3.95 -66.69 -55.59
C PHE F 310 3.49 -65.70 -56.65
N ILE F 311 4.40 -64.86 -57.14
CA ILE F 311 4.04 -63.88 -58.16
C ILE F 311 3.55 -64.58 -59.41
N ALA F 312 4.15 -65.73 -59.74
CA ALA F 312 3.68 -66.50 -60.89
C ALA F 312 2.26 -66.98 -60.70
N LEU F 313 1.90 -67.39 -59.48
CA LEU F 313 0.60 -67.98 -59.20
C LEU F 313 -0.27 -67.10 -58.31
N PHE F 314 0.06 -65.82 -58.19
CA PHE F 314 -0.81 -64.90 -57.46
C PHE F 314 -2.05 -64.53 -58.27
N THR F 315 -1.95 -64.57 -59.59
CA THR F 315 -3.04 -64.05 -60.43
C THR F 315 -4.32 -64.86 -60.24
N GLY F 316 -4.22 -66.18 -60.28
CA GLY F 316 -5.40 -67.01 -60.20
C GLY F 316 -5.38 -68.07 -59.12
N ASN F 317 -4.20 -68.38 -58.59
CA ASN F 317 -4.03 -69.43 -57.60
C ASN F 317 -3.57 -68.87 -56.26
N GLU F 318 -3.86 -67.60 -56.00
CA GLU F 318 -3.50 -67.02 -54.70
C GLU F 318 -4.15 -67.77 -53.56
N SER F 319 -5.44 -68.08 -53.70
CA SER F 319 -6.21 -68.78 -52.68
C SER F 319 -6.55 -70.21 -53.06
N ASN F 320 -6.18 -70.65 -54.26
CA ASN F 320 -6.45 -72.01 -54.69
C ASN F 320 -5.48 -72.98 -54.01
N GLU F 321 -5.97 -74.19 -53.75
CA GLU F 321 -5.13 -75.22 -53.13
C GLU F 321 -4.08 -75.77 -54.10
N GLU F 322 -4.16 -75.43 -55.38
CA GLU F 322 -3.11 -75.82 -56.31
C GLU F 322 -1.78 -75.19 -55.93
N TRP F 323 -1.81 -73.94 -55.46
CA TRP F 323 -0.60 -73.29 -54.97
C TRP F 323 -0.04 -74.04 -53.76
N LEU F 324 -0.92 -74.47 -52.84
CA LEU F 324 -0.47 -75.24 -51.70
C LEU F 324 0.19 -76.54 -52.11
N ASP F 325 -0.44 -77.25 -53.06
CA ASP F 325 0.12 -78.52 -53.52
C ASP F 325 1.47 -78.31 -54.21
N LYS F 326 1.58 -77.26 -55.03
CA LYS F 326 2.84 -77.01 -55.72
C LYS F 326 3.94 -76.58 -54.77
N VAL F 327 3.59 -75.82 -53.72
CA VAL F 327 4.57 -75.49 -52.68
C VAL F 327 5.03 -76.76 -51.97
N LEU F 328 4.09 -77.64 -51.65
CA LEU F 328 4.45 -78.91 -51.03
C LEU F 328 5.35 -79.74 -51.94
N ALA F 329 5.15 -79.63 -53.25
CA ALA F 329 5.99 -80.36 -54.20
C ALA F 329 7.37 -79.73 -54.36
N SER F 330 7.48 -78.42 -54.13
CA SER F 330 8.76 -77.73 -54.30
C SER F 330 9.78 -78.23 -53.27
N ASP F 331 11.03 -78.30 -53.69
CA ASP F 331 12.11 -78.85 -52.87
C ASP F 331 13.33 -77.95 -52.90
N LYS F 332 13.13 -76.63 -52.93
CA LYS F 332 14.23 -75.71 -52.80
C LYS F 332 14.76 -75.74 -51.36
N PRO F 333 16.01 -75.31 -51.14
CA PRO F 333 16.60 -75.43 -49.80
C PRO F 333 15.80 -74.74 -48.71
N TYR F 334 15.12 -73.64 -49.01
CA TYR F 334 14.33 -72.93 -48.01
C TYR F 334 12.94 -73.50 -47.83
N VAL F 335 12.56 -74.53 -48.61
CA VAL F 335 11.19 -75.05 -48.54
C VAL F 335 10.98 -76.00 -47.37
N ALA F 336 12.01 -76.34 -46.62
CA ALA F 336 11.78 -77.07 -45.37
C ALA F 336 11.03 -76.20 -44.37
N LYS F 337 11.53 -74.99 -44.13
CA LYS F 337 10.83 -74.06 -43.26
C LYS F 337 9.50 -73.62 -43.85
N VAL F 338 9.43 -73.51 -45.19
CA VAL F 338 8.16 -73.16 -45.84
C VAL F 338 7.13 -74.26 -45.62
N ARG F 339 7.56 -75.52 -45.71
CA ARG F 339 6.66 -76.64 -45.44
C ARG F 339 6.24 -76.65 -43.97
N GLU F 340 7.13 -76.27 -43.07
CA GLU F 340 6.75 -76.13 -41.67
C GLU F 340 5.68 -75.05 -41.48
N GLN F 341 5.85 -73.91 -42.16
CA GLN F 341 4.87 -72.83 -42.11
C GLN F 341 3.59 -73.13 -42.87
N GLU F 342 3.61 -74.17 -43.71
CA GLU F 342 2.40 -74.57 -44.43
C GLU F 342 1.27 -74.90 -43.46
N GLU F 343 1.57 -75.35 -42.25
CA GLU F 343 0.52 -75.60 -41.26
C GLU F 343 -0.24 -74.32 -40.92
N GLU F 344 0.48 -73.21 -40.70
CA GLU F 344 -0.17 -71.93 -40.47
C GLU F 344 -0.91 -71.45 -41.71
N ILE F 345 -0.29 -71.62 -42.88
CA ILE F 345 -0.91 -71.17 -44.12
C ILE F 345 -2.20 -71.95 -44.37
N ARG F 346 -2.27 -73.20 -43.89
CA ARG F 346 -3.50 -73.98 -44.01
C ARG F 346 -4.65 -73.32 -43.26
N ARG F 347 -4.42 -72.91 -42.01
CA ARG F 347 -5.48 -72.23 -41.27
C ARG F 347 -5.83 -70.90 -41.92
N SER F 348 -4.82 -70.18 -42.42
CA SER F 348 -5.09 -68.91 -43.09
C SER F 348 -6.00 -69.09 -44.29
N ILE F 349 -5.69 -70.06 -45.15
CA ILE F 349 -6.49 -70.26 -46.36
C ILE F 349 -7.86 -70.85 -46.00
N GLN F 350 -7.94 -71.67 -44.96
CA GLN F 350 -9.25 -72.15 -44.51
C GLN F 350 -10.13 -71.00 -44.07
N LYS F 351 -9.56 -70.02 -43.38
CA LYS F 351 -10.31 -68.81 -43.07
C LYS F 351 -10.68 -68.06 -44.34
N LEU F 352 -9.80 -68.08 -45.34
CA LEU F 352 -10.09 -67.40 -46.61
C LEU F 352 -11.29 -68.04 -47.32
N GLN F 353 -11.43 -69.36 -47.22
CA GLN F 353 -12.48 -70.07 -47.97
C GLN F 353 -13.87 -69.56 -47.61
N MET F 354 -14.13 -69.32 -46.33
CA MET F 354 -15.44 -68.86 -45.91
C MET F 354 -15.77 -67.52 -46.56
N ILE F 355 -14.79 -66.61 -46.59
CA ILE F 355 -15.03 -65.28 -47.15
C ILE F 355 -15.26 -65.37 -48.66
N GLU F 356 -14.49 -66.21 -49.35
CA GLU F 356 -14.70 -66.31 -50.79
C GLU F 356 -16.08 -66.87 -51.11
N GLN F 357 -16.51 -67.91 -50.40
CA GLN F 357 -17.85 -68.42 -50.67
C GLN F 357 -18.91 -67.40 -50.25
N GLU F 358 -18.62 -66.60 -49.23
CA GLU F 358 -19.48 -65.46 -48.91
C GLU F 358 -19.58 -64.47 -50.07
N THR F 359 -18.54 -64.38 -50.90
CA THR F 359 -18.59 -63.51 -52.06
C THR F 359 -18.80 -64.25 -53.37
N SER F 360 -18.38 -65.50 -53.47
CA SER F 360 -18.42 -66.27 -54.72
C SER F 360 -17.72 -65.51 -55.85
N LEU F 361 -16.67 -64.77 -55.49
CA LEU F 361 -15.93 -63.96 -56.43
C LEU F 361 -14.45 -64.31 -56.50
N SER F 362 -14.00 -65.26 -55.68
CA SER F 362 -12.59 -65.68 -55.63
C SER F 362 -11.76 -64.46 -55.25
N VAL F 363 -10.66 -64.18 -55.96
CA VAL F 363 -9.76 -63.10 -55.60
C VAL F 363 -9.70 -62.02 -56.68
N GLU F 364 -9.71 -62.43 -57.95
CA GLU F 364 -9.60 -61.45 -59.03
C GLU F 364 -10.77 -60.47 -59.01
N ARG F 365 -11.99 -60.99 -58.83
CA ARG F 365 -13.16 -60.13 -58.86
C ARG F 365 -13.17 -59.14 -57.70
N ILE F 366 -12.83 -59.62 -56.49
CA ILE F 366 -12.83 -58.71 -55.34
C ILE F 366 -11.71 -57.68 -55.49
N LYS F 367 -10.58 -58.06 -56.08
CA LYS F 367 -9.51 -57.09 -56.31
C LYS F 367 -9.96 -56.02 -57.31
N ASP F 368 -10.65 -56.44 -58.39
CA ASP F 368 -11.14 -55.46 -59.36
C ASP F 368 -12.15 -54.51 -58.73
N ILE F 369 -13.08 -55.05 -57.93
CA ILE F 369 -14.08 -54.22 -57.27
C ILE F 369 -13.41 -53.25 -56.31
N SER F 370 -12.41 -53.74 -55.55
CA SER F 370 -11.70 -52.88 -54.61
C SER F 370 -10.98 -51.75 -55.34
N HIS F 371 -10.31 -52.07 -56.45
CA HIS F 371 -9.62 -51.01 -57.19
C HIS F 371 -10.59 -49.99 -57.76
N ARG F 372 -11.71 -50.45 -58.32
CA ARG F 372 -12.69 -49.52 -58.87
C ARG F 372 -13.26 -48.62 -57.77
N MET F 373 -13.60 -49.20 -56.61
CA MET F 373 -14.13 -48.40 -55.52
C MET F 373 -13.10 -47.41 -55.01
N SER F 374 -11.84 -47.84 -54.85
CA SER F 374 -10.80 -46.94 -54.38
C SER F 374 -10.62 -45.77 -55.34
N ILE F 375 -10.61 -46.05 -56.65
CA ILE F 375 -10.47 -44.99 -57.64
C ILE F 375 -11.64 -44.02 -57.56
N GLY F 376 -12.86 -44.55 -57.45
CA GLY F 376 -14.02 -43.68 -57.37
C GLY F 376 -14.01 -42.79 -56.15
N GLU F 377 -13.69 -43.37 -54.99
CA GLU F 377 -13.61 -42.58 -53.77
C GLU F 377 -12.51 -41.52 -53.86
N ALA F 378 -11.37 -41.89 -54.44
CA ALA F 378 -10.29 -40.91 -54.58
C ALA F 378 -10.72 -39.75 -55.47
N LYS F 379 -11.40 -40.05 -56.57
CA LYS F 379 -11.83 -39.00 -57.50
C LYS F 379 -12.85 -38.08 -56.85
N ALA F 380 -13.82 -38.66 -56.15
CA ALA F 380 -14.82 -37.85 -55.46
C ALA F 380 -14.18 -37.00 -54.37
N ARG F 381 -13.23 -37.57 -53.63
CA ARG F 381 -12.54 -36.81 -52.58
C ARG F 381 -11.76 -35.65 -53.16
N ARG F 382 -11.08 -35.88 -54.29
CA ARG F 382 -10.33 -34.79 -54.91
C ARG F 382 -11.25 -33.67 -55.34
N ALA F 383 -12.38 -34.01 -55.98
CA ALA F 383 -13.30 -32.97 -56.42
C ALA F 383 -13.88 -32.19 -55.22
N LYS F 384 -14.25 -32.91 -54.17
CA LYS F 384 -14.79 -32.24 -52.98
C LYS F 384 -13.75 -31.32 -52.34
N LYS F 385 -12.50 -31.76 -52.29
CA LYS F 385 -11.44 -30.91 -51.76
C LYS F 385 -11.28 -29.65 -52.61
N GLU F 386 -11.34 -29.79 -53.94
CA GLU F 386 -11.24 -28.61 -54.79
C GLU F 386 -12.35 -27.63 -54.51
N MET F 387 -13.59 -28.12 -54.37
CA MET F 387 -14.71 -27.22 -54.08
C MET F 387 -14.52 -26.51 -52.74
N VAL F 388 -14.11 -27.25 -51.71
CA VAL F 388 -13.95 -26.66 -50.38
C VAL F 388 -12.86 -25.57 -50.41
N GLU F 389 -11.73 -25.87 -51.06
CA GLU F 389 -10.66 -24.90 -51.13
C GLU F 389 -11.06 -23.67 -51.93
N ALA F 390 -11.92 -23.85 -52.94
CA ALA F 390 -12.43 -22.70 -53.67
C ALA F 390 -13.29 -21.81 -52.78
N ASN F 391 -14.13 -22.40 -51.94
CA ASN F 391 -15.13 -21.64 -51.18
C ASN F 391 -14.67 -21.25 -49.76
N LEU F 392 -13.42 -21.54 -49.40
CA LEU F 392 -12.90 -21.07 -48.11
C LEU F 392 -13.09 -19.56 -47.94
N ARG F 393 -12.96 -18.80 -49.02
CA ARG F 393 -13.11 -17.35 -48.94
C ARG F 393 -14.55 -16.96 -48.60
N LEU F 394 -15.52 -17.67 -49.15
CA LEU F 394 -16.91 -17.47 -48.76
C LEU F 394 -17.11 -17.77 -47.28
N VAL F 395 -16.46 -18.84 -46.81
CA VAL F 395 -16.56 -19.16 -45.38
C VAL F 395 -16.07 -17.99 -44.54
N ILE F 396 -14.93 -17.40 -44.93
CA ILE F 396 -14.39 -16.27 -44.17
C ILE F 396 -15.33 -15.08 -44.23
N SER F 397 -15.88 -14.79 -45.41
CA SER F 397 -16.78 -13.65 -45.54
C SER F 397 -18.00 -13.81 -44.65
N ILE F 398 -18.53 -15.03 -44.53
CA ILE F 398 -19.67 -15.25 -43.64
C ILE F 398 -19.25 -15.13 -42.18
N ALA F 399 -18.12 -15.74 -41.81
CA ALA F 399 -17.70 -15.77 -40.42
C ALA F 399 -17.24 -14.41 -39.91
N LYS F 400 -16.96 -13.47 -40.80
CA LYS F 400 -16.56 -12.13 -40.36
C LYS F 400 -17.62 -11.44 -39.51
N LYS F 401 -18.88 -11.85 -39.61
CA LYS F 401 -19.99 -11.15 -38.98
C LYS F 401 -20.35 -11.66 -37.59
N TYR F 402 -19.70 -12.71 -37.10
CA TYR F 402 -19.98 -13.25 -35.76
C TYR F 402 -18.79 -13.16 -34.83
N THR F 403 -17.95 -12.15 -35.00
CA THR F 403 -16.86 -11.96 -34.06
C THR F 403 -17.38 -11.33 -32.77
N ASN F 404 -16.57 -11.44 -31.72
CA ASN F 404 -16.88 -10.85 -30.41
C ASN F 404 -18.18 -11.40 -29.82
N ARG F 405 -18.37 -12.71 -29.93
CA ARG F 405 -19.54 -13.37 -29.36
C ARG F 405 -19.13 -14.58 -28.53
N GLY F 406 -17.93 -14.54 -27.95
CA GLY F 406 -17.41 -15.62 -27.14
C GLY F 406 -16.44 -16.53 -27.85
N LEU F 407 -16.42 -16.53 -29.18
CA LEU F 407 -15.50 -17.33 -29.96
C LEU F 407 -14.54 -16.43 -30.73
N GLN F 408 -13.35 -16.94 -30.99
CA GLN F 408 -12.37 -16.20 -31.76
C GLN F 408 -12.61 -16.41 -33.25
N PHE F 409 -11.89 -15.61 -34.05
CA PHE F 409 -12.13 -15.59 -35.49
C PHE F 409 -11.83 -16.94 -36.13
N LEU F 410 -10.72 -17.57 -35.74
CA LEU F 410 -10.34 -18.83 -36.36
C LEU F 410 -11.29 -19.97 -35.99
N ASP F 411 -11.85 -19.94 -34.78
CA ASP F 411 -12.85 -20.93 -34.41
C ASP F 411 -14.08 -20.83 -35.31
N LEU F 412 -14.55 -19.61 -35.55
CA LEU F 412 -15.67 -19.40 -36.45
C LEU F 412 -15.32 -19.86 -37.86
N ILE F 413 -14.11 -19.58 -38.31
CA ILE F 413 -13.68 -20.02 -39.64
C ILE F 413 -13.73 -21.54 -39.74
N GLN F 414 -13.24 -22.24 -38.71
CA GLN F 414 -13.19 -23.69 -38.77
C GLN F 414 -14.58 -24.32 -38.72
N GLU F 415 -15.46 -23.76 -37.89
CA GLU F 415 -16.83 -24.26 -37.85
C GLU F 415 -17.54 -24.03 -39.18
N GLY F 416 -17.33 -22.85 -39.78
CA GLY F 416 -17.85 -22.62 -41.12
C GLY F 416 -17.26 -23.53 -42.15
N ASN F 417 -16.00 -23.92 -42.00
CA ASN F 417 -15.38 -24.87 -42.92
C ASN F 417 -16.03 -26.24 -42.82
N ILE F 418 -16.34 -26.68 -41.60
CA ILE F 418 -17.06 -27.94 -41.44
C ILE F 418 -18.45 -27.85 -42.08
N GLY F 419 -19.14 -26.73 -41.87
CA GLY F 419 -20.41 -26.53 -42.53
C GLY F 419 -20.30 -26.54 -44.05
N LEU F 420 -19.24 -25.96 -44.58
CA LEU F 420 -19.01 -25.95 -46.02
C LEU F 420 -18.75 -27.35 -46.55
N MET F 421 -17.99 -28.16 -45.83
CA MET F 421 -17.79 -29.55 -46.25
C MET F 421 -19.11 -30.30 -46.26
N LYS F 422 -19.95 -30.07 -45.25
CA LYS F 422 -21.26 -30.71 -45.24
C LYS F 422 -22.12 -30.24 -46.41
N ALA F 423 -21.99 -28.97 -46.78
CA ALA F 423 -22.72 -28.45 -47.94
C ALA F 423 -22.23 -29.09 -49.24
N VAL F 424 -20.92 -29.26 -49.38
CA VAL F 424 -20.38 -29.92 -50.57
C VAL F 424 -20.86 -31.36 -50.64
N ASP F 425 -21.00 -32.00 -49.48
CA ASP F 425 -21.47 -33.39 -49.45
C ASP F 425 -22.86 -33.55 -50.03
N LYS F 426 -23.68 -32.49 -50.07
CA LYS F 426 -25.09 -32.62 -50.42
C LYS F 426 -25.53 -31.49 -51.36
N PHE F 427 -24.65 -31.07 -52.26
CA PHE F 427 -25.02 -30.12 -53.30
C PHE F 427 -25.69 -30.85 -54.46
N GLU F 428 -26.55 -30.11 -55.18
CA GLU F 428 -27.26 -30.65 -56.33
C GLU F 428 -27.22 -29.61 -57.43
N TYR F 429 -26.38 -29.83 -58.44
CA TYR F 429 -26.24 -28.88 -59.53
C TYR F 429 -27.37 -28.95 -60.55
N ARG F 430 -28.17 -30.01 -60.52
CA ARG F 430 -29.32 -30.08 -61.41
C ARG F 430 -30.34 -28.99 -61.11
N ARG F 431 -30.36 -28.50 -59.87
CA ARG F 431 -31.35 -27.51 -59.48
C ARG F 431 -31.09 -26.15 -60.11
N GLY F 432 -29.88 -25.92 -60.63
CA GLY F 432 -29.58 -24.70 -61.34
C GLY F 432 -29.13 -23.55 -60.48
N TYR F 433 -29.21 -23.67 -59.16
CA TYR F 433 -28.77 -22.61 -58.27
C TYR F 433 -27.26 -22.69 -58.09
N LYS F 434 -26.65 -21.56 -57.76
CA LYS F 434 -25.21 -21.55 -57.61
C LYS F 434 -24.82 -22.01 -56.21
N PHE F 435 -23.55 -22.39 -56.07
CA PHE F 435 -23.10 -23.04 -54.84
C PHE F 435 -23.17 -22.11 -53.63
N SER F 436 -22.94 -20.81 -53.83
CA SER F 436 -22.97 -19.89 -52.69
C SER F 436 -24.34 -19.88 -52.03
N THR F 437 -25.40 -19.96 -52.85
CA THR F 437 -26.76 -19.88 -52.33
C THR F 437 -27.03 -20.99 -51.33
N TYR F 438 -26.64 -22.22 -51.66
CA TYR F 438 -26.86 -23.33 -50.74
C TYR F 438 -25.83 -23.34 -49.60
N ALA F 439 -24.58 -23.00 -49.89
CA ALA F 439 -23.53 -23.15 -48.90
C ALA F 439 -23.62 -22.11 -47.81
N THR F 440 -24.19 -20.94 -48.10
CA THR F 440 -24.29 -19.90 -47.10
C THR F 440 -25.13 -20.37 -45.92
N TRP F 441 -26.22 -21.08 -46.21
CA TRP F 441 -27.09 -21.57 -45.14
C TRP F 441 -26.35 -22.51 -44.21
N TRP F 442 -25.59 -23.45 -44.77
CA TRP F 442 -24.91 -24.43 -43.94
C TRP F 442 -23.77 -23.80 -43.16
N ILE F 443 -23.04 -22.86 -43.77
CA ILE F 443 -21.98 -22.17 -43.05
C ILE F 443 -22.56 -21.38 -41.89
N ARG F 444 -23.65 -20.66 -42.14
CA ARG F 444 -24.33 -19.91 -41.10
C ARG F 444 -24.76 -20.82 -39.96
N GLN F 445 -25.37 -21.96 -40.30
CA GLN F 445 -25.87 -22.88 -39.30
C GLN F 445 -24.73 -23.44 -38.44
N ALA F 446 -23.64 -23.85 -39.09
CA ALA F 446 -22.51 -24.39 -38.34
C ALA F 446 -21.92 -23.36 -37.39
N ILE F 447 -21.68 -22.14 -37.88
CA ILE F 447 -21.09 -21.11 -37.04
C ILE F 447 -22.00 -20.81 -35.86
N THR F 448 -23.30 -20.67 -36.10
CA THR F 448 -24.20 -20.24 -35.04
C THR F 448 -24.44 -21.36 -34.02
N ARG F 449 -24.50 -22.61 -34.47
CA ARG F 449 -24.59 -23.73 -33.53
C ARG F 449 -23.33 -23.82 -32.68
N SER F 450 -22.17 -23.57 -33.28
CA SER F 450 -20.93 -23.56 -32.51
C SER F 450 -20.95 -22.46 -31.46
N ILE F 451 -21.45 -21.28 -31.82
CA ILE F 451 -21.57 -20.20 -30.83
C ILE F 451 -22.53 -20.63 -29.72
N ALA F 452 -23.65 -21.25 -30.07
CA ALA F 452 -24.62 -21.66 -29.07
C ALA F 452 -24.04 -22.70 -28.12
N ASP F 453 -23.12 -23.53 -28.60
CA ASP F 453 -22.62 -24.64 -27.80
C ASP F 453 -21.31 -24.35 -27.08
N GLN F 454 -20.50 -23.38 -27.53
CA GLN F 454 -19.16 -23.23 -27.00
C GLN F 454 -18.78 -21.79 -26.62
N ALA F 455 -19.73 -20.88 -26.55
CA ALA F 455 -19.40 -19.49 -26.26
C ALA F 455 -19.55 -19.12 -24.79
N ARG F 456 -19.89 -20.06 -23.92
CA ARG F 456 -20.18 -19.75 -22.53
C ARG F 456 -19.49 -20.74 -21.62
N THR F 457 -19.00 -20.23 -20.48
CA THR F 457 -18.40 -21.11 -19.47
C THR F 457 -19.42 -22.10 -18.93
N ILE F 458 -20.62 -21.61 -18.61
CA ILE F 458 -21.73 -22.46 -18.24
C ILE F 458 -22.61 -22.63 -19.47
N ARG F 459 -22.75 -23.86 -19.94
CA ARG F 459 -23.42 -24.10 -21.22
C ARG F 459 -24.92 -23.91 -21.08
N ILE F 460 -25.50 -23.15 -22.00
CA ILE F 460 -26.94 -22.94 -22.10
C ILE F 460 -27.45 -23.72 -23.29
N PRO F 461 -28.54 -24.47 -23.17
CA PRO F 461 -29.08 -25.19 -24.31
C PRO F 461 -29.50 -24.25 -25.43
N VAL F 462 -29.61 -24.82 -26.63
CA VAL F 462 -29.82 -24.01 -27.84
C VAL F 462 -31.16 -23.27 -27.76
N HIS F 463 -32.20 -23.94 -27.27
CA HIS F 463 -33.51 -23.30 -27.20
C HIS F 463 -33.49 -22.10 -26.27
N MET F 464 -32.81 -22.23 -25.13
CA MET F 464 -32.69 -21.09 -24.24
C MET F 464 -31.81 -19.99 -24.84
N ILE F 465 -30.82 -20.37 -25.66
CA ILE F 465 -30.02 -19.36 -26.35
C ILE F 465 -30.89 -18.55 -27.31
N GLU F 466 -31.76 -19.23 -28.06
CA GLU F 466 -32.69 -18.51 -28.93
C GLU F 466 -33.62 -17.62 -28.13
N THR F 467 -34.12 -18.12 -27.01
CA THR F 467 -35.00 -17.31 -26.16
C THR F 467 -34.28 -16.05 -25.67
N ILE F 468 -33.04 -16.19 -25.23
CA ILE F 468 -32.27 -15.05 -24.75
C ILE F 468 -32.03 -14.04 -25.86
N ASN F 469 -31.63 -14.54 -27.05
CA ASN F 469 -31.35 -13.63 -28.16
C ASN F 469 -32.59 -12.87 -28.60
N LYS F 470 -33.73 -13.56 -28.67
CA LYS F 470 -34.95 -12.88 -29.10
C LYS F 470 -35.49 -11.96 -28.01
N LEU F 471 -35.25 -12.28 -26.73
CA LEU F 471 -35.52 -11.32 -25.67
C LEU F 471 -34.69 -10.06 -25.83
N ASN F 472 -33.40 -10.21 -26.16
CA ASN F 472 -32.56 -9.03 -26.36
C ASN F 472 -33.06 -8.19 -27.53
N ARG F 473 -33.45 -8.84 -28.62
CA ARG F 473 -33.96 -8.10 -29.77
C ARG F 473 -35.24 -7.34 -29.42
N ILE F 474 -36.16 -8.00 -28.72
CA ILE F 474 -37.42 -7.36 -28.35
C ILE F 474 -37.18 -6.20 -27.39
N SER F 475 -36.25 -6.38 -26.44
CA SER F 475 -35.92 -5.31 -25.52
C SER F 475 -35.29 -4.13 -26.23
N ARG F 476 -34.48 -4.37 -27.26
CA ARG F 476 -33.91 -3.27 -28.02
C ARG F 476 -34.95 -2.54 -28.85
N GLN F 477 -35.89 -3.27 -29.44
CA GLN F 477 -36.96 -2.61 -30.18
C GLN F 477 -37.86 -1.81 -29.25
N MET F 478 -38.16 -2.33 -28.06
CA MET F 478 -39.01 -1.59 -27.14
C MET F 478 -38.27 -0.38 -26.57
N LEU F 479 -36.97 -0.50 -26.33
CA LEU F 479 -36.19 0.65 -25.89
C LEU F 479 -36.22 1.75 -26.94
N GLN F 480 -36.13 1.40 -28.22
CA GLN F 480 -36.29 2.39 -29.27
C GLN F 480 -37.70 2.96 -29.26
N GLU F 481 -38.69 2.12 -28.99
CA GLU F 481 -40.09 2.55 -29.11
C GLU F 481 -40.47 3.57 -28.03
N MET F 482 -40.20 3.25 -26.76
CA MET F 482 -40.71 4.09 -25.68
C MET F 482 -39.66 5.01 -25.07
N GLY F 483 -38.38 4.79 -25.33
CA GLY F 483 -37.35 5.67 -24.85
C GLY F 483 -36.78 5.34 -23.49
N ARG F 484 -37.35 4.36 -22.79
CA ARG F 484 -36.78 3.91 -21.53
C ARG F 484 -36.76 2.38 -21.53
N GLU F 485 -35.99 1.83 -20.60
CA GLU F 485 -35.80 0.39 -20.57
C GLU F 485 -37.13 -0.33 -20.36
N PRO F 486 -37.38 -1.42 -21.07
CA PRO F 486 -38.65 -2.12 -20.92
C PRO F 486 -38.68 -2.94 -19.64
N LEU F 487 -39.71 -2.69 -18.82
CA LEU F 487 -39.88 -3.42 -17.58
C LEU F 487 -40.28 -4.86 -17.88
N PRO F 488 -40.00 -5.79 -16.96
CA PRO F 488 -40.25 -7.21 -17.25
C PRO F 488 -41.68 -7.56 -17.63
N GLU F 489 -42.69 -6.88 -17.09
CA GLU F 489 -44.06 -7.22 -17.44
C GLU F 489 -44.38 -6.85 -18.88
N GLU F 490 -43.89 -5.71 -19.36
CA GLU F 490 -44.10 -5.33 -20.76
C GLU F 490 -43.43 -6.31 -21.70
N LEU F 491 -42.19 -6.71 -21.38
CA LEU F 491 -41.50 -7.71 -22.17
C LEU F 491 -42.25 -9.03 -22.16
N ALA F 492 -42.78 -9.41 -21.00
CA ALA F 492 -43.55 -10.65 -20.92
C ALA F 492 -44.79 -10.59 -21.80
N GLU F 493 -45.49 -9.45 -21.79
CA GLU F 493 -46.68 -9.30 -22.62
C GLU F 493 -46.33 -9.38 -24.10
N ARG F 494 -45.21 -8.77 -24.49
CA ARG F 494 -44.83 -8.78 -25.90
C ARG F 494 -44.33 -10.15 -26.33
N MET F 495 -43.66 -10.88 -25.44
CA MET F 495 -43.18 -12.23 -25.73
C MET F 495 -44.27 -13.30 -25.65
N GLN F 496 -45.45 -12.97 -25.14
CA GLN F 496 -46.49 -13.95 -24.88
C GLN F 496 -45.96 -15.07 -23.97
N MET F 497 -45.22 -14.68 -22.95
CA MET F 497 -44.66 -15.60 -21.96
C MET F 497 -44.89 -15.04 -20.56
N PRO F 498 -44.89 -15.90 -19.55
CA PRO F 498 -45.06 -15.41 -18.17
C PRO F 498 -43.89 -14.53 -17.73
N GLU F 499 -44.18 -13.63 -16.80
CA GLU F 499 -43.15 -12.73 -16.28
C GLU F 499 -42.09 -13.50 -15.51
N ASP F 500 -42.47 -14.55 -14.80
CA ASP F 500 -41.50 -15.37 -14.07
C ASP F 500 -40.50 -16.01 -15.02
N LYS F 501 -40.97 -16.49 -16.17
CA LYS F 501 -40.06 -17.02 -17.18
C LYS F 501 -39.12 -15.94 -17.68
N ILE F 502 -39.63 -14.71 -17.84
CA ILE F 502 -38.78 -13.60 -18.27
C ILE F 502 -37.68 -13.35 -17.27
N ARG F 503 -38.01 -13.34 -15.97
CA ARG F 503 -36.99 -13.12 -14.95
C ARG F 503 -35.99 -14.27 -14.92
N LYS F 504 -36.47 -15.50 -15.11
CA LYS F 504 -35.57 -16.65 -15.19
C LYS F 504 -34.56 -16.47 -16.32
N VAL F 505 -35.06 -16.18 -17.52
CA VAL F 505 -34.18 -15.95 -18.66
C VAL F 505 -33.25 -14.79 -18.39
N LEU F 506 -33.71 -13.79 -17.64
CA LEU F 506 -32.90 -12.61 -17.40
C LEU F 506 -31.71 -12.92 -16.51
N LYS F 507 -31.91 -13.67 -15.41
CA LYS F 507 -30.74 -13.90 -14.58
C LYS F 507 -29.88 -15.07 -15.08
N ILE F 508 -30.41 -16.01 -15.85
CA ILE F 508 -29.54 -17.06 -16.39
C ILE F 508 -28.76 -16.63 -17.61
N ALA F 509 -28.88 -15.38 -18.04
CA ALA F 509 -28.20 -14.87 -19.22
C ALA F 509 -27.02 -13.96 -18.88
N LYS F 510 -26.29 -14.28 -17.82
CA LYS F 510 -25.15 -13.49 -17.38
C LYS F 510 -23.91 -14.38 -17.34
N GLU F 511 -22.83 -13.91 -17.96
CA GLU F 511 -21.57 -14.64 -18.04
C GLU F 511 -20.79 -14.50 -16.73
N PRO F 512 -20.03 -15.54 -16.35
CA PRO F 512 -19.25 -15.46 -15.12
C PRO F 512 -18.23 -14.34 -15.15
N ILE F 513 -18.02 -13.75 -13.99
CA ILE F 513 -17.06 -12.66 -13.82
C ILE F 513 -15.69 -13.26 -13.55
N SER F 514 -14.65 -12.51 -13.90
CA SER F 514 -13.29 -12.99 -13.72
C SER F 514 -12.79 -12.70 -12.32
N MET F 515 -11.97 -13.62 -11.79
CA MET F 515 -11.39 -13.45 -10.47
C MET F 515 -10.22 -12.47 -10.45
N GLU F 516 -9.76 -12.04 -11.62
CA GLU F 516 -8.71 -11.04 -11.72
C GLU F 516 -9.27 -9.63 -11.87
N THR F 517 -10.59 -9.47 -11.84
CA THR F 517 -11.18 -8.15 -11.98
C THR F 517 -10.88 -7.31 -10.75
N PRO F 518 -10.38 -6.10 -10.90
CA PRO F 518 -10.09 -5.26 -9.74
C PRO F 518 -11.36 -4.87 -9.00
N ILE F 519 -11.21 -4.66 -7.70
CA ILE F 519 -12.31 -4.30 -6.81
C ILE F 519 -12.27 -2.79 -6.61
N GLY F 520 -13.37 -2.13 -6.93
CA GLY F 520 -13.43 -0.68 -6.78
C GLY F 520 -12.61 0.02 -7.82
N ASP F 521 -11.92 1.09 -7.41
CA ASP F 521 -11.09 1.88 -8.29
C ASP F 521 -9.64 1.41 -8.33
N ASP F 522 -9.32 0.32 -7.63
CA ASP F 522 -7.96 -0.17 -7.57
C ASP F 522 -7.57 -0.82 -8.89
N GLU F 523 -6.27 -1.05 -9.04
CA GLU F 523 -5.73 -1.81 -10.16
C GLU F 523 -4.83 -2.96 -9.75
N ASP F 524 -4.34 -2.98 -8.52
CA ASP F 524 -3.56 -4.10 -7.99
C ASP F 524 -4.41 -5.03 -7.14
N SER F 525 -5.70 -4.79 -7.04
CA SER F 525 -6.62 -5.66 -6.32
C SER F 525 -7.27 -6.64 -7.27
N HIS F 526 -7.77 -7.74 -6.71
CA HIS F 526 -8.46 -8.74 -7.49
C HIS F 526 -9.65 -9.27 -6.69
N LEU F 527 -10.70 -9.65 -7.41
CA LEU F 527 -11.89 -10.16 -6.77
C LEU F 527 -11.61 -11.45 -6.01
N GLY F 528 -10.82 -12.34 -6.60
CA GLY F 528 -10.53 -13.61 -5.97
C GLY F 528 -9.81 -13.52 -4.65
N ASP F 529 -9.20 -12.37 -4.36
CA ASP F 529 -8.55 -12.16 -3.08
C ASP F 529 -9.54 -11.94 -1.94
N PHE F 530 -10.83 -11.79 -2.23
CA PHE F 530 -11.82 -11.47 -1.21
C PHE F 530 -12.88 -12.56 -1.10
N ILE F 531 -12.63 -13.75 -1.60
CA ILE F 531 -13.59 -14.84 -1.60
C ILE F 531 -13.24 -15.81 -0.48
N GLU F 532 -14.20 -16.01 0.42
CA GLU F 532 -14.03 -16.86 1.58
C GLU F 532 -14.10 -18.34 1.20
N ASP F 533 -13.78 -19.19 2.16
CA ASP F 533 -13.96 -20.63 2.03
C ASP F 533 -15.07 -21.01 3.01
N THR F 534 -16.30 -21.00 2.51
CA THR F 534 -17.46 -21.25 3.35
C THR F 534 -17.57 -22.69 3.81
N THR F 535 -16.76 -23.60 3.26
CA THR F 535 -16.79 -25.00 3.66
C THR F 535 -15.97 -25.27 4.93
N LEU F 536 -15.20 -24.29 5.40
CA LEU F 536 -14.33 -24.51 6.54
C LEU F 536 -15.14 -24.58 7.83
N GLU F 537 -14.60 -25.30 8.80
CA GLU F 537 -15.23 -25.45 10.11
C GLU F 537 -14.51 -24.56 11.12
N LEU F 538 -15.28 -23.80 11.88
CA LEU F 538 -14.69 -22.89 12.85
C LEU F 538 -13.98 -23.70 13.94
N PRO F 539 -12.80 -23.27 14.39
CA PRO F 539 -12.11 -24.01 15.45
C PRO F 539 -12.90 -24.07 16.75
N LEU F 540 -13.74 -23.06 17.00
CA LEU F 540 -14.64 -23.13 18.14
C LEU F 540 -15.58 -24.32 18.02
N ASP F 541 -16.10 -24.56 16.81
CA ASP F 541 -16.98 -25.70 16.59
C ASP F 541 -16.25 -27.03 16.76
N SER F 542 -15.00 -27.11 16.29
CA SER F 542 -14.23 -28.33 16.46
C SER F 542 -13.95 -28.61 17.93
N ALA F 543 -13.59 -27.58 18.69
CA ALA F 543 -13.38 -27.74 20.12
C ALA F 543 -14.67 -28.15 20.82
N THR F 544 -15.79 -27.56 20.41
CA THR F 544 -17.08 -27.93 20.98
C THR F 544 -17.42 -29.39 20.68
N ALA F 545 -17.10 -29.85 19.47
CA ALA F 545 -17.35 -31.25 19.13
C ALA F 545 -16.51 -32.19 19.98
N THR F 546 -15.23 -31.86 20.18
CA THR F 546 -14.38 -32.69 21.04
C THR F 546 -14.91 -32.69 22.47
N SER F 547 -15.34 -31.54 22.97
CA SER F 547 -15.89 -31.45 24.32
C SER F 547 -17.16 -32.29 24.44
N LEU F 548 -18.01 -32.26 23.41
CA LEU F 548 -19.23 -33.05 23.44
C LEU F 548 -18.91 -34.54 23.43
N LYS F 549 -17.91 -34.95 22.67
CA LYS F 549 -17.50 -36.34 22.68
C LYS F 549 -17.04 -36.77 24.07
N ALA F 550 -16.22 -35.93 24.71
CA ALA F 550 -15.73 -36.27 26.05
C ALA F 550 -16.87 -36.33 27.06
N ALA F 551 -17.79 -35.37 27.00
CA ALA F 551 -18.93 -35.35 27.93
C ALA F 551 -19.84 -36.55 27.72
N THR F 552 -20.09 -36.92 26.47
CA THR F 552 -20.91 -38.09 26.19
C THR F 552 -20.25 -39.36 26.70
N ARG F 553 -18.92 -39.47 26.54
CA ARG F 553 -18.23 -40.63 27.08
C ARG F 553 -18.33 -40.69 28.59
N ASP F 554 -18.16 -39.55 29.25
CA ASP F 554 -18.27 -39.52 30.71
C ASP F 554 -19.68 -39.89 31.17
N VAL F 555 -20.70 -39.39 30.50
CA VAL F 555 -22.07 -39.71 30.86
C VAL F 555 -22.36 -41.19 30.64
N LEU F 556 -21.89 -41.75 29.52
CA LEU F 556 -22.09 -43.17 29.26
C LEU F 556 -21.36 -44.03 30.27
N ALA F 557 -20.23 -43.55 30.79
CA ALA F 557 -19.50 -44.30 31.80
C ALA F 557 -20.29 -44.44 33.10
N GLY F 558 -21.31 -43.62 33.31
CA GLY F 558 -22.13 -43.69 34.51
C GLY F 558 -23.38 -44.52 34.31
N LEU F 559 -23.38 -45.38 33.30
CA LEU F 559 -24.52 -46.22 32.97
C LEU F 559 -24.09 -47.68 32.98
N THR F 560 -25.08 -48.56 33.01
CA THR F 560 -24.82 -49.99 32.95
C THR F 560 -24.18 -50.33 31.60
N PRO F 561 -23.19 -51.22 31.57
CA PRO F 561 -22.52 -51.53 30.28
C PRO F 561 -23.47 -51.96 29.18
N ARG F 562 -24.52 -52.71 29.50
CA ARG F 562 -25.46 -53.13 28.47
C ARG F 562 -26.19 -51.93 27.87
N GLU F 563 -26.69 -51.03 28.72
CA GLU F 563 -27.39 -49.86 28.19
C GLU F 563 -26.43 -48.95 27.42
N ALA F 564 -25.21 -48.78 27.92
CA ALA F 564 -24.23 -47.95 27.22
C ALA F 564 -23.93 -48.53 25.84
N LYS F 565 -23.72 -49.84 25.76
CA LYS F 565 -23.45 -50.46 24.47
C LYS F 565 -24.64 -50.37 23.54
N VAL F 566 -25.85 -50.55 24.07
CA VAL F 566 -27.05 -50.48 23.23
C VAL F 566 -27.20 -49.08 22.65
N LEU F 567 -27.03 -48.05 23.49
CA LEU F 567 -27.14 -46.68 23.01
C LEU F 567 -26.03 -46.36 22.01
N ARG F 568 -24.81 -46.87 22.28
CA ARG F 568 -23.70 -46.66 21.36
C ARG F 568 -23.98 -47.25 19.99
N MET F 569 -24.54 -48.47 19.96
CA MET F 569 -24.86 -49.08 18.67
C MET F 569 -26.03 -48.37 17.99
N ARG F 570 -27.01 -47.93 18.77
CA ARG F 570 -28.20 -47.31 18.19
C ARG F 570 -27.95 -45.89 17.71
N PHE F 571 -26.88 -45.24 18.16
CA PHE F 571 -26.57 -43.90 17.70
C PHE F 571 -25.26 -43.81 16.93
N GLY F 572 -24.48 -44.87 16.86
CA GLY F 572 -23.25 -44.86 16.10
C GLY F 572 -22.07 -44.23 16.79
N ILE F 573 -22.13 -44.02 18.11
CA ILE F 573 -21.02 -43.42 18.82
C ILE F 573 -19.84 -44.38 18.84
N ASP F 574 -18.66 -43.88 18.51
CA ASP F 574 -17.44 -44.68 18.45
C ASP F 574 -17.59 -45.87 17.50
N MET F 575 -18.37 -45.70 16.44
CA MET F 575 -18.62 -46.76 15.47
C MET F 575 -18.72 -46.16 14.09
N ASN F 576 -18.49 -46.99 13.07
CA ASN F 576 -18.54 -46.52 11.70
C ASN F 576 -19.97 -46.30 11.23
N THR F 577 -20.89 -47.16 11.65
CA THR F 577 -22.26 -47.14 11.17
C THR F 577 -23.25 -47.06 12.32
N ASP F 578 -24.41 -46.48 12.05
CA ASP F 578 -25.54 -46.57 12.94
C ASP F 578 -26.27 -47.90 12.73
N HIS F 579 -27.03 -48.30 13.74
CA HIS F 579 -27.70 -49.60 13.72
C HIS F 579 -29.17 -49.44 14.10
N THR F 580 -30.02 -50.26 13.48
CA THR F 580 -31.43 -50.27 13.84
C THR F 580 -31.66 -51.30 14.94
N LEU F 581 -32.92 -51.42 15.37
CA LEU F 581 -33.21 -52.26 16.53
C LEU F 581 -32.92 -53.74 16.25
N GLU F 582 -33.02 -54.17 14.99
CA GLU F 582 -32.85 -55.58 14.68
C GLU F 582 -31.44 -56.07 14.99
N GLU F 583 -30.42 -55.38 14.45
CA GLU F 583 -29.05 -55.85 14.68
C GLU F 583 -28.57 -55.54 16.08
N VAL F 584 -29.17 -54.56 16.78
CA VAL F 584 -28.87 -54.37 18.18
C VAL F 584 -29.42 -55.53 18.99
N GLY F 585 -30.60 -56.02 18.63
CA GLY F 585 -31.08 -57.26 19.22
C GLY F 585 -30.19 -58.44 18.89
N LYS F 586 -29.64 -58.48 17.69
CA LYS F 586 -28.73 -59.55 17.28
C LYS F 586 -27.51 -59.66 18.19
N GLN F 587 -27.27 -58.69 19.07
CA GLN F 587 -26.14 -58.72 19.98
C GLN F 587 -26.20 -59.95 20.90
N PHE F 588 -27.18 -60.00 21.78
CA PHE F 588 -27.40 -61.16 22.63
C PHE F 588 -28.78 -61.78 22.46
N ASP F 589 -29.84 -60.99 22.61
CA ASP F 589 -31.21 -61.48 22.51
C ASP F 589 -31.92 -60.70 21.41
N VAL F 590 -32.33 -61.40 20.36
CA VAL F 590 -32.94 -60.74 19.21
C VAL F 590 -34.38 -60.40 19.54
N THR F 591 -34.58 -59.19 20.09
CA THR F 591 -35.89 -58.79 20.59
C THR F 591 -36.03 -57.29 20.35
N ARG F 592 -36.84 -56.93 19.36
CA ARG F 592 -37.06 -55.52 19.05
C ARG F 592 -37.78 -54.79 20.17
N GLU F 593 -38.83 -55.42 20.73
CA GLU F 593 -39.59 -54.80 21.81
C GLU F 593 -38.75 -54.68 23.08
N ARG F 594 -37.79 -55.57 23.27
CA ARG F 594 -36.95 -55.50 24.46
C ARG F 594 -35.89 -54.41 24.31
N ILE F 595 -35.16 -54.43 23.19
CA ILE F 595 -34.19 -53.39 22.86
C ILE F 595 -34.84 -52.01 22.93
N ARG F 596 -36.07 -51.88 22.43
CA ARG F 596 -36.76 -50.60 22.49
C ARG F 596 -36.99 -50.17 23.94
N GLN F 597 -37.36 -51.11 24.79
CA GLN F 597 -37.60 -50.79 26.20
C GLN F 597 -36.31 -50.37 26.89
N ILE F 598 -35.20 -51.07 26.63
CA ILE F 598 -33.97 -50.74 27.32
C ILE F 598 -33.42 -49.40 26.82
N GLU F 599 -33.59 -49.11 25.54
CA GLU F 599 -33.21 -47.80 25.03
C GLU F 599 -34.04 -46.70 25.70
N ALA F 600 -35.35 -46.93 25.86
CA ALA F 600 -36.18 -45.94 26.54
C ALA F 600 -35.73 -45.74 27.98
N LYS F 601 -35.41 -46.84 28.67
CA LYS F 601 -34.91 -46.71 30.04
C LYS F 601 -33.62 -45.92 30.09
N ALA F 602 -32.69 -46.18 29.16
CA ALA F 602 -31.44 -45.44 29.16
C ALA F 602 -31.68 -43.95 28.92
N LEU F 603 -32.57 -43.62 27.98
CA LEU F 603 -32.88 -42.21 27.74
C LEU F 603 -33.52 -41.56 28.96
N ARG F 604 -34.40 -42.30 29.65
CA ARG F 604 -35.03 -41.74 30.85
C ARG F 604 -34.00 -41.46 31.94
N LYS F 605 -33.06 -42.39 32.15
CA LYS F 605 -32.04 -42.14 33.17
C LYS F 605 -31.12 -41.00 32.75
N LEU F 606 -30.77 -40.90 31.46
CA LEU F 606 -29.94 -39.79 31.03
C LEU F 606 -30.69 -38.46 31.05
N ARG F 607 -32.02 -38.49 31.05
CA ARG F 607 -32.80 -37.26 31.12
C ARG F 607 -32.95 -36.75 32.55
N HIS F 608 -32.55 -37.52 33.54
CA HIS F 608 -32.63 -37.08 34.92
C HIS F 608 -31.69 -35.88 35.13
N PRO F 609 -32.13 -34.84 35.84
CA PRO F 609 -31.28 -33.67 36.02
C PRO F 609 -29.98 -33.96 36.78
N SER F 610 -29.90 -35.09 37.48
CA SER F 610 -28.68 -35.40 38.22
C SER F 610 -27.50 -35.66 37.30
N ARG F 611 -27.74 -36.23 36.12
CA ARG F 611 -26.67 -36.60 35.20
C ARG F 611 -26.90 -36.00 33.81
N SER F 612 -27.45 -34.80 33.76
CA SER F 612 -27.70 -34.14 32.49
C SER F 612 -27.29 -32.68 32.46
N GLU F 613 -26.83 -32.11 33.58
CA GLU F 613 -26.40 -30.72 33.58
C GLU F 613 -25.17 -30.52 32.72
N VAL F 614 -24.31 -31.53 32.62
CA VAL F 614 -23.12 -31.42 31.78
C VAL F 614 -23.51 -31.31 30.31
N LEU F 615 -24.45 -32.16 29.87
CA LEU F 615 -24.86 -32.15 28.47
C LEU F 615 -25.85 -31.04 28.16
N ARG F 616 -26.47 -30.44 29.17
CA ARG F 616 -27.41 -29.35 28.91
C ARG F 616 -26.71 -28.13 28.34
N SER F 617 -25.44 -27.92 28.69
CA SER F 617 -24.71 -26.74 28.26
C SER F 617 -24.39 -26.74 26.78
N PHE F 618 -24.58 -27.86 26.08
CA PHE F 618 -24.27 -27.95 24.66
C PHE F 618 -25.46 -27.63 23.78
N LEU F 619 -26.59 -27.23 24.35
CA LEU F 619 -27.75 -26.84 23.57
C LEU F 619 -27.75 -25.34 23.31
N ILE H 253 -28.00 -28.39 48.76
CA ILE H 253 -28.62 -29.69 48.87
C ILE H 253 -30.05 -29.53 49.39
N LEU H 254 -30.20 -28.77 50.48
CA LEU H 254 -31.51 -28.60 51.09
C LEU H 254 -32.48 -27.90 50.14
N LEU H 255 -32.00 -26.90 49.41
CA LEU H 255 -32.85 -26.17 48.48
C LEU H 255 -33.16 -26.96 47.21
N ARG H 256 -32.47 -28.07 46.98
CA ARG H 256 -32.71 -28.85 45.78
C ARG H 256 -34.08 -29.54 45.86
N PRO H 257 -34.82 -29.58 44.76
CA PRO H 257 -36.11 -30.28 44.76
C PRO H 257 -35.92 -31.79 44.89
N VAL H 258 -37.01 -32.45 45.30
CA VAL H 258 -36.97 -33.91 45.49
C VAL H 258 -36.69 -34.65 44.19
N ASP H 259 -36.92 -34.01 43.04
CA ASP H 259 -36.69 -34.65 41.76
C ASP H 259 -35.22 -34.92 41.49
N ASP H 260 -34.32 -34.37 42.31
CA ASP H 260 -32.90 -34.68 42.23
C ASP H 260 -32.52 -35.91 43.04
N LEU H 261 -33.49 -36.56 43.70
CA LEU H 261 -33.20 -37.70 44.56
C LEU H 261 -33.25 -39.04 43.84
N GLU H 262 -33.55 -39.04 42.53
CA GLU H 262 -33.60 -40.28 41.74
C GLU H 262 -34.55 -41.29 42.35
N LEU H 263 -35.73 -40.81 42.73
CA LEU H 263 -36.76 -41.66 43.32
C LEU H 263 -37.48 -42.46 42.23
N THR H 264 -38.15 -43.53 42.67
CA THR H 264 -38.97 -44.31 41.76
C THR H 264 -40.25 -43.56 41.43
N VAL H 265 -41.03 -44.14 40.50
CA VAL H 265 -42.26 -43.49 40.06
C VAL H 265 -43.27 -43.43 41.21
N ARG H 266 -43.48 -44.55 41.89
CA ARG H 266 -44.45 -44.57 42.99
C ARG H 266 -43.96 -43.71 44.16
N SER H 267 -42.67 -43.77 44.47
CA SER H 267 -42.14 -42.96 45.56
C SER H 267 -42.30 -41.48 45.27
N ALA H 268 -41.93 -41.06 44.06
CA ALA H 268 -42.07 -39.66 43.67
C ALA H 268 -43.53 -39.25 43.68
N ASN H 269 -44.41 -40.11 43.19
CA ASN H 269 -45.85 -39.78 43.17
C ASN H 269 -46.39 -39.63 44.58
N CYS H 270 -45.99 -40.51 45.50
CA CYS H 270 -46.44 -40.40 46.87
C CYS H 270 -45.93 -39.12 47.52
N LEU H 271 -44.66 -38.78 47.29
CA LEU H 271 -44.11 -37.56 47.88
C LEU H 271 -44.80 -36.32 47.30
N LYS H 272 -45.14 -36.35 46.01
CA LYS H 272 -45.91 -35.27 45.43
C LYS H 272 -47.31 -35.20 46.03
N ALA H 273 -47.92 -36.36 46.31
CA ALA H 273 -49.22 -36.39 46.96
C ALA H 273 -49.15 -35.81 48.36
N GLU H 274 -48.01 -35.98 49.04
CA GLU H 274 -47.79 -35.34 50.33
C GLU H 274 -47.27 -33.91 50.19
N ALA H 275 -47.14 -33.41 48.96
CA ALA H 275 -46.74 -32.03 48.69
C ALA H 275 -45.38 -31.70 49.30
N ILE H 276 -44.42 -32.59 49.10
CA ILE H 276 -43.04 -32.35 49.50
C ILE H 276 -42.26 -31.91 48.26
N HIS H 277 -41.76 -30.68 48.28
CA HIS H 277 -41.14 -30.07 47.12
C HIS H 277 -39.63 -29.89 47.25
N TYR H 278 -39.06 -30.05 48.44
CA TYR H 278 -37.64 -29.82 48.64
C TYR H 278 -37.09 -30.89 49.58
N ILE H 279 -35.77 -31.09 49.50
CA ILE H 279 -35.12 -32.10 50.33
C ILE H 279 -35.24 -31.74 51.80
N GLY H 280 -35.15 -30.43 52.11
CA GLY H 280 -35.33 -30.00 53.50
C GLY H 280 -36.69 -30.37 54.05
N ASP H 281 -37.72 -30.30 53.21
CA ASP H 281 -39.05 -30.70 53.64
C ASP H 281 -39.09 -32.20 53.99
N LEU H 282 -38.45 -33.03 53.17
CA LEU H 282 -38.47 -34.46 53.40
C LEU H 282 -37.66 -34.85 54.62
N VAL H 283 -36.53 -34.18 54.86
CA VAL H 283 -35.62 -34.57 55.93
C VAL H 283 -36.09 -33.98 57.25
N GLN H 284 -37.31 -33.42 57.28
CA GLN H 284 -37.88 -32.83 58.48
C GLN H 284 -39.14 -33.56 58.95
N ARG H 285 -39.30 -34.84 58.59
CA ARG H 285 -40.56 -35.53 58.84
C ARG H 285 -40.44 -36.88 59.53
N THR H 286 -39.30 -37.55 59.46
CA THR H 286 -39.13 -38.90 60.01
C THR H 286 -40.17 -39.87 59.49
N GLU H 287 -40.30 -41.01 60.17
CA GLU H 287 -41.32 -42.00 59.85
C GLU H 287 -42.72 -41.58 60.30
N VAL H 288 -42.83 -40.53 61.13
CA VAL H 288 -44.14 -40.11 61.64
C VAL H 288 -45.07 -39.75 60.49
N GLU H 289 -44.53 -39.09 59.46
CA GLU H 289 -45.33 -38.72 58.30
C GLU H 289 -45.22 -39.74 57.17
N LEU H 290 -44.01 -40.17 56.85
CA LEU H 290 -43.80 -41.01 55.68
C LEU H 290 -44.49 -42.35 55.81
N LEU H 291 -44.36 -43.01 56.97
CA LEU H 291 -44.98 -44.32 57.13
C LEU H 291 -46.50 -44.24 57.08
N LYS H 292 -47.08 -43.08 57.35
CA LYS H 292 -48.52 -42.88 57.27
C LYS H 292 -48.95 -42.31 55.92
N THR H 293 -48.04 -42.20 54.97
CA THR H 293 -48.39 -41.71 53.65
C THR H 293 -49.22 -42.75 52.92
N PRO H 294 -50.39 -42.40 52.39
CA PRO H 294 -51.20 -43.38 51.65
C PRO H 294 -50.46 -43.90 50.43
N ASN H 295 -50.66 -45.19 50.13
CA ASN H 295 -50.07 -45.93 49.02
C ASN H 295 -48.57 -46.14 49.18
N LEU H 296 -47.95 -45.59 50.21
CA LEU H 296 -46.51 -45.71 50.39
C LEU H 296 -46.23 -47.04 51.09
N GLY H 297 -45.63 -47.98 50.36
CA GLY H 297 -45.39 -49.30 50.90
C GLY H 297 -44.25 -49.33 51.89
N LYS H 298 -43.99 -50.54 52.39
CA LYS H 298 -42.92 -50.71 53.37
C LYS H 298 -41.54 -50.64 52.72
N LYS H 299 -41.37 -51.27 51.56
CA LYS H 299 -40.07 -51.25 50.90
C LYS H 299 -39.72 -49.85 50.41
N SER H 300 -40.74 -49.03 50.13
CA SER H 300 -40.51 -47.68 49.66
C SER H 300 -39.70 -46.88 50.67
N LEU H 301 -40.11 -46.91 51.94
CA LEU H 301 -39.41 -46.15 52.97
C LEU H 301 -37.98 -46.63 53.13
N THR H 302 -37.75 -47.95 53.01
CA THR H 302 -36.40 -48.46 53.03
C THR H 302 -35.57 -47.88 51.90
N GLU H 303 -36.16 -47.81 50.70
CA GLU H 303 -35.46 -47.20 49.57
C GLU H 303 -35.13 -45.73 49.85
N ILE H 304 -36.09 -44.99 50.40
CA ILE H 304 -35.85 -43.56 50.65
C ILE H 304 -34.72 -43.39 51.65
N LYS H 305 -34.75 -44.15 52.75
CA LYS H 305 -33.70 -43.95 53.76
C LYS H 305 -32.35 -44.41 53.25
N ASP H 306 -32.32 -45.43 52.39
CA ASP H 306 -31.06 -45.79 51.75
C ASP H 306 -30.53 -44.65 50.88
N VAL H 307 -31.42 -44.00 50.12
CA VAL H 307 -31.01 -42.89 49.28
C VAL H 307 -30.45 -41.75 50.14
N LEU H 308 -31.15 -41.42 51.23
CA LEU H 308 -30.67 -40.35 52.10
C LEU H 308 -29.33 -40.71 52.72
N ALA H 309 -29.16 -41.98 53.11
CA ALA H 309 -27.86 -42.42 53.61
C ALA H 309 -26.77 -42.25 52.55
N SER H 310 -27.13 -42.46 51.28
CA SER H 310 -26.17 -42.20 50.21
C SER H 310 -25.82 -40.72 50.13
N ARG H 311 -26.80 -39.84 50.33
CA ARG H 311 -26.58 -38.41 50.25
C ARG H 311 -26.04 -37.81 51.55
N GLY H 312 -25.84 -38.62 52.58
CA GLY H 312 -25.32 -38.12 53.83
C GLY H 312 -26.32 -37.43 54.73
N LEU H 313 -27.62 -37.55 54.44
CA LEU H 313 -28.67 -36.97 55.25
C LEU H 313 -29.52 -38.08 55.85
N SER H 314 -30.37 -37.70 56.81
CA SER H 314 -31.28 -38.64 57.44
C SER H 314 -32.65 -37.96 57.57
N LEU H 315 -33.56 -38.63 58.26
CA LEU H 315 -34.93 -38.15 58.39
C LEU H 315 -35.12 -37.33 59.65
N GLY H 316 -35.96 -36.32 59.57
CA GLY H 316 -36.33 -35.55 60.74
C GLY H 316 -35.28 -34.60 61.26
N MET H 317 -34.31 -34.23 60.44
CA MET H 317 -33.32 -33.24 60.87
C MET H 317 -34.01 -31.93 61.19
N ARG H 318 -33.68 -31.35 62.34
CA ARG H 318 -34.28 -30.11 62.79
C ARG H 318 -33.48 -28.94 62.23
N LEU H 319 -34.10 -28.17 61.33
CA LEU H 319 -33.48 -27.02 60.71
C LEU H 319 -34.32 -25.79 60.99
N GLU H 320 -33.66 -24.68 61.31
CA GLU H 320 -34.34 -23.45 61.68
C GLU H 320 -34.57 -22.57 60.45
N ASN H 321 -35.59 -21.72 60.54
CA ASN H 321 -35.86 -20.70 59.52
C ASN H 321 -36.11 -21.32 58.15
N TRP H 322 -36.82 -22.43 58.11
CA TRP H 322 -37.20 -22.98 56.81
C TRP H 322 -38.65 -22.63 56.51
N PRO H 323 -38.96 -22.14 55.29
CA PRO H 323 -38.01 -21.91 54.21
C PRO H 323 -37.32 -20.56 54.29
ZN ZN K . -24.20 -42.03 -7.11
ZN ZN L . 37.00 -19.17 8.86
MG MG M . 5.52 9.71 11.02
#